data_7TXA
#
_entry.id   7TXA
#
_cell.length_a   66.394
_cell.length_b   76.628
_cell.length_c   141.465
_cell.angle_alpha   76.839
_cell.angle_beta   87.235
_cell.angle_gamma   75.707
#
_symmetry.space_group_name_H-M   'P 1'
#
loop_
_entity.id
_entity.type
_entity.pdbx_description
1 polymer Fructose-1,6-bisphosphatase
2 non-polymer 'MANGANESE (II) ION'
3 non-polymer 6-O-phosphono-beta-D-fructofuranose
4 water water
#
_entity_poly.entity_id   1
_entity_poly.type   'polypeptide(L)'
_entity_poly.pdbx_seq_one_letter_code
;MGSSHHHHHHSSGLVPRGSHMNRKVALEAVRVTELAALASWSQMGRGDKIAADQAAVDAMRKALNEVDIDGTVVIGEGEL
DEAPMLYIGEKVGAGGCEVDIALDPLEGTTITSKGGANALTVLAMADKGGFLNAPDVYMQKIAVGGINAPKGIVDLDDSV
TNNLKRIAEFKGVHMSALVVCTMDRPRHEHIIKEARECGARVILINDGDVSGVIATATENSGIDVYIGTGGAPEGVLAAA
ALKCLGGQMQARLIFNDEEEIKRAHRLGITDLNKKYDIDDLASGDIVFAATGVTDGNMLQGVKRVNSTRRGSYAVTHSVV
MRSTTKTVRHITAEHSFDFKEGIEKFMS
;
_entity_poly.pdbx_strand_id   A,B,C,D,Q,U,W,1
#
loop_
_chem_comp.id
_chem_comp.type
_chem_comp.name
_chem_comp.formula
F6P D-saccharide, beta linking 6-O-phosphono-beta-D-fructofuranose 'C6 H13 O9 P'
MN non-polymer 'MANGANESE (II) ION' 'Mn 2'
#
# COMPACT_ATOMS: atom_id res chain seq x y z
N LYS A 24 19.32 -8.85 -47.30
CA LYS A 24 20.29 -7.79 -47.02
C LYS A 24 19.80 -6.43 -47.53
N VAL A 25 18.92 -6.45 -48.54
CA VAL A 25 18.55 -5.25 -49.27
C VAL A 25 17.04 -5.09 -49.34
N ALA A 26 16.30 -5.78 -48.47
CA ALA A 26 14.86 -5.87 -48.63
C ALA A 26 14.16 -4.56 -48.23
N LEU A 27 14.36 -4.10 -46.98
CA LEU A 27 13.78 -2.84 -46.53
C LEU A 27 14.13 -1.67 -47.44
N GLU A 28 15.34 -1.68 -48.00
CA GLU A 28 15.80 -0.64 -48.92
C GLU A 28 14.96 -0.59 -50.19
N ALA A 29 14.19 -1.62 -50.49
CA ALA A 29 13.32 -1.58 -51.67
C ALA A 29 12.11 -0.65 -51.47
N VAL A 30 11.65 -0.43 -50.23
CA VAL A 30 10.53 0.47 -50.03
C VAL A 30 10.89 1.87 -50.48
N ARG A 31 12.14 2.28 -50.28
CA ARG A 31 12.42 3.67 -50.60
C ARG A 31 12.25 3.89 -52.10
N VAL A 32 12.48 2.86 -52.92
CA VAL A 32 12.30 3.00 -54.37
C VAL A 32 10.83 3.18 -54.72
N THR A 33 9.95 2.31 -54.20
CA THR A 33 8.53 2.43 -54.50
C THR A 33 7.94 3.70 -53.89
N GLU A 34 8.50 4.17 -52.79
CA GLU A 34 8.06 5.44 -52.22
C GLU A 34 8.35 6.60 -53.17
N LEU A 35 9.57 6.65 -53.72
CA LEU A 35 9.92 7.75 -54.60
C LEU A 35 9.16 7.67 -55.93
N ALA A 36 9.04 6.48 -56.51
CA ALA A 36 8.19 6.32 -57.69
C ALA A 36 6.75 6.76 -57.43
N ALA A 37 6.27 6.61 -56.19
CA ALA A 37 4.86 6.92 -55.92
C ALA A 37 4.65 8.41 -55.69
N LEU A 38 5.57 9.08 -55.01
CA LEU A 38 5.50 10.53 -54.93
C LEU A 38 5.59 11.16 -56.33
N ALA A 39 6.46 10.62 -57.19
CA ALA A 39 6.54 11.09 -58.58
C ALA A 39 5.23 10.88 -59.32
N SER A 40 4.70 9.67 -59.25
CA SER A 40 3.40 9.41 -59.85
C SER A 40 2.33 10.33 -59.29
N TRP A 41 2.38 10.61 -57.98
CA TRP A 41 1.29 11.35 -57.32
C TRP A 41 1.23 12.80 -57.79
N SER A 42 2.39 13.42 -58.05
CA SER A 42 2.39 14.80 -58.55
C SER A 42 1.69 14.90 -59.91
N GLN A 43 1.52 13.79 -60.59
CA GLN A 43 0.86 13.73 -61.89
C GLN A 43 -0.58 13.25 -61.75
N MET A 44 -1.07 13.07 -60.54
CA MET A 44 -2.42 12.55 -60.35
C MET A 44 -3.43 13.58 -60.81
N GLY A 45 -4.47 13.09 -61.49
CA GLY A 45 -5.56 13.97 -61.91
C GLY A 45 -5.09 15.06 -62.89
N ARG A 46 -3.95 14.86 -63.56
CA ARG A 46 -3.48 15.83 -64.51
C ARG A 46 -3.89 15.53 -65.98
N GLY A 47 -4.58 14.41 -66.22
CA GLY A 47 -5.08 14.05 -67.51
C GLY A 47 -4.05 13.42 -68.45
N ASP A 48 -2.82 13.22 -67.99
CA ASP A 48 -1.62 13.02 -68.80
C ASP A 48 -0.94 11.69 -68.44
N LYS A 49 -1.50 10.59 -68.95
CA LYS A 49 -0.96 9.26 -68.64
C LYS A 49 0.53 9.12 -68.98
N ILE A 50 1.00 9.83 -70.01
CA ILE A 50 2.42 9.77 -70.37
C ILE A 50 3.29 10.46 -69.34
N ALA A 51 2.88 11.63 -68.86
CA ALA A 51 3.71 12.32 -67.87
C ALA A 51 3.73 11.57 -66.55
N ALA A 52 2.59 11.00 -66.16
CA ALA A 52 2.55 10.09 -65.01
C ALA A 52 3.56 8.96 -65.15
N ASP A 53 3.47 8.17 -66.23
CA ASP A 53 4.35 7.01 -66.39
C ASP A 53 5.81 7.43 -66.45
N GLN A 54 6.09 8.57 -67.09
CA GLN A 54 7.49 8.98 -67.22
C GLN A 54 8.06 9.42 -65.88
N ALA A 55 7.28 10.18 -65.10
CA ALA A 55 7.75 10.60 -63.79
C ALA A 55 8.05 9.40 -62.88
N ALA A 56 7.25 8.34 -62.97
CA ALA A 56 7.48 7.18 -62.12
C ALA A 56 8.69 6.39 -62.57
N VAL A 57 8.84 6.20 -63.89
CA VAL A 57 9.99 5.48 -64.42
C VAL A 57 11.27 6.21 -64.06
N ASP A 58 11.29 7.55 -64.21
CA ASP A 58 12.50 8.29 -63.89
C ASP A 58 12.81 8.17 -62.40
N ALA A 59 11.81 8.44 -61.55
CA ALA A 59 12.02 8.28 -60.11
C ALA A 59 12.45 6.86 -59.79
N MET A 60 11.85 5.85 -60.42
CA MET A 60 12.20 4.51 -60.00
C MET A 60 13.61 4.14 -60.46
N ARG A 61 13.98 4.47 -61.70
CA ARG A 61 15.31 4.09 -62.17
C ARG A 61 16.41 4.83 -61.43
N LYS A 62 16.23 6.14 -61.21
CA LYS A 62 17.14 6.90 -60.36
C LYS A 62 17.31 6.25 -58.99
N ALA A 63 16.18 5.88 -58.36
CA ALA A 63 16.27 5.33 -57.00
C ALA A 63 16.83 3.91 -57.01
N LEU A 64 16.57 3.15 -58.06
CA LEU A 64 16.98 1.75 -58.08
C LEU A 64 18.47 1.60 -58.37
N ASN A 65 19.09 2.57 -59.07
CA ASN A 65 20.52 2.49 -59.36
C ASN A 65 21.36 2.74 -58.12
N GLU A 66 20.72 3.06 -57.01
CA GLU A 66 21.33 3.64 -55.82
C GLU A 66 21.00 2.70 -54.66
N VAL A 67 20.72 1.44 -55.04
CA VAL A 67 20.44 0.29 -54.18
C VAL A 67 21.57 -0.71 -54.42
N ASP A 68 22.07 -1.32 -53.34
CA ASP A 68 23.28 -2.13 -53.41
C ASP A 68 22.99 -3.57 -53.88
N ILE A 69 22.51 -3.68 -55.11
CA ILE A 69 22.29 -4.96 -55.77
C ILE A 69 22.96 -4.94 -57.14
N ASP A 70 23.03 -6.11 -57.75
CA ASP A 70 23.42 -6.26 -59.16
C ASP A 70 22.21 -6.89 -59.85
N GLY A 71 21.35 -6.05 -60.40
CA GLY A 71 20.03 -6.47 -60.82
C GLY A 71 19.90 -6.48 -62.34
N THR A 72 19.32 -7.56 -62.84
CA THR A 72 18.86 -7.63 -64.22
C THR A 72 17.34 -7.50 -64.22
N VAL A 73 16.82 -6.55 -64.99
CA VAL A 73 15.37 -6.44 -65.16
C VAL A 73 14.88 -7.61 -66.03
N VAL A 74 13.97 -8.41 -65.48
CA VAL A 74 13.27 -9.45 -66.24
C VAL A 74 11.82 -9.09 -66.52
N ILE A 75 11.21 -8.20 -65.75
CA ILE A 75 9.88 -7.67 -66.01
C ILE A 75 9.89 -6.17 -65.76
N GLY A 76 9.48 -5.40 -66.75
CA GLY A 76 9.64 -3.96 -66.67
C GLY A 76 8.74 -3.19 -67.57
N GLU A 77 9.24 -2.04 -68.01
CA GLU A 77 8.46 -1.12 -68.82
C GLU A 77 8.25 -1.62 -70.26
N GLY A 78 9.08 -2.53 -70.74
CA GLY A 78 9.00 -3.00 -72.11
C GLY A 78 10.32 -3.60 -72.55
N GLU A 79 10.34 -4.03 -73.82
CA GLU A 79 11.60 -4.42 -74.44
C GLU A 79 12.42 -3.19 -74.80
N LEU A 80 13.74 -3.37 -74.93
CA LEU A 80 14.63 -2.21 -75.10
C LEU A 80 14.30 -1.42 -76.37
N ASP A 81 13.72 -2.08 -77.37
CA ASP A 81 13.12 -1.40 -78.50
C ASP A 81 12.13 -0.33 -78.05
N GLU A 82 11.04 -0.75 -77.38
CA GLU A 82 9.93 0.15 -77.11
C GLU A 82 10.25 1.11 -75.97
N ALA A 83 10.82 0.60 -74.89
CA ALA A 83 11.00 1.46 -73.72
C ALA A 83 12.47 1.83 -73.55
N PRO A 84 12.81 3.11 -73.47
CA PRO A 84 14.24 3.47 -73.29
C PRO A 84 14.80 3.10 -71.92
N MET A 85 14.02 3.20 -70.85
CA MET A 85 14.50 3.01 -69.49
C MET A 85 13.75 1.87 -68.81
N LEU A 86 14.46 1.12 -67.98
CA LEU A 86 13.89 -0.03 -67.27
C LEU A 86 13.36 -1.07 -68.26
N TYR A 87 14.16 -1.38 -69.27
CA TYR A 87 13.80 -2.34 -70.30
C TYR A 87 14.22 -3.74 -69.87
N ILE A 88 13.59 -4.74 -70.50
CA ILE A 88 14.00 -6.11 -70.25
C ILE A 88 15.49 -6.24 -70.56
N GLY A 89 16.23 -6.84 -69.64
CA GLY A 89 17.65 -7.07 -69.81
C GLY A 89 18.55 -6.01 -69.21
N GLU A 90 18.02 -4.82 -68.93
CA GLU A 90 18.86 -3.72 -68.43
C GLU A 90 19.49 -4.10 -67.09
N LYS A 91 20.78 -3.82 -66.95
CA LYS A 91 21.42 -3.98 -65.66
C LYS A 91 21.07 -2.77 -64.78
N VAL A 92 20.70 -3.03 -63.53
CA VAL A 92 20.41 -1.98 -62.56
C VAL A 92 21.04 -2.33 -61.22
N GLY A 93 21.25 -1.30 -60.43
CA GLY A 93 21.88 -1.45 -59.13
C GLY A 93 23.28 -0.84 -59.10
N ALA A 94 23.77 -0.67 -57.88
CA ALA A 94 25.07 -0.09 -57.61
C ALA A 94 26.15 -1.12 -57.36
N GLY A 95 25.79 -2.39 -57.32
CA GLY A 95 26.74 -3.43 -57.04
C GLY A 95 26.27 -4.29 -55.89
N GLY A 96 26.29 -5.60 -56.07
CA GLY A 96 25.93 -6.48 -54.98
C GLY A 96 25.71 -7.89 -55.47
N CYS A 97 24.88 -8.62 -54.76
CA CYS A 97 24.50 -9.95 -55.19
C CYS A 97 23.60 -9.87 -56.43
N GLU A 98 23.67 -10.91 -57.24
CA GLU A 98 22.89 -11.00 -58.47
C GLU A 98 21.42 -11.25 -58.12
N VAL A 99 20.53 -10.42 -58.62
CA VAL A 99 19.10 -10.64 -58.43
C VAL A 99 18.36 -10.34 -59.73
N ASP A 100 17.26 -11.06 -59.95
CA ASP A 100 16.31 -10.72 -61.00
C ASP A 100 15.30 -9.68 -60.49
N ILE A 101 15.04 -8.67 -61.34
CA ILE A 101 14.20 -7.52 -60.98
C ILE A 101 12.90 -7.60 -61.77
N ALA A 102 11.79 -7.58 -61.05
CA ALA A 102 10.44 -7.48 -61.63
C ALA A 102 9.87 -6.18 -61.12
N LEU A 103 9.64 -5.22 -62.01
CA LEU A 103 9.15 -3.93 -61.53
C LEU A 103 8.04 -3.40 -62.43
N ASP A 104 7.25 -2.52 -61.84
CA ASP A 104 6.38 -1.65 -62.62
C ASP A 104 6.47 -0.28 -61.97
N PRO A 105 7.12 0.67 -62.61
CA PRO A 105 7.19 2.01 -62.03
C PRO A 105 5.83 2.57 -61.70
N LEU A 106 4.81 2.34 -62.52
CA LEU A 106 3.46 2.85 -62.24
C LEU A 106 2.44 1.90 -62.84
N GLU A 107 1.87 1.07 -61.98
CA GLU A 107 0.73 0.19 -62.25
C GLU A 107 -0.56 1.02 -62.12
N GLY A 108 -1.12 1.42 -63.28
CA GLY A 108 -2.27 2.29 -63.33
C GLY A 108 -1.94 3.71 -63.79
N THR A 109 -1.31 3.84 -64.96
CA THR A 109 -1.01 5.17 -65.50
C THR A 109 -2.30 5.92 -65.82
N THR A 110 -3.23 5.25 -66.47
CA THR A 110 -4.55 5.80 -66.72
C THR A 110 -5.30 6.04 -65.41
N ILE A 111 -5.22 5.09 -64.47
CA ILE A 111 -5.80 5.26 -63.15
C ILE A 111 -5.30 6.57 -62.55
N THR A 112 -3.99 6.76 -62.55
CA THR A 112 -3.39 7.89 -61.86
C THR A 112 -3.75 9.20 -62.54
N SER A 113 -3.68 9.24 -63.87
CA SER A 113 -4.05 10.43 -64.62
C SER A 113 -5.46 10.91 -64.28
N LYS A 114 -6.35 9.97 -63.90
CA LYS A 114 -7.71 10.30 -63.51
C LYS A 114 -7.96 10.28 -62.02
N GLY A 115 -7.01 9.80 -61.21
CA GLY A 115 -7.26 9.73 -59.78
C GLY A 115 -8.19 8.62 -59.36
N GLY A 116 -8.29 7.56 -60.15
CA GLY A 116 -9.08 6.42 -59.77
C GLY A 116 -8.38 5.55 -58.74
N ALA A 117 -9.03 4.45 -58.39
CA ALA A 117 -8.56 3.55 -57.35
C ALA A 117 -7.53 2.54 -57.88
N ASN A 118 -6.67 2.09 -56.96
CA ASN A 118 -5.78 0.92 -57.09
C ASN A 118 -4.48 1.17 -57.85
N ALA A 119 -4.06 2.41 -58.09
CA ALA A 119 -2.72 2.63 -58.64
C ALA A 119 -1.65 2.32 -57.59
N LEU A 120 -0.61 1.61 -58.05
CA LEU A 120 0.52 1.19 -57.22
C LEU A 120 1.82 1.43 -57.96
N THR A 121 2.90 1.60 -57.22
CA THR A 121 4.24 1.36 -57.74
C THR A 121 4.73 0.05 -57.11
N VAL A 122 5.36 -0.79 -57.93
CA VAL A 122 5.72 -2.14 -57.49
C VAL A 122 7.17 -2.43 -57.82
N LEU A 123 7.82 -3.18 -56.92
CA LEU A 123 9.19 -3.62 -57.11
C LEU A 123 9.37 -4.97 -56.44
N ALA A 124 9.78 -5.98 -57.21
CA ALA A 124 10.06 -7.32 -56.70
C ALA A 124 11.45 -7.79 -57.13
N MET A 125 12.07 -8.63 -56.30
CA MET A 125 13.43 -9.10 -56.48
C MET A 125 13.47 -10.58 -56.13
N ALA A 126 14.16 -11.39 -56.94
CA ALA A 126 14.30 -12.83 -56.66
C ALA A 126 15.71 -13.29 -57.01
N ASP A 127 16.01 -14.55 -56.68
CA ASP A 127 17.18 -15.21 -57.25
C ASP A 127 16.99 -15.40 -58.77
N LYS A 128 18.09 -15.49 -59.50
CA LYS A 128 18.06 -15.60 -60.95
C LYS A 128 17.17 -16.75 -61.39
N GLY A 129 16.27 -16.48 -62.34
CA GLY A 129 15.29 -17.47 -62.76
C GLY A 129 14.06 -17.68 -61.87
N GLY A 130 13.95 -16.91 -60.78
CA GLY A 130 12.83 -17.06 -59.88
C GLY A 130 11.48 -16.67 -60.47
N PHE A 131 11.48 -15.73 -61.44
CA PHE A 131 10.25 -15.20 -62.03
C PHE A 131 9.93 -15.89 -63.35
N LEU A 132 8.66 -16.23 -63.54
CA LEU A 132 8.25 -16.80 -64.82
C LEU A 132 8.66 -15.89 -65.96
N ASN A 133 9.34 -16.47 -66.95
CA ASN A 133 9.81 -15.72 -68.10
C ASN A 133 8.82 -15.96 -69.23
N ALA A 134 7.87 -15.05 -69.38
CA ALA A 134 6.78 -15.22 -70.31
C ALA A 134 6.67 -13.98 -71.19
N PRO A 135 6.16 -14.12 -72.41
CA PRO A 135 5.91 -12.94 -73.24
C PRO A 135 4.77 -12.11 -72.65
N ASP A 136 4.68 -10.85 -73.10
CA ASP A 136 3.64 -9.93 -72.64
C ASP A 136 2.34 -10.23 -73.38
N VAL A 137 1.76 -11.37 -73.03
CA VAL A 137 0.47 -11.77 -73.52
C VAL A 137 -0.51 -11.68 -72.35
N TYR A 138 -1.80 -11.81 -72.67
CA TYR A 138 -2.82 -11.91 -71.64
C TYR A 138 -2.63 -13.19 -70.83
N MET A 139 -3.30 -13.24 -69.67
CA MET A 139 -3.10 -14.32 -68.72
C MET A 139 -4.37 -14.49 -67.90
N GLN A 140 -4.91 -15.70 -67.85
CA GLN A 140 -6.05 -15.98 -66.97
C GLN A 140 -5.53 -16.15 -65.56
N LYS A 141 -6.19 -15.54 -64.57
CA LYS A 141 -5.74 -15.60 -63.20
C LYS A 141 -6.89 -15.98 -62.29
N ILE A 142 -6.56 -16.71 -61.23
CA ILE A 142 -7.51 -16.96 -60.15
C ILE A 142 -6.71 -17.07 -58.85
N ALA A 143 -7.02 -16.23 -57.88
CA ALA A 143 -6.21 -16.12 -56.68
C ALA A 143 -7.09 -16.17 -55.45
N VAL A 144 -6.62 -16.87 -54.42
CA VAL A 144 -7.28 -16.90 -53.11
C VAL A 144 -6.21 -16.80 -52.05
N GLY A 145 -6.55 -16.13 -50.93
CA GLY A 145 -5.63 -15.95 -49.83
C GLY A 145 -5.88 -16.91 -48.68
N GLY A 146 -4.83 -17.14 -47.90
CA GLY A 146 -4.91 -18.09 -46.80
C GLY A 146 -3.65 -18.93 -46.72
N ILE A 147 -2.95 -18.81 -45.59
CA ILE A 147 -1.69 -19.53 -45.42
C ILE A 147 -1.92 -21.03 -45.54
N ASN A 148 -3.09 -21.51 -45.12
CA ASN A 148 -3.38 -22.93 -45.05
C ASN A 148 -4.15 -23.45 -46.26
N ALA A 149 -4.47 -22.58 -47.22
CA ALA A 149 -5.18 -23.03 -48.40
C ALA A 149 -4.37 -24.12 -49.11
N PRO A 150 -4.96 -25.26 -49.42
CA PRO A 150 -4.20 -26.31 -50.10
C PRO A 150 -3.99 -25.98 -51.56
N LYS A 151 -2.79 -26.29 -52.06
CA LYS A 151 -2.61 -26.21 -53.51
C LYS A 151 -3.63 -27.16 -54.16
N GLY A 152 -4.25 -26.68 -55.23
CA GLY A 152 -5.40 -27.32 -55.83
C GLY A 152 -6.75 -26.72 -55.45
N ILE A 153 -6.80 -25.77 -54.50
CA ILE A 153 -8.07 -25.18 -54.11
C ILE A 153 -8.70 -24.41 -55.27
N VAL A 154 -7.89 -23.91 -56.20
CA VAL A 154 -8.42 -23.26 -57.40
C VAL A 154 -7.81 -23.91 -58.63
N ASP A 155 -8.63 -24.05 -59.68
CA ASP A 155 -8.22 -24.60 -60.97
C ASP A 155 -8.93 -23.87 -62.09
N LEU A 156 -8.17 -23.45 -63.10
CA LEU A 156 -8.75 -22.67 -64.20
C LEU A 156 -9.58 -23.53 -65.19
N ASP A 157 -9.35 -24.86 -65.24
CA ASP A 157 -10.16 -25.71 -66.10
C ASP A 157 -11.50 -26.04 -65.48
N ASP A 158 -11.58 -25.97 -64.15
CA ASP A 158 -12.80 -26.18 -63.42
C ASP A 158 -13.71 -24.95 -63.56
N SER A 159 -14.96 -25.07 -63.13
CA SER A 159 -15.86 -23.94 -63.36
C SER A 159 -15.79 -22.93 -62.20
N VAL A 160 -16.31 -21.73 -62.46
CA VAL A 160 -16.36 -20.69 -61.44
C VAL A 160 -17.08 -21.21 -60.19
N THR A 161 -18.27 -21.79 -60.38
CA THR A 161 -19.05 -22.29 -59.25
C THR A 161 -18.28 -23.30 -58.42
N ASN A 162 -17.57 -24.23 -59.07
CA ASN A 162 -16.88 -25.28 -58.30
C ASN A 162 -15.62 -24.75 -57.64
N ASN A 163 -15.01 -23.72 -58.23
CA ASN A 163 -13.91 -23.04 -57.55
C ASN A 163 -14.45 -22.33 -56.31
N LEU A 164 -15.46 -21.45 -56.49
CA LEU A 164 -16.05 -20.75 -55.36
C LEU A 164 -16.57 -21.72 -54.31
N LYS A 165 -17.08 -22.85 -54.76
CA LYS A 165 -17.56 -23.91 -53.86
C LYS A 165 -16.47 -24.33 -52.88
N ARG A 166 -15.27 -24.67 -53.39
CA ARG A 166 -14.18 -25.12 -52.53
C ARG A 166 -13.67 -24.00 -51.64
N ILE A 167 -13.57 -22.79 -52.20
CA ILE A 167 -13.13 -21.63 -51.42
C ILE A 167 -14.09 -21.38 -50.25
N ALA A 168 -15.39 -21.29 -50.55
CA ALA A 168 -16.37 -21.10 -49.46
C ALA A 168 -16.21 -22.17 -48.41
N GLU A 169 -15.93 -23.40 -48.83
CA GLU A 169 -15.78 -24.49 -47.87
C GLU A 169 -14.53 -24.30 -47.05
N PHE A 170 -13.44 -23.91 -47.69
CA PHE A 170 -12.17 -23.71 -46.98
C PHE A 170 -12.29 -22.57 -45.97
N LYS A 171 -12.94 -21.47 -46.36
CA LYS A 171 -13.08 -20.31 -45.50
C LYS A 171 -14.16 -20.47 -44.44
N GLY A 172 -14.93 -21.56 -44.49
CA GLY A 172 -15.99 -21.79 -43.52
C GLY A 172 -17.11 -20.79 -43.61
N VAL A 173 -17.50 -20.40 -44.81
CA VAL A 173 -18.59 -19.46 -45.00
C VAL A 173 -19.51 -20.01 -46.08
N HIS A 174 -20.78 -19.61 -45.98
CA HIS A 174 -21.69 -19.78 -47.09
C HIS A 174 -21.10 -19.08 -48.32
N MET A 175 -21.37 -19.65 -49.50
CA MET A 175 -20.77 -19.10 -50.71
C MET A 175 -21.27 -17.68 -50.99
N SER A 176 -22.47 -17.33 -50.52
CA SER A 176 -22.99 -15.98 -50.77
C SER A 176 -22.32 -14.91 -49.91
N ALA A 177 -21.48 -15.30 -48.93
CA ALA A 177 -20.68 -14.30 -48.21
C ALA A 177 -19.38 -13.98 -48.94
N LEU A 178 -18.90 -14.90 -49.76
CA LEU A 178 -17.71 -14.67 -50.58
C LEU A 178 -17.89 -13.42 -51.42
N VAL A 179 -16.84 -12.59 -51.47
CA VAL A 179 -16.80 -11.46 -52.38
C VAL A 179 -15.75 -11.78 -53.43
N VAL A 180 -16.18 -11.82 -54.68
CA VAL A 180 -15.29 -12.08 -55.80
C VAL A 180 -15.01 -10.75 -56.47
N CYS A 181 -13.76 -10.49 -56.79
CA CYS A 181 -13.37 -9.29 -57.52
C CYS A 181 -12.92 -9.67 -58.93
N THR A 182 -13.30 -8.86 -59.91
CA THR A 182 -12.78 -9.00 -61.26
C THR A 182 -12.75 -7.61 -61.86
N MET A 183 -12.16 -7.48 -63.04
CA MET A 183 -12.15 -6.18 -63.69
C MET A 183 -13.44 -5.96 -64.46
N ASP A 184 -13.80 -4.68 -64.64
CA ASP A 184 -15.02 -4.30 -65.36
C ASP A 184 -14.72 -4.26 -66.86
N ARG A 185 -14.81 -5.43 -67.48
CA ARG A 185 -14.37 -5.65 -68.83
C ARG A 185 -15.36 -6.56 -69.53
N PRO A 186 -15.66 -6.29 -70.80
CA PRO A 186 -16.54 -7.19 -71.56
C PRO A 186 -16.07 -8.64 -71.53
N ARG A 187 -14.74 -8.85 -71.62
CA ARG A 187 -14.20 -10.21 -71.63
C ARG A 187 -14.57 -11.01 -70.38
N HIS A 188 -14.95 -10.34 -69.28
CA HIS A 188 -15.27 -11.06 -68.05
C HIS A 188 -16.76 -11.26 -67.85
N GLU A 189 -17.59 -10.93 -68.85
CA GLU A 189 -19.02 -10.92 -68.63
C GLU A 189 -19.54 -12.28 -68.16
N HIS A 190 -18.93 -13.39 -68.61
CA HIS A 190 -19.52 -14.66 -68.20
C HIS A 190 -19.04 -15.03 -66.81
N ILE A 191 -17.82 -14.59 -66.44
CA ILE A 191 -17.34 -14.74 -65.06
C ILE A 191 -18.37 -14.18 -64.09
N ILE A 192 -18.83 -12.96 -64.37
CA ILE A 192 -19.67 -12.22 -63.46
C ILE A 192 -21.03 -12.91 -63.27
N LYS A 193 -21.63 -13.42 -64.35
CA LYS A 193 -22.92 -14.09 -64.24
C LYS A 193 -22.81 -15.49 -63.62
N GLU A 194 -21.79 -16.26 -64.00
CA GLU A 194 -21.64 -17.60 -63.42
C GLU A 194 -21.49 -17.52 -61.91
N ALA A 195 -20.58 -16.65 -61.44
CA ALA A 195 -20.41 -16.49 -60.00
C ALA A 195 -21.68 -16.00 -59.33
N ARG A 196 -22.52 -15.23 -60.05
CA ARG A 196 -23.72 -14.62 -59.47
C ARG A 196 -24.95 -15.54 -59.45
N GLU A 197 -25.06 -16.50 -60.38
CA GLU A 197 -26.12 -17.53 -60.35
C GLU A 197 -26.23 -18.16 -58.98
N CYS A 198 -25.12 -18.72 -58.50
CA CYS A 198 -25.13 -19.53 -57.29
C CYS A 198 -24.89 -18.72 -56.01
N GLY A 199 -25.09 -17.40 -56.06
CA GLY A 199 -25.24 -16.59 -54.88
C GLY A 199 -24.04 -15.75 -54.48
N ALA A 200 -22.88 -15.92 -55.12
CA ALA A 200 -21.71 -15.17 -54.68
C ALA A 200 -21.86 -13.70 -55.04
N ARG A 201 -21.21 -12.85 -54.25
CA ARG A 201 -21.16 -11.42 -54.53
C ARG A 201 -19.93 -11.13 -55.39
N VAL A 202 -20.12 -10.37 -56.47
CA VAL A 202 -19.05 -10.10 -57.42
C VAL A 202 -18.93 -8.60 -57.64
N ILE A 203 -17.82 -8.00 -57.18
CA ILE A 203 -17.59 -6.56 -57.31
C ILE A 203 -16.58 -6.32 -58.43
N LEU A 204 -16.66 -5.15 -59.04
CA LEU A 204 -15.80 -4.83 -60.17
C LEU A 204 -14.91 -3.64 -59.85
N ILE A 205 -13.68 -3.73 -60.31
CA ILE A 205 -12.74 -2.62 -60.24
C ILE A 205 -12.52 -2.16 -61.67
N ASN A 206 -12.24 -0.87 -61.84
CA ASN A 206 -12.10 -0.35 -63.20
C ASN A 206 -10.73 -0.67 -63.77
N ASP A 207 -9.72 -0.81 -62.93
CA ASP A 207 -8.39 -1.23 -63.34
C ASP A 207 -7.63 -1.65 -62.09
N GLY A 208 -6.47 -2.30 -62.31
CA GLY A 208 -5.57 -2.65 -61.23
C GLY A 208 -5.67 -4.07 -60.69
N ASP A 209 -5.43 -5.06 -61.54
CA ASP A 209 -5.51 -6.43 -61.06
C ASP A 209 -4.24 -6.90 -60.35
N VAL A 210 -3.19 -6.08 -60.28
CA VAL A 210 -2.13 -6.36 -59.30
C VAL A 210 -2.68 -6.18 -57.89
N SER A 211 -3.24 -5.01 -57.62
CA SER A 211 -3.87 -4.76 -56.34
C SER A 211 -5.02 -5.75 -56.09
N GLY A 212 -5.84 -6.02 -57.11
CA GLY A 212 -7.00 -6.86 -56.90
C GLY A 212 -6.66 -8.30 -56.53
N VAL A 213 -5.63 -8.87 -57.16
CA VAL A 213 -5.17 -10.21 -56.75
C VAL A 213 -4.60 -10.15 -55.35
N ILE A 214 -3.77 -9.13 -55.08
CA ILE A 214 -3.09 -9.09 -53.79
C ILE A 214 -4.09 -8.84 -52.67
N ALA A 215 -5.16 -8.10 -52.96
CA ALA A 215 -6.19 -7.84 -51.97
C ALA A 215 -6.74 -9.11 -51.36
N THR A 216 -6.78 -10.23 -52.14
CA THR A 216 -7.29 -11.51 -51.59
C THR A 216 -6.53 -11.98 -50.36
N ALA A 217 -5.29 -11.55 -50.17
CA ALA A 217 -4.49 -11.96 -49.01
C ALA A 217 -4.12 -10.78 -48.14
N THR A 218 -4.81 -9.67 -48.30
CA THR A 218 -4.56 -8.48 -47.52
C THR A 218 -5.64 -8.38 -46.45
N GLU A 219 -5.22 -8.20 -45.19
CA GLU A 219 -6.18 -8.11 -44.09
C GLU A 219 -7.17 -6.96 -44.28
N ASN A 220 -8.45 -7.25 -44.04
CA ASN A 220 -9.56 -6.29 -44.13
C ASN A 220 -9.75 -5.70 -45.53
N SER A 221 -9.23 -6.34 -46.58
CA SER A 221 -9.50 -5.87 -47.94
C SER A 221 -10.97 -6.03 -48.32
N GLY A 222 -11.66 -7.00 -47.73
CA GLY A 222 -13.03 -7.27 -48.06
C GLY A 222 -13.20 -8.07 -49.33
N ILE A 223 -12.11 -8.57 -49.89
CA ILE A 223 -12.10 -9.32 -51.15
C ILE A 223 -11.55 -10.72 -50.85
N ASP A 224 -12.36 -11.75 -51.16
CA ASP A 224 -11.93 -13.13 -50.91
C ASP A 224 -11.23 -13.77 -52.13
N VAL A 225 -11.71 -13.51 -53.33
CA VAL A 225 -11.24 -14.20 -54.52
C VAL A 225 -10.99 -13.17 -55.61
N TYR A 226 -9.95 -13.37 -56.41
CA TYR A 226 -9.84 -12.63 -57.66
C TYR A 226 -9.90 -13.62 -58.82
N ILE A 227 -10.72 -13.29 -59.83
CA ILE A 227 -10.83 -14.07 -61.06
C ILE A 227 -10.84 -13.10 -62.23
N GLY A 228 -9.92 -13.27 -63.16
CA GLY A 228 -9.89 -12.33 -64.26
C GLY A 228 -8.77 -12.66 -65.22
N THR A 229 -8.72 -11.85 -66.26
CA THR A 229 -7.67 -11.93 -67.27
C THR A 229 -7.03 -10.56 -67.40
N GLY A 230 -5.71 -10.51 -67.43
CA GLY A 230 -4.99 -9.28 -67.63
C GLY A 230 -3.58 -9.59 -68.04
N GLY A 231 -2.70 -8.61 -67.89
CA GLY A 231 -1.33 -8.80 -68.33
C GLY A 231 -0.58 -9.82 -67.50
N ALA A 232 0.30 -10.58 -68.16
CA ALA A 232 1.17 -11.56 -67.52
C ALA A 232 2.20 -10.93 -66.57
N PRO A 233 2.88 -9.84 -66.94
CA PRO A 233 3.76 -9.19 -65.94
C PRO A 233 3.01 -8.89 -64.65
N GLU A 234 1.84 -8.24 -64.78
CA GLU A 234 1.00 -7.96 -63.62
C GLU A 234 0.68 -9.24 -62.85
N GLY A 235 0.49 -10.36 -63.58
CA GLY A 235 0.28 -11.63 -62.92
C GLY A 235 1.49 -12.11 -62.13
N VAL A 236 2.69 -11.95 -62.68
CA VAL A 236 3.84 -12.47 -61.95
C VAL A 236 4.12 -11.63 -60.72
N LEU A 237 3.94 -10.30 -60.82
CA LEU A 237 4.14 -9.42 -59.67
C LEU A 237 3.17 -9.74 -58.54
N ALA A 238 1.89 -10.00 -58.86
CA ALA A 238 0.94 -10.32 -57.81
C ALA A 238 1.22 -11.69 -57.20
N ALA A 239 1.61 -12.66 -58.04
CA ALA A 239 2.01 -13.96 -57.51
C ALA A 239 3.14 -13.83 -56.50
N ALA A 240 4.11 -12.94 -56.76
CA ALA A 240 5.24 -12.79 -55.84
C ALA A 240 4.79 -12.29 -54.46
N ALA A 241 3.86 -11.32 -54.42
CA ALA A 241 3.33 -10.87 -53.13
C ALA A 241 2.55 -11.97 -52.42
N LEU A 242 1.76 -12.74 -53.18
CA LEU A 242 1.00 -13.82 -52.56
C LEU A 242 1.90 -14.94 -52.06
N LYS A 243 3.02 -15.20 -52.75
CA LYS A 243 3.96 -16.18 -52.21
C LYS A 243 4.46 -15.75 -50.84
N CYS A 244 4.56 -14.44 -50.60
CA CYS A 244 4.99 -13.96 -49.30
C CYS A 244 3.84 -13.95 -48.28
N LEU A 245 2.64 -13.53 -48.69
CA LEU A 245 1.55 -13.40 -47.73
C LEU A 245 0.85 -14.71 -47.43
N GLY A 246 1.13 -15.76 -48.21
CA GLY A 246 0.42 -17.02 -48.10
C GLY A 246 -0.86 -17.03 -48.93
N GLY A 247 -0.99 -17.97 -49.84
CA GLY A 247 -2.15 -18.01 -50.71
C GLY A 247 -1.90 -18.92 -51.89
N GLN A 248 -2.94 -19.07 -52.70
CA GLN A 248 -2.87 -19.93 -53.88
C GLN A 248 -3.30 -19.12 -55.10
N MET A 249 -2.67 -19.41 -56.23
CA MET A 249 -2.95 -18.70 -57.48
C MET A 249 -2.66 -19.62 -58.65
N GLN A 250 -3.49 -19.56 -59.68
CA GLN A 250 -3.24 -20.32 -60.89
C GLN A 250 -3.41 -19.42 -62.09
N ALA A 251 -2.58 -19.65 -63.11
CA ALA A 251 -2.45 -18.78 -64.26
C ALA A 251 -2.25 -19.61 -65.51
N ARG A 252 -2.71 -19.07 -66.64
CA ARG A 252 -2.52 -19.67 -67.95
C ARG A 252 -2.31 -18.54 -68.95
N LEU A 253 -1.21 -18.61 -69.71
CA LEU A 253 -0.95 -17.63 -70.76
C LEU A 253 -1.89 -17.85 -71.95
N ILE A 254 -2.22 -16.75 -72.61
CA ILE A 254 -3.21 -16.70 -73.69
C ILE A 254 -2.53 -16.21 -74.95
N PHE A 255 -2.67 -16.97 -76.05
CA PHE A 255 -2.00 -16.64 -77.30
C PHE A 255 -3.04 -16.44 -78.40
N ASN A 256 -3.03 -15.26 -79.01
CA ASN A 256 -3.92 -14.93 -80.12
C ASN A 256 -3.21 -14.86 -81.47
N ASP A 257 -1.88 -14.82 -81.49
CA ASP A 257 -1.08 -14.47 -82.65
C ASP A 257 0.02 -15.51 -82.85
N GLU A 258 0.58 -15.57 -84.07
CA GLU A 258 1.62 -16.55 -84.32
C GLU A 258 2.99 -16.06 -83.85
N GLU A 259 3.27 -14.76 -84.00
CA GLU A 259 4.46 -14.19 -83.36
C GLU A 259 4.45 -14.43 -81.86
N GLU A 260 3.31 -14.21 -81.20
CA GLU A 260 3.21 -14.50 -79.77
C GLU A 260 3.66 -15.92 -79.45
N ILE A 261 3.33 -16.89 -80.29
CA ILE A 261 3.72 -18.28 -80.03
C ILE A 261 5.19 -18.51 -80.37
N LYS A 262 5.71 -17.85 -81.42
CA LYS A 262 7.16 -17.90 -81.65
C LYS A 262 7.90 -17.28 -80.48
N ARG A 263 7.49 -16.06 -80.09
CA ARG A 263 7.89 -15.34 -78.86
C ARG A 263 8.05 -16.29 -77.68
N ALA A 264 7.04 -17.14 -77.46
CA ALA A 264 7.01 -18.01 -76.28
C ALA A 264 7.90 -19.23 -76.42
N HIS A 265 8.05 -19.76 -77.63
CA HIS A 265 8.97 -20.87 -77.83
C HIS A 265 10.41 -20.48 -77.49
N ARG A 266 10.78 -19.22 -77.77
CA ARG A 266 12.17 -18.84 -77.64
C ARG A 266 12.54 -18.56 -76.21
N LEU A 267 11.55 -18.26 -75.39
CA LEU A 267 11.68 -18.25 -73.94
C LEU A 267 11.53 -19.64 -73.35
N GLY A 268 11.52 -20.68 -74.17
CA GLY A 268 11.49 -22.02 -73.65
C GLY A 268 10.12 -22.57 -73.36
N ILE A 269 9.05 -21.81 -73.57
CA ILE A 269 7.72 -22.35 -73.35
C ILE A 269 7.38 -23.28 -74.51
N THR A 270 6.85 -24.45 -74.18
CA THR A 270 6.45 -25.48 -75.13
C THR A 270 4.98 -25.85 -75.02
N ASP A 271 4.41 -25.82 -73.82
CA ASP A 271 3.01 -26.15 -73.56
C ASP A 271 2.24 -24.83 -73.45
N LEU A 272 1.58 -24.43 -74.55
CA LEU A 272 1.04 -23.08 -74.64
C LEU A 272 -0.12 -22.87 -73.66
N ASN A 273 -0.81 -23.92 -73.26
CA ASN A 273 -1.91 -23.76 -72.32
C ASN A 273 -1.60 -24.46 -71.00
N LYS A 274 -0.33 -24.47 -70.62
CA LYS A 274 0.06 -24.83 -69.27
C LYS A 274 -0.69 -23.98 -68.26
N LYS A 275 -1.00 -24.58 -67.12
CA LYS A 275 -1.52 -23.88 -65.97
C LYS A 275 -0.37 -23.73 -64.98
N TYR A 276 0.00 -22.48 -64.69
CA TYR A 276 1.12 -22.19 -63.77
C TYR A 276 0.61 -21.98 -62.35
N ASP A 277 1.28 -22.63 -61.38
CA ASP A 277 1.02 -22.33 -59.97
C ASP A 277 1.86 -21.16 -59.49
N ILE A 278 1.62 -20.80 -58.24
CA ILE A 278 2.31 -19.69 -57.61
C ILE A 278 3.80 -19.94 -57.66
N ASP A 279 4.19 -21.15 -57.24
CA ASP A 279 5.57 -21.62 -57.28
C ASP A 279 6.19 -21.49 -58.67
N ASP A 280 5.39 -21.71 -59.74
CA ASP A 280 5.91 -21.56 -61.10
C ASP A 280 5.98 -20.11 -61.56
N LEU A 281 5.30 -19.20 -60.87
CA LEU A 281 5.29 -17.78 -61.25
C LEU A 281 6.41 -17.03 -60.54
N ALA A 282 6.59 -17.30 -59.25
CA ALA A 282 7.62 -16.69 -58.41
C ALA A 282 8.08 -17.74 -57.41
N SER A 283 9.38 -18.02 -57.39
CA SER A 283 9.92 -19.07 -56.53
C SER A 283 11.26 -18.64 -55.97
N GLY A 284 11.64 -19.27 -54.86
CA GLY A 284 12.86 -18.91 -54.19
C GLY A 284 12.67 -17.77 -53.22
N ASP A 285 13.72 -16.95 -53.07
CA ASP A 285 13.81 -15.93 -52.03
C ASP A 285 13.29 -14.62 -52.59
N ILE A 286 11.99 -14.40 -52.48
CA ILE A 286 11.34 -13.25 -53.08
C ILE A 286 11.24 -12.14 -52.05
N VAL A 287 11.60 -10.91 -52.44
CA VAL A 287 11.19 -9.72 -51.70
C VAL A 287 10.24 -8.94 -52.61
N PHE A 288 9.21 -8.36 -52.01
CA PHE A 288 8.18 -7.62 -52.71
C PHE A 288 7.98 -6.30 -51.97
N ALA A 289 7.86 -5.22 -52.73
CA ALA A 289 7.60 -3.89 -52.17
C ALA A 289 6.53 -3.21 -53.02
N ALA A 290 5.60 -2.50 -52.38
CA ALA A 290 4.68 -1.67 -53.15
C ALA A 290 4.34 -0.42 -52.35
N THR A 291 4.05 0.66 -53.07
CA THR A 291 3.52 1.88 -52.44
C THR A 291 2.27 2.30 -53.16
N GLY A 292 1.22 2.65 -52.40
CA GLY A 292 -0.02 3.12 -52.99
C GLY A 292 0.16 4.49 -53.61
N VAL A 293 -0.42 4.69 -54.79
CA VAL A 293 -0.44 6.00 -55.43
C VAL A 293 -1.76 6.69 -55.20
N THR A 294 -2.85 5.96 -55.40
CA THR A 294 -4.20 6.37 -55.03
C THR A 294 -4.76 5.31 -54.10
N ASP A 295 -5.81 5.65 -53.35
CA ASP A 295 -6.46 4.67 -52.46
C ASP A 295 -6.92 3.47 -53.26
N GLY A 296 -6.73 2.26 -52.71
CA GLY A 296 -7.08 1.04 -53.41
C GLY A 296 -7.61 -0.02 -52.46
N ASN A 297 -7.91 -1.19 -53.02
CA ASN A 297 -8.32 -2.29 -52.16
C ASN A 297 -7.11 -3.04 -51.54
N MET A 298 -5.88 -2.50 -51.64
CA MET A 298 -4.71 -3.13 -51.04
C MET A 298 -3.91 -2.12 -50.21
N LEU A 299 -3.67 -0.92 -50.76
CA LEU A 299 -2.93 0.13 -50.06
C LEU A 299 -3.67 1.45 -50.23
N GLN A 300 -3.44 2.35 -49.26
CA GLN A 300 -3.92 3.71 -49.31
C GLN A 300 -2.98 4.56 -50.17
N GLY A 301 -3.53 5.57 -50.83
CA GLY A 301 -2.75 6.43 -51.69
C GLY A 301 -2.01 7.53 -50.94
N VAL A 302 -1.21 8.28 -51.71
CA VAL A 302 -0.46 9.41 -51.16
C VAL A 302 -1.42 10.52 -50.78
N LYS A 303 -1.13 11.19 -49.66
CA LYS A 303 -1.98 12.26 -49.16
C LYS A 303 -1.12 13.43 -48.72
N ARG A 304 -1.70 14.62 -48.80
CA ARG A 304 -1.08 15.82 -48.27
C ARG A 304 -1.58 16.04 -46.84
N VAL A 305 -0.66 16.34 -45.92
CA VAL A 305 -0.96 16.51 -44.50
C VAL A 305 -0.25 17.75 -43.97
N ASN A 306 -0.98 18.55 -43.17
CA ASN A 306 -0.41 19.63 -42.36
C ASN A 306 -0.45 19.30 -40.88
N SER A 307 0.54 19.80 -40.14
CA SER A 307 0.59 19.59 -38.71
C SER A 307 1.32 20.75 -38.05
N THR A 308 1.01 20.93 -36.75
CA THR A 308 1.78 21.84 -35.92
C THR A 308 3.24 21.38 -35.83
N ARG A 309 3.41 20.10 -35.49
CA ARG A 309 4.70 19.61 -35.03
C ARG A 309 5.76 19.56 -36.13
N ARG A 310 5.38 19.28 -37.38
CA ARG A 310 6.42 19.26 -38.40
C ARG A 310 6.04 20.00 -39.69
N GLY A 311 4.93 20.72 -39.70
CA GLY A 311 4.52 21.39 -40.92
C GLY A 311 3.98 20.41 -41.93
N SER A 312 4.25 20.70 -43.20
CA SER A 312 3.58 20.03 -44.31
C SER A 312 4.43 18.87 -44.83
N TYR A 313 3.78 17.75 -45.10
CA TYR A 313 4.47 16.59 -45.63
C TYR A 313 3.50 15.81 -46.48
N ALA A 314 4.04 14.90 -47.29
CA ALA A 314 3.24 13.91 -47.97
C ALA A 314 3.42 12.60 -47.22
N VAL A 315 2.33 11.86 -47.04
CA VAL A 315 2.40 10.54 -46.42
C VAL A 315 2.26 9.49 -47.50
N THR A 316 3.13 8.49 -47.46
CA THR A 316 3.01 7.31 -48.30
C THR A 316 2.68 6.09 -47.43
N HIS A 317 1.98 5.13 -48.03
CA HIS A 317 1.70 3.87 -47.38
C HIS A 317 2.26 2.77 -48.26
N SER A 318 3.13 1.95 -47.69
CA SER A 318 3.87 0.95 -48.43
C SER A 318 3.84 -0.36 -47.67
N VAL A 319 4.21 -1.42 -48.37
CA VAL A 319 4.29 -2.75 -47.80
C VAL A 319 5.54 -3.40 -48.36
N VAL A 320 6.31 -4.04 -47.52
CA VAL A 320 7.43 -4.81 -48.01
C VAL A 320 7.43 -6.12 -47.27
N MET A 321 7.73 -7.19 -47.99
CA MET A 321 7.52 -8.52 -47.48
C MET A 321 8.56 -9.45 -48.12
N ARG A 322 8.75 -10.60 -47.50
CA ARG A 322 9.79 -11.54 -47.90
C ARG A 322 9.29 -12.97 -47.80
N SER A 323 9.54 -13.77 -48.85
CA SER A 323 8.96 -15.11 -48.92
C SER A 323 9.64 -16.07 -47.94
N THR A 324 10.97 -15.93 -47.80
CA THR A 324 11.73 -16.88 -47.00
C THR A 324 11.31 -16.80 -45.54
N THR A 325 11.33 -15.59 -44.96
CA THR A 325 10.99 -15.38 -43.55
C THR A 325 9.49 -15.23 -43.28
N LYS A 326 8.67 -14.89 -44.28
CA LYS A 326 7.24 -14.61 -44.17
C LYS A 326 6.96 -13.33 -43.40
N THR A 327 8.00 -12.57 -43.07
CA THR A 327 7.83 -11.28 -42.44
C THR A 327 7.18 -10.27 -43.41
N VAL A 328 6.21 -9.52 -42.89
CA VAL A 328 5.50 -8.51 -43.66
C VAL A 328 5.57 -7.21 -42.87
N ARG A 329 5.93 -6.12 -43.54
CA ARG A 329 6.09 -4.82 -42.91
C ARG A 329 5.16 -3.82 -43.58
N HIS A 330 4.37 -3.09 -42.78
CA HIS A 330 3.53 -2.00 -43.28
C HIS A 330 4.19 -0.70 -42.89
N ILE A 331 4.48 0.15 -43.87
CA ILE A 331 5.31 1.33 -43.64
C ILE A 331 4.53 2.58 -44.01
N THR A 332 4.33 3.45 -43.03
CA THR A 332 3.77 4.78 -43.21
C THR A 332 4.93 5.77 -43.14
N ALA A 333 5.23 6.42 -44.26
CA ALA A 333 6.38 7.31 -44.35
C ALA A 333 5.92 8.76 -44.46
N GLU A 334 6.67 9.66 -43.84
CA GLU A 334 6.38 11.09 -43.85
C GLU A 334 7.53 11.75 -44.58
N HIS A 335 7.26 12.30 -45.76
CA HIS A 335 8.28 12.95 -46.57
C HIS A 335 7.98 14.42 -46.58
N SER A 336 8.97 15.23 -46.24
CA SER A 336 8.79 16.65 -46.04
C SER A 336 8.59 17.36 -47.39
N PHE A 337 7.75 18.40 -47.40
CA PHE A 337 7.55 19.20 -48.62
C PHE A 337 6.75 20.46 -48.32
N ASP A 338 7.06 21.53 -49.07
CA ASP A 338 6.29 22.79 -49.01
C ASP A 338 5.43 22.90 -50.27
N PHE A 339 4.12 22.96 -50.06
CA PHE A 339 3.16 23.05 -51.15
C PHE A 339 2.85 24.48 -51.58
N LYS A 340 3.55 25.49 -51.03
CA LYS A 340 3.48 26.82 -51.60
C LYS A 340 4.10 26.84 -53.00
N GLU A 341 5.13 26.00 -53.21
CA GLU A 341 5.64 25.70 -54.52
C GLU A 341 4.66 24.81 -55.27
N GLY A 342 4.92 24.61 -56.56
CA GLY A 342 4.20 23.60 -57.30
C GLY A 342 4.33 22.22 -56.65
N ILE A 343 3.45 21.32 -57.09
CA ILE A 343 3.50 19.96 -56.59
C ILE A 343 4.50 19.11 -57.36
N GLU A 344 4.82 19.48 -58.60
CA GLU A 344 5.72 18.77 -59.51
C GLU A 344 7.20 18.80 -59.02
N LYS A 345 7.47 19.22 -57.79
CA LYS A 345 8.80 19.11 -57.20
C LYS A 345 8.98 17.84 -56.38
N PHE A 346 8.14 16.82 -56.65
CA PHE A 346 8.37 15.45 -56.21
C PHE A 346 8.75 14.51 -57.36
N MET A 347 9.39 15.03 -58.40
CA MET A 347 9.86 14.21 -59.51
C MET A 347 11.39 14.12 -59.48
N SER A 348 11.93 13.37 -60.43
CA SER A 348 13.35 13.09 -60.49
C SER A 348 14.16 14.24 -61.10
N LYS B 24 -32.63 14.49 -26.20
CA LYS B 24 -32.52 14.48 -27.65
C LYS B 24 -31.98 13.15 -28.16
N VAL B 25 -32.74 12.47 -29.02
CA VAL B 25 -32.19 11.36 -29.79
C VAL B 25 -31.47 11.95 -31.00
N ALA B 26 -30.17 11.91 -30.97
CA ALA B 26 -29.26 12.26 -32.05
C ALA B 26 -28.30 11.13 -32.40
N LEU B 27 -27.81 10.42 -31.39
CA LEU B 27 -26.80 9.41 -31.65
C LEU B 27 -27.43 8.13 -32.17
N GLU B 28 -28.64 7.81 -31.70
CA GLU B 28 -29.34 6.63 -32.21
C GLU B 28 -29.60 6.70 -33.71
N ALA B 29 -29.39 7.87 -34.34
CA ALA B 29 -29.40 7.91 -35.80
C ALA B 29 -28.44 6.89 -36.37
N VAL B 30 -27.28 6.76 -35.72
CA VAL B 30 -26.22 5.87 -36.17
C VAL B 30 -26.76 4.48 -36.44
N ARG B 31 -27.55 3.92 -35.51
CA ARG B 31 -27.94 2.54 -35.73
C ARG B 31 -28.94 2.40 -36.86
N VAL B 32 -29.61 3.49 -37.24
CA VAL B 32 -30.49 3.45 -38.41
C VAL B 32 -29.69 3.29 -39.69
N THR B 33 -28.65 4.12 -39.87
CA THR B 33 -27.80 3.99 -41.03
C THR B 33 -26.96 2.70 -40.98
N GLU B 34 -26.66 2.19 -39.80
CA GLU B 34 -25.90 0.94 -39.71
C GLU B 34 -26.72 -0.22 -40.25
N LEU B 35 -28.01 -0.26 -39.90
CA LEU B 35 -28.87 -1.35 -40.37
C LEU B 35 -29.18 -1.20 -41.85
N ALA B 36 -29.42 0.03 -42.29
CA ALA B 36 -29.52 0.29 -43.72
C ALA B 36 -28.29 -0.20 -44.44
N ALA B 37 -27.11 -0.07 -43.82
CA ALA B 37 -25.88 -0.41 -44.51
C ALA B 37 -25.68 -1.91 -44.53
N LEU B 38 -26.02 -2.60 -43.44
CA LEU B 38 -25.87 -4.05 -43.43
C LEU B 38 -26.79 -4.69 -44.46
N ALA B 39 -27.99 -4.15 -44.62
CA ALA B 39 -28.93 -4.68 -45.61
C ALA B 39 -28.41 -4.45 -47.02
N SER B 40 -27.94 -3.24 -47.30
CA SER B 40 -27.38 -2.94 -48.62
C SER B 40 -26.20 -3.85 -48.93
N TRP B 41 -25.34 -4.06 -47.93
CA TRP B 41 -24.12 -4.81 -48.17
C TRP B 41 -24.45 -6.22 -48.62
N SER B 42 -25.53 -6.79 -48.08
CA SER B 42 -25.93 -8.14 -48.47
C SER B 42 -26.34 -8.21 -49.91
N GLN B 43 -26.58 -7.07 -50.56
CA GLN B 43 -26.81 -6.98 -52.00
C GLN B 43 -25.62 -6.41 -52.74
N MET B 44 -24.51 -6.11 -52.06
CA MET B 44 -23.34 -5.61 -52.78
C MET B 44 -22.87 -6.64 -53.80
N GLY B 45 -22.58 -6.17 -55.00
CA GLY B 45 -22.05 -7.04 -56.02
C GLY B 45 -23.03 -8.08 -56.54
N ARG B 46 -24.31 -7.73 -56.58
CA ARG B 46 -25.32 -8.65 -57.09
C ARG B 46 -25.91 -8.17 -58.41
N GLY B 47 -25.43 -7.06 -58.96
CA GLY B 47 -25.99 -6.50 -60.18
C GLY B 47 -27.49 -6.29 -60.17
N ASP B 48 -28.09 -6.14 -58.98
CA ASP B 48 -29.53 -5.96 -58.84
C ASP B 48 -29.74 -4.72 -57.98
N LYS B 49 -29.73 -3.55 -58.60
CA LYS B 49 -29.85 -2.33 -57.82
C LYS B 49 -31.23 -2.14 -57.19
N ILE B 50 -32.31 -2.69 -57.75
CA ILE B 50 -33.58 -2.52 -57.05
C ILE B 50 -33.51 -3.29 -55.74
N ALA B 51 -32.96 -4.50 -55.79
CA ALA B 51 -32.94 -5.34 -54.59
C ALA B 51 -32.01 -4.74 -53.55
N ALA B 52 -30.93 -4.10 -54.00
CA ALA B 52 -30.11 -3.29 -53.12
C ALA B 52 -30.96 -2.20 -52.49
N ASP B 53 -31.65 -1.42 -53.31
CA ASP B 53 -32.45 -0.30 -52.79
C ASP B 53 -33.56 -0.79 -51.87
N GLN B 54 -34.27 -1.85 -52.25
CA GLN B 54 -35.39 -2.33 -51.42
C GLN B 54 -34.91 -2.75 -50.05
N ALA B 55 -33.85 -3.56 -50.00
CA ALA B 55 -33.31 -4.01 -48.72
C ALA B 55 -32.90 -2.84 -47.86
N ALA B 56 -32.28 -1.82 -48.46
CA ALA B 56 -31.96 -0.61 -47.70
C ALA B 56 -33.23 0.09 -47.24
N VAL B 57 -34.27 0.11 -48.07
CA VAL B 57 -35.46 0.89 -47.72
C VAL B 57 -36.20 0.25 -46.55
N ASP B 58 -36.39 -1.08 -46.54
CA ASP B 58 -37.06 -1.64 -45.37
C ASP B 58 -36.18 -1.52 -44.15
N ALA B 59 -34.89 -1.83 -44.30
CA ALA B 59 -33.99 -1.79 -43.15
C ALA B 59 -33.99 -0.41 -42.51
N MET B 60 -34.01 0.65 -43.32
CA MET B 60 -33.98 1.99 -42.74
C MET B 60 -35.35 2.47 -42.24
N ARG B 61 -36.45 2.05 -42.88
CA ARG B 61 -37.79 2.42 -42.40
C ARG B 61 -38.14 1.69 -41.11
N LYS B 62 -37.82 0.40 -41.02
CA LYS B 62 -38.17 -0.39 -39.83
C LYS B 62 -37.47 0.12 -38.57
N ALA B 63 -36.16 0.39 -38.63
CA ALA B 63 -35.39 0.84 -37.47
C ALA B 63 -35.58 2.32 -37.20
N LEU B 64 -35.88 3.11 -38.22
CA LEU B 64 -36.23 4.50 -37.99
C LEU B 64 -37.47 4.61 -37.09
N ASN B 65 -38.41 3.67 -37.22
CA ASN B 65 -39.63 3.72 -36.44
C ASN B 65 -39.41 3.40 -34.96
N GLU B 66 -38.23 2.89 -34.59
CA GLU B 66 -37.89 2.73 -33.18
C GLU B 66 -37.29 3.97 -32.54
N VAL B 67 -36.96 4.99 -33.33
CA VAL B 67 -36.35 6.19 -32.79
C VAL B 67 -37.43 7.06 -32.17
N ASP B 68 -37.17 7.54 -30.95
CA ASP B 68 -38.13 8.38 -30.22
C ASP B 68 -38.13 9.79 -30.80
N ILE B 69 -38.58 9.89 -32.05
CA ILE B 69 -38.91 11.14 -32.72
C ILE B 69 -40.30 11.02 -33.33
N ASP B 70 -40.89 12.18 -33.62
CA ASP B 70 -42.04 12.30 -34.51
C ASP B 70 -41.52 13.01 -35.75
N GLY B 71 -41.26 12.25 -36.80
CA GLY B 71 -40.53 12.74 -37.96
C GLY B 71 -41.39 12.76 -39.22
N THR B 72 -41.13 13.76 -40.06
CA THR B 72 -41.79 13.88 -41.35
C THR B 72 -40.71 13.86 -42.43
N VAL B 73 -40.82 12.89 -43.35
CA VAL B 73 -39.83 12.76 -44.40
C VAL B 73 -39.93 13.92 -45.39
N VAL B 74 -39.03 14.90 -45.27
CA VAL B 74 -38.95 16.00 -46.24
C VAL B 74 -38.05 15.67 -47.45
N ILE B 75 -37.19 14.64 -47.33
CA ILE B 75 -36.36 14.15 -48.45
C ILE B 75 -36.27 12.63 -48.33
N GLY B 76 -36.76 11.91 -49.33
CA GLY B 76 -36.74 10.46 -49.29
C GLY B 76 -36.58 9.78 -50.64
N GLU B 77 -36.89 8.49 -50.70
CA GLU B 77 -36.75 7.71 -51.93
C GLU B 77 -38.02 7.79 -52.79
N GLY B 78 -38.74 8.92 -52.75
CA GLY B 78 -39.81 9.20 -53.69
C GLY B 78 -41.07 9.84 -53.11
N GLU B 79 -41.98 10.29 -53.99
CA GLU B 79 -43.33 10.63 -53.58
C GLU B 79 -44.14 9.34 -53.37
N LEU B 80 -45.34 9.48 -52.80
CA LEU B 80 -46.11 8.29 -52.44
C LEU B 80 -46.55 7.52 -53.69
N ASP B 81 -47.02 8.23 -54.71
CA ASP B 81 -47.50 7.56 -55.92
C ASP B 81 -46.36 6.98 -56.76
N GLU B 82 -45.10 7.29 -56.43
CA GLU B 82 -43.94 6.64 -57.02
C GLU B 82 -43.27 5.65 -56.08
N ALA B 83 -43.17 5.99 -54.80
CA ALA B 83 -42.47 5.17 -53.82
C ALA B 83 -43.41 4.77 -52.70
N PRO B 84 -43.59 3.48 -52.42
CA PRO B 84 -44.48 3.10 -51.31
C PRO B 84 -43.95 3.50 -49.94
N MET B 85 -42.63 3.41 -49.72
CA MET B 85 -42.04 3.50 -48.40
C MET B 85 -41.06 4.67 -48.33
N LEU B 86 -40.98 5.26 -47.14
CA LEU B 86 -40.19 6.47 -46.91
C LEU B 86 -40.46 7.52 -48.00
N TYR B 87 -41.74 7.77 -48.26
CA TYR B 87 -42.18 8.77 -49.22
C TYR B 87 -42.24 10.15 -48.56
N ILE B 88 -42.02 11.19 -49.37
CA ILE B 88 -42.09 12.58 -48.92
C ILE B 88 -43.38 12.80 -48.13
N GLY B 89 -43.25 13.23 -46.88
CA GLY B 89 -44.38 13.53 -46.03
C GLY B 89 -44.76 12.42 -45.08
N GLU B 90 -44.31 11.18 -45.33
CA GLU B 90 -44.66 10.06 -44.45
C GLU B 90 -44.27 10.35 -43.00
N LYS B 91 -45.12 9.90 -42.09
CA LYS B 91 -44.87 10.04 -40.66
C LYS B 91 -44.10 8.82 -40.16
N VAL B 92 -42.91 9.07 -39.63
CA VAL B 92 -42.00 8.04 -39.12
C VAL B 92 -41.60 8.36 -37.70
N GLY B 93 -41.20 7.33 -36.98
CA GLY B 93 -40.85 7.45 -35.58
C GLY B 93 -41.88 6.76 -34.69
N ALA B 94 -41.55 6.74 -33.40
CA ALA B 94 -42.41 6.17 -32.37
C ALA B 94 -42.91 7.21 -31.38
N GLY B 95 -42.62 8.49 -31.61
CA GLY B 95 -43.05 9.54 -30.70
C GLY B 95 -41.91 10.26 -30.01
N GLY B 96 -41.86 11.57 -30.16
CA GLY B 96 -40.79 12.37 -29.59
C GLY B 96 -40.87 13.79 -30.10
N CYS B 97 -39.74 14.49 -30.05
CA CYS B 97 -39.72 15.85 -30.55
C CYS B 97 -40.03 15.86 -32.05
N GLU B 98 -40.84 16.82 -32.47
CA GLU B 98 -41.15 16.98 -33.89
C GLU B 98 -39.85 17.27 -34.64
N VAL B 99 -39.61 16.55 -35.73
CA VAL B 99 -38.37 16.73 -36.45
C VAL B 99 -38.61 16.50 -37.95
N ASP B 100 -37.92 17.28 -38.78
CA ASP B 100 -37.86 17.03 -40.20
C ASP B 100 -36.72 16.05 -40.53
N ILE B 101 -37.02 15.07 -41.37
CA ILE B 101 -36.20 13.90 -41.66
C ILE B 101 -35.71 13.95 -43.10
N ALA B 102 -34.40 13.97 -43.29
CA ALA B 102 -33.78 13.92 -44.62
C ALA B 102 -33.02 12.61 -44.77
N LEU B 103 -33.55 11.72 -45.62
CA LEU B 103 -33.07 10.36 -45.82
C LEU B 103 -32.51 10.18 -47.23
N ASP B 104 -31.47 9.34 -47.33
CA ASP B 104 -31.31 8.43 -48.46
C ASP B 104 -31.06 7.05 -47.88
N PRO B 105 -31.96 6.08 -48.06
CA PRO B 105 -31.70 4.74 -47.52
C PRO B 105 -30.46 4.08 -48.11
N LEU B 106 -30.16 4.32 -49.38
CA LEU B 106 -28.92 3.87 -49.99
C LEU B 106 -28.53 4.87 -51.06
N GLU B 107 -27.43 5.57 -50.83
CA GLU B 107 -26.91 6.57 -51.75
C GLU B 107 -25.87 5.86 -52.63
N GLY B 108 -26.24 5.57 -53.87
CA GLY B 108 -25.37 4.77 -54.70
C GLY B 108 -25.91 3.38 -54.87
N THR B 109 -27.14 3.30 -55.38
CA THR B 109 -27.76 2.01 -55.64
C THR B 109 -27.05 1.27 -56.77
N THR B 110 -26.56 1.99 -57.78
CA THR B 110 -25.87 1.30 -58.86
C THR B 110 -24.47 0.88 -58.41
N ILE B 111 -23.75 1.79 -57.74
CA ILE B 111 -22.48 1.52 -57.06
C ILE B 111 -22.52 0.20 -56.29
N THR B 112 -23.42 0.10 -55.31
CA THR B 112 -23.53 -1.12 -54.52
C THR B 112 -23.75 -2.34 -55.40
N SER B 113 -24.57 -2.21 -56.46
CA SER B 113 -24.85 -3.35 -57.33
C SER B 113 -23.56 -3.92 -57.95
N LYS B 114 -22.59 -3.08 -58.27
CA LYS B 114 -21.36 -3.53 -58.91
C LYS B 114 -20.13 -3.39 -58.01
N GLY B 115 -20.31 -3.05 -56.74
CA GLY B 115 -19.20 -3.02 -55.80
C GLY B 115 -18.30 -1.81 -55.88
N GLY B 116 -18.73 -0.74 -56.57
CA GLY B 116 -17.87 0.42 -56.77
C GLY B 116 -17.72 1.26 -55.52
N ALA B 117 -16.96 2.35 -55.66
CA ALA B 117 -16.66 3.21 -54.54
C ALA B 117 -17.81 4.19 -54.24
N ASN B 118 -17.87 4.64 -52.98
CA ASN B 118 -18.60 5.82 -52.47
C ASN B 118 -20.07 5.58 -52.15
N ALA B 119 -20.54 4.35 -51.98
CA ALA B 119 -21.93 4.15 -51.59
C ALA B 119 -22.09 4.39 -50.10
N LEU B 120 -23.17 5.10 -49.72
CA LEU B 120 -23.47 5.43 -48.33
C LEU B 120 -24.91 5.13 -48.03
N THR B 121 -25.21 5.11 -46.74
CA THR B 121 -26.55 5.31 -46.22
C THR B 121 -26.51 6.57 -45.36
N VAL B 122 -27.57 7.39 -45.45
CA VAL B 122 -27.57 8.75 -44.92
C VAL B 122 -28.88 9.03 -44.20
N LEU B 123 -28.79 9.77 -43.10
CA LEU B 123 -29.95 10.18 -42.32
C LEU B 123 -29.61 11.47 -41.59
N ALA B 124 -30.40 12.51 -41.85
CA ALA B 124 -30.21 13.80 -41.19
C ALA B 124 -31.52 14.26 -40.57
N MET B 125 -31.41 14.93 -39.42
CA MET B 125 -32.54 15.46 -38.70
C MET B 125 -32.39 16.96 -38.52
N ALA B 126 -33.53 17.66 -38.47
CA ALA B 126 -33.53 19.11 -38.28
C ALA B 126 -34.88 19.54 -37.71
N ASP B 127 -34.88 20.72 -37.10
CA ASP B 127 -36.15 21.34 -36.74
C ASP B 127 -36.92 21.70 -38.01
N LYS B 128 -38.25 21.70 -37.91
CA LYS B 128 -39.12 21.83 -39.07
C LYS B 128 -38.71 23.00 -39.97
N GLY B 129 -38.64 22.73 -41.28
CA GLY B 129 -38.27 23.74 -42.24
C GLY B 129 -36.78 23.97 -42.40
N GLY B 130 -35.95 23.18 -41.71
CA GLY B 130 -34.51 23.35 -41.73
C GLY B 130 -33.84 23.02 -43.05
N PHE B 131 -34.46 22.18 -43.87
CA PHE B 131 -33.87 21.73 -45.13
C PHE B 131 -34.58 22.38 -46.30
N LEU B 132 -33.81 22.85 -47.27
CA LEU B 132 -34.35 23.22 -48.56
C LEU B 132 -35.24 22.10 -49.10
N ASN B 133 -36.55 22.28 -48.97
CA ASN B 133 -37.53 21.29 -49.46
C ASN B 133 -37.41 21.26 -50.98
N ALA B 134 -36.41 20.51 -51.46
CA ALA B 134 -36.08 20.61 -52.87
C ALA B 134 -36.69 19.46 -53.66
N PRO B 135 -37.19 19.74 -54.86
CA PRO B 135 -37.68 18.66 -55.73
C PRO B 135 -36.53 17.91 -56.39
N ASP B 136 -36.78 16.64 -56.71
CA ASP B 136 -35.76 15.76 -57.26
C ASP B 136 -35.38 16.18 -58.67
N VAL B 137 -34.52 17.20 -58.75
CA VAL B 137 -34.01 17.70 -60.02
C VAL B 137 -32.50 17.83 -59.91
N TYR B 138 -31.86 18.13 -61.03
CA TYR B 138 -30.42 18.26 -60.98
C TYR B 138 -30.03 19.57 -60.31
N MET B 139 -28.81 19.59 -59.78
CA MET B 139 -28.37 20.64 -58.87
C MET B 139 -26.89 20.91 -59.10
N GLN B 140 -26.56 22.10 -59.58
CA GLN B 140 -25.16 22.52 -59.63
C GLN B 140 -24.62 22.63 -58.21
N LYS B 141 -23.33 22.32 -58.04
CA LYS B 141 -22.70 22.20 -56.73
C LYS B 141 -21.25 22.66 -56.78
N ILE B 142 -20.83 23.38 -55.74
CA ILE B 142 -19.41 23.65 -55.46
C ILE B 142 -19.23 23.73 -53.95
N ALA B 143 -18.21 23.04 -53.42
CA ALA B 143 -18.04 22.89 -51.98
C ALA B 143 -16.57 22.82 -51.64
N VAL B 144 -16.21 23.47 -50.53
CA VAL B 144 -14.87 23.39 -49.94
C VAL B 144 -15.03 23.20 -48.43
N GLY B 145 -14.06 22.52 -47.83
CA GLY B 145 -14.07 22.29 -46.40
C GLY B 145 -13.22 23.31 -45.65
N GLY B 146 -13.47 23.40 -44.35
CA GLY B 146 -12.67 24.25 -43.50
C GLY B 146 -13.53 25.10 -42.59
N ILE B 147 -13.20 25.08 -41.29
CA ILE B 147 -13.98 25.81 -40.31
C ILE B 147 -13.95 27.30 -40.59
N ASN B 148 -12.90 27.78 -41.23
CA ASN B 148 -12.63 29.21 -41.30
C ASN B 148 -12.96 29.85 -42.64
N ALA B 149 -13.45 29.08 -43.60
CA ALA B 149 -13.71 29.63 -44.92
C ALA B 149 -14.81 30.69 -44.84
N PRO B 150 -14.58 31.88 -45.39
CA PRO B 150 -15.65 32.88 -45.42
C PRO B 150 -16.70 32.54 -46.46
N LYS B 151 -17.96 32.80 -46.11
CA LYS B 151 -19.04 32.68 -47.10
C LYS B 151 -18.71 33.58 -48.30
N GLY B 152 -18.78 33.00 -49.49
CA GLY B 152 -18.34 33.68 -50.69
C GLY B 152 -16.98 33.23 -51.18
N ILE B 153 -16.34 32.28 -50.50
CA ILE B 153 -15.09 31.71 -50.99
C ILE B 153 -15.36 30.99 -52.30
N VAL B 154 -16.57 30.43 -52.45
CA VAL B 154 -16.99 29.73 -53.66
C VAL B 154 -18.30 30.34 -54.16
N ASP B 155 -18.44 30.41 -55.49
CA ASP B 155 -19.62 31.01 -56.11
C ASP B 155 -19.83 30.36 -57.47
N LEU B 156 -21.03 29.82 -57.69
CA LEU B 156 -21.31 29.08 -58.91
C LEU B 156 -21.11 29.91 -60.17
N ASP B 157 -21.16 31.23 -60.07
CA ASP B 157 -21.07 32.05 -61.28
C ASP B 157 -19.64 32.47 -61.61
N ASP B 158 -18.73 32.43 -60.65
CA ASP B 158 -17.35 32.73 -60.95
C ASP B 158 -16.75 31.62 -61.82
N SER B 159 -15.61 31.92 -62.42
CA SER B 159 -14.93 30.90 -63.21
C SER B 159 -14.31 29.85 -62.29
N VAL B 160 -13.99 28.70 -62.87
CA VAL B 160 -13.35 27.64 -62.09
C VAL B 160 -11.94 28.05 -61.70
N THR B 161 -11.23 28.74 -62.59
CA THR B 161 -9.87 29.17 -62.25
C THR B 161 -9.87 30.26 -61.19
N ASN B 162 -10.95 31.02 -61.05
CA ASN B 162 -10.97 32.07 -60.03
C ASN B 162 -11.39 31.52 -58.67
N ASN B 163 -12.29 30.53 -58.66
CA ASN B 163 -12.63 29.86 -57.42
C ASN B 163 -11.41 29.15 -56.83
N LEU B 164 -10.66 28.42 -57.68
CA LEU B 164 -9.55 27.62 -57.19
C LEU B 164 -8.43 28.51 -56.65
N LYS B 165 -8.09 29.56 -57.38
CA LYS B 165 -7.12 30.53 -56.89
C LYS B 165 -7.50 31.02 -55.50
N ARG B 166 -8.80 31.29 -55.28
CA ARG B 166 -9.26 31.76 -53.97
C ARG B 166 -9.12 30.68 -52.91
N ILE B 167 -9.49 29.43 -53.26
CA ILE B 167 -9.37 28.32 -52.33
C ILE B 167 -7.90 28.01 -52.06
N ALA B 168 -7.08 27.96 -53.11
CA ALA B 168 -5.66 27.74 -52.92
C ALA B 168 -5.06 28.80 -52.02
N GLU B 169 -5.53 30.04 -52.14
CA GLU B 169 -5.07 31.08 -51.23
C GLU B 169 -5.50 30.78 -49.80
N PHE B 170 -6.76 30.38 -49.61
CA PHE B 170 -7.27 30.20 -48.25
C PHE B 170 -6.60 29.01 -47.57
N LYS B 171 -6.37 27.92 -48.30
CA LYS B 171 -5.72 26.72 -47.79
C LYS B 171 -4.20 26.86 -47.78
N GLY B 172 -3.67 28.00 -48.20
CA GLY B 172 -2.25 28.28 -48.08
C GLY B 172 -1.35 27.44 -48.95
N VAL B 173 -1.80 27.06 -50.15
CA VAL B 173 -1.01 26.22 -51.04
C VAL B 173 -1.04 26.78 -52.46
N HIS B 174 -0.06 26.36 -53.25
CA HIS B 174 -0.05 26.57 -54.69
C HIS B 174 -1.18 25.77 -55.34
N MET B 175 -1.89 26.40 -56.28
CA MET B 175 -3.08 25.79 -56.87
C MET B 175 -2.79 24.43 -57.50
N SER B 176 -1.54 24.19 -57.90
CA SER B 176 -1.16 22.88 -58.41
C SER B 176 -1.18 21.78 -57.34
N ALA B 177 -1.28 22.14 -56.06
CA ALA B 177 -1.40 21.15 -55.01
C ALA B 177 -2.85 20.80 -54.72
N LEU B 178 -3.82 21.60 -55.18
CA LEU B 178 -5.21 21.29 -54.88
C LEU B 178 -5.66 20.02 -55.60
N VAL B 179 -6.52 19.27 -54.93
CA VAL B 179 -7.21 18.14 -55.52
C VAL B 179 -8.66 18.53 -55.63
N VAL B 180 -9.12 18.69 -56.85
CA VAL B 180 -10.53 18.95 -57.14
C VAL B 180 -11.15 17.62 -57.50
N CYS B 181 -12.34 17.38 -56.99
CA CYS B 181 -13.10 16.19 -57.31
C CYS B 181 -14.29 16.56 -58.18
N THR B 182 -14.73 15.62 -59.02
CA THR B 182 -15.96 15.76 -59.79
C THR B 182 -16.34 14.40 -60.37
N MET B 183 -17.61 14.26 -60.72
CA MET B 183 -18.06 13.03 -61.34
C MET B 183 -17.55 12.91 -62.76
N ASP B 184 -17.33 11.67 -63.20
CA ASP B 184 -16.96 11.34 -64.58
C ASP B 184 -18.22 11.30 -65.42
N ARG B 185 -18.63 12.48 -65.89
CA ARG B 185 -19.83 12.70 -66.68
C ARG B 185 -19.46 13.76 -67.73
N PRO B 186 -19.92 13.59 -68.98
CA PRO B 186 -19.62 14.61 -70.00
C PRO B 186 -19.98 16.03 -69.58
N ARG B 187 -21.08 16.21 -68.83
CA ARG B 187 -21.44 17.55 -68.37
C ARG B 187 -20.31 18.25 -67.62
N HIS B 188 -19.29 17.52 -67.16
CA HIS B 188 -18.13 18.12 -66.51
C HIS B 188 -16.88 18.09 -67.38
N GLU B 189 -16.99 17.78 -68.68
CA GLU B 189 -15.87 17.91 -69.61
C GLU B 189 -15.11 19.21 -69.38
N HIS B 190 -15.85 20.29 -69.11
CA HIS B 190 -15.28 21.64 -69.09
C HIS B 190 -14.78 22.05 -67.72
N ILE B 191 -15.41 21.53 -66.67
CA ILE B 191 -14.84 21.64 -65.32
C ILE B 191 -13.42 21.08 -65.31
N ILE B 192 -13.30 19.82 -65.75
CA ILE B 192 -12.01 19.13 -65.79
C ILE B 192 -10.99 19.96 -66.56
N LYS B 193 -11.32 20.31 -67.81
CA LYS B 193 -10.35 20.92 -68.71
C LYS B 193 -9.90 22.29 -68.19
N GLU B 194 -10.84 23.13 -67.73
CA GLU B 194 -10.45 24.45 -67.25
C GLU B 194 -9.60 24.35 -65.97
N ALA B 195 -10.02 23.50 -65.03
CA ALA B 195 -9.27 23.36 -63.78
C ALA B 195 -7.87 22.82 -64.05
N ARG B 196 -7.74 21.82 -64.94
CA ARG B 196 -6.42 21.29 -65.27
C ARG B 196 -5.56 22.30 -66.00
N GLU B 197 -6.17 23.28 -66.66
CA GLU B 197 -5.45 24.12 -67.61
C GLU B 197 -4.55 25.13 -66.90
N CYS B 198 -4.92 25.54 -65.68
CA CYS B 198 -4.06 26.34 -64.82
C CYS B 198 -3.46 25.52 -63.68
N GLY B 199 -3.38 24.19 -63.82
CA GLY B 199 -2.49 23.37 -63.02
C GLY B 199 -3.12 22.59 -61.88
N ALA B 200 -4.41 22.79 -61.61
CA ALA B 200 -5.07 22.04 -60.56
C ALA B 200 -5.17 20.57 -60.93
N ARG B 201 -5.26 19.72 -59.91
CA ARG B 201 -5.44 18.29 -60.10
C ARG B 201 -6.91 17.93 -59.91
N VAL B 202 -7.47 17.21 -60.86
CA VAL B 202 -8.89 16.88 -60.87
C VAL B 202 -9.03 15.36 -60.87
N ILE B 203 -9.60 14.81 -59.82
CA ILE B 203 -9.84 13.38 -59.78
C ILE B 203 -11.32 13.12 -60.02
N LEU B 204 -11.62 11.99 -60.65
CA LEU B 204 -12.98 11.67 -61.05
C LEU B 204 -13.53 10.52 -60.22
N ILE B 205 -14.80 10.62 -59.82
CA ILE B 205 -15.52 9.51 -59.20
C ILE B 205 -16.60 9.05 -60.16
N ASN B 206 -16.89 7.75 -60.19
CA ASN B 206 -17.90 7.29 -61.12
C ASN B 206 -19.29 7.67 -60.66
N ASP B 207 -19.46 7.97 -59.38
CA ASP B 207 -20.75 8.22 -58.76
C ASP B 207 -20.52 8.54 -57.29
N GLY B 208 -21.59 9.00 -56.64
CA GLY B 208 -21.59 9.27 -55.21
C GLY B 208 -21.06 10.65 -54.85
N ASP B 209 -21.82 11.70 -55.15
CA ASP B 209 -21.36 13.05 -54.85
C ASP B 209 -21.85 13.54 -53.50
N VAL B 210 -22.53 12.69 -52.72
CA VAL B 210 -22.67 12.96 -51.30
C VAL B 210 -21.32 12.76 -50.61
N SER B 211 -20.79 11.54 -50.69
CA SER B 211 -19.43 11.29 -50.21
C SER B 211 -18.43 12.27 -50.84
N GLY B 212 -18.53 12.51 -52.14
CA GLY B 212 -17.57 13.39 -52.80
C GLY B 212 -17.61 14.82 -52.29
N VAL B 213 -18.78 15.32 -51.88
CA VAL B 213 -18.88 16.68 -51.39
C VAL B 213 -18.39 16.77 -49.94
N ILE B 214 -18.90 15.88 -49.09
CA ILE B 214 -18.48 15.84 -47.69
C ILE B 214 -16.98 15.61 -47.59
N ALA B 215 -16.40 14.86 -48.53
CA ALA B 215 -14.97 14.55 -48.47
C ALA B 215 -14.13 15.81 -48.34
N THR B 216 -14.59 16.93 -48.91
CA THR B 216 -13.83 18.17 -48.82
C THR B 216 -13.55 18.57 -47.38
N ALA B 217 -14.36 18.09 -46.43
CA ALA B 217 -14.20 18.41 -45.02
C ALA B 217 -13.81 17.20 -44.20
N THR B 218 -13.73 16.02 -44.80
CA THR B 218 -13.28 14.83 -44.11
C THR B 218 -11.76 14.86 -44.00
N GLU B 219 -11.24 14.61 -42.79
CA GLU B 219 -9.79 14.58 -42.61
C GLU B 219 -9.14 13.46 -43.42
N ASN B 220 -8.03 13.80 -44.07
CA ASN B 220 -7.24 12.88 -44.90
C ASN B 220 -8.06 12.27 -46.05
N SER B 221 -9.08 13.00 -46.53
CA SER B 221 -9.83 12.53 -47.71
C SER B 221 -8.98 12.62 -48.97
N GLY B 222 -8.06 13.59 -49.04
CA GLY B 222 -7.28 13.87 -50.21
C GLY B 222 -7.91 14.84 -51.16
N ILE B 223 -9.16 15.27 -50.88
CA ILE B 223 -9.95 16.12 -51.76
C ILE B 223 -10.18 17.48 -51.09
N ASP B 224 -9.86 18.56 -51.82
CA ASP B 224 -10.00 19.92 -51.33
C ASP B 224 -11.29 20.60 -51.78
N VAL B 225 -11.72 20.35 -53.01
CA VAL B 225 -12.85 21.07 -53.61
C VAL B 225 -13.67 20.06 -54.39
N TYR B 226 -14.99 20.16 -54.30
CA TYR B 226 -15.87 19.45 -55.20
C TYR B 226 -16.62 20.46 -56.06
N ILE B 227 -16.71 20.19 -57.37
CA ILE B 227 -17.49 20.98 -58.32
C ILE B 227 -18.18 20.01 -59.25
N GLY B 228 -19.50 20.10 -59.37
CA GLY B 228 -20.21 19.15 -60.19
C GLY B 228 -21.71 19.40 -60.15
N THR B 229 -22.41 18.66 -60.97
CA THR B 229 -23.87 18.75 -61.03
C THR B 229 -24.43 17.36 -60.80
N GLY B 230 -25.30 17.23 -59.80
CA GLY B 230 -25.96 15.98 -59.48
C GLY B 230 -27.29 16.20 -58.78
N GLY B 231 -27.87 15.14 -58.21
CA GLY B 231 -29.22 15.22 -57.71
C GLY B 231 -29.35 16.21 -56.55
N ALA B 232 -30.49 16.92 -56.54
CA ALA B 232 -30.70 17.97 -55.53
C ALA B 232 -30.83 17.42 -54.14
N PRO B 233 -31.59 16.35 -53.87
CA PRO B 233 -31.67 15.85 -52.49
C PRO B 233 -30.31 15.50 -51.93
N GLU B 234 -29.49 14.84 -52.76
CA GLU B 234 -28.10 14.53 -52.43
C GLU B 234 -27.29 15.79 -52.14
N GLY B 235 -27.63 16.92 -52.77
CA GLY B 235 -26.96 18.15 -52.41
C GLY B 235 -27.30 18.62 -51.01
N VAL B 236 -28.58 18.49 -50.64
CA VAL B 236 -29.04 18.98 -49.34
C VAL B 236 -28.47 18.10 -48.22
N LEU B 237 -28.48 16.78 -48.43
CA LEU B 237 -27.86 15.87 -47.47
C LEU B 237 -26.40 16.21 -47.25
N ALA B 238 -25.67 16.48 -48.33
CA ALA B 238 -24.26 16.85 -48.21
C ALA B 238 -24.10 18.13 -47.41
N ALA B 239 -24.86 19.18 -47.79
CA ALA B 239 -24.73 20.45 -47.09
C ALA B 239 -25.10 20.31 -45.61
N ALA B 240 -25.98 19.38 -45.26
CA ALA B 240 -26.28 19.15 -43.86
C ALA B 240 -25.05 18.66 -43.11
N ALA B 241 -24.19 17.90 -43.79
CA ALA B 241 -22.95 17.43 -43.18
C ALA B 241 -21.88 18.51 -43.17
N LEU B 242 -21.71 19.24 -44.28
CA LEU B 242 -20.75 20.35 -44.27
C LEU B 242 -21.14 21.39 -43.24
N LYS B 243 -22.42 21.48 -42.92
CA LYS B 243 -22.87 22.43 -41.91
C LYS B 243 -22.33 22.07 -40.54
N CYS B 244 -22.18 20.78 -40.24
CA CYS B 244 -21.59 20.31 -39.00
C CYS B 244 -20.06 20.26 -39.03
N LEU B 245 -19.45 19.97 -40.18
CA LEU B 245 -17.99 19.88 -40.25
C LEU B 245 -17.31 21.24 -40.44
N GLY B 246 -18.02 22.24 -40.96
CA GLY B 246 -17.39 23.49 -41.33
C GLY B 246 -17.08 23.54 -42.81
N GLY B 247 -17.66 24.50 -43.52
CA GLY B 247 -17.45 24.57 -44.96
C GLY B 247 -18.36 25.61 -45.60
N GLN B 248 -18.21 25.71 -46.91
CA GLN B 248 -19.00 26.59 -47.75
C GLN B 248 -19.45 25.79 -48.97
N MET B 249 -20.63 26.13 -49.49
CA MET B 249 -21.25 25.37 -50.58
C MET B 249 -22.33 26.22 -51.21
N GLN B 250 -22.27 26.39 -52.52
CA GLN B 250 -23.36 26.97 -53.28
C GLN B 250 -24.03 25.90 -54.14
N ALA B 251 -25.34 25.99 -54.26
CA ALA B 251 -26.11 25.11 -55.10
C ALA B 251 -27.11 25.94 -55.90
N ARG B 252 -27.55 25.38 -57.03
CA ARG B 252 -28.58 26.02 -57.85
C ARG B 252 -29.35 24.92 -58.55
N LEU B 253 -30.67 24.96 -58.43
CA LEU B 253 -31.50 23.97 -59.10
C LEU B 253 -31.37 24.15 -60.62
N ILE B 254 -31.49 23.03 -61.33
CA ILE B 254 -31.44 23.00 -62.78
C ILE B 254 -32.67 22.27 -63.28
N PHE B 255 -33.28 22.79 -64.35
CA PHE B 255 -34.51 22.25 -64.88
C PHE B 255 -34.38 22.05 -66.38
N ASN B 256 -35.00 20.98 -66.86
CA ASN B 256 -34.97 20.63 -68.27
C ASN B 256 -36.34 20.26 -68.83
N ASP B 257 -37.27 19.79 -68.02
CA ASP B 257 -38.64 19.51 -68.41
C ASP B 257 -39.57 20.57 -67.87
N GLU B 258 -40.61 20.89 -68.64
CA GLU B 258 -41.73 21.61 -68.05
C GLU B 258 -42.33 20.82 -66.90
N GLU B 259 -42.24 19.49 -66.96
CA GLU B 259 -42.67 18.68 -65.82
C GLU B 259 -41.75 18.89 -64.62
N GLU B 260 -40.45 19.05 -64.86
CA GLU B 260 -39.53 19.34 -63.75
C GLU B 260 -39.86 20.66 -63.08
N ILE B 261 -40.19 21.68 -63.87
CA ILE B 261 -40.49 22.98 -63.29
C ILE B 261 -41.83 22.94 -62.55
N LYS B 262 -42.76 22.10 -62.99
CA LYS B 262 -44.02 21.98 -62.28
C LYS B 262 -43.81 21.43 -60.87
N ARG B 263 -42.93 20.44 -60.72
CA ARG B 263 -42.65 19.91 -59.38
C ARG B 263 -42.03 20.98 -58.48
N ALA B 264 -41.16 21.83 -59.03
CA ALA B 264 -40.64 22.94 -58.25
C ALA B 264 -41.75 23.92 -57.87
N HIS B 265 -42.72 24.13 -58.78
CA HIS B 265 -43.84 25.03 -58.49
C HIS B 265 -44.78 24.43 -57.45
N ARG B 266 -45.11 23.13 -57.59
CA ARG B 266 -45.95 22.47 -56.60
C ARG B 266 -45.39 22.65 -55.19
N LEU B 267 -44.08 22.44 -55.03
CA LEU B 267 -43.42 22.46 -53.72
C LEU B 267 -43.13 23.87 -53.20
N GLY B 268 -43.66 24.90 -53.86
CA GLY B 268 -43.55 26.26 -53.38
C GLY B 268 -42.54 27.13 -54.12
N ILE B 269 -41.59 26.52 -54.83
CA ILE B 269 -40.42 27.25 -55.33
C ILE B 269 -40.84 28.20 -56.45
N THR B 270 -40.58 29.49 -56.24
CA THR B 270 -40.80 30.57 -57.19
C THR B 270 -39.54 30.93 -57.98
N ASP B 271 -38.44 31.23 -57.27
CA ASP B 271 -37.18 31.62 -57.92
C ASP B 271 -36.48 30.35 -58.39
N LEU B 272 -36.56 30.07 -59.69
CA LEU B 272 -36.02 28.83 -60.23
C LEU B 272 -34.50 28.87 -60.35
N ASN B 273 -33.91 30.06 -60.44
CA ASN B 273 -32.47 30.21 -60.62
C ASN B 273 -31.78 30.71 -59.35
N LYS B 274 -32.40 30.51 -58.20
CA LYS B 274 -31.81 30.94 -56.94
C LYS B 274 -30.51 30.19 -56.69
N LYS B 275 -29.52 30.90 -56.18
CA LYS B 275 -28.32 30.29 -55.63
C LYS B 275 -28.54 30.12 -54.13
N TYR B 276 -28.45 28.89 -53.66
CA TYR B 276 -28.65 28.61 -52.25
C TYR B 276 -27.29 28.57 -51.55
N ASP B 277 -27.24 29.16 -50.36
CA ASP B 277 -26.08 29.06 -49.48
C ASP B 277 -26.19 27.78 -48.67
N ILE B 278 -25.18 27.49 -47.86
CA ILE B 278 -25.21 26.28 -47.03
C ILE B 278 -26.37 26.38 -46.05
N ASP B 279 -26.46 27.54 -45.38
CA ASP B 279 -27.55 27.82 -44.45
C ASP B 279 -28.91 27.75 -45.14
N ASP B 280 -28.98 28.04 -46.45
CA ASP B 280 -30.24 27.91 -47.17
C ASP B 280 -30.60 26.46 -47.47
N LEU B 281 -29.61 25.58 -47.59
CA LEU B 281 -29.89 24.16 -47.77
C LEU B 281 -30.20 23.50 -46.44
N ALA B 282 -29.45 23.83 -45.40
CA ALA B 282 -29.63 23.25 -44.08
C ALA B 282 -29.36 24.33 -43.02
N SER B 283 -30.28 24.48 -42.08
CA SER B 283 -30.18 25.56 -41.11
C SER B 283 -30.70 25.08 -39.77
N GLY B 284 -30.16 25.64 -38.69
CA GLY B 284 -30.67 25.29 -37.38
C GLY B 284 -30.01 24.07 -36.76
N ASP B 285 -30.78 23.31 -35.96
CA ASP B 285 -30.25 22.20 -35.17
C ASP B 285 -30.21 20.93 -36.02
N ILE B 286 -29.05 20.63 -36.60
CA ILE B 286 -28.87 19.56 -37.58
C ILE B 286 -28.07 18.42 -36.96
N VAL B 287 -28.61 17.20 -37.07
CA VAL B 287 -27.89 15.95 -36.81
C VAL B 287 -27.61 15.30 -38.16
N PHE B 288 -26.40 14.79 -38.37
CA PHE B 288 -26.10 14.10 -39.63
C PHE B 288 -25.46 12.76 -39.34
N ALA B 289 -26.04 11.69 -39.88
CA ALA B 289 -25.51 10.35 -39.70
C ALA B 289 -25.37 9.66 -41.04
N ALA B 290 -24.23 9.00 -41.26
CA ALA B 290 -24.01 8.17 -42.43
C ALA B 290 -23.21 6.93 -42.06
N THR B 291 -23.54 5.79 -42.68
CA THR B 291 -22.74 4.58 -42.58
C THR B 291 -22.23 4.17 -43.96
N GLY B 292 -21.02 3.64 -44.00
CA GLY B 292 -20.43 3.22 -45.27
C GLY B 292 -20.94 1.86 -45.71
N VAL B 293 -21.32 1.77 -46.98
CA VAL B 293 -21.63 0.49 -47.61
C VAL B 293 -20.40 -0.08 -48.30
N THR B 294 -19.78 0.70 -49.18
CA THR B 294 -18.54 0.31 -49.83
C THR B 294 -17.47 1.32 -49.43
N ASP B 295 -16.20 0.93 -49.60
CA ASP B 295 -15.10 1.86 -49.37
C ASP B 295 -15.27 3.07 -50.26
N GLY B 296 -15.01 4.27 -49.71
CA GLY B 296 -15.11 5.50 -50.47
C GLY B 296 -14.23 6.59 -49.88
N ASN B 297 -14.26 7.76 -50.52
CA ASN B 297 -13.38 8.86 -50.11
C ASN B 297 -13.85 9.57 -48.84
N MET B 298 -14.85 9.04 -48.18
CA MET B 298 -15.32 9.58 -46.91
C MET B 298 -15.42 8.53 -45.84
N LEU B 299 -15.85 7.32 -46.17
CA LEU B 299 -16.03 6.28 -45.16
C LEU B 299 -15.57 4.92 -45.70
N GLN B 300 -14.99 4.13 -44.82
CA GLN B 300 -14.73 2.72 -45.05
C GLN B 300 -16.04 1.95 -45.19
N GLY B 301 -16.03 0.92 -46.03
CA GLY B 301 -17.22 0.12 -46.23
C GLY B 301 -17.36 -1.03 -45.26
N VAL B 302 -18.50 -1.72 -45.35
CA VAL B 302 -18.76 -2.87 -44.47
C VAL B 302 -17.78 -3.99 -44.80
N LYS B 303 -17.27 -4.69 -43.76
CA LYS B 303 -16.35 -5.80 -43.94
C LYS B 303 -16.75 -7.00 -43.09
N ARG B 304 -16.54 -8.20 -43.63
CA ARG B 304 -16.66 -9.45 -42.88
C ARG B 304 -15.36 -9.71 -42.15
N VAL B 305 -15.46 -10.14 -40.90
CA VAL B 305 -14.32 -10.28 -40.02
C VAL B 305 -14.45 -11.61 -39.30
N ASN B 306 -13.33 -12.29 -39.12
CA ASN B 306 -13.29 -13.54 -38.36
C ASN B 306 -12.20 -13.41 -37.32
N SER B 307 -12.60 -13.32 -36.05
CA SER B 307 -11.70 -13.51 -34.93
C SER B 307 -12.12 -14.76 -34.18
N THR B 308 -11.21 -15.26 -33.34
CA THR B 308 -11.57 -16.30 -32.39
C THR B 308 -11.99 -15.74 -31.03
N ARG B 309 -11.63 -14.48 -30.71
CA ARG B 309 -12.07 -13.89 -29.45
C ARG B 309 -13.59 -13.71 -29.41
N ARG B 310 -14.22 -13.34 -30.54
CA ARG B 310 -15.66 -13.10 -30.54
C ARG B 310 -16.39 -13.77 -31.69
N GLY B 311 -15.73 -14.66 -32.43
CA GLY B 311 -16.38 -15.26 -33.58
C GLY B 311 -16.41 -14.30 -34.74
N SER B 312 -17.35 -14.51 -35.64
CA SER B 312 -17.40 -13.74 -36.88
C SER B 312 -18.41 -12.61 -36.77
N TYR B 313 -18.11 -11.50 -37.44
CA TYR B 313 -18.96 -10.34 -37.35
C TYR B 313 -18.81 -9.52 -38.62
N ALA B 314 -19.78 -8.64 -38.85
CA ALA B 314 -19.67 -7.61 -39.85
C ALA B 314 -19.33 -6.29 -39.15
N VAL B 315 -18.40 -5.54 -39.72
CA VAL B 315 -17.93 -4.28 -39.13
C VAL B 315 -18.48 -3.14 -39.98
N THR B 316 -19.11 -2.17 -39.33
CA THR B 316 -19.57 -0.99 -40.06
C THR B 316 -18.76 0.21 -39.59
N HIS B 317 -18.74 1.25 -40.41
CA HIS B 317 -17.95 2.46 -40.19
C HIS B 317 -18.84 3.67 -40.45
N SER B 318 -19.19 4.39 -39.39
CA SER B 318 -20.20 5.44 -39.46
C SER B 318 -19.64 6.72 -38.87
N VAL B 319 -20.28 7.81 -39.23
CA VAL B 319 -19.94 9.11 -38.69
C VAL B 319 -21.26 9.78 -38.30
N VAL B 320 -21.24 10.52 -37.20
CA VAL B 320 -22.44 11.21 -36.73
C VAL B 320 -22.01 12.51 -36.06
N MET B 321 -22.70 13.59 -36.41
CA MET B 321 -22.28 14.93 -36.06
C MET B 321 -23.51 15.77 -35.79
N ARG B 322 -23.35 16.80 -34.97
CA ARG B 322 -24.45 17.74 -34.75
C ARG B 322 -23.99 19.15 -35.07
N SER B 323 -24.89 19.89 -35.73
CA SER B 323 -24.62 21.27 -36.14
C SER B 323 -24.34 22.17 -34.95
N THR B 324 -25.06 21.96 -33.84
CA THR B 324 -25.05 22.93 -32.75
C THR B 324 -23.77 22.85 -31.94
N THR B 325 -23.40 21.64 -31.48
CA THR B 325 -22.19 21.43 -30.68
C THR B 325 -20.92 21.26 -31.51
N LYS B 326 -21.04 20.97 -32.81
CA LYS B 326 -19.93 20.75 -33.73
C LYS B 326 -19.14 19.48 -33.43
N THR B 327 -19.62 18.67 -32.48
CA THR B 327 -19.02 17.40 -32.13
C THR B 327 -19.17 16.39 -33.27
N VAL B 328 -18.06 15.72 -33.61
CA VAL B 328 -18.03 14.70 -34.65
C VAL B 328 -17.64 13.37 -34.01
N ARG B 329 -18.43 12.33 -34.27
CA ARG B 329 -18.16 11.02 -33.71
C ARG B 329 -17.98 10.03 -34.85
N HIS B 330 -16.86 9.32 -34.83
CA HIS B 330 -16.59 8.24 -35.79
C HIS B 330 -16.83 6.93 -35.07
N ILE B 331 -17.62 6.04 -35.68
CA ILE B 331 -18.17 4.90 -34.96
C ILE B 331 -17.92 3.61 -35.74
N THR B 332 -17.04 2.78 -35.21
CA THR B 332 -16.75 1.46 -35.74
C THR B 332 -17.55 0.44 -34.95
N ALA B 333 -18.49 -0.24 -35.61
CA ALA B 333 -19.41 -1.13 -34.94
C ALA B 333 -19.18 -2.56 -35.37
N GLU B 334 -19.31 -3.48 -34.42
CA GLU B 334 -19.14 -4.91 -34.64
C GLU B 334 -20.50 -5.59 -34.47
N HIS B 335 -20.98 -6.21 -35.55
CA HIS B 335 -22.30 -6.82 -35.59
C HIS B 335 -22.14 -8.33 -35.72
N SER B 336 -22.52 -9.05 -34.69
CA SER B 336 -22.42 -10.49 -34.71
C SER B 336 -23.23 -11.05 -35.86
N PHE B 337 -22.68 -12.07 -36.52
CA PHE B 337 -23.38 -12.74 -37.59
C PHE B 337 -22.72 -14.08 -37.86
N ASP B 338 -23.53 -15.05 -38.28
CA ASP B 338 -23.06 -16.39 -38.64
C ASP B 338 -22.99 -16.45 -40.16
N PHE B 339 -21.77 -16.53 -40.69
CA PHE B 339 -21.60 -16.53 -42.14
C PHE B 339 -21.73 -17.91 -42.76
N LYS B 340 -21.85 -18.97 -41.95
CA LYS B 340 -22.32 -20.25 -42.45
C LYS B 340 -23.71 -20.11 -43.07
N GLU B 341 -24.54 -19.24 -42.50
CA GLU B 341 -25.84 -18.90 -43.04
C GLU B 341 -25.70 -17.94 -44.23
N GLY B 342 -26.68 -18.00 -45.12
CA GLY B 342 -26.76 -17.05 -46.21
C GLY B 342 -26.62 -15.62 -45.74
N ILE B 343 -26.16 -14.74 -46.63
CA ILE B 343 -25.83 -13.38 -46.22
C ILE B 343 -27.11 -12.55 -46.06
N GLU B 344 -28.23 -13.01 -46.63
CA GLU B 344 -29.54 -12.34 -46.69
C GLU B 344 -30.28 -12.32 -45.34
N LYS B 345 -29.65 -12.63 -44.19
CA LYS B 345 -30.29 -12.36 -42.90
C LYS B 345 -30.13 -10.91 -42.49
N PHE B 346 -29.12 -10.21 -43.00
CA PHE B 346 -28.92 -8.79 -42.71
C PHE B 346 -30.03 -7.92 -43.31
N MET B 347 -31.20 -8.48 -43.57
CA MET B 347 -32.31 -7.78 -44.18
C MET B 347 -33.53 -7.77 -43.26
N SER B 348 -34.65 -7.33 -43.82
CA SER B 348 -35.92 -7.18 -43.13
C SER B 348 -36.53 -8.53 -42.79
N MET C 21 -33.19 -0.58 -21.39
CA MET C 21 -33.99 -1.56 -22.08
C MET C 21 -34.25 -1.38 -23.56
N ASN C 22 -34.95 -0.31 -23.97
CA ASN C 22 -35.20 -0.12 -25.40
C ASN C 22 -33.93 0.17 -26.20
N ARG C 23 -34.06 0.77 -27.40
CA ARG C 23 -32.89 1.04 -28.26
C ARG C 23 -32.34 2.46 -28.11
N LYS C 24 -33.09 3.35 -27.44
CA LYS C 24 -32.60 4.65 -27.04
C LYS C 24 -31.55 4.55 -25.95
N VAL C 25 -31.56 3.45 -25.18
CA VAL C 25 -30.80 3.39 -23.92
C VAL C 25 -29.32 3.06 -24.14
N ALA C 26 -28.89 2.82 -25.37
CA ALA C 26 -27.52 2.36 -25.61
C ALA C 26 -26.58 3.48 -26.04
N LEU C 27 -26.70 3.95 -27.27
CA LEU C 27 -25.68 4.88 -27.79
C LEU C 27 -25.70 6.20 -27.04
N GLU C 28 -26.78 6.53 -26.34
CA GLU C 28 -26.78 7.81 -25.63
C GLU C 28 -25.94 7.77 -24.36
N ALA C 29 -25.75 6.58 -23.78
CA ALA C 29 -24.94 6.43 -22.58
C ALA C 29 -23.50 6.87 -22.81
N VAL C 30 -22.96 6.77 -24.04
CA VAL C 30 -21.59 7.21 -24.27
C VAL C 30 -21.45 8.72 -24.09
N ARG C 31 -22.53 9.47 -24.33
CA ARG C 31 -22.46 10.90 -24.07
C ARG C 31 -22.15 11.19 -22.60
N VAL C 32 -22.65 10.33 -21.70
CA VAL C 32 -22.37 10.50 -20.28
C VAL C 32 -20.89 10.27 -20.00
N THR C 33 -20.38 9.07 -20.34
CA THR C 33 -18.98 8.79 -20.05
C THR C 33 -18.04 9.79 -20.73
N GLU C 34 -18.43 10.34 -21.88
CA GLU C 34 -17.55 11.30 -22.56
C GLU C 34 -17.46 12.63 -21.80
N LEU C 35 -18.57 13.10 -21.23
CA LEU C 35 -18.50 14.37 -20.54
C LEU C 35 -17.77 14.23 -19.20
N ALA C 36 -18.01 13.13 -18.48
CA ALA C 36 -17.21 12.84 -17.30
C ALA C 36 -15.72 12.72 -17.64
N ALA C 37 -15.40 12.02 -18.73
CA ALA C 37 -14.00 11.87 -19.10
C ALA C 37 -13.35 13.22 -19.41
N LEU C 38 -14.08 14.11 -20.07
CA LEU C 38 -13.48 15.41 -20.36
C LEU C 38 -13.24 16.18 -19.06
N ALA C 39 -14.18 16.10 -18.12
CA ALA C 39 -14.00 16.83 -16.87
C ALA C 39 -12.83 16.24 -16.07
N SER C 40 -12.76 14.92 -15.98
CA SER C 40 -11.61 14.30 -15.34
C SER C 40 -10.31 14.76 -15.98
N TRP C 41 -10.29 14.86 -17.31
CA TRP C 41 -9.05 15.18 -18.02
C TRP C 41 -8.57 16.60 -17.75
N SER C 42 -9.48 17.56 -17.54
CA SER C 42 -9.04 18.89 -17.14
C SER C 42 -8.32 18.88 -15.80
N GLN C 43 -8.57 17.86 -14.98
CA GLN C 43 -7.86 17.65 -13.73
C GLN C 43 -6.73 16.65 -13.82
N MET C 44 -6.45 16.09 -15.01
CA MET C 44 -5.35 15.14 -15.14
C MET C 44 -4.03 15.80 -14.78
N GLY C 45 -3.29 15.17 -13.88
CA GLY C 45 -1.94 15.63 -13.58
C GLY C 45 -1.86 16.86 -12.72
N ARG C 46 -2.95 17.20 -12.01
CA ARG C 46 -2.99 18.33 -11.10
C ARG C 46 -2.64 17.94 -9.65
N GLY C 47 -2.54 16.65 -9.34
CA GLY C 47 -2.19 16.24 -7.99
C GLY C 47 -3.30 16.42 -6.98
N ASP C 48 -4.54 16.59 -7.44
CA ASP C 48 -5.71 16.78 -6.59
C ASP C 48 -6.71 15.71 -6.94
N LYS C 49 -6.67 14.59 -6.21
CA LYS C 49 -7.61 13.51 -6.48
C LYS C 49 -9.05 13.89 -6.10
N ILE C 50 -9.22 14.83 -5.17
CA ILE C 50 -10.56 15.29 -4.81
C ILE C 50 -11.17 16.09 -5.95
N ALA C 51 -10.41 17.07 -6.47
CA ALA C 51 -10.93 17.92 -7.55
C ALA C 51 -11.26 17.10 -8.79
N ALA C 52 -10.45 16.07 -9.09
CA ALA C 52 -10.72 15.21 -10.25
C ALA C 52 -12.03 14.45 -10.10
N ASP C 53 -12.22 13.78 -8.97
CA ASP C 53 -13.47 13.05 -8.75
C ASP C 53 -14.67 14.01 -8.73
N GLN C 54 -14.51 15.18 -8.13
CA GLN C 54 -15.61 16.14 -8.11
C GLN C 54 -16.01 16.55 -9.53
N ALA C 55 -15.02 16.82 -10.39
CA ALA C 55 -15.36 17.19 -11.76
C ALA C 55 -16.09 16.05 -12.47
N ALA C 56 -15.66 14.82 -12.23
CA ALA C 56 -16.25 13.68 -12.92
C ALA C 56 -17.68 13.45 -12.45
N VAL C 57 -17.89 13.49 -11.14
CA VAL C 57 -19.24 13.30 -10.60
C VAL C 57 -20.17 14.38 -11.13
N ASP C 58 -19.77 15.64 -11.04
CA ASP C 58 -20.66 16.72 -11.44
C ASP C 58 -21.01 16.65 -12.92
N ALA C 59 -19.99 16.43 -13.77
CA ALA C 59 -20.25 16.28 -15.20
C ALA C 59 -21.15 15.08 -15.47
N MET C 60 -20.85 13.94 -14.85
CA MET C 60 -21.65 12.76 -15.11
C MET C 60 -23.08 12.93 -14.63
N ARG C 61 -23.28 13.51 -13.45
CA ARG C 61 -24.62 13.67 -12.91
C ARG C 61 -25.45 14.62 -13.75
N LYS C 62 -24.79 15.64 -14.31
CA LYS C 62 -25.49 16.61 -15.15
C LYS C 62 -25.84 16.01 -16.52
N ALA C 63 -24.90 15.28 -17.12
CA ALA C 63 -25.17 14.62 -18.40
C ALA C 63 -26.14 13.46 -18.24
N LEU C 64 -26.03 12.71 -17.14
CA LEU C 64 -26.90 11.56 -16.90
C LEU C 64 -28.35 11.95 -16.73
N ASN C 65 -28.62 13.19 -16.34
CA ASN C 65 -30.00 13.62 -16.24
C ASN C 65 -30.56 14.10 -17.58
N GLU C 66 -29.88 13.77 -18.67
CA GLU C 66 -30.35 14.01 -20.03
C GLU C 66 -30.40 12.70 -20.82
N VAL C 67 -31.02 11.67 -20.24
CA VAL C 67 -30.97 10.31 -20.74
C VAL C 67 -32.27 9.64 -20.31
N ASP C 68 -33.14 9.35 -21.27
CA ASP C 68 -34.54 9.02 -20.98
C ASP C 68 -34.64 7.66 -20.27
N ILE C 69 -34.28 7.67 -18.99
CA ILE C 69 -34.39 6.49 -18.12
C ILE C 69 -34.84 6.95 -16.75
N ASP C 70 -35.73 6.15 -16.13
CA ASP C 70 -35.97 6.26 -14.70
C ASP C 70 -34.96 5.31 -14.04
N GLY C 71 -33.74 5.81 -13.88
CA GLY C 71 -32.67 5.01 -13.34
C GLY C 71 -32.59 5.09 -11.83
N THR C 72 -32.26 3.96 -11.23
CA THR C 72 -31.88 3.90 -9.82
C THR C 72 -30.43 3.45 -9.72
N VAL C 73 -29.61 4.23 -9.04
CA VAL C 73 -28.23 3.85 -8.81
C VAL C 73 -28.19 2.67 -7.87
N VAL C 74 -27.54 1.58 -8.28
CA VAL C 74 -27.21 0.49 -7.36
C VAL C 74 -25.73 0.44 -7.03
N ILE C 75 -24.89 1.16 -7.77
CA ILE C 75 -23.45 1.15 -7.51
C ILE C 75 -22.92 2.57 -7.65
N GLY C 76 -22.34 3.09 -6.56
CA GLY C 76 -21.83 4.43 -6.50
C GLY C 76 -20.32 4.49 -6.68
N GLU C 77 -19.72 5.56 -6.20
CA GLU C 77 -18.35 5.82 -6.65
C GLU C 77 -17.43 5.01 -5.74
N GLY C 78 -16.98 5.65 -4.65
CA GLY C 78 -16.11 5.02 -3.66
C GLY C 78 -16.37 5.40 -2.22
N GLU C 79 -15.94 6.58 -1.81
CA GLU C 79 -16.08 7.06 -0.45
C GLU C 79 -16.79 8.42 -0.45
N LEU C 80 -17.35 8.80 0.71
CA LEU C 80 -18.07 10.06 0.82
C LEU C 80 -17.18 11.26 1.08
N ASP C 81 -15.99 11.07 1.66
CA ASP C 81 -15.02 12.16 1.69
C ASP C 81 -14.13 12.19 0.46
N GLU C 82 -13.85 11.02 -0.12
CA GLU C 82 -13.04 10.92 -1.33
C GLU C 82 -13.62 11.71 -2.50
N ALA C 83 -14.85 12.24 -2.34
CA ALA C 83 -15.65 13.11 -3.21
C ALA C 83 -17.10 12.93 -2.81
N PRO C 84 -18.04 13.69 -3.38
CA PRO C 84 -19.45 13.29 -3.24
C PRO C 84 -19.72 12.02 -4.02
N MET C 85 -20.98 11.77 -4.33
CA MET C 85 -21.39 10.65 -5.17
C MET C 85 -22.77 10.88 -5.72
N LEU C 86 -22.99 10.17 -6.82
CA LEU C 86 -24.26 9.54 -7.08
C LEU C 86 -24.36 8.40 -6.08
N TYR C 87 -25.21 8.56 -5.07
CA TYR C 87 -25.30 7.62 -3.96
C TYR C 87 -26.13 6.42 -4.37
N ILE C 88 -25.87 5.28 -3.74
CA ILE C 88 -26.72 4.11 -3.97
C ILE C 88 -28.16 4.49 -3.60
N GLY C 89 -29.07 4.30 -4.55
CA GLY C 89 -30.47 4.62 -4.36
C GLY C 89 -30.90 5.93 -4.96
N GLU C 90 -29.97 6.80 -5.32
CA GLU C 90 -30.32 8.04 -5.99
C GLU C 90 -31.08 7.72 -7.27
N LYS C 91 -31.95 8.64 -7.67
CA LYS C 91 -32.78 8.45 -8.86
C LYS C 91 -32.38 9.47 -9.90
N VAL C 92 -32.10 8.98 -11.12
CA VAL C 92 -31.57 9.82 -12.19
C VAL C 92 -32.44 9.67 -13.41
N GLY C 93 -32.26 10.60 -14.34
CA GLY C 93 -33.07 10.68 -15.54
C GLY C 93 -34.50 11.00 -15.20
N ALA C 94 -35.17 10.03 -14.59
CA ALA C 94 -36.57 10.10 -14.13
C ALA C 94 -37.57 10.12 -15.28
N GLY C 95 -37.13 9.89 -16.52
CA GLY C 95 -38.06 9.86 -17.64
C GLY C 95 -37.94 8.64 -18.54
N GLY C 96 -38.23 7.45 -18.01
CA GLY C 96 -38.12 6.24 -18.82
C GLY C 96 -38.37 4.90 -18.14
N CYS C 97 -37.64 3.87 -18.56
CA CYS C 97 -37.83 2.49 -18.12
C CYS C 97 -37.16 2.24 -16.76
N GLU C 98 -37.67 1.23 -16.03
CA GLU C 98 -37.09 0.87 -14.73
C GLU C 98 -35.72 0.23 -14.90
N VAL C 99 -34.68 1.05 -14.77
CA VAL C 99 -33.31 0.66 -15.06
C VAL C 99 -32.51 0.74 -13.76
N ASP C 100 -31.78 -0.33 -13.46
CA ASP C 100 -30.69 -0.26 -12.50
C ASP C 100 -29.45 0.28 -13.20
N ILE C 101 -28.82 1.27 -12.59
CA ILE C 101 -27.65 1.91 -13.17
C ILE C 101 -26.47 1.83 -12.21
N ALA C 102 -25.40 1.19 -12.67
CA ALA C 102 -24.14 1.06 -11.97
C ALA C 102 -23.13 1.98 -12.63
N LEU C 103 -22.38 2.72 -11.84
CA LEU C 103 -21.56 3.73 -12.49
C LEU C 103 -20.38 4.10 -11.61
N ASP C 104 -19.29 4.47 -12.26
CA ASP C 104 -18.09 5.01 -11.60
C ASP C 104 -17.74 6.28 -12.36
N PRO C 105 -17.99 7.45 -11.78
CA PRO C 105 -17.68 8.69 -12.50
C PRO C 105 -16.21 8.81 -12.89
N LEU C 106 -15.30 8.43 -11.99
CA LEU C 106 -13.87 8.43 -12.28
C LEU C 106 -13.30 7.16 -11.65
N GLU C 107 -13.06 6.14 -12.47
CA GLU C 107 -12.34 4.95 -12.03
C GLU C 107 -10.83 5.23 -12.16
N GLY C 108 -10.17 5.45 -11.03
CA GLY C 108 -8.79 5.89 -11.03
C GLY C 108 -8.64 7.37 -10.71
N THR C 109 -9.11 7.80 -9.52
CA THR C 109 -8.92 9.17 -9.10
C THR C 109 -7.45 9.46 -8.83
N THR C 110 -6.80 8.59 -8.05
CA THR C 110 -5.35 8.70 -7.88
C THR C 110 -4.64 8.62 -9.23
N ILE C 111 -5.00 7.61 -10.05
CA ILE C 111 -4.38 7.48 -11.38
C ILE C 111 -4.49 8.78 -12.15
N THR C 112 -5.71 9.33 -12.20
CA THR C 112 -5.91 10.56 -12.96
C THR C 112 -5.08 11.69 -12.38
N SER C 113 -5.06 11.81 -11.04
CA SER C 113 -4.39 12.95 -10.39
C SER C 113 -2.92 13.05 -10.80
N LYS C 114 -2.26 11.92 -11.07
CA LYS C 114 -0.87 11.95 -11.51
C LYS C 114 -0.67 11.49 -12.95
N GLY C 115 -1.74 11.42 -13.74
CA GLY C 115 -1.62 11.01 -15.14
C GLY C 115 -1.10 9.60 -15.38
N GLY C 116 -1.35 8.65 -14.48
CA GLY C 116 -0.97 7.26 -14.71
C GLY C 116 -1.87 6.57 -15.72
N ALA C 117 -1.62 5.26 -15.92
CA ALA C 117 -2.37 4.51 -16.92
C ALA C 117 -3.68 3.97 -16.35
N ASN C 118 -4.60 3.64 -17.27
CA ASN C 118 -5.78 2.82 -17.02
C ASN C 118 -6.95 3.56 -16.37
N ALA C 119 -6.98 4.89 -16.33
CA ALA C 119 -8.14 5.58 -15.75
C ALA C 119 -9.29 5.68 -16.77
N LEU C 120 -10.50 5.37 -16.29
CA LEU C 120 -11.70 5.24 -17.11
C LEU C 120 -12.89 5.94 -16.46
N THR C 121 -13.88 6.33 -17.27
CA THR C 121 -15.22 6.67 -16.78
C THR C 121 -16.19 5.60 -17.26
N VAL C 122 -17.02 5.10 -16.35
CA VAL C 122 -17.77 3.87 -16.58
C VAL C 122 -19.24 4.10 -16.24
N LEU C 123 -20.12 3.57 -17.10
CA LEU C 123 -21.58 3.54 -16.89
C LEU C 123 -22.10 2.19 -17.38
N ALA C 124 -22.90 1.52 -16.55
CA ALA C 124 -23.53 0.29 -16.96
C ALA C 124 -25.00 0.30 -16.52
N MET C 125 -25.86 -0.29 -17.35
CA MET C 125 -27.29 -0.33 -17.11
C MET C 125 -27.79 -1.76 -17.20
N ALA C 126 -28.83 -2.05 -16.43
CA ALA C 126 -29.44 -3.36 -16.44
C ALA C 126 -30.92 -3.22 -16.12
N ASP C 127 -31.67 -4.28 -16.41
CA ASP C 127 -32.99 -4.42 -15.80
C ASP C 127 -32.85 -4.38 -14.28
N LYS C 128 -33.89 -3.87 -13.61
CA LYS C 128 -33.93 -3.86 -12.15
C LYS C 128 -33.52 -5.22 -11.59
N GLY C 129 -32.53 -5.22 -10.70
CA GLY C 129 -32.04 -6.43 -10.06
C GLY C 129 -30.89 -7.14 -10.76
N GLY C 130 -30.53 -6.74 -11.99
CA GLY C 130 -29.53 -7.46 -12.76
C GLY C 130 -28.11 -7.38 -12.23
N PHE C 131 -27.79 -6.37 -11.42
CA PHE C 131 -26.46 -6.29 -10.84
C PHE C 131 -26.44 -6.93 -9.47
N LEU C 132 -25.28 -7.51 -9.14
CA LEU C 132 -25.09 -8.08 -7.82
C LEU C 132 -25.14 -6.98 -6.77
N ASN C 133 -26.02 -7.12 -5.80
CA ASN C 133 -26.10 -6.18 -4.69
C ASN C 133 -25.13 -6.64 -3.60
N ALA C 134 -23.98 -5.98 -3.51
CA ALA C 134 -22.95 -6.29 -2.52
C ALA C 134 -22.53 -5.02 -1.82
N PRO C 135 -21.83 -5.15 -0.69
CA PRO C 135 -21.17 -3.98 -0.06
C PRO C 135 -19.91 -3.60 -0.83
N ASP C 136 -19.30 -2.50 -0.40
CA ASP C 136 -18.02 -2.06 -0.96
C ASP C 136 -16.88 -2.71 -0.18
N VAL C 137 -16.68 -4.00 -0.46
CA VAL C 137 -15.59 -4.80 0.11
C VAL C 137 -14.64 -5.21 -1.03
N TYR C 138 -13.49 -5.75 -0.66
CA TYR C 138 -12.66 -6.37 -1.67
C TYR C 138 -13.26 -7.66 -2.19
N MET C 139 -12.79 -8.06 -3.38
CA MET C 139 -13.34 -9.20 -4.08
C MET C 139 -12.19 -9.89 -4.83
N GLN C 140 -12.15 -11.23 -4.79
CA GLN C 140 -11.20 -11.99 -5.58
C GLN C 140 -11.72 -12.07 -6.99
N LYS C 141 -10.83 -11.86 -7.97
CA LYS C 141 -11.22 -11.86 -9.38
C LYS C 141 -10.28 -12.72 -10.23
N ILE C 142 -10.88 -13.48 -11.15
CA ILE C 142 -10.21 -14.32 -12.12
C ILE C 142 -10.99 -14.17 -13.42
N ALA C 143 -10.34 -13.67 -14.47
CA ALA C 143 -11.06 -13.35 -15.70
C ALA C 143 -10.23 -13.75 -16.90
N VAL C 144 -10.91 -14.25 -17.93
CA VAL C 144 -10.32 -14.50 -19.24
C VAL C 144 -11.41 -14.18 -20.27
N GLY C 145 -10.98 -13.78 -21.46
CA GLY C 145 -11.88 -13.51 -22.56
C GLY C 145 -11.90 -14.65 -23.56
N GLY C 146 -12.74 -14.46 -24.58
CA GLY C 146 -13.00 -15.50 -25.58
C GLY C 146 -14.46 -15.90 -25.50
N ILE C 147 -15.20 -15.81 -26.62
CA ILE C 147 -16.65 -16.04 -26.55
C ILE C 147 -16.99 -17.51 -26.50
N ASN C 148 -16.02 -18.39 -26.76
CA ASN C 148 -16.19 -19.83 -26.64
C ASN C 148 -15.63 -20.38 -25.33
N ALA C 149 -15.11 -19.53 -24.44
CA ALA C 149 -14.59 -20.03 -23.16
C ALA C 149 -15.75 -20.64 -22.39
N PRO C 150 -15.71 -21.94 -22.08
CA PRO C 150 -16.82 -22.55 -21.33
C PRO C 150 -16.76 -22.14 -19.87
N LYS C 151 -17.94 -21.86 -19.28
CA LYS C 151 -17.99 -21.66 -17.82
C LYS C 151 -17.36 -22.88 -17.16
N GLY C 152 -16.55 -22.62 -16.13
CA GLY C 152 -15.69 -23.63 -15.56
C GLY C 152 -14.22 -23.47 -15.90
N ILE C 153 -13.88 -22.77 -16.99
CA ILE C 153 -12.46 -22.66 -17.36
C ILE C 153 -11.65 -21.99 -16.26
N VAL C 154 -12.26 -21.08 -15.50
CA VAL C 154 -11.56 -20.42 -14.39
C VAL C 154 -12.35 -20.70 -13.12
N ASP C 155 -11.69 -21.29 -12.14
CA ASP C 155 -12.32 -21.47 -10.85
C ASP C 155 -11.39 -20.94 -9.78
N LEU C 156 -11.97 -20.13 -8.90
CA LEU C 156 -11.19 -19.53 -7.82
C LEU C 156 -10.65 -20.59 -6.87
N ASP C 157 -11.36 -21.71 -6.72
CA ASP C 157 -10.94 -22.75 -5.80
C ASP C 157 -9.84 -23.63 -6.40
N ASP C 158 -9.52 -23.45 -7.67
CA ASP C 158 -8.41 -24.16 -8.28
C ASP C 158 -7.12 -23.35 -8.12
N SER C 159 -5.99 -23.99 -8.36
CA SER C 159 -4.74 -23.27 -8.22
C SER C 159 -4.53 -22.35 -9.41
N VAL C 160 -3.62 -21.38 -9.25
CA VAL C 160 -3.29 -20.50 -10.37
C VAL C 160 -2.73 -21.30 -11.55
N THR C 161 -1.72 -22.13 -11.29
CA THR C 161 -1.16 -22.95 -12.36
C THR C 161 -2.23 -23.75 -13.07
N ASN C 162 -3.26 -24.19 -12.33
CA ASN C 162 -4.27 -25.06 -12.92
C ASN C 162 -5.32 -24.28 -13.72
N ASN C 163 -5.55 -23.01 -13.40
CA ASN C 163 -6.36 -22.17 -14.27
C ASN C 163 -5.59 -21.80 -15.53
N LEU C 164 -4.26 -21.59 -15.40
CA LEU C 164 -3.45 -21.11 -16.52
C LEU C 164 -3.29 -22.16 -17.61
N LYS C 165 -3.01 -23.42 -17.23
CA LYS C 165 -2.94 -24.46 -18.25
C LYS C 165 -4.33 -24.76 -18.83
N ARG C 166 -5.39 -24.60 -18.05
CA ARG C 166 -6.72 -24.67 -18.65
C ARG C 166 -6.94 -23.54 -19.66
N ILE C 167 -6.37 -22.35 -19.43
CA ILE C 167 -6.53 -21.26 -20.37
C ILE C 167 -5.58 -21.44 -21.57
N ALA C 168 -4.33 -21.85 -21.31
CA ALA C 168 -3.40 -22.08 -22.42
C ALA C 168 -3.93 -23.12 -23.39
N GLU C 169 -4.54 -24.19 -22.89
CA GLU C 169 -5.06 -25.22 -23.78
C GLU C 169 -6.22 -24.68 -24.61
N PHE C 170 -7.06 -23.82 -24.04
CA PHE C 170 -8.21 -23.28 -24.77
C PHE C 170 -7.81 -22.18 -25.76
N LYS C 171 -6.67 -21.55 -25.56
CA LYS C 171 -6.16 -20.53 -26.47
C LYS C 171 -5.22 -21.14 -27.50
N GLY C 172 -4.90 -22.42 -27.36
CA GLY C 172 -4.04 -23.10 -28.30
C GLY C 172 -2.64 -22.58 -28.31
N VAL C 173 -2.12 -22.16 -27.17
CA VAL C 173 -0.78 -21.60 -27.04
C VAL C 173 -0.09 -22.27 -25.85
N HIS C 174 1.24 -22.27 -25.89
CA HIS C 174 2.04 -22.64 -24.73
C HIS C 174 1.80 -21.66 -23.60
N MET C 175 1.89 -22.18 -22.37
CA MET C 175 1.64 -21.37 -21.19
C MET C 175 2.56 -20.15 -21.14
N SER C 176 3.82 -20.30 -21.55
CA SER C 176 4.78 -19.20 -21.53
C SER C 176 4.41 -18.09 -22.50
N ALA C 177 3.43 -18.29 -23.36
CA ALA C 177 2.96 -17.22 -24.24
C ALA C 177 1.88 -16.39 -23.59
N LEU C 178 1.15 -16.96 -22.63
CA LEU C 178 0.10 -16.21 -21.94
C LEU C 178 0.68 -15.00 -21.23
N VAL C 179 -0.09 -13.91 -21.22
CA VAL C 179 0.24 -12.76 -20.40
C VAL C 179 -0.82 -12.62 -19.31
N VAL C 180 -0.40 -12.86 -18.07
CA VAL C 180 -1.23 -12.64 -16.88
C VAL C 180 -1.01 -11.22 -16.39
N CYS C 181 -2.10 -10.52 -16.08
CA CYS C 181 -2.05 -9.17 -15.54
C CYS C 181 -2.56 -9.16 -14.10
N THR C 182 -1.92 -8.35 -13.25
CA THR C 182 -2.40 -8.15 -11.90
C THR C 182 -1.83 -6.84 -11.37
N MET C 183 -2.30 -6.42 -10.20
CA MET C 183 -1.90 -5.16 -9.61
C MET C 183 -0.66 -5.36 -8.75
N ASP C 184 0.29 -4.42 -8.87
CA ASP C 184 1.51 -4.39 -8.07
C ASP C 184 1.15 -4.10 -6.62
N ARG C 185 0.67 -5.13 -5.92
CA ARG C 185 0.26 -5.08 -4.52
C ARG C 185 0.80 -6.28 -3.77
N PRO C 186 1.22 -6.11 -2.50
CA PRO C 186 1.76 -7.25 -1.75
C PRO C 186 0.81 -8.44 -1.69
N ARG C 187 -0.48 -8.18 -1.64
CA ARG C 187 -1.46 -9.27 -1.57
C ARG C 187 -1.44 -10.15 -2.82
N HIS C 188 -0.66 -9.76 -3.84
CA HIS C 188 -0.58 -10.49 -5.10
C HIS C 188 0.77 -11.14 -5.34
N GLU C 189 1.71 -11.03 -4.39
CA GLU C 189 3.02 -11.68 -4.57
C GLU C 189 2.85 -13.18 -4.79
N HIS C 190 1.88 -13.80 -4.12
CA HIS C 190 1.70 -15.24 -4.26
C HIS C 190 1.18 -15.61 -5.63
N ILE C 191 0.23 -14.83 -6.17
CA ILE C 191 -0.24 -15.09 -7.52
C ILE C 191 0.88 -14.85 -8.51
N ILE C 192 1.74 -13.86 -8.24
CA ILE C 192 2.82 -13.56 -9.16
C ILE C 192 3.84 -14.69 -9.18
N LYS C 193 4.33 -15.09 -8.00
CA LYS C 193 5.27 -16.22 -7.91
C LYS C 193 4.68 -17.49 -8.51
N GLU C 194 3.45 -17.85 -8.10
CA GLU C 194 2.89 -19.13 -8.54
C GLU C 194 2.69 -19.15 -10.07
N ALA C 195 2.39 -18.01 -10.69
CA ALA C 195 2.19 -18.00 -12.13
C ALA C 195 3.51 -17.99 -12.90
N ARG C 196 4.56 -17.42 -12.34
CA ARG C 196 5.85 -17.38 -13.03
C ARG C 196 6.62 -18.71 -12.91
N GLU C 197 6.33 -19.53 -11.89
CA GLU C 197 7.12 -20.74 -11.67
C GLU C 197 6.87 -21.81 -12.71
N CYS C 198 5.70 -21.81 -13.36
CA CYS C 198 5.44 -22.72 -14.46
C CYS C 198 5.39 -22.00 -15.81
N GLY C 199 6.20 -20.94 -15.96
CA GLY C 199 6.55 -20.40 -17.26
C GLY C 199 5.79 -19.15 -17.69
N ALA C 200 4.67 -18.83 -17.05
CA ALA C 200 3.80 -17.75 -17.54
C ALA C 200 4.42 -16.37 -17.33
N ARG C 201 3.99 -15.43 -18.16
CA ARG C 201 4.41 -14.04 -18.10
C ARG C 201 3.37 -13.24 -17.31
N VAL C 202 3.84 -12.48 -16.32
CA VAL C 202 2.97 -11.73 -15.41
C VAL C 202 3.35 -10.25 -15.44
N ILE C 203 2.49 -9.43 -16.02
CA ILE C 203 2.72 -7.99 -16.07
C ILE C 203 1.91 -7.31 -14.95
N LEU C 204 2.38 -6.16 -14.51
CA LEU C 204 1.78 -5.48 -13.36
C LEU C 204 1.24 -4.12 -13.76
N ILE C 205 0.09 -3.76 -13.20
CA ILE C 205 -0.48 -2.43 -13.34
C ILE C 205 -0.51 -1.79 -11.97
N ASN C 206 -0.21 -0.50 -11.91
CA ASN C 206 -0.24 0.19 -10.63
C ASN C 206 -1.65 0.35 -10.10
N ASP C 207 -2.66 0.35 -10.96
CA ASP C 207 -4.04 0.53 -10.55
C ASP C 207 -4.91 0.35 -11.78
N GLY C 208 -6.19 0.09 -11.57
CA GLY C 208 -7.11 0.02 -12.70
C GLY C 208 -7.53 -1.36 -13.12
N ASP C 209 -8.16 -2.10 -12.22
CA ASP C 209 -8.57 -3.46 -12.52
C ASP C 209 -9.95 -3.53 -13.17
N VAL C 210 -10.62 -2.41 -13.42
CA VAL C 210 -11.69 -2.43 -14.40
C VAL C 210 -11.11 -2.56 -15.79
N SER C 211 -10.21 -1.65 -16.13
CA SER C 211 -9.46 -1.77 -17.37
C SER C 211 -8.73 -3.13 -17.44
N GLY C 212 -8.12 -3.56 -16.33
CA GLY C 212 -7.32 -4.77 -16.36
C GLY C 212 -8.15 -6.00 -16.69
N VAL C 213 -9.33 -6.12 -16.09
CA VAL C 213 -10.18 -7.28 -16.32
C VAL C 213 -10.77 -7.24 -17.73
N ILE C 214 -11.33 -6.08 -18.13
CA ILE C 214 -11.92 -5.96 -19.46
C ILE C 214 -10.87 -6.14 -20.55
N ALA C 215 -9.62 -5.81 -20.24
CA ALA C 215 -8.53 -6.01 -21.18
C ALA C 215 -8.49 -7.45 -21.70
N THR C 216 -8.87 -8.43 -20.88
CA THR C 216 -8.73 -9.83 -21.29
C THR C 216 -9.56 -10.15 -22.51
N ALA C 217 -10.51 -9.28 -22.87
CA ALA C 217 -11.39 -9.49 -24.00
C ALA C 217 -11.36 -8.30 -24.94
N THR C 218 -10.35 -7.45 -24.86
CA THR C 218 -10.20 -6.32 -25.78
C THR C 218 -9.14 -6.71 -26.77
N GLU C 219 -9.50 -6.69 -28.06
CA GLU C 219 -8.56 -7.02 -29.13
C GLU C 219 -7.28 -6.22 -28.98
N ASN C 220 -6.15 -6.91 -29.07
CA ASN C 220 -4.82 -6.31 -29.02
C ASN C 220 -4.53 -5.61 -27.70
N SER C 221 -5.27 -5.92 -26.63
CA SER C 221 -4.80 -5.45 -25.33
C SER C 221 -3.44 -6.04 -24.99
N GLY C 222 -3.14 -7.22 -25.51
CA GLY C 222 -1.95 -7.94 -25.11
C GLY C 222 -2.10 -8.68 -23.80
N ILE C 223 -3.30 -8.70 -23.22
CA ILE C 223 -3.53 -9.28 -21.91
C ILE C 223 -4.42 -10.50 -22.10
N ASP C 224 -3.96 -11.66 -21.61
CA ASP C 224 -4.72 -12.89 -21.77
C ASP C 224 -5.59 -13.22 -20.55
N VAL C 225 -5.07 -12.98 -19.34
CA VAL C 225 -5.74 -13.34 -18.09
C VAL C 225 -5.51 -12.21 -17.09
N TYR C 226 -6.55 -11.86 -16.35
CA TYR C 226 -6.41 -11.05 -15.13
C TYR C 226 -6.70 -11.92 -13.92
N ILE C 227 -5.85 -11.78 -12.88
CA ILE C 227 -6.07 -12.48 -11.61
C ILE C 227 -5.72 -11.48 -10.51
N GLY C 228 -6.67 -11.19 -9.62
CA GLY C 228 -6.34 -10.25 -8.56
C GLY C 228 -7.54 -9.89 -7.72
N THR C 229 -7.25 -9.19 -6.64
CA THR C 229 -8.25 -8.80 -5.66
C THR C 229 -8.41 -7.28 -5.72
N GLY C 230 -9.65 -6.81 -5.76
CA GLY C 230 -9.92 -5.40 -5.85
C GLY C 230 -11.32 -5.07 -5.40
N GLY C 231 -11.71 -3.81 -5.62
CA GLY C 231 -13.04 -3.38 -5.21
C GLY C 231 -14.12 -4.16 -5.96
N ALA C 232 -15.19 -4.49 -5.23
CA ALA C 232 -16.32 -5.28 -5.72
C ALA C 232 -17.24 -4.51 -6.69
N PRO C 233 -17.50 -3.21 -6.51
CA PRO C 233 -18.20 -2.49 -7.57
C PRO C 233 -17.43 -2.50 -8.88
N GLU C 234 -16.11 -2.37 -8.81
CA GLU C 234 -15.27 -2.48 -9.99
C GLU C 234 -15.46 -3.83 -10.67
N GLY C 235 -15.50 -4.90 -9.88
CA GLY C 235 -15.66 -6.23 -10.45
C GLY C 235 -16.97 -6.37 -11.18
N VAL C 236 -18.06 -5.89 -10.58
CA VAL C 236 -19.36 -5.96 -11.26
C VAL C 236 -19.30 -5.19 -12.58
N LEU C 237 -18.73 -3.97 -12.54
CA LEU C 237 -18.62 -3.16 -13.75
C LEU C 237 -17.84 -3.90 -14.83
N ALA C 238 -16.67 -4.45 -14.48
CA ALA C 238 -15.91 -5.27 -15.42
C ALA C 238 -16.75 -6.42 -15.95
N ALA C 239 -17.47 -7.09 -15.05
CA ALA C 239 -18.33 -8.20 -15.45
C ALA C 239 -19.41 -7.78 -16.44
N ALA C 240 -19.96 -6.57 -16.28
CA ALA C 240 -21.00 -6.14 -17.21
C ALA C 240 -20.44 -6.00 -18.62
N ALA C 241 -19.21 -5.52 -18.74
CA ALA C 241 -18.52 -5.48 -20.04
C ALA C 241 -18.23 -6.88 -20.56
N LEU C 242 -17.59 -7.73 -19.75
CA LEU C 242 -17.24 -9.07 -20.18
C LEU C 242 -18.46 -9.84 -20.67
N LYS C 243 -19.59 -9.69 -19.97
CA LYS C 243 -20.84 -10.28 -20.44
C LYS C 243 -21.14 -9.87 -21.87
N CYS C 244 -20.75 -8.66 -22.26
CA CYS C 244 -21.07 -8.19 -23.60
C CYS C 244 -20.03 -8.64 -24.64
N LEU C 245 -18.76 -8.76 -24.25
CA LEU C 245 -17.68 -9.10 -25.16
C LEU C 245 -17.45 -10.60 -25.30
N GLY C 246 -18.06 -11.42 -24.46
CA GLY C 246 -17.70 -12.83 -24.42
C GLY C 246 -16.51 -13.02 -23.51
N GLY C 247 -16.65 -13.91 -22.53
CA GLY C 247 -15.59 -14.10 -21.56
C GLY C 247 -16.14 -14.88 -20.38
N GLN C 248 -15.22 -15.23 -19.47
CA GLN C 248 -15.60 -15.86 -18.23
C GLN C 248 -14.94 -15.13 -17.07
N MET C 249 -15.59 -15.19 -15.92
CA MET C 249 -15.13 -14.50 -14.74
C MET C 249 -15.77 -15.16 -13.53
N GLN C 250 -14.99 -15.32 -12.48
CA GLN C 250 -15.52 -15.80 -11.22
C GLN C 250 -14.97 -14.91 -10.11
N ALA C 251 -15.79 -14.70 -9.08
CA ALA C 251 -15.49 -13.70 -8.06
C ALA C 251 -15.95 -14.22 -6.70
N ARG C 252 -15.26 -13.76 -5.65
CA ARG C 252 -15.66 -14.05 -4.28
C ARG C 252 -15.42 -12.81 -3.42
N LEU C 253 -16.46 -12.35 -2.73
CA LEU C 253 -16.30 -11.21 -1.84
C LEU C 253 -15.42 -11.61 -0.67
N ILE C 254 -14.75 -10.62 -0.08
CA ILE C 254 -13.76 -10.81 0.98
C ILE C 254 -14.09 -9.83 2.12
N PHE C 255 -14.06 -10.33 3.36
CA PHE C 255 -14.52 -9.58 4.52
C PHE C 255 -13.45 -9.58 5.61
N ASN C 256 -13.05 -8.39 6.08
CA ASN C 256 -12.06 -8.35 7.15
C ASN C 256 -12.66 -8.27 8.55
N ASP C 257 -13.70 -7.47 8.74
CA ASP C 257 -14.18 -7.23 10.08
C ASP C 257 -15.69 -7.45 10.14
N GLU C 258 -16.19 -7.50 11.38
CA GLU C 258 -17.58 -7.83 11.62
C GLU C 258 -18.49 -6.69 11.24
N GLU C 259 -18.11 -5.45 11.59
CA GLU C 259 -18.87 -4.27 11.19
C GLU C 259 -19.05 -4.24 9.66
N GLU C 260 -18.26 -5.01 8.90
CA GLU C 260 -18.36 -5.12 7.44
C GLU C 260 -19.03 -6.41 6.93
N ILE C 261 -19.02 -7.50 7.72
CA ILE C 261 -19.91 -8.63 7.43
C ILE C 261 -21.37 -8.22 7.65
N LYS C 262 -21.64 -7.41 8.68
CA LYS C 262 -22.99 -6.93 8.91
C LYS C 262 -23.55 -6.27 7.65
N ARG C 263 -22.74 -5.43 7.00
CA ARG C 263 -23.14 -4.84 5.72
C ARG C 263 -23.61 -5.92 4.75
N ALA C 264 -22.85 -7.01 4.64
CA ALA C 264 -23.24 -8.08 3.73
C ALA C 264 -24.60 -8.66 4.10
N HIS C 265 -24.80 -8.97 5.39
CA HIS C 265 -26.05 -9.57 5.85
C HIS C 265 -27.23 -8.63 5.60
N ARG C 266 -27.03 -7.33 5.85
CA ARG C 266 -28.07 -6.34 5.62
C ARG C 266 -28.53 -6.33 4.17
N LEU C 267 -27.70 -6.79 3.24
CA LEU C 267 -27.98 -6.73 1.82
C LEU C 267 -28.54 -8.03 1.27
N GLY C 268 -28.70 -9.06 2.10
CA GLY C 268 -29.28 -10.32 1.69
C GLY C 268 -28.27 -11.44 1.50
N ILE C 269 -26.98 -11.15 1.63
CA ILE C 269 -25.95 -12.16 1.43
C ILE C 269 -25.82 -12.98 2.70
N THR C 270 -25.98 -14.29 2.58
CA THR C 270 -25.80 -15.22 3.69
C THR C 270 -24.51 -16.02 3.61
N ASP C 271 -24.10 -16.39 2.41
CA ASP C 271 -22.91 -17.20 2.22
C ASP C 271 -21.76 -16.25 1.97
N LEU C 272 -20.93 -16.04 2.99
CA LEU C 272 -19.85 -15.09 2.85
C LEU C 272 -18.88 -15.51 1.76
N ASN C 273 -18.69 -16.81 1.58
CA ASN C 273 -17.71 -17.36 0.65
C ASN C 273 -18.31 -17.83 -0.67
N LYS C 274 -19.51 -17.36 -1.04
CA LYS C 274 -20.07 -17.73 -2.34
C LYS C 274 -19.12 -17.36 -3.48
N LYS C 275 -18.94 -18.28 -4.42
CA LYS C 275 -18.32 -17.92 -5.68
C LYS C 275 -19.38 -17.39 -6.64
N TYR C 276 -19.10 -16.23 -7.25
CA TYR C 276 -20.04 -15.58 -8.13
C TYR C 276 -19.57 -15.79 -9.56
N ASP C 277 -20.44 -16.36 -10.38
CA ASP C 277 -20.21 -16.46 -11.80
C ASP C 277 -20.52 -15.12 -12.45
N ILE C 278 -20.11 -14.99 -13.71
CA ILE C 278 -20.34 -13.73 -14.40
C ILE C 278 -21.82 -13.48 -14.57
N ASP C 279 -22.63 -14.54 -14.66
CA ASP C 279 -24.08 -14.35 -14.71
C ASP C 279 -24.59 -13.76 -13.41
N ASP C 280 -24.05 -14.22 -12.28
CA ASP C 280 -24.46 -13.69 -10.99
C ASP C 280 -23.99 -12.25 -10.79
N LEU C 281 -22.87 -11.85 -11.42
CA LEU C 281 -22.45 -10.47 -11.28
C LEU C 281 -23.28 -9.51 -12.11
N ALA C 282 -23.78 -9.95 -13.26
CA ALA C 282 -24.49 -9.10 -14.21
C ALA C 282 -25.33 -9.99 -15.10
N SER C 283 -26.65 -9.78 -15.14
CA SER C 283 -27.52 -10.71 -15.87
C SER C 283 -28.62 -9.96 -16.62
N GLY C 284 -29.11 -10.61 -17.66
CA GLY C 284 -30.15 -10.02 -18.47
C GLY C 284 -29.58 -8.97 -19.39
N ASP C 285 -30.44 -8.04 -19.77
CA ASP C 285 -30.14 -7.01 -20.77
C ASP C 285 -29.17 -5.99 -20.19
N ILE C 286 -27.90 -6.06 -20.61
CA ILE C 286 -26.84 -5.22 -20.09
C ILE C 286 -26.40 -4.24 -21.17
N VAL C 287 -26.18 -2.98 -20.76
CA VAL C 287 -25.50 -1.98 -21.56
C VAL C 287 -24.28 -1.51 -20.78
N PHE C 288 -23.13 -1.46 -21.47
CA PHE C 288 -21.89 -0.99 -20.87
C PHE C 288 -21.34 0.13 -21.73
N ALA C 289 -20.94 1.24 -21.09
CA ALA C 289 -20.26 2.33 -21.78
C ALA C 289 -19.07 2.78 -20.95
N ALA C 290 -17.96 3.10 -21.62
CA ALA C 290 -16.76 3.61 -20.96
C ALA C 290 -16.00 4.57 -21.86
N THR C 291 -15.31 5.52 -21.23
CA THR C 291 -14.44 6.43 -21.95
C THR C 291 -13.12 6.49 -21.22
N GLY C 292 -12.02 6.50 -21.98
CA GLY C 292 -10.71 6.55 -21.39
C GLY C 292 -10.38 7.96 -20.98
N VAL C 293 -9.77 8.08 -19.80
CA VAL C 293 -9.26 9.35 -19.29
C VAL C 293 -7.79 9.48 -19.57
N THR C 294 -7.01 8.46 -19.21
CA THR C 294 -5.61 8.32 -19.60
C THR C 294 -5.46 7.09 -20.50
N ASP C 295 -4.33 6.99 -21.19
CA ASP C 295 -4.07 5.81 -22.02
C ASP C 295 -4.01 4.57 -21.12
N GLY C 296 -4.67 3.50 -21.53
CA GLY C 296 -4.56 2.27 -20.77
C GLY C 296 -4.57 1.01 -21.61
N ASN C 297 -4.74 -0.14 -20.98
CA ASN C 297 -4.71 -1.39 -21.73
C ASN C 297 -6.08 -1.79 -22.21
N MET C 298 -7.07 -0.87 -22.18
CA MET C 298 -8.38 -1.10 -22.77
C MET C 298 -8.76 0.04 -23.72
N LEU C 299 -8.31 1.26 -23.43
CA LEU C 299 -8.81 2.45 -24.10
C LEU C 299 -7.72 3.50 -24.09
N GLN C 300 -7.60 4.22 -25.21
CA GLN C 300 -6.76 5.41 -25.27
C GLN C 300 -7.39 6.56 -24.50
N GLY C 301 -6.55 7.44 -23.97
CA GLY C 301 -7.01 8.56 -23.18
C GLY C 301 -7.28 9.82 -24.01
N VAL C 302 -7.72 10.86 -23.29
CA VAL C 302 -8.07 12.11 -23.93
C VAL C 302 -6.80 12.81 -24.43
N LYS C 303 -6.91 13.45 -25.59
CA LYS C 303 -5.78 14.12 -26.21
C LYS C 303 -6.25 15.45 -26.76
N ARG C 304 -5.37 16.45 -26.70
CA ARG C 304 -5.58 17.72 -27.39
C ARG C 304 -5.08 17.60 -28.82
N VAL C 305 -5.94 17.91 -29.79
CA VAL C 305 -5.57 17.94 -31.21
C VAL C 305 -5.67 19.37 -31.73
N ASN C 306 -4.70 19.74 -32.57
CA ASN C 306 -4.77 20.93 -33.42
C ASN C 306 -5.06 20.50 -34.86
N SER C 307 -5.90 21.26 -35.54
CA SER C 307 -6.20 21.02 -36.94
C SER C 307 -6.65 22.33 -37.55
N THR C 308 -6.48 22.46 -38.87
CA THR C 308 -7.03 23.64 -39.52
C THR C 308 -8.46 23.43 -40.01
N ARG C 309 -8.81 22.20 -40.44
CA ARG C 309 -10.17 21.97 -40.93
C ARG C 309 -11.23 22.22 -39.84
N ARG C 310 -10.87 22.07 -38.55
CA ARG C 310 -11.89 22.29 -37.52
C ARG C 310 -11.31 22.94 -36.27
N GLY C 311 -10.15 23.59 -36.39
CA GLY C 311 -9.57 24.26 -35.25
C GLY C 311 -8.99 23.26 -34.27
N SER C 312 -9.09 23.60 -33.00
CA SER C 312 -8.61 22.71 -31.96
C SER C 312 -9.78 21.92 -31.40
N TYR C 313 -9.48 20.72 -30.91
CA TYR C 313 -10.47 19.93 -30.21
C TYR C 313 -9.80 18.98 -29.23
N ALA C 314 -10.61 18.38 -28.38
CA ALA C 314 -10.23 17.29 -27.50
C ALA C 314 -10.82 16.02 -28.07
N VAL C 315 -10.01 14.97 -28.23
CA VAL C 315 -10.49 13.68 -28.73
C VAL C 315 -10.65 12.72 -27.57
N THR C 316 -11.78 12.04 -27.53
CA THR C 316 -12.06 10.99 -26.58
C THR C 316 -12.23 9.68 -27.33
N HIS C 317 -11.95 8.58 -26.64
CA HIS C 317 -12.11 7.24 -27.18
C HIS C 317 -12.97 6.45 -26.22
N SER C 318 -14.05 5.88 -26.73
CA SER C 318 -15.04 5.27 -25.87
C SER C 318 -15.45 3.95 -26.48
N VAL C 319 -16.18 3.15 -25.70
CA VAL C 319 -16.77 1.91 -26.17
C VAL C 319 -18.15 1.80 -25.55
N VAL C 320 -19.10 1.32 -26.33
CA VAL C 320 -20.45 1.07 -25.84
C VAL C 320 -20.89 -0.25 -26.44
N MET C 321 -21.55 -1.06 -25.63
CA MET C 321 -21.78 -2.44 -26.02
C MET C 321 -23.04 -2.95 -25.32
N ARG C 322 -23.72 -3.88 -25.98
CA ARG C 322 -24.96 -4.45 -25.47
C ARG C 322 -24.86 -5.97 -25.38
N SER C 323 -25.38 -6.51 -24.28
CA SER C 323 -25.31 -7.95 -24.04
C SER C 323 -26.34 -8.74 -24.84
N THR C 324 -27.50 -8.17 -25.14
CA THR C 324 -28.49 -8.97 -25.87
C THR C 324 -28.15 -9.06 -27.35
N THR C 325 -27.79 -7.93 -27.98
CA THR C 325 -27.44 -7.92 -29.40
C THR C 325 -25.97 -8.24 -29.69
N LYS C 326 -25.12 -8.38 -28.66
CA LYS C 326 -23.69 -8.65 -28.86
C LYS C 326 -22.93 -7.54 -29.60
N THR C 327 -23.62 -6.44 -29.93
CA THR C 327 -23.05 -5.35 -30.70
C THR C 327 -22.10 -4.52 -29.84
N VAL C 328 -20.92 -4.21 -30.39
CA VAL C 328 -19.86 -3.44 -29.72
C VAL C 328 -19.52 -2.26 -30.61
N ARG C 329 -19.48 -1.06 -30.04
CA ARG C 329 -19.16 0.13 -30.81
C ARG C 329 -17.96 0.83 -30.22
N HIS C 330 -16.99 1.15 -31.05
CA HIS C 330 -15.84 1.94 -30.65
C HIS C 330 -16.03 3.34 -31.21
N ILE C 331 -15.99 4.34 -30.32
CA ILE C 331 -16.38 5.69 -30.68
C ILE C 331 -15.22 6.62 -30.42
N THR C 332 -14.75 7.28 -31.49
CA THR C 332 -13.74 8.33 -31.41
C THR C 332 -14.45 9.66 -31.58
N ALA C 333 -14.51 10.48 -30.53
CA ALA C 333 -15.27 11.72 -30.56
C ALA C 333 -14.36 12.95 -30.61
N GLU C 334 -14.73 13.91 -31.44
CA GLU C 334 -14.04 15.20 -31.48
C GLU C 334 -14.92 16.27 -30.84
N HIS C 335 -14.46 16.86 -29.73
CA HIS C 335 -15.15 17.93 -29.03
C HIS C 335 -14.35 19.22 -29.16
N SER C 336 -14.92 20.23 -29.81
CA SER C 336 -14.16 21.46 -29.98
C SER C 336 -13.96 22.17 -28.64
N PHE C 337 -12.80 22.78 -28.49
CA PHE C 337 -12.50 23.62 -27.35
C PHE C 337 -11.40 24.59 -27.75
N ASP C 338 -11.48 25.81 -27.20
CA ASP C 338 -10.42 26.80 -27.29
C ASP C 338 -9.40 26.49 -26.19
N PHE C 339 -8.20 26.08 -26.58
CA PHE C 339 -7.12 25.86 -25.62
C PHE C 339 -6.36 27.14 -25.34
N LYS C 340 -6.93 28.28 -25.70
CA LYS C 340 -6.39 29.55 -25.23
C LYS C 340 -6.97 29.94 -23.88
N GLU C 341 -8.13 29.38 -23.51
CA GLU C 341 -8.58 29.58 -22.15
C GLU C 341 -7.91 28.54 -21.26
N GLY C 342 -8.19 28.59 -19.97
CA GLY C 342 -7.82 27.49 -19.10
C GLY C 342 -8.41 26.18 -19.59
N ILE C 343 -7.67 25.10 -19.34
CA ILE C 343 -8.18 23.75 -19.56
C ILE C 343 -9.35 23.44 -18.64
N GLU C 344 -9.53 24.23 -17.58
CA GLU C 344 -10.57 24.04 -16.58
C GLU C 344 -11.98 24.35 -17.08
N LYS C 345 -12.15 24.70 -18.35
CA LYS C 345 -13.46 24.94 -18.94
C LYS C 345 -14.01 23.69 -19.63
N PHE C 346 -13.51 22.51 -19.26
CA PHE C 346 -14.10 21.22 -19.59
C PHE C 346 -14.91 20.62 -18.44
N MET C 347 -14.85 21.21 -17.25
CA MET C 347 -15.58 20.70 -16.09
C MET C 347 -17.06 21.05 -16.19
N SER C 348 -17.86 20.35 -15.39
CA SER C 348 -19.31 20.41 -15.53
C SER C 348 -20.04 20.04 -14.24
N VAL D 25 21.96 3.38 -45.47
CA VAL D 25 22.00 2.31 -44.48
C VAL D 25 21.13 2.59 -43.24
N ALA D 26 20.03 3.30 -43.41
CA ALA D 26 19.16 3.60 -42.28
C ALA D 26 18.17 2.47 -42.02
N LEU D 27 17.36 2.13 -43.04
CA LEU D 27 16.26 1.18 -42.87
C LEU D 27 16.69 -0.12 -42.23
N GLU D 28 17.92 -0.59 -42.48
CA GLU D 28 18.33 -1.86 -41.89
C GLU D 28 18.37 -1.79 -40.36
N ALA D 29 18.60 -0.60 -39.79
CA ALA D 29 18.68 -0.50 -38.33
C ALA D 29 17.41 -1.00 -37.66
N VAL D 30 16.26 -0.92 -38.36
CA VAL D 30 15.02 -1.23 -37.71
C VAL D 30 14.90 -2.74 -37.52
N ARG D 31 15.55 -3.56 -38.35
CA ARG D 31 15.47 -4.98 -38.04
C ARG D 31 16.32 -5.33 -36.84
N VAL D 32 17.42 -4.61 -36.62
CA VAL D 32 18.14 -4.76 -35.35
C VAL D 32 17.20 -4.49 -34.17
N THR D 33 16.64 -3.28 -34.08
CA THR D 33 15.78 -3.00 -32.91
C THR D 33 14.57 -3.91 -32.88
N GLU D 34 14.07 -4.32 -34.06
CA GLU D 34 12.97 -5.29 -34.08
C GLU D 34 13.36 -6.61 -33.41
N LEU D 35 14.51 -7.17 -33.79
CA LEU D 35 14.86 -8.47 -33.24
C LEU D 35 15.17 -8.36 -31.76
N ALA D 36 15.81 -7.27 -31.35
CA ALA D 36 16.08 -7.06 -29.94
C ALA D 36 14.79 -6.93 -29.14
N ALA D 37 13.78 -6.25 -29.72
CA ALA D 37 12.50 -6.08 -29.02
C ALA D 37 11.75 -7.40 -28.90
N LEU D 38 11.85 -8.26 -29.91
CA LEU D 38 11.22 -9.58 -29.79
C LEU D 38 11.89 -10.41 -28.71
N ALA D 39 13.21 -10.25 -28.56
CA ALA D 39 13.94 -11.00 -27.54
C ALA D 39 13.56 -10.51 -26.16
N SER D 40 13.54 -9.18 -25.98
CA SER D 40 13.09 -8.59 -24.73
C SER D 40 11.70 -9.06 -24.36
N TRP D 41 10.83 -9.23 -25.35
CA TRP D 41 9.44 -9.53 -25.06
C TRP D 41 9.29 -10.96 -24.57
N SER D 42 10.17 -11.86 -24.99
CA SER D 42 10.09 -13.22 -24.48
C SER D 42 10.33 -13.27 -22.98
N GLN D 43 10.99 -12.25 -22.44
CA GLN D 43 11.26 -12.13 -21.02
C GLN D 43 10.37 -11.10 -20.32
N MET D 44 9.38 -10.52 -21.01
CA MET D 44 8.50 -9.56 -20.37
C MET D 44 7.67 -10.24 -19.30
N GLY D 45 7.50 -9.57 -18.17
CA GLY D 45 6.68 -10.13 -17.11
C GLY D 45 7.25 -11.35 -16.42
N ARG D 46 8.55 -11.59 -16.57
CA ARG D 46 9.22 -12.70 -15.91
C ARG D 46 9.89 -12.33 -14.58
N GLY D 47 9.98 -11.04 -14.23
CA GLY D 47 10.59 -10.67 -12.97
C GLY D 47 12.09 -10.80 -12.94
N ASP D 48 12.75 -10.93 -14.09
CA ASP D 48 14.19 -11.21 -14.21
C ASP D 48 14.82 -10.20 -15.15
N LYS D 49 15.23 -9.05 -14.59
CA LYS D 49 15.80 -7.99 -15.41
C LYS D 49 17.16 -8.36 -16.01
N ILE D 50 17.95 -9.18 -15.32
CA ILE D 50 19.19 -9.67 -15.92
C ILE D 50 18.88 -10.42 -17.21
N ALA D 51 17.94 -11.36 -17.13
CA ALA D 51 17.63 -12.20 -18.29
C ALA D 51 16.97 -11.41 -19.42
N ALA D 52 16.17 -10.37 -19.12
CA ALA D 52 15.64 -9.54 -20.19
C ALA D 52 16.76 -8.79 -20.92
N ASP D 53 17.67 -8.15 -20.17
CA ASP D 53 18.78 -7.43 -20.80
C ASP D 53 19.67 -8.40 -21.59
N GLN D 54 19.94 -9.57 -21.02
CA GLN D 54 20.81 -10.53 -21.71
C GLN D 54 20.19 -10.96 -23.03
N ALA D 55 18.90 -11.30 -23.01
CA ALA D 55 18.21 -11.64 -24.25
C ALA D 55 18.33 -10.52 -25.28
N ALA D 56 18.14 -9.27 -24.86
CA ALA D 56 18.15 -8.15 -25.80
C ALA D 56 19.55 -7.93 -26.37
N VAL D 57 20.56 -7.92 -25.52
CA VAL D 57 21.94 -7.73 -25.96
C VAL D 57 22.34 -8.81 -26.95
N ASP D 58 22.03 -10.07 -26.64
CA ASP D 58 22.34 -11.16 -27.57
C ASP D 58 21.72 -10.89 -28.93
N ALA D 59 20.40 -10.64 -28.96
CA ALA D 59 19.72 -10.39 -30.23
C ALA D 59 20.28 -9.16 -30.94
N MET D 60 20.63 -8.11 -30.19
CA MET D 60 21.08 -6.89 -30.86
C MET D 60 22.45 -7.10 -31.51
N ARG D 61 23.41 -7.74 -30.82
CA ARG D 61 24.72 -7.94 -31.44
C ARG D 61 24.63 -8.88 -32.62
N LYS D 62 23.88 -9.98 -32.50
CA LYS D 62 23.74 -10.91 -33.61
C LYS D 62 23.23 -10.18 -34.84
N ALA D 63 22.17 -9.37 -34.68
CA ALA D 63 21.60 -8.66 -35.81
C ALA D 63 22.51 -7.52 -36.28
N LEU D 64 23.14 -6.81 -35.35
CA LEU D 64 23.95 -5.66 -35.73
C LEU D 64 25.16 -6.06 -36.55
N ASN D 65 25.63 -7.29 -36.37
CA ASN D 65 26.82 -7.69 -37.12
C ASN D 65 26.50 -8.09 -38.55
N GLU D 66 25.23 -8.10 -38.96
CA GLU D 66 24.85 -8.31 -40.34
C GLU D 66 24.42 -7.02 -41.03
N VAL D 67 24.91 -5.87 -40.55
CA VAL D 67 24.59 -4.55 -41.10
C VAL D 67 25.86 -3.99 -41.72
N ASP D 68 25.78 -3.53 -42.97
CA ASP D 68 26.99 -3.10 -43.68
C ASP D 68 27.40 -1.72 -43.19
N ILE D 69 27.99 -1.70 -42.00
CA ILE D 69 28.65 -0.53 -41.43
C ILE D 69 29.95 -0.99 -40.78
N ASP D 70 30.89 -0.05 -40.63
CA ASP D 70 32.03 -0.22 -39.73
C ASP D 70 31.70 0.61 -38.49
N GLY D 71 30.96 0.01 -37.57
CA GLY D 71 30.42 0.73 -36.45
C GLY D 71 31.34 0.66 -35.25
N THR D 72 31.43 1.77 -34.52
CA THR D 72 32.14 1.83 -33.26
C THR D 72 31.15 2.21 -32.17
N VAL D 73 30.94 1.31 -31.22
CA VAL D 73 30.00 1.56 -30.14
C VAL D 73 30.53 2.70 -29.28
N VAL D 74 29.80 3.81 -29.25
CA VAL D 74 30.15 4.93 -28.40
C VAL D 74 29.20 5.08 -27.22
N ILE D 75 28.02 4.48 -27.28
CA ILE D 75 27.12 4.33 -26.15
C ILE D 75 26.53 2.92 -26.20
N GLY D 76 26.64 2.17 -25.11
CA GLY D 76 26.12 0.82 -25.14
C GLY D 76 25.94 0.17 -23.79
N GLU D 77 26.11 -1.14 -23.72
CA GLU D 77 25.78 -1.89 -22.51
C GLU D 77 26.73 -1.61 -21.36
N GLY D 78 27.78 -0.80 -21.56
CA GLY D 78 28.76 -0.46 -20.55
C GLY D 78 30.16 -0.41 -21.15
N GLU D 79 31.16 -0.11 -20.31
CA GLU D 79 32.57 -0.25 -20.69
C GLU D 79 33.07 -1.67 -20.43
N LEU D 80 34.07 -2.09 -21.23
CA LEU D 80 34.46 -3.48 -21.43
C LEU D 80 34.63 -4.29 -20.14
N ASP D 81 35.29 -3.73 -19.11
CA ASP D 81 35.49 -4.55 -17.91
C ASP D 81 34.19 -4.89 -17.18
N GLU D 82 33.05 -4.28 -17.58
CA GLU D 82 31.74 -4.59 -17.01
C GLU D 82 30.82 -5.34 -17.96
N ALA D 83 30.97 -5.14 -19.26
CA ALA D 83 30.02 -5.64 -20.24
C ALA D 83 30.74 -6.39 -21.36
N PRO D 84 30.59 -7.72 -21.44
CA PRO D 84 31.30 -8.48 -22.48
C PRO D 84 30.72 -8.30 -23.88
N MET D 85 29.52 -7.75 -24.01
CA MET D 85 28.87 -7.57 -25.29
C MET D 85 28.38 -6.13 -25.40
N LEU D 86 28.65 -5.51 -26.55
CA LEU D 86 28.21 -4.14 -26.83
C LEU D 86 28.80 -3.14 -25.83
N TYR D 87 30.12 -3.23 -25.65
CA TYR D 87 30.86 -2.35 -24.76
C TYR D 87 31.39 -1.14 -25.53
N ILE D 88 31.72 -0.07 -24.79
CA ILE D 88 32.25 1.14 -25.40
C ILE D 88 33.48 0.77 -26.21
N GLY D 89 33.58 1.30 -27.42
CA GLY D 89 34.73 1.07 -28.27
C GLY D 89 34.71 -0.18 -29.13
N GLU D 90 33.83 -1.15 -28.84
CA GLU D 90 33.71 -2.32 -29.68
C GLU D 90 33.36 -1.97 -31.13
N LYS D 91 34.00 -2.65 -32.05
CA LYS D 91 33.69 -2.51 -33.47
C LYS D 91 32.62 -3.53 -33.85
N VAL D 92 31.64 -3.09 -34.64
CA VAL D 92 30.47 -3.87 -34.97
C VAL D 92 30.11 -3.63 -36.42
N GLY D 93 29.40 -4.58 -36.99
CA GLY D 93 29.01 -4.50 -38.39
C GLY D 93 29.79 -5.51 -39.22
N ALA D 94 29.40 -5.62 -40.48
CA ALA D 94 30.04 -6.56 -41.40
C ALA D 94 31.09 -5.88 -42.28
N GLY D 95 31.25 -4.58 -42.17
CA GLY D 95 32.12 -3.79 -43.02
C GLY D 95 31.29 -2.79 -43.81
N GLY D 96 31.78 -1.57 -43.90
CA GLY D 96 31.06 -0.55 -44.64
C GLY D 96 31.50 0.82 -44.17
N CYS D 97 30.60 1.79 -44.33
CA CYS D 97 30.90 3.17 -43.96
C CYS D 97 31.26 3.27 -42.48
N GLU D 98 32.09 4.25 -42.15
CA GLU D 98 32.53 4.43 -40.77
C GLU D 98 31.48 5.24 -40.01
N VAL D 99 30.95 4.64 -38.94
CA VAL D 99 29.78 5.12 -38.21
C VAL D 99 30.02 4.99 -36.72
N ASP D 100 29.63 6.03 -35.96
CA ASP D 100 29.52 5.91 -34.51
C ASP D 100 28.13 5.40 -34.14
N ILE D 101 28.11 4.47 -33.20
CA ILE D 101 26.95 3.63 -32.88
C ILE D 101 26.53 3.89 -31.44
N ALA D 102 25.30 4.34 -31.24
CA ALA D 102 24.77 4.53 -29.90
C ALA D 102 23.60 3.58 -29.70
N LEU D 103 23.74 2.66 -28.75
CA LEU D 103 22.80 1.57 -28.53
C LEU D 103 22.20 1.66 -27.14
N ASP D 104 20.99 1.13 -27.00
CA ASP D 104 20.52 0.60 -25.71
C ASP D 104 19.71 -0.64 -26.07
N PRO D 105 20.27 -1.85 -25.92
CA PRO D 105 19.53 -3.05 -26.34
C PRO D 105 18.20 -3.19 -25.63
N LEU D 106 18.09 -2.71 -24.41
CA LEU D 106 16.80 -2.70 -23.74
C LEU D 106 16.80 -1.52 -22.78
N GLU D 107 16.07 -0.48 -23.17
CA GLU D 107 15.74 0.67 -22.35
C GLU D 107 14.48 0.38 -21.55
N GLY D 108 14.67 0.04 -20.29
CA GLY D 108 13.60 -0.41 -19.43
C GLY D 108 13.73 -1.87 -19.11
N THR D 109 14.90 -2.29 -18.60
CA THR D 109 15.06 -3.67 -18.16
C THR D 109 14.10 -3.99 -17.01
N THR D 110 14.00 -3.09 -16.04
CA THR D 110 13.06 -3.33 -14.94
C THR D 110 11.62 -3.21 -15.42
N ILE D 111 11.34 -2.27 -16.33
CA ILE D 111 10.01 -2.16 -16.89
C ILE D 111 9.61 -3.47 -17.56
N THR D 112 10.54 -4.02 -18.36
CA THR D 112 10.24 -5.24 -19.12
C THR D 112 9.93 -6.40 -18.17
N SER D 113 10.80 -6.62 -17.17
CA SER D 113 10.55 -7.67 -16.19
C SER D 113 9.22 -7.49 -15.49
N LYS D 114 8.78 -6.25 -15.31
CA LYS D 114 7.48 -5.95 -14.71
C LYS D 114 6.33 -5.89 -15.69
N GLY D 115 6.61 -5.73 -16.99
CA GLY D 115 5.55 -5.43 -17.93
C GLY D 115 4.99 -4.02 -17.83
N GLY D 116 5.74 -3.08 -17.27
CA GLY D 116 5.30 -1.71 -17.17
C GLY D 116 5.41 -0.94 -18.48
N ALA D 117 5.11 0.34 -18.41
CA ALA D 117 5.06 1.18 -19.59
C ALA D 117 6.45 1.67 -19.98
N ASN D 118 6.65 1.87 -21.28
CA ASN D 118 7.68 2.71 -21.90
C ASN D 118 9.00 2.04 -22.19
N ALA D 119 9.05 0.71 -22.20
CA ALA D 119 10.29 0.04 -22.59
C ALA D 119 10.49 0.08 -24.10
N LEU D 120 11.76 0.18 -24.50
CA LEU D 120 12.18 0.33 -25.89
C LEU D 120 13.49 -0.42 -26.13
N THR D 121 13.74 -0.75 -27.39
CA THR D 121 15.10 -1.02 -27.86
C THR D 121 15.47 0.08 -28.85
N VAL D 122 16.70 0.59 -28.74
CA VAL D 122 17.11 1.80 -29.43
C VAL D 122 18.45 1.57 -30.12
N LEU D 123 18.63 2.26 -31.25
CA LEU D 123 19.83 2.18 -32.08
C LEU D 123 19.95 3.52 -32.81
N ALA D 124 21.02 4.26 -32.57
CA ALA D 124 21.23 5.50 -33.30
C ALA D 124 22.64 5.48 -33.91
N MET D 125 22.73 6.06 -35.10
CA MET D 125 23.97 6.13 -35.84
C MET D 125 24.27 7.56 -36.19
N ALA D 126 25.55 7.90 -36.17
CA ALA D 126 26.02 9.20 -36.59
C ALA D 126 27.37 9.03 -37.27
N ASP D 127 27.80 10.08 -37.96
CA ASP D 127 29.20 10.14 -38.34
C ASP D 127 30.03 10.21 -37.05
N LYS D 128 31.27 9.72 -37.16
CA LYS D 128 32.21 9.68 -36.03
C LYS D 128 32.32 11.03 -35.34
N GLY D 129 32.22 11.04 -34.01
CA GLY D 129 32.14 12.25 -33.22
C GLY D 129 30.75 12.85 -33.05
N GLY D 130 29.74 12.36 -33.77
CA GLY D 130 28.44 13.01 -33.78
C GLY D 130 27.74 13.03 -32.44
N PHE D 131 28.12 12.15 -31.52
CA PHE D 131 27.45 12.00 -30.23
C PHE D 131 28.33 12.54 -29.12
N LEU D 132 27.70 13.23 -28.18
CA LEU D 132 28.37 13.54 -26.92
C LEU D 132 28.93 12.26 -26.32
N ASN D 133 30.25 12.24 -26.13
CA ASN D 133 30.89 11.10 -25.46
C ASN D 133 31.06 11.50 -23.99
N ALA D 134 30.10 11.04 -23.17
CA ALA D 134 30.01 11.32 -21.75
C ALA D 134 29.89 10.01 -20.97
N PRO D 135 30.35 10.00 -19.72
CA PRO D 135 30.18 8.82 -18.88
C PRO D 135 28.71 8.54 -18.58
N ASP D 136 28.44 7.32 -18.13
CA ASP D 136 27.10 6.94 -17.69
C ASP D 136 26.86 7.54 -16.30
N VAL D 137 26.50 8.83 -16.30
CA VAL D 137 26.13 9.55 -15.09
C VAL D 137 24.74 10.14 -15.30
N TYR D 138 24.21 10.69 -14.22
CA TYR D 138 22.94 11.40 -14.32
C TYR D 138 23.06 12.66 -15.19
N MET D 139 21.91 13.11 -15.69
CA MET D 139 21.80 14.27 -16.57
C MET D 139 20.44 14.95 -16.34
N GLN D 140 20.48 16.25 -16.02
CA GLN D 140 19.28 17.09 -16.07
C GLN D 140 18.89 17.35 -17.51
N LYS D 141 17.59 17.31 -17.79
CA LYS D 141 17.07 17.42 -19.14
C LYS D 141 15.81 18.30 -19.15
N ILE D 142 15.68 19.15 -20.17
CA ILE D 142 14.40 19.74 -20.52
C ILE D 142 14.23 19.62 -22.04
N ALA D 143 13.02 19.27 -22.49
CA ALA D 143 12.80 19.01 -23.91
C ALA D 143 11.38 19.36 -24.34
N VAL D 144 11.27 19.85 -25.58
CA VAL D 144 10.02 20.25 -26.18
C VAL D 144 10.09 19.93 -27.67
N GLY D 145 8.96 19.59 -28.25
CA GLY D 145 8.88 19.34 -29.68
C GLY D 145 8.23 20.46 -30.48
N GLY D 146 8.49 20.45 -31.77
CA GLY D 146 7.96 21.43 -32.69
C GLY D 146 8.99 21.67 -33.78
N ILE D 147 8.49 21.95 -34.98
CA ILE D 147 9.42 22.09 -36.09
C ILE D 147 10.12 23.43 -36.04
N ASN D 148 9.43 24.45 -35.54
CA ASN D 148 9.84 25.82 -35.79
C ASN D 148 10.19 26.50 -34.47
N ALA D 149 10.82 25.76 -33.57
CA ALA D 149 11.04 26.23 -32.21
C ALA D 149 12.43 26.82 -32.09
N PRO D 150 12.58 28.09 -31.72
CA PRO D 150 13.92 28.64 -31.53
C PRO D 150 14.68 27.87 -30.46
N LYS D 151 15.93 27.55 -30.76
CA LYS D 151 16.87 27.20 -29.71
C LYS D 151 16.82 28.33 -28.67
N GLY D 152 16.67 27.97 -27.41
CA GLY D 152 16.38 28.99 -26.41
C GLY D 152 14.94 29.07 -25.96
N ILE D 153 14.04 28.31 -26.59
CA ILE D 153 12.70 28.13 -26.04
C ILE D 153 12.78 27.49 -24.66
N VAL D 154 13.74 26.60 -24.45
CA VAL D 154 13.92 25.98 -23.14
C VAL D 154 15.30 26.36 -22.64
N ASP D 155 15.38 26.67 -21.35
CA ASP D 155 16.66 26.91 -20.69
C ASP D 155 16.64 26.20 -19.35
N LEU D 156 17.66 25.38 -19.11
CA LEU D 156 17.78 24.59 -17.89
C LEU D 156 17.82 25.47 -16.65
N ASP D 157 18.47 26.63 -16.72
CA ASP D 157 18.68 27.48 -15.56
C ASP D 157 17.59 28.53 -15.37
N ASP D 158 16.58 28.54 -16.24
CA ASP D 158 15.39 29.33 -16.06
C ASP D 158 14.42 28.59 -15.15
N SER D 159 13.39 29.29 -14.68
CA SER D 159 12.40 28.62 -13.85
C SER D 159 11.44 27.79 -14.71
N VAL D 160 10.79 26.81 -14.07
CA VAL D 160 9.84 25.98 -14.80
C VAL D 160 8.80 26.85 -15.48
N THR D 161 8.18 27.76 -14.72
CA THR D 161 7.09 28.57 -15.25
C THR D 161 7.57 29.50 -16.36
N ASN D 162 8.78 30.05 -16.25
CA ASN D 162 9.26 30.86 -17.37
C ASN D 162 9.56 30.00 -18.59
N ASN D 163 10.01 28.76 -18.36
CA ASN D 163 10.17 27.83 -19.47
C ASN D 163 8.80 27.44 -20.02
N LEU D 164 7.84 27.19 -19.13
CA LEU D 164 6.53 26.77 -19.58
C LEU D 164 5.81 27.87 -20.32
N LYS D 165 5.94 29.11 -19.83
CA LYS D 165 5.34 30.24 -20.50
C LYS D 165 5.89 30.40 -21.91
N ARG D 166 7.20 30.35 -22.07
CA ARG D 166 7.75 30.47 -23.41
C ARG D 166 7.21 29.37 -24.30
N ILE D 167 6.99 28.19 -23.73
CA ILE D 167 6.55 27.07 -24.54
C ILE D 167 5.08 27.21 -24.86
N ALA D 168 4.29 27.61 -23.85
CA ALA D 168 2.85 27.74 -24.03
C ALA D 168 2.52 28.76 -25.11
N GLU D 169 3.35 29.79 -25.25
CA GLU D 169 3.05 30.82 -26.22
C GLU D 169 3.56 30.43 -27.61
N PHE D 170 4.64 29.65 -27.67
CA PHE D 170 5.08 29.10 -28.95
C PHE D 170 4.05 28.13 -29.52
N LYS D 171 3.36 27.38 -28.67
CA LYS D 171 2.39 26.41 -29.13
C LYS D 171 1.01 27.04 -29.34
N GLY D 172 0.76 28.20 -28.75
CA GLY D 172 -0.50 28.89 -28.94
C GLY D 172 -1.59 28.45 -28.01
N VAL D 173 -1.23 27.98 -26.82
CA VAL D 173 -2.21 27.46 -25.89
C VAL D 173 -1.96 28.13 -24.55
N HIS D 174 -3.00 28.13 -23.72
CA HIS D 174 -2.91 28.56 -22.34
C HIS D 174 -1.99 27.60 -21.60
N MET D 175 -1.20 28.13 -20.66
CA MET D 175 -0.25 27.32 -19.92
C MET D 175 -0.93 26.09 -19.31
N SER D 176 -2.17 26.23 -18.85
CA SER D 176 -2.86 25.11 -18.23
C SER D 176 -3.22 24.01 -19.22
N ALA D 177 -3.11 24.27 -20.52
CA ALA D 177 -3.33 23.21 -21.49
C ALA D 177 -2.07 22.37 -21.70
N LEU D 178 -0.89 22.90 -21.35
CA LEU D 178 0.33 22.12 -21.50
C LEU D 178 0.26 20.89 -20.62
N VAL D 179 0.79 19.78 -21.13
CA VAL D 179 1.00 18.58 -20.33
C VAL D 179 2.51 18.38 -20.20
N VAL D 180 3.01 18.44 -18.96
CA VAL D 180 4.42 18.23 -18.64
C VAL D 180 4.60 16.80 -18.12
N CYS D 181 5.67 16.15 -18.54
CA CYS D 181 5.97 14.79 -18.13
C CYS D 181 7.29 14.74 -17.37
N THR D 182 7.30 14.00 -16.26
CA THR D 182 8.52 13.76 -15.52
C THR D 182 8.40 12.39 -14.85
N MET D 183 9.48 12.00 -14.18
CA MET D 183 9.57 10.70 -13.53
C MET D 183 9.13 10.79 -12.08
N ASP D 184 8.51 9.73 -11.60
CA ASP D 184 8.03 9.69 -10.20
C ASP D 184 9.23 9.40 -9.30
N ARG D 185 9.97 10.46 -8.96
CA ARG D 185 11.13 10.42 -8.08
C ARG D 185 11.13 11.62 -7.14
N PRO D 186 11.63 11.44 -5.90
CA PRO D 186 11.75 12.58 -4.96
C PRO D 186 12.53 13.75 -5.52
N ARG D 187 13.65 13.49 -6.21
CA ARG D 187 14.43 14.52 -6.87
C ARG D 187 13.59 15.43 -7.78
N HIS D 188 12.33 15.04 -8.06
CA HIS D 188 11.50 15.81 -8.99
C HIS D 188 10.36 16.53 -8.31
N GLU D 189 10.27 16.46 -6.98
CA GLU D 189 9.15 17.06 -6.26
C GLU D 189 9.05 18.56 -6.52
N HIS D 190 10.18 19.25 -6.64
CA HIS D 190 10.10 20.71 -6.78
C HIS D 190 9.64 21.13 -8.18
N ILE D 191 10.12 20.42 -9.21
CA ILE D 191 9.60 20.59 -10.56
C ILE D 191 8.10 20.33 -10.60
N ILE D 192 7.68 19.17 -10.07
CA ILE D 192 6.27 18.81 -10.08
C ILE D 192 5.45 19.89 -9.41
N LYS D 193 5.92 20.37 -8.25
CA LYS D 193 5.17 21.36 -7.48
C LYS D 193 5.20 22.73 -8.17
N GLU D 194 6.32 23.12 -8.79
CA GLU D 194 6.41 24.48 -9.32
C GLU D 194 5.55 24.62 -10.56
N ALA D 195 5.62 23.64 -11.47
CA ALA D 195 4.76 23.66 -12.65
C ALA D 195 3.29 23.58 -12.28
N ARG D 196 2.96 23.07 -11.09
CA ARG D 196 1.55 22.93 -10.72
C ARG D 196 0.97 24.19 -10.07
N GLU D 197 1.82 25.12 -9.58
CA GLU D 197 1.30 26.36 -8.98
C GLU D 197 0.63 27.29 -10.01
N CYS D 198 1.22 27.37 -11.22
CA CYS D 198 0.68 28.24 -12.27
C CYS D 198 -0.19 27.50 -13.29
N GLY D 199 -0.80 26.37 -12.92
CA GLY D 199 -1.89 25.78 -13.68
C GLY D 199 -1.53 24.59 -14.58
N ALA D 200 -0.26 24.45 -14.97
CA ALA D 200 0.14 23.37 -15.87
C ALA D 200 -0.21 22.01 -15.28
N ARG D 201 -0.41 21.04 -16.16
CA ARG D 201 -0.64 19.66 -15.76
C ARG D 201 0.67 18.88 -15.83
N VAL D 202 0.94 18.06 -14.83
CA VAL D 202 2.21 17.33 -14.75
C VAL D 202 1.90 15.85 -14.52
N ILE D 203 2.11 15.00 -15.57
CA ILE D 203 1.90 13.56 -15.45
C ILE D 203 3.23 12.87 -15.16
N LEU D 204 3.18 11.74 -14.45
CA LEU D 204 4.40 11.07 -13.97
C LEU D 204 4.54 9.69 -14.60
N ILE D 205 5.74 9.38 -15.10
CA ILE D 205 6.05 8.03 -15.55
C ILE D 205 6.88 7.33 -14.47
N ASN D 206 6.71 6.02 -14.34
CA ASN D 206 7.50 5.29 -13.36
C ASN D 206 8.93 5.10 -13.84
N ASP D 207 9.12 4.94 -15.14
CA ASP D 207 10.45 4.86 -15.73
C ASP D 207 10.29 5.11 -17.23
N GLY D 208 11.42 5.28 -17.91
CA GLY D 208 11.40 5.35 -19.36
C GLY D 208 11.51 6.76 -19.86
N ASP D 209 12.62 7.44 -19.61
CA ASP D 209 12.66 8.82 -20.03
C ASP D 209 13.30 9.00 -21.40
N VAL D 210 13.81 7.94 -22.04
CA VAL D 210 13.99 8.02 -23.49
C VAL D 210 12.64 8.21 -24.16
N SER D 211 11.71 7.30 -23.86
CA SER D 211 10.34 7.43 -24.35
C SER D 211 9.71 8.77 -23.93
N GLY D 212 9.94 9.20 -22.69
CA GLY D 212 9.29 10.40 -22.21
C GLY D 212 9.76 11.66 -22.92
N VAL D 213 11.06 11.70 -23.27
CA VAL D 213 11.58 12.85 -24.02
C VAL D 213 11.07 12.83 -25.45
N ILE D 214 11.12 11.68 -26.09
CA ILE D 214 10.74 11.63 -27.51
C ILE D 214 9.25 11.86 -27.65
N ALA D 215 8.45 11.48 -26.65
CA ALA D 215 7.02 11.73 -26.71
C ALA D 215 6.68 13.20 -26.95
N THR D 216 7.56 14.13 -26.54
CA THR D 216 7.25 15.56 -26.75
C THR D 216 7.13 15.90 -28.23
N ALA D 217 7.64 15.05 -29.11
CA ALA D 217 7.67 15.32 -30.53
C ALA D 217 6.90 14.27 -31.32
N THR D 218 6.13 13.44 -30.62
CA THR D 218 5.42 12.32 -31.22
C THR D 218 3.94 12.64 -31.26
N GLU D 219 3.39 12.71 -32.47
CA GLU D 219 1.96 12.92 -32.69
C GLU D 219 1.09 12.10 -31.75
N ASN D 220 0.07 12.75 -31.21
CA ASN D 220 -0.93 12.15 -30.32
C ASN D 220 -0.35 11.53 -29.06
N SER D 221 0.93 11.76 -28.75
CA SER D 221 1.46 11.26 -27.48
C SER D 221 0.78 11.93 -26.28
N GLY D 222 0.36 13.20 -26.40
CA GLY D 222 -0.29 13.90 -25.29
C GLY D 222 0.67 14.52 -24.32
N ILE D 223 1.94 14.65 -24.69
CA ILE D 223 2.95 15.19 -23.82
C ILE D 223 3.60 16.36 -24.55
N ASP D 224 3.62 17.54 -23.92
CA ASP D 224 4.27 18.67 -24.57
C ASP D 224 5.70 18.91 -24.13
N VAL D 225 6.04 18.63 -22.87
CA VAL D 225 7.35 19.00 -22.34
C VAL D 225 7.81 17.85 -21.46
N TYR D 226 9.10 17.58 -21.48
CA TYR D 226 9.71 16.64 -20.55
C TYR D 226 10.73 17.38 -19.71
N ILE D 227 10.66 17.24 -18.38
CA ILE D 227 11.59 17.90 -17.47
C ILE D 227 12.02 16.88 -16.43
N GLY D 228 13.32 16.65 -16.31
CA GLY D 228 13.76 15.79 -15.24
C GLY D 228 15.19 15.32 -15.43
N THR D 229 15.65 14.61 -14.42
CA THR D 229 17.00 14.10 -14.36
C THR D 229 16.95 12.59 -14.56
N GLY D 230 17.71 12.09 -15.54
CA GLY D 230 17.84 10.67 -15.79
C GLY D 230 19.26 10.34 -16.24
N GLY D 231 19.47 9.17 -16.85
CA GLY D 231 20.81 8.79 -17.28
C GLY D 231 21.27 9.57 -18.49
N ALA D 232 22.59 9.74 -18.60
CA ALA D 232 23.15 10.55 -19.69
C ALA D 232 23.07 9.86 -21.05
N PRO D 233 23.47 8.60 -21.21
CA PRO D 233 23.24 7.94 -22.50
C PRO D 233 21.79 8.02 -22.94
N GLU D 234 20.87 7.76 -22.01
CA GLU D 234 19.45 7.82 -22.34
C GLU D 234 19.07 9.19 -22.89
N GLY D 235 19.69 10.25 -22.35
CA GLY D 235 19.45 11.59 -22.88
C GLY D 235 20.03 11.81 -24.27
N VAL D 236 21.19 11.22 -24.55
CA VAL D 236 21.78 11.42 -25.87
C VAL D 236 20.93 10.69 -26.91
N LEU D 237 20.48 9.48 -26.58
CA LEU D 237 19.63 8.72 -27.49
C LEU D 237 18.37 9.51 -27.82
N ALA D 238 17.71 10.06 -26.80
CA ALA D 238 16.48 10.82 -27.06
C ALA D 238 16.77 12.06 -27.89
N ALA D 239 17.89 12.75 -27.60
CA ALA D 239 18.27 13.93 -28.38
C ALA D 239 18.46 13.58 -29.85
N ALA D 240 19.07 12.41 -30.12
CA ALA D 240 19.21 11.96 -31.50
C ALA D 240 17.85 11.90 -32.20
N ALA D 241 16.83 11.31 -31.55
CA ALA D 241 15.51 11.24 -32.18
C ALA D 241 14.87 12.64 -32.32
N LEU D 242 14.92 13.46 -31.26
CA LEU D 242 14.41 14.84 -31.36
C LEU D 242 15.10 15.63 -32.46
N LYS D 243 16.36 15.33 -32.74
CA LYS D 243 17.04 15.98 -33.85
C LYS D 243 16.42 15.63 -35.20
N CYS D 244 15.74 14.48 -35.30
CA CYS D 244 15.09 14.09 -36.55
C CYS D 244 13.62 14.49 -36.62
N LEU D 245 12.95 14.60 -35.47
CA LEU D 245 11.54 14.96 -35.47
C LEU D 245 11.32 16.47 -35.44
N GLY D 246 12.29 17.23 -34.93
CA GLY D 246 12.10 18.65 -34.69
C GLY D 246 11.83 18.92 -33.23
N GLY D 247 12.65 19.77 -32.61
CA GLY D 247 12.42 20.13 -31.23
C GLY D 247 13.71 20.58 -30.57
N GLN D 248 13.58 20.94 -29.30
CA GLN D 248 14.71 21.52 -28.60
C GLN D 248 14.92 20.80 -27.28
N MET D 249 16.18 20.77 -26.85
CA MET D 249 16.52 20.08 -25.62
C MET D 249 17.82 20.66 -25.10
N GLN D 250 17.87 20.89 -23.80
CA GLN D 250 19.08 21.34 -23.13
C GLN D 250 19.39 20.35 -22.02
N ALA D 251 20.67 20.06 -21.82
CA ALA D 251 21.06 19.03 -20.86
C ALA D 251 22.33 19.43 -20.12
N ARG D 252 22.43 18.97 -18.86
CA ARG D 252 23.62 19.15 -18.04
C ARG D 252 23.95 17.86 -17.31
N LEU D 253 25.20 17.42 -17.39
CA LEU D 253 25.65 16.26 -16.61
C LEU D 253 25.75 16.58 -15.13
N ILE D 254 25.48 15.57 -14.30
CA ILE D 254 25.52 15.66 -12.85
C ILE D 254 26.42 14.57 -12.29
N PHE D 255 27.39 14.94 -11.48
CA PHE D 255 28.38 14.01 -10.95
C PHE D 255 28.19 13.84 -9.45
N ASN D 256 28.31 12.59 -8.99
CA ASN D 256 28.13 12.22 -7.59
C ASN D 256 29.41 11.71 -6.97
N ASP D 257 30.15 10.90 -7.71
CA ASP D 257 31.34 10.20 -7.26
C ASP D 257 32.53 11.12 -7.45
N GLU D 258 33.70 10.64 -7.06
CA GLU D 258 34.85 11.20 -7.71
C GLU D 258 35.41 10.30 -8.79
N GLU D 259 34.97 9.04 -8.90
CA GLU D 259 35.49 8.42 -10.11
C GLU D 259 34.70 8.84 -11.33
N GLU D 260 33.44 9.18 -11.13
CA GLU D 260 32.68 9.75 -12.24
C GLU D 260 33.38 10.97 -12.81
N ILE D 261 33.85 11.86 -11.93
CA ILE D 261 34.55 13.07 -12.39
C ILE D 261 35.87 12.71 -13.10
N LYS D 262 36.60 11.71 -12.59
CA LYS D 262 37.80 11.29 -13.31
C LYS D 262 37.44 10.61 -14.62
N ARG D 263 36.40 9.77 -14.61
CA ARG D 263 35.88 9.26 -15.88
C ARG D 263 35.60 10.38 -16.87
N ALA D 264 34.94 11.46 -16.42
CA ALA D 264 34.63 12.52 -17.37
C ALA D 264 35.90 13.21 -17.87
N HIS D 265 36.85 13.46 -16.97
CA HIS D 265 38.07 14.20 -17.34
C HIS D 265 38.86 13.47 -18.43
N ARG D 266 39.29 12.22 -18.18
CA ARG D 266 39.58 11.29 -19.29
C ARG D 266 38.78 11.41 -20.58
N LEU D 267 37.50 11.71 -20.59
CA LEU D 267 36.91 11.73 -21.93
C LEU D 267 37.07 13.06 -22.66
N GLY D 268 37.77 14.03 -22.09
CA GLY D 268 37.85 15.35 -22.70
C GLY D 268 36.87 16.40 -22.19
N ILE D 269 36.15 16.11 -21.11
CA ILE D 269 35.25 17.09 -20.52
C ILE D 269 36.04 17.96 -19.56
N THR D 270 36.13 19.25 -19.86
CA THR D 270 36.77 20.18 -18.94
C THR D 270 35.77 20.92 -18.05
N ASP D 271 34.54 21.13 -18.53
CA ASP D 271 33.52 21.91 -17.84
C ASP D 271 32.45 20.95 -17.30
N LEU D 272 32.58 20.58 -16.02
CA LEU D 272 31.61 19.66 -15.42
C LEU D 272 30.18 20.20 -15.46
N ASN D 273 30.02 21.52 -15.53
CA ASN D 273 28.70 22.15 -15.45
C ASN D 273 28.18 22.64 -16.80
N LYS D 274 28.85 22.27 -17.89
CA LYS D 274 28.45 22.74 -19.21
C LYS D 274 27.00 22.36 -19.50
N LYS D 275 26.27 23.33 -20.05
CA LYS D 275 24.98 23.05 -20.69
C LYS D 275 25.19 22.59 -22.12
N TYR D 276 24.42 21.61 -22.54
CA TYR D 276 24.47 21.07 -23.89
C TYR D 276 23.16 21.36 -24.60
N ASP D 277 23.25 21.95 -25.79
CA ASP D 277 22.06 22.05 -26.61
C ASP D 277 21.84 20.73 -27.33
N ILE D 278 20.69 20.61 -28.01
CA ILE D 278 20.40 19.37 -28.71
C ILE D 278 21.48 19.10 -29.75
N ASP D 279 22.09 20.14 -30.31
CA ASP D 279 23.14 19.90 -31.31
C ASP D 279 24.42 19.39 -30.67
N ASP D 280 24.70 19.77 -29.41
CA ASP D 280 25.88 19.28 -28.72
C ASP D 280 25.75 17.80 -28.33
N LEU D 281 24.51 17.30 -28.20
CA LEU D 281 24.33 15.90 -27.87
C LEU D 281 24.39 15.00 -29.10
N ALA D 282 23.94 15.51 -30.25
CA ALA D 282 23.81 14.71 -31.46
C ALA D 282 23.76 15.66 -32.64
N SER D 283 24.81 15.69 -33.45
CA SER D 283 24.90 16.63 -34.56
C SER D 283 25.15 15.89 -35.87
N GLY D 284 24.97 16.61 -36.97
CA GLY D 284 25.30 16.06 -38.26
C GLY D 284 24.24 15.10 -38.76
N ASP D 285 24.67 13.99 -39.37
CA ASP D 285 23.79 13.08 -40.11
C ASP D 285 23.39 11.95 -39.15
N ILE D 286 22.20 12.07 -38.56
CA ILE D 286 21.74 11.17 -37.51
C ILE D 286 20.72 10.20 -38.08
N VAL D 287 20.89 8.92 -37.80
CA VAL D 287 19.84 7.93 -38.00
C VAL D 287 19.41 7.43 -36.64
N PHE D 288 18.08 7.38 -36.42
CA PHE D 288 17.51 6.89 -35.18
C PHE D 288 16.47 5.82 -35.50
N ALA D 289 16.48 4.75 -34.71
CA ALA D 289 15.50 3.69 -34.85
C ALA D 289 15.11 3.18 -33.47
N ALA D 290 13.84 2.82 -33.30
CA ALA D 290 13.39 2.29 -32.02
C ALA D 290 12.24 1.32 -32.24
N THR D 291 12.14 0.31 -31.38
CA THR D 291 10.99 -0.60 -31.39
C THR D 291 10.40 -0.68 -30.00
N GLY D 292 9.07 -0.59 -29.93
CA GLY D 292 8.41 -0.78 -28.65
C GLY D 292 8.64 -2.18 -28.11
N VAL D 293 8.92 -2.27 -26.82
CA VAL D 293 8.85 -3.53 -26.10
C VAL D 293 7.51 -3.66 -25.38
N THR D 294 7.14 -2.62 -24.65
CA THR D 294 5.83 -2.53 -24.04
C THR D 294 5.14 -1.29 -24.55
N ASP D 295 3.81 -1.28 -24.40
CA ASP D 295 3.06 -0.06 -24.66
C ASP D 295 3.63 1.08 -23.81
N GLY D 296 3.93 2.19 -24.46
CA GLY D 296 4.46 3.33 -23.76
C GLY D 296 3.92 4.58 -24.38
N ASN D 297 4.45 5.74 -24.02
CA ASN D 297 3.90 6.98 -24.56
C ASN D 297 4.55 7.39 -25.87
N MET D 298 5.30 6.49 -26.49
CA MET D 298 5.81 6.81 -27.82
C MET D 298 5.57 5.72 -28.85
N LEU D 299 5.71 4.45 -28.48
CA LEU D 299 5.51 3.32 -29.38
C LEU D 299 4.60 2.33 -28.71
N GLN D 300 3.91 1.53 -29.51
CA GLN D 300 3.07 0.46 -28.97
C GLN D 300 3.99 -0.77 -28.77
N GLY D 301 3.59 -1.66 -27.85
CA GLY D 301 4.43 -2.80 -27.52
C GLY D 301 4.23 -4.01 -28.46
N VAL D 302 5.09 -5.01 -28.31
CA VAL D 302 4.96 -6.25 -29.08
C VAL D 302 3.69 -6.98 -28.64
N LYS D 303 2.99 -7.56 -29.61
CA LYS D 303 1.72 -8.21 -29.35
C LYS D 303 1.69 -9.55 -30.05
N ARG D 304 0.95 -10.50 -29.44
CA ARG D 304 0.64 -11.78 -30.07
C ARG D 304 -0.66 -11.66 -30.86
N VAL D 305 -0.65 -12.13 -32.10
CA VAL D 305 -1.81 -12.01 -32.96
C VAL D 305 -2.11 -13.36 -33.59
N ASN D 306 -3.38 -13.74 -33.56
CA ASN D 306 -3.89 -14.83 -34.35
C ASN D 306 -4.74 -14.33 -35.50
N SER D 307 -4.80 -15.13 -36.55
CA SER D 307 -5.56 -14.80 -37.73
C SER D 307 -5.68 -16.08 -38.53
N THR D 308 -6.81 -16.24 -39.21
CA THR D 308 -6.95 -17.36 -40.12
C THR D 308 -6.14 -17.12 -41.39
N ARG D 309 -6.02 -15.85 -41.78
CA ARG D 309 -5.31 -15.43 -42.98
C ARG D 309 -3.87 -15.95 -43.03
N ARG D 310 -3.05 -15.60 -42.03
CA ARG D 310 -1.64 -15.96 -42.05
C ARG D 310 -1.23 -16.74 -40.82
N GLY D 311 -2.17 -17.25 -40.04
CA GLY D 311 -1.83 -17.95 -38.83
C GLY D 311 -1.47 -16.98 -37.74
N SER D 312 -0.45 -17.31 -36.96
CA SER D 312 -0.10 -16.54 -35.77
C SER D 312 1.23 -15.82 -35.95
N TYR D 313 1.31 -14.62 -35.37
CA TYR D 313 2.54 -13.83 -35.47
C TYR D 313 2.67 -12.89 -34.28
N ALA D 314 3.87 -12.37 -34.11
CA ALA D 314 4.12 -11.28 -33.19
C ALA D 314 4.17 -10.01 -34.02
N VAL D 315 3.44 -8.96 -33.58
CA VAL D 315 3.49 -7.64 -34.22
C VAL D 315 4.49 -6.78 -33.46
N THR D 316 5.34 -6.06 -34.20
CA THR D 316 6.21 -5.04 -33.62
C THR D 316 5.85 -3.69 -34.20
N HIS D 317 6.00 -2.64 -33.38
CA HIS D 317 5.79 -1.26 -33.78
C HIS D 317 7.09 -0.49 -33.60
N SER D 318 7.63 0.02 -34.70
CA SER D 318 8.94 0.63 -34.78
C SER D 318 8.84 1.98 -35.46
N VAL D 319 9.92 2.74 -35.31
CA VAL D 319 10.06 4.02 -35.98
C VAL D 319 11.53 4.16 -36.34
N VAL D 320 11.82 4.46 -37.59
CA VAL D 320 13.15 4.82 -38.04
C VAL D 320 13.06 6.20 -38.68
N MET D 321 14.06 7.03 -38.46
CA MET D 321 13.99 8.42 -38.91
C MET D 321 15.40 8.91 -39.25
N ARG D 322 15.47 10.02 -40.01
CA ARG D 322 16.76 10.55 -40.47
C ARG D 322 16.77 12.08 -40.41
N SER D 323 17.82 12.65 -39.80
CA SER D 323 17.88 14.11 -39.62
C SER D 323 18.08 14.85 -40.94
N THR D 324 18.87 14.28 -41.87
CA THR D 324 19.12 14.97 -43.14
C THR D 324 17.82 15.13 -43.93
N THR D 325 17.15 14.00 -44.22
CA THR D 325 15.93 14.04 -45.02
C THR D 325 14.68 14.38 -44.24
N LYS D 326 14.73 14.42 -42.91
CA LYS D 326 13.56 14.63 -42.06
C LYS D 326 12.47 13.58 -42.27
N THR D 327 12.76 12.51 -43.00
CA THR D 327 11.76 11.47 -43.22
C THR D 327 11.62 10.61 -41.98
N VAL D 328 10.38 10.31 -41.63
CA VAL D 328 10.02 9.47 -40.51
C VAL D 328 9.19 8.32 -41.05
N ARG D 329 9.61 7.11 -40.77
CA ARG D 329 8.83 5.94 -41.15
C ARG D 329 8.28 5.28 -39.90
N HIS D 330 7.02 4.89 -39.96
CA HIS D 330 6.35 4.13 -38.91
C HIS D 330 6.15 2.73 -39.46
N ILE D 331 6.74 1.73 -38.81
CA ILE D 331 6.77 0.37 -39.33
C ILE D 331 6.04 -0.55 -38.37
N THR D 332 5.06 -1.28 -38.91
CA THR D 332 4.36 -2.35 -38.21
C THR D 332 4.78 -3.66 -38.89
N ALA D 333 5.50 -4.50 -38.16
CA ALA D 333 6.07 -5.73 -38.71
C ALA D 333 5.30 -6.94 -38.21
N GLU D 334 4.95 -7.86 -39.11
CA GLU D 334 4.41 -9.16 -38.73
C GLU D 334 5.52 -10.22 -38.84
N HIS D 335 5.85 -10.83 -37.72
CA HIS D 335 6.89 -11.86 -37.63
C HIS D 335 6.24 -13.19 -37.30
N SER D 336 6.33 -14.12 -38.21
CA SER D 336 5.64 -15.39 -38.01
C SER D 336 6.21 -16.12 -36.79
N PHE D 337 5.34 -16.83 -36.09
CA PHE D 337 5.76 -17.62 -34.94
C PHE D 337 4.61 -18.53 -34.56
N ASP D 338 4.95 -19.67 -33.99
CA ASP D 338 3.94 -20.62 -33.53
C ASP D 338 4.03 -20.64 -32.02
N PHE D 339 3.06 -20.01 -31.37
CA PHE D 339 3.07 -19.88 -29.92
C PHE D 339 2.69 -21.16 -29.22
N LYS D 340 2.38 -22.21 -29.97
CA LYS D 340 2.22 -23.53 -29.37
C LYS D 340 3.53 -24.01 -28.75
N GLU D 341 4.65 -23.50 -29.26
CA GLU D 341 5.99 -23.67 -28.74
C GLU D 341 6.29 -22.59 -27.69
N GLY D 342 7.26 -22.88 -26.82
CA GLY D 342 7.77 -21.90 -25.90
C GLY D 342 8.08 -20.55 -26.53
N ILE D 343 7.72 -19.48 -25.81
CA ILE D 343 7.91 -18.12 -26.30
C ILE D 343 9.38 -17.78 -26.47
N GLU D 344 10.27 -18.47 -25.74
CA GLU D 344 11.69 -18.12 -25.70
C GLU D 344 12.45 -18.53 -26.96
N LYS D 345 11.75 -18.88 -28.04
CA LYS D 345 12.36 -19.01 -29.36
C LYS D 345 12.62 -17.65 -30.02
N PHE D 346 12.02 -16.57 -29.48
CA PHE D 346 12.31 -15.21 -29.93
C PHE D 346 13.66 -14.71 -29.44
N MET D 347 14.36 -15.50 -28.62
CA MET D 347 15.75 -15.26 -28.31
C MET D 347 16.63 -15.91 -29.37
N SER D 348 17.76 -15.26 -29.67
CA SER D 348 18.64 -15.69 -30.75
C SER D 348 19.77 -16.61 -30.27
N MET E 21 33.82 -19.46 27.74
CA MET E 21 33.72 -18.01 27.55
C MET E 21 33.85 -17.22 28.86
N ASN E 22 34.28 -15.97 28.74
CA ASN E 22 34.33 -15.07 29.88
C ASN E 22 32.95 -14.48 30.13
N ARG E 23 32.52 -14.48 31.40
CA ARG E 23 31.27 -13.84 31.83
C ARG E 23 31.19 -12.37 31.40
N LYS E 24 32.32 -11.77 31.01
CA LYS E 24 32.31 -10.37 30.60
C LYS E 24 31.50 -10.16 29.32
N VAL E 25 31.68 -11.03 28.34
CA VAL E 25 31.13 -10.82 27.00
C VAL E 25 29.62 -11.00 26.99
N ALA E 26 29.05 -11.38 28.14
CA ALA E 26 27.60 -11.58 28.22
C ALA E 26 26.83 -10.27 28.17
N LEU E 27 26.85 -9.51 29.27
CA LEU E 27 26.10 -8.25 29.36
C LEU E 27 26.34 -7.32 28.19
N GLU E 28 27.58 -7.23 27.71
CA GLU E 28 27.91 -6.32 26.61
C GLU E 28 27.12 -6.62 25.35
N ALA E 29 26.67 -7.86 25.17
CA ALA E 29 25.85 -8.20 24.02
C ALA E 29 24.54 -7.41 23.99
N VAL E 30 24.06 -6.95 25.16
CA VAL E 30 22.75 -6.28 25.15
C VAL E 30 22.90 -4.90 24.52
N ARG E 31 24.07 -4.26 24.68
CA ARG E 31 24.34 -3.01 23.97
C ARG E 31 24.14 -3.16 22.46
N VAL E 32 24.54 -4.31 21.91
CA VAL E 32 24.43 -4.54 20.47
C VAL E 32 22.96 -4.61 20.04
N THR E 33 22.19 -5.51 20.67
CA THR E 33 20.79 -5.62 20.31
C THR E 33 20.05 -4.31 20.60
N GLU E 34 20.37 -3.64 21.72
CA GLU E 34 19.78 -2.34 22.04
C GLU E 34 19.95 -1.35 20.88
N LEU E 35 21.17 -1.28 20.33
CA LEU E 35 21.46 -0.34 19.25
C LEU E 35 20.80 -0.77 17.94
N ALA E 36 20.80 -2.08 17.65
CA ALA E 36 20.11 -2.51 16.43
C ALA E 36 18.61 -2.30 16.55
N ALA E 37 18.07 -2.29 17.77
CA ALA E 37 16.63 -2.07 17.95
C ALA E 37 16.28 -0.61 17.78
N LEU E 38 17.09 0.29 18.36
CA LEU E 38 16.83 1.71 18.16
C LEU E 38 16.84 2.04 16.68
N ALA E 39 17.80 1.46 15.94
CA ALA E 39 17.88 1.67 14.51
C ALA E 39 16.64 1.12 13.82
N SER E 40 16.28 -0.14 14.09
CA SER E 40 15.05 -0.69 13.52
C SER E 40 13.87 0.20 13.82
N TRP E 41 13.86 0.80 15.01
CA TRP E 41 12.72 1.57 15.46
C TRP E 41 12.54 2.82 14.62
N SER E 42 13.65 3.46 14.22
CA SER E 42 13.58 4.66 13.40
C SER E 42 13.02 4.36 12.01
N GLN E 43 12.93 3.10 11.63
CA GLN E 43 12.23 2.69 10.42
C GLN E 43 10.85 2.10 10.68
N MET E 44 10.41 1.99 11.94
CA MET E 44 9.13 1.33 12.21
C MET E 44 8.00 2.14 11.56
N GLY E 45 7.09 1.46 10.89
CA GLY E 45 6.00 2.22 10.31
C GLY E 45 6.32 3.03 9.07
N ARG E 46 7.50 2.87 8.47
CA ARG E 46 7.91 3.63 7.31
C ARG E 46 7.62 2.92 5.98
N GLY E 47 6.97 1.75 6.02
CA GLY E 47 6.55 1.04 4.82
C GLY E 47 7.66 0.39 4.02
N ASP E 48 8.87 0.32 4.57
CA ASP E 48 10.09 0.01 3.84
C ASP E 48 10.90 -1.08 4.57
N LYS E 49 10.60 -2.35 4.30
CA LYS E 49 11.30 -3.40 5.03
C LYS E 49 12.77 -3.49 4.64
N ILE E 50 13.12 -3.09 3.42
CA ILE E 50 14.53 -3.11 3.06
C ILE E 50 15.31 -2.13 3.93
N ALA E 51 14.76 -0.92 4.11
CA ALA E 51 15.50 0.07 4.88
C ALA E 51 15.50 -0.28 6.37
N ALA E 52 14.46 -0.98 6.85
CA ALA E 52 14.44 -1.48 8.22
C ALA E 52 15.61 -2.42 8.47
N ASP E 53 15.64 -3.52 7.71
CA ASP E 53 16.75 -4.46 7.78
C ASP E 53 18.08 -3.74 7.68
N GLN E 54 18.22 -2.80 6.75
CA GLN E 54 19.51 -2.16 6.58
C GLN E 54 19.92 -1.38 7.82
N ALA E 55 18.97 -0.68 8.44
CA ALA E 55 19.33 0.11 9.62
C ALA E 55 19.81 -0.81 10.75
N ALA E 56 19.17 -1.96 10.91
CA ALA E 56 19.55 -2.84 12.00
C ALA E 56 20.91 -3.44 11.73
N VAL E 57 21.12 -3.91 10.50
CA VAL E 57 22.35 -4.58 10.13
C VAL E 57 23.55 -3.67 10.36
N ASP E 58 23.51 -2.45 9.82
CA ASP E 58 24.53 -1.45 10.12
C ASP E 58 24.75 -1.29 11.61
N ALA E 59 23.70 -1.00 12.36
CA ALA E 59 23.85 -0.82 13.79
C ALA E 59 24.44 -2.05 14.44
N MET E 60 23.99 -3.24 14.02
CA MET E 60 24.47 -4.45 14.69
C MET E 60 25.96 -4.67 14.42
N ARG E 61 26.38 -4.73 13.15
CA ARG E 61 27.78 -5.05 12.94
C ARG E 61 28.71 -3.95 13.45
N LYS E 62 28.24 -2.70 13.51
CA LYS E 62 29.08 -1.64 14.03
C LYS E 62 29.24 -1.78 15.55
N ALA E 63 28.14 -2.08 16.25
CA ALA E 63 28.24 -2.24 17.69
C ALA E 63 28.87 -3.56 18.06
N LEU E 64 28.84 -4.53 17.15
CA LEU E 64 29.43 -5.83 17.42
C LEU E 64 30.94 -5.75 17.43
N ASN E 65 31.52 -4.89 16.59
CA ASN E 65 32.98 -4.82 16.51
C ASN E 65 33.58 -4.17 17.75
N GLU E 66 32.76 -3.55 18.60
CA GLU E 66 33.24 -3.04 19.88
C GLU E 66 33.09 -4.06 21.02
N VAL E 67 32.73 -5.31 20.72
CA VAL E 67 32.63 -6.38 21.70
C VAL E 67 33.94 -7.16 21.73
N ASP E 68 34.42 -7.48 22.93
CA ASP E 68 35.72 -8.15 23.15
C ASP E 68 35.59 -9.65 22.90
N ILE E 69 35.40 -10.01 21.63
CA ILE E 69 35.33 -11.40 21.21
C ILE E 69 36.02 -11.54 19.85
N ASP E 70 36.58 -12.74 19.62
CA ASP E 70 36.95 -13.16 18.26
C ASP E 70 35.79 -14.02 17.80
N GLY E 71 34.84 -13.40 17.09
CA GLY E 71 33.60 -14.04 16.75
C GLY E 71 33.58 -14.50 15.29
N THR E 72 32.97 -15.66 15.08
CA THR E 72 32.70 -16.18 13.76
C THR E 72 31.20 -16.26 13.61
N VAL E 73 30.67 -15.61 12.57
CA VAL E 73 29.23 -15.62 12.32
C VAL E 73 28.87 -16.96 11.71
N VAL E 74 28.09 -17.76 12.42
CA VAL E 74 27.52 -18.99 11.88
C VAL E 74 26.07 -18.82 11.43
N ILE E 75 25.37 -17.77 11.88
CA ILE E 75 24.02 -17.45 11.45
C ILE E 75 23.92 -15.93 11.36
N GLY E 76 23.37 -15.43 10.25
CA GLY E 76 23.33 -14.02 9.99
C GLY E 76 22.53 -13.67 8.74
N GLU E 77 22.90 -12.57 8.10
CA GLU E 77 22.15 -12.03 6.96
C GLU E 77 22.31 -12.82 5.68
N GLY E 78 23.00 -13.96 5.68
CA GLY E 78 23.14 -14.81 4.51
C GLY E 78 24.59 -15.14 4.21
N GLU E 79 24.81 -15.61 2.98
CA GLU E 79 26.16 -15.87 2.50
C GLU E 79 26.80 -14.59 1.98
N LEU E 80 28.14 -14.62 1.85
CA LEU E 80 28.86 -13.47 1.31
C LEU E 80 28.28 -12.99 -0.01
N ASP E 81 27.86 -13.92 -0.88
CA ASP E 81 27.38 -13.57 -2.21
C ASP E 81 26.02 -12.87 -2.21
N GLU E 82 25.26 -12.99 -1.11
CA GLU E 82 24.01 -12.28 -0.93
C GLU E 82 24.12 -11.12 0.06
N ALA E 83 24.80 -11.34 1.18
CA ALA E 83 24.83 -10.36 2.26
C ALA E 83 26.19 -9.71 2.28
N PRO E 84 26.30 -8.44 1.90
CA PRO E 84 27.57 -7.73 2.11
C PRO E 84 28.01 -7.74 3.56
N MET E 85 27.07 -7.64 4.49
CA MET E 85 27.39 -7.42 5.90
C MET E 85 26.80 -8.52 6.77
N LEU E 86 27.56 -8.91 7.80
CA LEU E 86 27.18 -9.95 8.75
C LEU E 86 26.89 -11.28 8.02
N TYR E 87 27.73 -11.62 7.05
CA TYR E 87 27.51 -12.83 6.25
C TYR E 87 28.07 -14.05 6.97
N ILE E 88 27.60 -15.24 6.56
CA ILE E 88 28.03 -16.49 7.19
C ILE E 88 29.53 -16.66 7.03
N GLY E 89 30.23 -16.90 8.15
CA GLY E 89 31.68 -17.00 8.16
C GLY E 89 32.42 -15.71 8.44
N GLU E 90 31.75 -14.57 8.50
CA GLU E 90 32.45 -13.33 8.78
C GLU E 90 33.05 -13.30 10.19
N LYS E 91 34.25 -12.72 10.29
CA LYS E 91 34.91 -12.53 11.57
C LYS E 91 34.50 -11.17 12.11
N VAL E 92 34.01 -11.13 13.35
CA VAL E 92 33.50 -9.91 13.94
C VAL E 92 34.06 -9.79 15.33
N GLY E 93 34.10 -8.56 15.82
CA GLY E 93 34.49 -8.29 17.19
C GLY E 93 35.91 -7.77 17.30
N ALA E 94 36.21 -7.21 18.48
CA ALA E 94 37.45 -6.48 18.72
C ALA E 94 38.64 -7.37 19.10
N GLY E 95 38.39 -8.64 19.42
CA GLY E 95 39.42 -9.56 19.87
C GLY E 95 39.07 -10.14 21.23
N GLY E 96 39.23 -11.45 21.38
CA GLY E 96 38.92 -12.08 22.65
C GLY E 96 38.77 -13.59 22.46
N CYS E 97 37.96 -14.19 23.33
CA CYS E 97 37.72 -15.61 23.22
C CYS E 97 37.08 -15.94 21.88
N GLU E 98 37.24 -17.20 21.49
CA GLU E 98 36.78 -17.70 20.20
C GLU E 98 35.31 -18.13 20.37
N VAL E 99 34.38 -17.40 19.73
CA VAL E 99 32.96 -17.70 19.88
C VAL E 99 32.31 -17.83 18.51
N ASP E 100 31.34 -18.74 18.41
CA ASP E 100 30.41 -18.74 17.30
C ASP E 100 29.25 -17.79 17.60
N ILE E 101 28.92 -16.94 16.63
CA ILE E 101 27.87 -15.93 16.77
C ILE E 101 26.70 -16.34 15.90
N ALA E 102 25.51 -16.41 16.51
CA ALA E 102 24.26 -16.51 15.77
C ALA E 102 23.54 -15.16 15.92
N LEU E 103 23.24 -14.53 14.79
CA LEU E 103 22.74 -13.16 14.74
C LEU E 103 21.44 -13.10 13.97
N ASP E 104 20.54 -12.22 14.42
CA ASP E 104 19.52 -11.68 13.53
C ASP E 104 19.39 -10.19 13.80
N PRO E 105 20.01 -9.35 12.97
CA PRO E 105 19.93 -7.89 13.19
C PRO E 105 18.50 -7.36 13.36
N LEU E 106 17.56 -7.84 12.56
CA LEU E 106 16.14 -7.50 12.71
C LEU E 106 15.32 -8.74 12.39
N GLU E 107 14.61 -9.24 13.39
CA GLU E 107 13.69 -10.36 13.24
C GLU E 107 12.27 -9.80 13.12
N GLY E 108 11.78 -9.67 11.89
CA GLY E 108 10.50 -9.03 11.63
C GLY E 108 10.71 -7.74 10.87
N THR E 109 11.31 -7.82 9.67
CA THR E 109 11.45 -6.64 8.83
C THR E 109 10.08 -6.19 8.31
N THR E 110 9.25 -7.13 7.83
CA THR E 110 7.89 -6.74 7.48
C THR E 110 7.11 -6.29 8.73
N ILE E 111 7.35 -6.94 9.88
CA ILE E 111 6.67 -6.53 11.11
C ILE E 111 7.00 -5.08 11.43
N THR E 112 8.28 -4.76 11.51
CA THR E 112 8.75 -3.41 11.83
C THR E 112 8.22 -2.40 10.82
N SER E 113 8.22 -2.74 9.52
CA SER E 113 7.77 -1.79 8.51
C SER E 113 6.31 -1.39 8.72
N LYS E 114 5.47 -2.33 9.19
CA LYS E 114 4.06 -2.09 9.47
C LYS E 114 3.80 -1.65 10.91
N GLY E 115 4.79 -1.77 11.81
CA GLY E 115 4.53 -1.55 13.21
C GLY E 115 3.75 -2.64 13.91
N GLY E 116 3.67 -3.83 13.32
CA GLY E 116 2.98 -4.95 13.92
C GLY E 116 3.75 -5.51 15.11
N ALA E 117 3.31 -6.68 15.58
CA ALA E 117 3.76 -7.28 16.82
C ALA E 117 4.97 -8.21 16.62
N ASN E 118 5.80 -8.32 17.66
CA ASN E 118 6.79 -9.39 17.85
C ASN E 118 8.12 -9.17 17.12
N ALA E 119 8.49 -7.95 16.75
CA ALA E 119 9.78 -7.75 16.09
C ALA E 119 10.86 -7.61 17.14
N LEU E 120 12.05 -8.15 16.85
CA LEU E 120 13.15 -8.23 17.82
C LEU E 120 14.49 -8.06 17.12
N THR E 121 15.50 -7.74 17.91
CA THR E 121 16.89 -7.85 17.52
C THR E 121 17.54 -8.88 18.42
N VAL E 122 18.33 -9.78 17.83
CA VAL E 122 18.74 -11.00 18.51
C VAL E 122 20.24 -11.23 18.28
N LEU E 123 20.94 -11.61 19.35
CA LEU E 123 22.35 -11.97 19.30
C LEU E 123 22.58 -13.15 20.25
N ALA E 124 23.01 -14.31 19.74
CA ALA E 124 23.41 -15.44 20.58
C ALA E 124 24.86 -15.84 20.32
N MET E 125 25.54 -16.24 21.39
CA MET E 125 26.95 -16.64 21.37
C MET E 125 27.10 -18.05 21.94
N ALA E 126 28.01 -18.82 21.35
CA ALA E 126 28.36 -20.12 21.90
C ALA E 126 29.81 -20.44 21.54
N ASP E 127 30.26 -21.62 21.99
CA ASP E 127 31.56 -22.17 21.60
C ASP E 127 31.44 -22.78 20.19
N LYS E 128 32.58 -23.10 19.57
CA LYS E 128 32.57 -23.68 18.21
C LYS E 128 31.68 -24.90 18.12
N GLY E 129 30.83 -24.92 17.08
CA GLY E 129 29.89 -25.98 16.88
C GLY E 129 28.67 -25.93 17.75
N GLY E 130 28.54 -24.92 18.63
CA GLY E 130 27.41 -24.89 19.55
C GLY E 130 26.05 -24.86 18.87
N PHE E 131 25.96 -24.17 17.73
CA PHE E 131 24.71 -24.04 17.03
C PHE E 131 24.65 -25.03 15.89
N LEU E 132 23.50 -25.66 15.73
CA LEU E 132 23.27 -26.44 14.52
C LEU E 132 23.61 -25.60 13.30
N ASN E 133 24.54 -26.12 12.50
CA ASN E 133 24.91 -25.53 11.23
C ASN E 133 24.03 -26.15 10.14
N ALA E 134 23.10 -25.36 9.61
CA ALA E 134 22.10 -25.85 8.68
C ALA E 134 21.90 -24.77 7.62
N PRO E 135 21.36 -25.15 6.45
CA PRO E 135 21.05 -24.14 5.45
C PRO E 135 19.82 -23.35 5.87
N ASP E 136 19.57 -22.27 5.14
CA ASP E 136 18.43 -21.40 5.42
C ASP E 136 17.19 -21.94 4.70
N VAL E 137 16.62 -22.99 5.30
CA VAL E 137 15.44 -23.68 4.79
C VAL E 137 14.35 -23.66 5.87
N TYR E 138 13.18 -24.21 5.56
CA TYR E 138 12.10 -24.24 6.55
C TYR E 138 12.37 -25.32 7.58
N MET E 139 11.68 -25.19 8.73
CA MET E 139 11.91 -26.08 9.85
C MET E 139 10.62 -26.26 10.64
N GLN E 140 10.12 -27.49 10.75
CA GLN E 140 9.06 -27.81 11.68
C GLN E 140 9.52 -27.54 13.11
N LYS E 141 8.66 -26.92 13.93
CA LYS E 141 9.02 -26.62 15.30
C LYS E 141 7.87 -26.99 16.24
N ILE E 142 8.23 -27.44 17.44
CA ILE E 142 7.30 -27.54 18.57
C ILE E 142 8.09 -27.29 19.85
N ALA E 143 7.54 -26.45 20.73
CA ALA E 143 8.27 -26.00 21.90
C ALA E 143 7.33 -25.78 23.06
N VAL E 144 7.80 -26.09 24.26
CA VAL E 144 7.07 -25.86 25.50
C VAL E 144 8.09 -25.41 26.54
N GLY E 145 7.64 -24.68 27.54
CA GLY E 145 8.53 -24.14 28.53
C GLY E 145 8.45 -24.89 29.84
N GLY E 146 9.47 -24.66 30.68
CA GLY E 146 9.47 -25.22 32.01
C GLY E 146 10.78 -25.89 32.35
N ILE E 147 11.29 -25.59 33.55
CA ILE E 147 12.57 -26.12 34.00
C ILE E 147 12.53 -27.64 34.17
N ASN E 148 11.38 -28.19 34.59
CA ASN E 148 11.29 -29.62 34.87
C ASN E 148 10.63 -30.42 33.73
N ALA E 149 10.38 -29.80 32.59
CA ALA E 149 9.81 -30.51 31.45
C ALA E 149 10.81 -31.56 30.97
N PRO E 150 10.46 -32.84 30.99
CA PRO E 150 11.39 -33.88 30.50
C PRO E 150 11.46 -33.88 28.97
N LYS E 151 12.62 -34.31 28.44
CA LYS E 151 12.70 -34.71 27.04
C LYS E 151 11.63 -35.76 26.75
N GLY E 152 11.09 -35.70 25.53
CA GLY E 152 9.96 -36.52 25.16
C GLY E 152 8.60 -35.91 25.43
N ILE E 153 8.54 -34.81 26.18
CA ILE E 153 7.27 -34.11 26.38
C ILE E 153 6.65 -33.70 25.04
N VAL E 154 7.47 -33.29 24.07
CA VAL E 154 7.01 -32.90 22.75
C VAL E 154 7.73 -33.74 21.71
N ASP E 155 6.98 -34.19 20.69
CA ASP E 155 7.47 -35.07 19.63
C ASP E 155 6.79 -34.60 18.36
N LEU E 156 7.60 -34.15 17.40
CA LEU E 156 7.08 -33.71 16.12
C LEU E 156 6.27 -34.83 15.45
N ASP E 157 6.69 -36.09 15.62
CA ASP E 157 6.05 -37.22 14.96
C ASP E 157 4.72 -37.60 15.59
N ASP E 158 4.45 -37.16 16.82
CA ASP E 158 3.20 -37.49 17.49
C ASP E 158 2.10 -36.51 17.07
N SER E 159 0.87 -36.88 17.35
CA SER E 159 -0.27 -36.05 16.98
C SER E 159 -0.35 -34.82 17.89
N VAL E 160 -0.99 -33.76 17.36
CA VAL E 160 -1.11 -32.51 18.09
C VAL E 160 -1.71 -32.75 19.48
N THR E 161 -2.83 -33.48 19.53
CA THR E 161 -3.52 -33.67 20.81
C THR E 161 -2.72 -34.55 21.76
N ASN E 162 -2.03 -35.57 21.24
CA ASN E 162 -1.19 -36.38 22.12
C ASN E 162 -0.11 -35.52 22.76
N ASN E 163 0.55 -34.68 21.97
CA ASN E 163 1.47 -33.68 22.51
C ASN E 163 0.75 -32.79 23.52
N LEU E 164 -0.45 -32.32 23.17
CA LEU E 164 -1.13 -31.39 24.06
C LEU E 164 -1.54 -32.07 25.37
N LYS E 165 -1.86 -33.36 25.33
CA LYS E 165 -2.26 -34.02 26.56
C LYS E 165 -1.07 -34.27 27.46
N ARG E 166 0.11 -34.52 26.89
CA ARG E 166 1.28 -34.64 27.75
C ARG E 166 1.59 -33.31 28.42
N ILE E 167 1.48 -32.21 27.68
CA ILE E 167 1.78 -30.86 28.20
C ILE E 167 0.78 -30.44 29.29
N ALA E 168 -0.51 -30.67 29.06
CA ALA E 168 -1.49 -30.37 30.10
C ALA E 168 -1.20 -31.15 31.37
N GLU E 169 -0.74 -32.40 31.21
CA GLU E 169 -0.55 -33.25 32.38
C GLU E 169 0.70 -32.80 33.14
N PHE E 170 1.73 -32.40 32.39
CA PHE E 170 2.92 -31.83 33.00
C PHE E 170 2.63 -30.46 33.64
N LYS E 171 1.82 -29.63 32.97
CA LYS E 171 1.49 -28.34 33.51
C LYS E 171 0.33 -28.39 34.50
N GLY E 172 -0.30 -29.55 34.68
CA GLY E 172 -1.32 -29.67 35.71
C GLY E 172 -2.59 -28.89 35.43
N VAL E 173 -2.91 -28.65 34.17
CA VAL E 173 -4.14 -27.97 33.82
C VAL E 173 -4.96 -28.84 32.88
N HIS E 174 -6.22 -28.48 32.76
CA HIS E 174 -7.08 -29.08 31.75
C HIS E 174 -6.62 -28.65 30.36
N MET E 175 -6.75 -29.57 29.38
CA MET E 175 -6.31 -29.25 28.03
C MET E 175 -6.97 -27.98 27.49
N SER E 176 -8.21 -27.70 27.89
CA SER E 176 -8.85 -26.51 27.34
C SER E 176 -8.29 -25.21 27.91
N ALA E 177 -7.48 -25.27 28.98
CA ALA E 177 -6.80 -24.08 29.50
C ALA E 177 -5.50 -23.78 28.78
N LEU E 178 -4.92 -24.78 28.10
CA LEU E 178 -3.69 -24.58 27.36
C LEU E 178 -3.91 -23.57 26.25
N VAL E 179 -2.93 -22.69 26.04
CA VAL E 179 -2.95 -21.74 24.94
C VAL E 179 -1.84 -22.12 23.98
N VAL E 180 -2.21 -22.47 22.76
CA VAL E 180 -1.28 -22.86 21.70
C VAL E 180 -1.11 -21.68 20.76
N CYS E 181 0.12 -21.35 20.40
CA CYS E 181 0.40 -20.25 19.48
C CYS E 181 1.00 -20.80 18.18
N THR E 182 0.60 -20.21 17.05
CA THR E 182 1.09 -20.59 15.74
C THR E 182 0.92 -19.40 14.80
N MET E 183 1.73 -19.38 13.74
CA MET E 183 1.61 -18.37 12.69
C MET E 183 0.36 -18.58 11.85
N ASP E 184 -0.18 -17.47 11.36
CA ASP E 184 -1.40 -17.44 10.53
C ASP E 184 -0.99 -17.70 9.10
N ARG E 185 -0.92 -18.97 8.72
CA ARG E 185 -0.50 -19.39 7.38
C ARG E 185 -1.36 -20.57 6.99
N PRO E 186 -1.63 -20.76 5.69
CA PRO E 186 -2.33 -22.00 5.27
C PRO E 186 -1.61 -23.27 5.71
N ARG E 187 -0.28 -23.28 5.77
CA ARG E 187 0.39 -24.52 6.16
C ARG E 187 0.08 -24.93 7.62
N HIS E 188 -0.48 -24.05 8.45
CA HIS E 188 -0.74 -24.43 9.84
C HIS E 188 -2.19 -24.72 10.13
N GLU E 189 -3.04 -24.76 9.10
CA GLU E 189 -4.47 -24.91 9.35
C GLU E 189 -4.80 -26.26 9.97
N HIS E 190 -4.08 -27.33 9.62
CA HIS E 190 -4.38 -28.61 10.28
C HIS E 190 -3.92 -28.60 11.73
N ILE E 191 -2.85 -27.88 12.05
CA ILE E 191 -2.48 -27.70 13.46
C ILE E 191 -3.58 -26.96 14.20
N ILE E 192 -4.02 -25.82 13.65
CA ILE E 192 -5.10 -25.05 14.27
C ILE E 192 -6.32 -25.94 14.45
N LYS E 193 -6.77 -26.58 13.37
CA LYS E 193 -8.00 -27.37 13.41
C LYS E 193 -7.87 -28.56 14.35
N GLU E 194 -6.73 -29.27 14.29
CA GLU E 194 -6.48 -30.43 15.15
C GLU E 194 -6.41 -30.04 16.62
N ALA E 195 -5.64 -28.99 16.95
CA ALA E 195 -5.55 -28.54 18.34
C ALA E 195 -6.92 -28.17 18.90
N ARG E 196 -7.79 -27.57 18.08
CA ARG E 196 -9.07 -27.10 18.57
C ARG E 196 -10.14 -28.19 18.67
N GLU E 197 -9.97 -29.33 17.97
CA GLU E 197 -10.94 -30.43 18.02
C GLU E 197 -11.24 -30.86 19.46
N CYS E 198 -10.18 -31.04 20.26
CA CYS E 198 -10.27 -31.57 21.62
C CYS E 198 -10.18 -30.48 22.69
N GLY E 199 -10.46 -29.23 22.34
CA GLY E 199 -10.75 -28.23 23.35
C GLY E 199 -9.68 -27.22 23.63
N ALA E 200 -8.52 -27.31 23.00
CA ALA E 200 -7.48 -26.35 23.31
C ALA E 200 -7.74 -25.03 22.60
N ARG E 201 -7.07 -23.99 23.06
CA ARG E 201 -7.16 -22.69 22.44
C ARG E 201 -5.90 -22.44 21.62
N VAL E 202 -6.09 -21.91 20.42
CA VAL E 202 -4.98 -21.61 19.52
C VAL E 202 -5.07 -20.16 19.11
N ILE E 203 -4.03 -19.39 19.41
CA ILE E 203 -3.98 -17.99 18.98
C ILE E 203 -2.94 -17.84 17.88
N LEU E 204 -3.20 -16.88 17.00
CA LEU E 204 -2.43 -16.69 15.78
C LEU E 204 -1.59 -15.43 15.86
N ILE E 205 -0.35 -15.52 15.40
CA ILE E 205 0.45 -14.34 15.17
C ILE E 205 0.63 -14.23 13.65
N ASN E 206 0.73 -13.00 13.16
CA ASN E 206 1.00 -12.82 11.74
C ASN E 206 2.45 -13.10 11.38
N ASP E 207 3.36 -12.95 12.33
CA ASP E 207 4.78 -13.16 12.07
C ASP E 207 5.51 -13.19 13.40
N GLY E 208 6.76 -13.65 13.34
CA GLY E 208 7.65 -13.57 14.48
C GLY E 208 7.63 -14.82 15.34
N ASP E 209 8.13 -15.95 14.81
CA ASP E 209 8.13 -17.18 15.60
C ASP E 209 9.42 -17.36 16.40
N VAL E 210 10.34 -16.41 16.36
CA VAL E 210 11.37 -16.38 17.39
C VAL E 210 10.74 -15.97 18.71
N SER E 211 10.03 -14.85 18.70
CA SER E 211 9.23 -14.44 19.85
C SER E 211 8.26 -15.55 20.25
N GLY E 212 7.58 -16.17 19.28
CA GLY E 212 6.51 -17.11 19.60
C GLY E 212 7.00 -18.36 20.32
N VAL E 213 8.16 -18.88 19.90
CA VAL E 213 8.73 -20.04 20.61
C VAL E 213 9.18 -19.63 22.01
N ILE E 214 9.93 -18.51 22.12
CA ILE E 214 10.47 -18.11 23.42
C ILE E 214 9.36 -17.74 24.38
N ALA E 215 8.23 -17.26 23.85
CA ALA E 215 7.09 -16.91 24.68
C ALA E 215 6.68 -18.06 25.58
N THR E 216 6.88 -19.30 25.11
CA THR E 216 6.47 -20.47 25.88
C THR E 216 7.18 -20.53 27.20
N ALA E 217 8.36 -19.90 27.29
CA ALA E 217 9.16 -19.94 28.50
C ALA E 217 9.27 -18.58 29.19
N THR E 218 8.55 -17.57 28.72
CA THR E 218 8.59 -16.22 29.27
C THR E 218 7.41 -16.05 30.20
N GLU E 219 7.65 -15.58 31.42
CA GLU E 219 6.56 -15.53 32.37
C GLU E 219 5.54 -14.46 31.97
N ASN E 220 4.27 -14.81 32.16
CA ASN E 220 3.12 -13.98 31.88
C ASN E 220 2.92 -13.71 30.39
N SER E 221 3.53 -14.51 29.52
CA SER E 221 3.26 -14.33 28.11
C SER E 221 1.85 -14.80 27.75
N GLY E 222 1.28 -15.74 28.51
CA GLY E 222 -0.02 -16.27 28.17
C GLY E 222 -0.01 -17.35 27.11
N ILE E 223 1.18 -17.85 26.73
CA ILE E 223 1.38 -18.81 25.66
C ILE E 223 2.05 -20.04 26.24
N ASP E 224 1.41 -21.21 26.11
CA ASP E 224 1.99 -22.43 26.69
C ASP E 224 2.78 -23.24 25.70
N VAL E 225 2.37 -23.28 24.45
CA VAL E 225 2.99 -24.16 23.48
C VAL E 225 3.09 -23.39 22.17
N TYR E 226 4.16 -23.63 21.42
CA TYR E 226 4.25 -23.20 20.03
C TYR E 226 4.34 -24.44 19.15
N ILE E 227 3.57 -24.46 18.08
CA ILE E 227 3.63 -25.52 17.07
C ILE E 227 3.54 -24.84 15.72
N GLY E 228 4.57 -24.97 14.91
CA GLY E 228 4.60 -24.24 13.66
C GLY E 228 5.81 -24.62 12.85
N THR E 229 5.79 -24.16 11.60
CA THR E 229 6.86 -24.30 10.63
C THR E 229 7.35 -22.92 10.24
N GLY E 230 8.64 -22.67 10.42
CA GLY E 230 9.24 -21.41 10.04
C GLY E 230 10.70 -21.57 9.66
N GLY E 231 11.47 -20.49 9.72
CA GLY E 231 12.86 -20.55 9.30
C GLY E 231 13.72 -21.40 10.22
N ALA E 232 14.73 -22.05 9.62
CA ALA E 232 15.72 -22.80 10.42
C ALA E 232 16.53 -21.90 11.32
N PRO E 233 17.14 -20.78 10.85
CA PRO E 233 17.97 -19.98 11.77
C PRO E 233 17.19 -19.41 12.93
N GLU E 234 15.94 -19.01 12.67
CA GLU E 234 15.03 -18.57 13.72
C GLU E 234 14.80 -19.66 14.75
N GLY E 235 14.60 -20.90 14.30
CA GLY E 235 14.45 -21.99 15.23
C GLY E 235 15.68 -22.20 16.10
N VAL E 236 16.86 -22.04 15.50
CA VAL E 236 18.08 -22.17 16.31
C VAL E 236 18.14 -21.08 17.37
N LEU E 237 17.90 -19.83 16.95
CA LEU E 237 17.96 -18.72 17.88
C LEU E 237 16.97 -18.92 19.03
N ALA E 238 15.73 -19.30 18.71
CA ALA E 238 14.77 -19.63 19.75
C ALA E 238 15.28 -20.77 20.62
N ALA E 239 15.88 -21.79 20.00
CA ALA E 239 16.45 -22.89 20.79
C ALA E 239 17.51 -22.37 21.76
N ALA E 240 18.30 -21.39 21.33
CA ALA E 240 19.35 -20.86 22.19
C ALA E 240 18.77 -20.22 23.45
N ALA E 241 17.62 -19.55 23.30
CA ALA E 241 17.01 -18.86 24.44
C ALA E 241 16.32 -19.86 25.38
N LEU E 242 15.54 -20.80 24.82
CA LEU E 242 14.92 -21.83 25.66
C LEU E 242 15.92 -22.67 26.42
N LYS E 243 17.09 -22.91 25.83
CA LYS E 243 18.14 -23.63 26.54
C LYS E 243 18.48 -22.91 27.83
N CYS E 244 18.51 -21.57 27.79
CA CYS E 244 18.77 -20.78 28.98
C CYS E 244 17.57 -20.71 29.91
N LEU E 245 16.36 -20.57 29.37
CA LEU E 245 15.17 -20.36 30.18
C LEU E 245 14.61 -21.65 30.77
N GLY E 246 15.03 -22.82 30.28
CA GLY E 246 14.33 -24.04 30.62
C GLY E 246 13.22 -24.30 29.63
N GLY E 247 13.27 -25.44 28.94
CA GLY E 247 12.21 -25.78 28.02
C GLY E 247 12.57 -27.03 27.25
N GLN E 248 11.69 -27.38 26.30
CA GLN E 248 11.98 -28.45 25.35
C GLN E 248 11.55 -27.99 23.98
N MET E 249 12.23 -28.51 22.96
CA MET E 249 11.95 -28.15 21.58
C MET E 249 12.35 -29.31 20.70
N GLN E 250 11.49 -29.67 19.75
CA GLN E 250 11.87 -30.54 18.66
C GLN E 250 11.72 -29.78 17.35
N ALA E 251 12.63 -30.10 16.41
CA ALA E 251 12.71 -29.49 15.11
C ALA E 251 13.03 -30.56 14.07
N ARG E 252 12.62 -30.30 12.85
CA ARG E 252 13.03 -31.09 11.71
C ARG E 252 13.17 -30.11 10.56
N LEU E 253 14.19 -30.30 9.74
CA LEU E 253 14.43 -29.43 8.59
C LEU E 253 13.64 -29.93 7.40
N ILE E 254 13.27 -29.00 6.52
CA ILE E 254 12.47 -29.29 5.32
C ILE E 254 13.29 -28.92 4.10
N PHE E 255 13.43 -29.86 3.17
CA PHE E 255 14.15 -29.66 1.91
C PHE E 255 13.17 -29.88 0.77
N ASN E 256 12.74 -28.80 0.11
CA ASN E 256 11.85 -28.94 -1.03
C ASN E 256 12.61 -29.02 -2.36
N ASP E 257 13.86 -28.56 -2.38
CA ASP E 257 14.71 -28.41 -3.55
C ASP E 257 16.06 -29.09 -3.33
N GLU E 258 16.46 -29.88 -4.33
CA GLU E 258 17.71 -30.64 -4.28
C GLU E 258 19.00 -29.82 -4.13
N GLU E 259 19.06 -28.52 -4.47
CA GLU E 259 20.30 -27.85 -4.09
C GLU E 259 20.39 -27.79 -2.57
N GLU E 260 19.23 -27.68 -1.89
CA GLU E 260 19.22 -27.61 -0.43
C GLU E 260 19.69 -28.93 0.17
N ILE E 261 19.30 -30.05 -0.45
CA ILE E 261 19.82 -31.34 -0.01
C ILE E 261 21.34 -31.38 -0.18
N LYS E 262 21.83 -31.04 -1.37
CA LYS E 262 23.28 -30.97 -1.57
C LYS E 262 23.91 -29.93 -0.63
N ARG E 263 23.26 -28.78 -0.49
CA ARG E 263 23.74 -27.71 0.38
C ARG E 263 23.82 -28.17 1.83
N ALA E 264 22.85 -28.97 2.29
CA ALA E 264 22.88 -29.49 3.65
C ALA E 264 23.93 -30.59 3.82
N HIS E 265 24.23 -31.33 2.75
CA HIS E 265 25.28 -32.34 2.83
C HIS E 265 26.66 -31.72 2.98
N ARG E 266 26.88 -30.55 2.35
CA ARG E 266 28.15 -29.85 2.50
C ARG E 266 28.38 -29.36 3.92
N LEU E 267 27.32 -29.00 4.64
CA LEU E 267 27.46 -28.63 6.04
C LEU E 267 27.59 -29.83 6.95
N GLY E 268 27.42 -31.04 6.42
CA GLY E 268 27.66 -32.24 7.19
C GLY E 268 26.42 -32.94 7.72
N ILE E 269 25.28 -32.74 7.07
CA ILE E 269 24.03 -33.37 7.51
C ILE E 269 23.87 -34.68 6.73
N THR E 270 23.87 -35.80 7.46
CA THR E 270 23.70 -37.15 6.90
C THR E 270 22.23 -37.47 6.68
N ASP E 271 21.38 -37.14 7.66
CA ASP E 271 19.97 -37.56 7.73
C ASP E 271 19.05 -36.36 7.51
N LEU E 272 18.52 -36.23 6.29
CA LEU E 272 17.56 -35.16 5.98
C LEU E 272 16.31 -35.22 6.85
N ASN E 273 16.07 -36.33 7.53
CA ASN E 273 14.87 -36.49 8.33
C ASN E 273 15.17 -36.51 9.83
N LYS E 274 16.37 -36.10 10.23
CA LYS E 274 16.67 -36.04 11.66
C LYS E 274 15.68 -35.12 12.39
N LYS E 275 15.25 -35.57 13.55
CA LYS E 275 14.55 -34.76 14.55
C LYS E 275 15.57 -34.23 15.55
N TYR E 276 15.65 -32.92 15.70
CA TYR E 276 16.61 -32.31 16.61
C TYR E 276 15.92 -31.90 17.90
N ASP E 277 16.29 -32.55 19.00
CA ASP E 277 16.08 -32.02 20.35
C ASP E 277 16.78 -30.69 20.57
N ILE E 278 16.40 -30.03 21.66
CA ILE E 278 16.88 -28.68 21.91
C ILE E 278 18.40 -28.65 22.03
N ASP E 279 18.99 -29.70 22.62
CA ASP E 279 20.45 -29.77 22.71
C ASP E 279 21.13 -29.98 21.36
N ASP E 280 20.43 -30.52 20.36
CA ASP E 280 21.01 -30.63 19.03
C ASP E 280 21.00 -29.30 18.27
N LEU E 281 20.24 -28.32 18.75
CA LEU E 281 20.12 -27.05 18.05
C LEU E 281 21.08 -25.99 18.60
N ALA E 282 21.23 -25.94 19.92
CA ALA E 282 22.15 -25.00 20.55
C ALA E 282 22.70 -25.71 21.77
N SER E 283 24.01 -25.91 21.81
CA SER E 283 24.60 -26.75 22.84
C SER E 283 25.69 -25.98 23.58
N GLY E 284 25.91 -26.36 24.84
CA GLY E 284 27.07 -25.91 25.56
C GLY E 284 26.85 -24.60 26.29
N ASP E 285 27.88 -23.76 26.32
CA ASP E 285 27.85 -22.48 27.04
C ASP E 285 27.26 -21.42 26.10
N ILE E 286 26.02 -21.04 26.34
CA ILE E 286 25.29 -20.20 25.41
C ILE E 286 24.96 -18.88 26.08
N VAL E 287 25.16 -17.79 25.36
CA VAL E 287 24.64 -16.48 25.75
C VAL E 287 23.55 -16.11 24.75
N PHE E 288 22.43 -15.59 25.25
CA PHE E 288 21.36 -15.10 24.40
C PHE E 288 20.96 -13.69 24.85
N ALA E 289 20.91 -12.77 23.87
CA ALA E 289 20.45 -11.41 24.07
C ALA E 289 19.40 -11.06 23.03
N ALA E 290 18.42 -10.26 23.44
CA ALA E 290 17.41 -9.75 22.53
C ALA E 290 16.83 -8.46 23.09
N THR E 291 16.47 -7.54 22.18
CA THR E 291 15.75 -6.32 22.50
C THR E 291 14.48 -6.24 21.67
N GLY E 292 13.40 -5.78 22.28
CA GLY E 292 12.16 -5.64 21.53
C GLY E 292 12.20 -4.45 20.59
N VAL E 293 11.68 -4.63 19.39
CA VAL E 293 11.50 -3.52 18.48
C VAL E 293 10.10 -2.96 18.59
N THR E 294 9.11 -3.83 18.43
CA THR E 294 7.71 -3.51 18.65
C THR E 294 7.20 -4.38 19.78
N ASP E 295 6.06 -4.01 20.34
CA ASP E 295 5.48 -4.81 21.40
C ASP E 295 5.18 -6.21 20.88
N GLY E 296 5.50 -7.22 21.68
CA GLY E 296 5.26 -8.58 21.25
C GLY E 296 5.04 -9.47 22.43
N ASN E 297 4.77 -10.75 22.14
CA ASN E 297 4.43 -11.68 23.20
C ASN E 297 5.65 -12.15 23.99
N MET E 298 6.83 -11.57 23.75
CA MET E 298 7.98 -11.88 24.61
C MET E 298 8.60 -10.63 25.23
N LEU E 299 8.68 -9.53 24.46
CA LEU E 299 9.25 -8.27 24.91
C LEU E 299 8.37 -7.13 24.45
N GLN E 300 8.40 -6.03 25.22
CA GLN E 300 7.77 -4.82 24.73
C GLN E 300 8.77 -4.01 23.89
N GLY E 301 8.22 -3.17 22.99
CA GLY E 301 9.00 -2.45 22.02
C GLY E 301 9.51 -1.12 22.50
N VAL E 302 10.38 -0.53 21.67
CA VAL E 302 10.94 0.79 21.93
C VAL E 302 9.83 1.85 22.06
N LYS E 303 10.03 2.81 22.96
CA LYS E 303 9.04 3.84 23.19
C LYS E 303 9.68 5.20 23.48
N ARG E 304 9.08 6.24 22.89
CA ARG E 304 9.39 7.61 23.25
C ARG E 304 8.82 7.93 24.63
N VAL E 305 9.67 8.42 25.51
CA VAL E 305 9.23 8.85 26.81
C VAL E 305 9.75 10.25 27.02
N ASN E 306 8.86 11.15 27.41
CA ASN E 306 9.17 12.47 27.94
C ASN E 306 8.68 12.64 29.36
N SER E 307 9.60 13.12 30.19
CA SER E 307 9.36 13.47 31.59
C SER E 307 10.20 14.69 31.89
N THR E 308 9.94 15.32 33.04
CA THR E 308 10.73 16.49 33.39
C THR E 308 12.01 16.15 34.14
N ARG E 309 12.03 15.08 34.94
CA ARG E 309 13.26 14.71 35.66
C ARG E 309 14.43 14.57 34.69
N ARG E 310 14.24 13.78 33.64
CA ARG E 310 15.28 13.36 32.73
C ARG E 310 15.15 13.95 31.33
N GLY E 311 13.96 14.35 30.92
CA GLY E 311 13.81 14.91 29.60
C GLY E 311 13.26 13.90 28.62
N SER E 312 13.81 13.93 27.41
CA SER E 312 13.36 13.07 26.33
C SER E 312 14.30 11.88 26.24
N TYR E 313 13.73 10.68 26.15
CA TYR E 313 14.55 9.52 25.93
C TYR E 313 13.71 8.46 25.21
N ALA E 314 14.42 7.54 24.57
CA ALA E 314 13.87 6.30 24.06
C ALA E 314 14.13 5.21 25.09
N VAL E 315 13.10 4.43 25.42
CA VAL E 315 13.25 3.30 26.35
C VAL E 315 13.23 1.98 25.56
N THR E 316 14.25 1.14 25.78
CA THR E 316 14.30 -0.21 25.21
C THR E 316 14.11 -1.26 26.30
N HIS E 317 13.60 -2.42 25.90
CA HIS E 317 13.40 -3.57 26.78
C HIS E 317 14.15 -4.76 26.22
N SER E 318 15.09 -5.26 27.00
CA SER E 318 15.93 -6.34 26.53
C SER E 318 16.05 -7.40 27.58
N VAL E 319 16.53 -8.55 27.14
CA VAL E 319 16.74 -9.69 28.01
C VAL E 319 18.09 -10.28 27.63
N VAL E 320 18.93 -10.57 28.61
CA VAL E 320 20.16 -11.30 28.36
C VAL E 320 20.23 -12.45 29.36
N MET E 321 20.75 -13.60 28.92
CA MET E 321 20.66 -14.85 29.66
C MET E 321 21.81 -15.79 29.28
N ARG E 322 22.13 -16.70 30.19
CA ARG E 322 23.26 -17.60 30.02
C ARG E 322 22.86 -19.00 30.46
N SER E 323 23.16 -20.01 29.62
CA SER E 323 22.72 -21.38 29.90
C SER E 323 23.49 -21.98 31.07
N THR E 324 24.79 -21.70 31.17
CA THR E 324 25.61 -22.35 32.19
C THR E 324 25.16 -21.96 33.60
N THR E 325 25.06 -20.65 33.88
CA THR E 325 24.64 -20.18 35.20
C THR E 325 23.13 -20.08 35.35
N LYS E 326 22.38 -20.07 34.23
CA LYS E 326 20.93 -19.93 34.19
C LYS E 326 20.45 -18.54 34.64
N THR E 327 21.38 -17.59 34.82
CA THR E 327 21.00 -16.22 35.18
C THR E 327 20.30 -15.54 34.01
N VAL E 328 19.17 -14.89 34.30
CA VAL E 328 18.35 -14.20 33.31
C VAL E 328 18.22 -12.76 33.75
N ARG E 329 18.60 -11.83 32.88
CA ARG E 329 18.53 -10.41 33.20
C ARG E 329 17.54 -9.70 32.29
N HIS E 330 16.63 -8.95 32.89
CA HIS E 330 15.71 -8.08 32.17
C HIS E 330 16.22 -6.65 32.28
N ILE E 331 16.48 -6.02 31.14
CA ILE E 331 17.13 -4.71 31.10
C ILE E 331 16.19 -3.70 30.45
N THR E 332 15.82 -2.68 31.21
CA THR E 332 15.10 -1.52 30.69
C THR E 332 16.06 -0.34 30.62
N ALA E 333 16.29 0.18 29.42
CA ALA E 333 17.31 1.20 29.24
C ALA E 333 16.67 2.49 28.77
N GLU E 334 17.15 3.59 29.33
CA GLU E 334 16.77 4.92 28.92
C GLU E 334 17.91 5.49 28.09
N HIS E 335 17.61 5.78 26.84
CA HIS E 335 18.61 6.26 25.89
C HIS E 335 18.24 7.70 25.59
N SER E 336 19.12 8.63 25.97
CA SER E 336 18.88 10.04 25.76
C SER E 336 18.70 10.34 24.28
N PHE E 337 17.70 11.17 23.96
CA PHE E 337 17.54 11.65 22.60
C PHE E 337 16.71 12.92 22.60
N ASP E 338 17.03 13.81 21.67
CA ASP E 338 16.25 15.01 21.47
C ASP E 338 15.31 14.74 20.31
N PHE E 339 14.02 14.70 20.58
CA PHE E 339 13.13 14.34 19.50
C PHE E 339 12.75 15.53 18.63
N LYS E 340 13.36 16.69 18.90
CA LYS E 340 13.27 17.79 17.95
C LYS E 340 14.06 17.49 16.67
N GLU E 341 15.11 16.66 16.75
CA GLU E 341 15.78 16.22 15.53
C GLU E 341 15.00 15.08 14.87
N GLY E 342 15.41 14.75 13.65
CA GLY E 342 14.83 13.58 12.98
C GLY E 342 15.04 12.31 13.78
N ILE E 343 14.07 11.40 13.68
CA ILE E 343 14.15 10.13 14.40
C ILE E 343 15.30 9.29 13.86
N GLU E 344 15.57 9.40 12.54
CA GLU E 344 16.52 8.52 11.84
C GLU E 344 18.00 8.81 12.22
N LYS E 345 18.18 9.72 13.17
CA LYS E 345 19.45 9.91 13.86
C LYS E 345 19.75 8.79 14.85
N PHE E 346 18.82 7.83 15.02
CA PHE E 346 19.07 6.59 15.76
C PHE E 346 19.73 5.50 14.90
N MET E 347 19.92 5.74 13.61
CA MET E 347 20.71 4.83 12.78
C MET E 347 22.20 5.09 13.01
N SER E 348 23.03 4.13 12.59
CA SER E 348 24.48 4.29 12.64
C SER E 348 24.95 5.41 11.71
N LYS F 24 -21.63 8.74 41.82
CA LYS F 24 -22.15 7.45 42.25
C LYS F 24 -21.83 6.35 41.24
N VAL F 25 -21.85 5.10 41.72
CA VAL F 25 -21.88 3.86 40.92
C VAL F 25 -20.76 3.71 39.90
N ALA F 26 -19.59 4.28 40.18
CA ALA F 26 -18.48 4.21 39.23
C ALA F 26 -17.75 2.87 39.25
N LEU F 27 -17.09 2.55 40.38
CA LEU F 27 -16.34 1.29 40.55
C LEU F 27 -17.15 0.03 40.31
N GLU F 28 -18.44 0.04 40.62
CA GLU F 28 -19.35 -1.00 40.13
C GLU F 28 -19.09 -1.42 38.67
N ALA F 29 -18.84 -0.47 37.77
CA ALA F 29 -18.82 -0.82 36.35
C ALA F 29 -17.71 -1.81 36.04
N VAL F 30 -16.57 -1.70 36.75
CA VAL F 30 -15.41 -2.51 36.39
C VAL F 30 -15.70 -3.98 36.62
N ARG F 31 -16.48 -4.30 37.65
CA ARG F 31 -16.89 -5.68 37.87
C ARG F 31 -17.63 -6.24 36.66
N VAL F 32 -18.32 -5.38 35.91
CA VAL F 32 -19.06 -5.81 34.73
C VAL F 32 -18.12 -6.17 33.59
N THR F 33 -17.22 -5.25 33.24
CA THR F 33 -16.28 -5.49 32.16
C THR F 33 -15.39 -6.68 32.49
N GLU F 34 -14.94 -6.77 33.75
CA GLU F 34 -14.12 -7.89 34.21
C GLU F 34 -14.78 -9.23 33.94
N LEU F 35 -16.04 -9.38 34.35
CA LEU F 35 -16.72 -10.64 34.13
C LEU F 35 -16.97 -10.89 32.66
N ALA F 36 -17.33 -9.83 31.90
CA ALA F 36 -17.49 -9.99 30.47
C ALA F 36 -16.16 -10.39 29.81
N ALA F 37 -15.03 -9.88 30.34
CA ALA F 37 -13.73 -10.27 29.80
C ALA F 37 -13.36 -11.70 30.18
N LEU F 38 -13.78 -12.19 31.34
CA LEU F 38 -13.42 -13.56 31.68
C LEU F 38 -14.22 -14.55 30.85
N ALA F 39 -15.48 -14.23 30.56
CA ALA F 39 -16.25 -15.06 29.65
C ALA F 39 -15.66 -15.05 28.26
N SER F 40 -15.34 -13.85 27.73
CA SER F 40 -14.75 -13.77 26.38
C SER F 40 -13.48 -14.59 26.28
N TRP F 41 -12.70 -14.57 27.36
CA TRP F 41 -11.43 -15.26 27.40
C TRP F 41 -11.60 -16.77 27.30
N SER F 42 -12.69 -17.30 27.88
CA SER F 42 -12.93 -18.74 27.78
C SER F 42 -13.03 -19.18 26.33
N GLN F 43 -13.33 -18.26 25.43
CA GLN F 43 -13.50 -18.54 24.01
C GLN F 43 -12.37 -17.96 23.18
N MET F 44 -11.35 -17.37 23.81
CA MET F 44 -10.22 -16.87 23.04
C MET F 44 -9.55 -18.01 22.28
N GLY F 45 -9.25 -17.77 21.00
CA GLY F 45 -8.47 -18.74 20.26
C GLY F 45 -9.22 -20.02 20.01
N ARG F 46 -10.52 -19.92 20.07
CA ARG F 46 -11.40 -21.05 19.91
C ARG F 46 -11.88 -21.15 18.47
N GLY F 47 -11.79 -20.06 17.71
CA GLY F 47 -12.20 -20.04 16.31
C GLY F 47 -13.65 -19.71 16.06
N ASP F 48 -14.38 -19.25 17.06
CA ASP F 48 -15.85 -19.14 17.03
C ASP F 48 -16.29 -17.75 17.50
N LYS F 49 -16.44 -16.81 16.57
CA LYS F 49 -16.73 -15.44 16.97
C LYS F 49 -18.13 -15.29 17.55
N ILE F 50 -19.08 -16.14 17.14
CA ILE F 50 -20.42 -16.11 17.73
C ILE F 50 -20.36 -16.54 19.20
N ALA F 51 -19.64 -17.63 19.48
CA ALA F 51 -19.59 -18.13 20.84
C ALA F 51 -18.77 -17.23 21.73
N ALA F 52 -17.84 -16.45 21.16
CA ALA F 52 -17.16 -15.45 21.96
C ALA F 52 -18.11 -14.34 22.35
N ASP F 53 -18.80 -13.75 21.36
CA ASP F 53 -19.71 -12.63 21.63
C ASP F 53 -20.80 -13.04 22.61
N GLN F 54 -21.44 -14.19 22.35
CA GLN F 54 -22.53 -14.64 23.20
C GLN F 54 -22.08 -14.80 24.65
N ALA F 55 -20.89 -15.37 24.87
CA ALA F 55 -20.37 -15.49 26.23
C ALA F 55 -20.28 -14.12 26.89
N ALA F 56 -19.75 -13.14 26.18
CA ALA F 56 -19.58 -11.82 26.79
C ALA F 56 -20.93 -11.15 27.02
N VAL F 57 -21.87 -11.30 26.09
CA VAL F 57 -23.20 -10.71 26.25
C VAL F 57 -23.87 -11.28 27.50
N ASP F 58 -23.94 -12.61 27.62
CA ASP F 58 -24.57 -13.23 28.79
C ASP F 58 -23.92 -12.72 30.08
N ALA F 59 -22.57 -12.73 30.10
CA ALA F 59 -21.86 -12.35 31.31
C ALA F 59 -22.06 -10.88 31.62
N MET F 60 -22.04 -10.02 30.60
CA MET F 60 -22.25 -8.60 30.84
C MET F 60 -23.68 -8.31 31.29
N ARG F 61 -24.68 -8.87 30.59
CA ARG F 61 -26.05 -8.61 31.03
C ARG F 61 -26.29 -9.10 32.45
N LYS F 62 -25.86 -10.32 32.75
CA LYS F 62 -26.11 -10.87 34.07
C LYS F 62 -25.43 -10.01 35.15
N ALA F 63 -24.21 -9.52 34.87
CA ALA F 63 -23.51 -8.70 35.84
C ALA F 63 -24.03 -7.26 35.86
N LEU F 64 -24.53 -6.78 34.71
CA LEU F 64 -25.12 -5.44 34.63
C LEU F 64 -26.45 -5.36 35.37
N ASN F 65 -27.11 -6.49 35.60
CA ASN F 65 -28.37 -6.50 36.31
C ASN F 65 -28.20 -6.43 37.82
N GLU F 66 -26.98 -6.21 38.30
CA GLU F 66 -26.73 -6.04 39.72
C GLU F 66 -26.14 -4.69 40.08
N VAL F 67 -25.81 -3.85 39.10
CA VAL F 67 -25.37 -2.49 39.36
C VAL F 67 -26.60 -1.65 39.70
N ASP F 68 -26.47 -0.80 40.73
CA ASP F 68 -27.60 -0.01 41.22
C ASP F 68 -27.79 1.24 40.36
N ILE F 69 -28.28 1.02 39.14
CA ILE F 69 -28.60 2.10 38.21
C ILE F 69 -29.97 1.84 37.60
N ASP F 70 -30.53 2.88 36.99
CA ASP F 70 -31.71 2.77 36.15
C ASP F 70 -31.26 3.09 34.74
N GLY F 71 -30.72 2.07 34.06
CA GLY F 71 -30.02 2.27 32.82
C GLY F 71 -30.88 2.04 31.59
N THR F 72 -30.56 2.80 30.55
CA THR F 72 -31.12 2.65 29.22
C THR F 72 -29.99 2.44 28.21
N VAL F 73 -30.04 1.34 27.47
CA VAL F 73 -29.03 1.06 26.46
C VAL F 73 -29.23 1.99 25.29
N VAL F 74 -28.24 2.86 25.05
CA VAL F 74 -28.21 3.73 23.89
C VAL F 74 -27.21 3.23 22.86
N ILE F 75 -26.27 2.38 23.26
CA ILE F 75 -25.31 1.73 22.37
C ILE F 75 -25.04 0.32 22.89
N GLY F 76 -25.19 -0.67 22.03
CA GLY F 76 -25.15 -2.07 22.45
C GLY F 76 -24.88 -2.97 21.25
N GLU F 77 -25.35 -4.21 21.32
CA GLU F 77 -25.17 -5.13 20.19
C GLU F 77 -26.34 -5.07 19.22
N GLY F 78 -26.94 -3.89 19.00
CA GLY F 78 -27.92 -3.68 17.94
C GLY F 78 -29.31 -3.38 18.48
N GLU F 79 -30.28 -3.36 17.57
CA GLU F 79 -31.69 -3.21 17.89
C GLU F 79 -32.32 -4.58 18.14
N LEU F 80 -33.45 -4.56 18.88
CA LEU F 80 -34.06 -5.81 19.36
C LEU F 80 -34.46 -6.77 18.23
N ASP F 81 -34.76 -6.24 17.04
CA ASP F 81 -34.96 -7.12 15.90
C ASP F 81 -33.79 -8.07 15.74
N GLU F 82 -32.61 -7.62 16.13
CA GLU F 82 -31.37 -8.22 15.69
C GLU F 82 -30.37 -8.52 16.80
N ALA F 83 -30.58 -7.98 18.00
CA ALA F 83 -30.02 -8.59 19.20
C ALA F 83 -31.11 -8.92 20.22
N PRO F 84 -31.27 -10.17 20.64
CA PRO F 84 -32.21 -10.47 21.73
C PRO F 84 -31.76 -9.98 23.09
N MET F 85 -30.58 -9.39 23.20
CA MET F 85 -29.98 -9.08 24.49
C MET F 85 -29.10 -7.86 24.36
N LEU F 86 -29.18 -7.00 25.37
CA LEU F 86 -28.49 -5.71 25.40
C LEU F 86 -28.76 -4.92 24.12
N TYR F 87 -30.04 -4.78 23.76
CA TYR F 87 -30.40 -4.09 22.54
C TYR F 87 -30.63 -2.60 22.79
N ILE F 88 -30.67 -1.85 21.70
CA ILE F 88 -30.92 -0.42 21.76
C ILE F 88 -32.28 -0.20 22.41
N GLY F 89 -32.30 0.31 23.63
CA GLY F 89 -33.51 0.70 24.30
C GLY F 89 -33.84 -0.10 25.53
N GLU F 90 -33.22 -1.25 25.71
CA GLU F 90 -33.51 -2.09 26.86
C GLU F 90 -33.15 -1.36 28.15
N LYS F 91 -33.95 -1.61 29.19
CA LYS F 91 -33.67 -1.07 30.50
C LYS F 91 -32.90 -2.13 31.29
N VAL F 92 -31.73 -1.73 31.82
CA VAL F 92 -30.90 -2.63 32.60
C VAL F 92 -30.62 -1.94 33.92
N GLY F 93 -30.19 -2.75 34.88
CA GLY F 93 -29.88 -2.23 36.19
C GLY F 93 -30.75 -2.86 37.25
N ALA F 94 -30.30 -2.78 38.50
CA ALA F 94 -31.12 -3.20 39.63
C ALA F 94 -31.96 -2.07 40.20
N GLY F 95 -31.69 -0.83 39.79
CA GLY F 95 -32.46 0.32 40.26
C GLY F 95 -31.59 1.41 40.87
N GLY F 96 -31.83 2.65 40.46
CA GLY F 96 -31.05 3.77 40.98
C GLY F 96 -31.17 4.96 40.05
N CYS F 97 -30.13 5.79 40.07
CA CYS F 97 -30.14 7.01 39.27
C CYS F 97 -30.25 6.66 37.78
N GLU F 98 -30.97 7.50 37.04
CA GLU F 98 -31.29 7.21 35.64
C GLU F 98 -30.07 7.52 34.78
N VAL F 99 -29.54 6.51 34.09
CA VAL F 99 -28.31 6.72 33.32
C VAL F 99 -28.48 6.06 31.94
N ASP F 100 -28.00 6.76 30.90
CA ASP F 100 -27.89 6.19 29.57
C ASP F 100 -26.63 5.33 29.46
N ILE F 101 -26.77 4.18 28.82
CA ILE F 101 -25.74 3.13 28.86
C ILE F 101 -25.20 2.89 27.45
N ALA F 102 -23.88 2.97 27.31
CA ALA F 102 -23.19 2.62 26.08
C ALA F 102 -22.25 1.46 26.38
N LEU F 103 -22.52 0.33 25.74
CA LEU F 103 -21.85 -0.96 25.96
C LEU F 103 -21.23 -1.48 24.69
N ASP F 104 -20.14 -2.22 24.83
CA ASP F 104 -19.80 -3.26 23.87
C ASP F 104 -19.38 -4.48 24.68
N PRO F 105 -20.20 -5.53 24.75
CA PRO F 105 -19.81 -6.71 25.54
C PRO F 105 -18.49 -7.29 25.09
N LEU F 106 -18.24 -7.37 23.79
CA LEU F 106 -16.94 -7.77 23.27
C LEU F 106 -16.66 -6.94 22.01
N GLU F 107 -15.77 -5.98 22.17
CA GLU F 107 -15.12 -5.26 21.07
C GLU F 107 -13.91 -6.05 20.59
N GLY F 108 -14.05 -6.64 19.41
CA GLY F 108 -13.09 -7.56 18.82
C GLY F 108 -13.53 -9.00 18.97
N THR F 109 -14.67 -9.37 18.35
CA THR F 109 -15.10 -10.76 18.41
C THR F 109 -14.23 -11.65 17.51
N THR F 110 -13.96 -11.22 16.28
CA THR F 110 -13.01 -11.95 15.45
C THR F 110 -11.62 -11.98 16.08
N ILE F 111 -11.19 -10.84 16.63
CA ILE F 111 -9.91 -10.75 17.34
C ILE F 111 -9.81 -11.85 18.38
N THR F 112 -10.85 -12.00 19.21
CA THR F 112 -10.78 -12.93 20.33
C THR F 112 -10.73 -14.37 19.82
N SER F 113 -11.55 -14.67 18.80
CA SER F 113 -11.62 -16.02 18.27
C SER F 113 -10.27 -16.54 17.80
N LYS F 114 -9.38 -15.64 17.39
CA LYS F 114 -8.03 -15.99 16.94
C LYS F 114 -6.91 -15.42 17.82
N GLY F 115 -7.25 -14.81 18.94
CA GLY F 115 -6.21 -14.31 19.83
C GLY F 115 -5.36 -13.16 19.32
N GLY F 116 -5.88 -12.36 18.39
CA GLY F 116 -5.22 -11.13 17.97
C GLY F 116 -5.20 -10.08 19.06
N ALA F 117 -4.59 -8.94 18.71
CA ALA F 117 -4.40 -7.83 19.64
C ALA F 117 -5.63 -6.90 19.69
N ASN F 118 -5.79 -6.24 20.85
CA ASN F 118 -6.63 -5.05 21.08
C ASN F 118 -8.11 -5.38 21.33
N ALA F 119 -8.41 -6.59 21.80
CA ALA F 119 -9.80 -6.91 22.16
C ALA F 119 -10.12 -6.39 23.56
N LEU F 120 -11.32 -5.82 23.71
CA LEU F 120 -11.73 -5.16 24.94
C LEU F 120 -13.19 -5.52 25.23
N THR F 121 -13.57 -5.43 26.50
CA THR F 121 -14.97 -5.25 26.90
C THR F 121 -15.13 -3.84 27.47
N VAL F 122 -16.21 -3.14 27.09
CA VAL F 122 -16.36 -1.71 27.34
C VAL F 122 -17.75 -1.39 27.88
N LEU F 123 -17.80 -0.54 28.91
CA LEU F 123 -19.05 -0.07 29.50
C LEU F 123 -18.89 1.39 29.90
N ALA F 124 -19.77 2.26 29.41
CA ALA F 124 -19.72 3.69 29.70
C ALA F 124 -21.10 4.20 30.10
N MET F 125 -21.12 5.17 31.03
CA MET F 125 -22.37 5.70 31.54
C MET F 125 -22.40 7.22 31.44
N ALA F 126 -23.56 7.77 31.04
CA ALA F 126 -23.74 9.21 30.93
C ALA F 126 -25.17 9.56 31.34
N ASP F 127 -25.40 10.85 31.59
CA ASP F 127 -26.77 11.29 31.86
C ASP F 127 -27.57 11.23 30.56
N LYS F 128 -28.89 11.12 30.71
CA LYS F 128 -29.85 11.03 29.60
C LYS F 128 -29.41 11.90 28.44
N GLY F 129 -29.28 11.31 27.25
CA GLY F 129 -28.94 12.05 26.04
C GLY F 129 -27.50 12.49 25.92
N GLY F 130 -26.62 12.11 26.86
CA GLY F 130 -25.22 12.47 26.82
C GLY F 130 -24.45 11.85 25.65
N PHE F 131 -24.90 10.72 25.11
CA PHE F 131 -24.21 10.08 24.01
C PHE F 131 -24.84 10.49 22.69
N LEU F 132 -24.00 10.97 21.77
CA LEU F 132 -24.39 11.14 20.38
C LEU F 132 -25.20 9.96 19.90
N ASN F 133 -26.52 10.16 19.72
CA ASN F 133 -27.35 9.13 19.14
C ASN F 133 -26.97 8.99 17.68
N ALA F 134 -26.26 7.92 17.34
CA ALA F 134 -25.80 7.72 15.98
C ALA F 134 -26.33 6.42 15.41
N PRO F 135 -26.65 6.38 14.12
CA PRO F 135 -26.93 5.10 13.47
C PRO F 135 -25.63 4.32 13.30
N ASP F 136 -25.75 3.00 13.10
CA ASP F 136 -24.54 2.19 12.91
C ASP F 136 -24.07 2.34 11.47
N VAL F 137 -23.33 3.42 11.22
CA VAL F 137 -22.69 3.67 9.95
C VAL F 137 -21.20 3.91 10.21
N TYR F 138 -20.45 4.01 9.13
CA TYR F 138 -19.04 4.27 9.27
C TYR F 138 -18.84 5.68 9.82
N MET F 139 -17.65 5.89 10.39
CA MET F 139 -17.32 7.16 11.00
C MET F 139 -15.83 7.39 10.78
N GLN F 140 -15.47 8.52 10.15
CA GLN F 140 -14.07 8.97 10.13
C GLN F 140 -13.67 9.45 11.52
N LYS F 141 -12.43 9.13 11.91
CA LYS F 141 -11.94 9.48 13.24
C LYS F 141 -10.51 10.02 13.15
N ILE F 142 -10.26 11.10 13.90
CA ILE F 142 -8.89 11.53 14.18
C ILE F 142 -8.82 11.88 15.65
N ALA F 143 -7.77 11.42 16.32
CA ALA F 143 -7.71 11.56 17.77
C ALA F 143 -6.27 11.75 18.17
N VAL F 144 -6.07 12.59 19.19
CA VAL F 144 -4.77 12.85 19.79
C VAL F 144 -5.00 12.95 21.30
N GLY F 145 -3.92 12.82 22.07
CA GLY F 145 -4.06 12.81 23.51
C GLY F 145 -3.38 14.00 24.14
N GLY F 146 -3.70 14.27 25.40
CA GLY F 146 -3.09 15.39 26.09
C GLY F 146 -4.14 16.34 26.65
N ILE F 147 -4.05 16.62 27.95
CA ILE F 147 -5.07 17.43 28.62
C ILE F 147 -5.09 18.86 28.09
N ASN F 148 -3.97 19.35 27.53
CA ASN F 148 -3.87 20.74 27.14
C ASN F 148 -3.98 20.97 25.64
N ALA F 149 -4.23 19.93 24.86
CA ALA F 149 -4.38 20.13 23.43
C ALA F 149 -5.60 21.00 23.19
N PRO F 150 -5.47 22.06 22.40
CA PRO F 150 -6.65 22.88 22.07
C PRO F 150 -7.55 22.14 21.10
N LYS F 151 -8.84 22.44 21.25
CA LYS F 151 -9.82 22.18 20.20
C LYS F 151 -9.39 22.77 18.85
N GLY F 152 -9.66 22.01 17.80
CA GLY F 152 -9.17 22.46 16.52
C GLY F 152 -7.75 22.09 16.24
N ILE F 153 -7.10 21.35 17.15
CA ILE F 153 -5.80 20.78 16.83
C ILE F 153 -5.93 19.78 15.70
N VAL F 154 -7.02 19.01 15.69
CA VAL F 154 -7.30 18.06 14.62
C VAL F 154 -8.55 18.54 13.89
N ASP F 155 -8.49 18.55 12.56
CA ASP F 155 -9.65 18.87 11.73
C ASP F 155 -9.70 17.88 10.58
N LEU F 156 -10.85 17.23 10.44
CA LEU F 156 -11.06 16.24 9.39
C LEU F 156 -11.03 16.85 7.99
N ASP F 157 -11.15 18.18 7.86
CA ASP F 157 -11.08 18.80 6.54
C ASP F 157 -9.67 19.22 6.14
N ASP F 158 -8.76 19.38 7.10
CA ASP F 158 -7.36 19.60 6.73
C ASP F 158 -6.77 18.30 6.19
N SER F 159 -5.57 18.42 5.63
CA SER F 159 -4.87 17.23 5.18
C SER F 159 -4.32 16.46 6.39
N VAL F 160 -3.84 15.25 6.13
CA VAL F 160 -3.15 14.47 7.15
C VAL F 160 -1.91 15.22 7.63
N THR F 161 -1.02 15.54 6.69
CA THR F 161 0.23 16.22 7.04
C THR F 161 -0.05 17.51 7.83
N ASN F 162 -1.11 18.23 7.47
CA ASN F 162 -1.36 19.50 8.16
C ASN F 162 -1.77 19.25 9.60
N ASN F 163 -2.63 18.24 9.83
CA ASN F 163 -2.95 17.82 11.18
C ASN F 163 -1.70 17.33 11.93
N LEU F 164 -0.93 16.43 11.30
CA LEU F 164 0.28 15.92 11.95
C LEU F 164 1.22 17.06 12.33
N LYS F 165 1.34 18.08 11.47
CA LYS F 165 2.27 19.18 11.75
C LYS F 165 1.83 19.98 12.98
N ARG F 166 0.53 20.18 13.15
CA ARG F 166 0.02 20.79 14.37
C ARG F 166 0.34 19.93 15.59
N ILE F 167 0.19 18.62 15.47
CA ILE F 167 0.38 17.73 16.62
C ILE F 167 1.85 17.69 17.02
N ALA F 168 2.75 17.54 16.04
CA ALA F 168 4.17 17.55 16.34
C ALA F 168 4.58 18.81 17.08
N GLU F 169 4.05 19.96 16.68
CA GLU F 169 4.44 21.20 17.34
C GLU F 169 3.86 21.26 18.75
N PHE F 170 2.64 20.76 18.93
CA PHE F 170 2.03 20.72 20.26
C PHE F 170 2.71 19.70 21.17
N LYS F 171 3.26 18.63 20.60
CA LYS F 171 3.98 17.66 21.40
C LYS F 171 5.47 17.97 21.46
N GLY F 172 5.94 18.98 20.73
CA GLY F 172 7.32 19.39 20.85
C GLY F 172 8.31 18.43 20.26
N VAL F 173 7.93 17.71 19.19
CA VAL F 173 8.80 16.73 18.56
C VAL F 173 8.76 16.92 17.05
N HIS F 174 9.86 16.54 16.41
CA HIS F 174 9.91 16.40 14.96
C HIS F 174 8.79 15.47 14.50
N MET F 175 8.22 15.77 13.34
CA MET F 175 7.10 14.98 12.82
C MET F 175 7.50 13.52 12.59
N SER F 176 8.78 13.25 12.32
CA SER F 176 9.17 11.86 12.13
C SER F 176 9.16 11.06 13.44
N ALA F 177 9.11 11.74 14.59
CA ALA F 177 9.01 11.08 15.88
C ALA F 177 7.59 10.68 16.23
N LEU F 178 6.60 11.21 15.53
CA LEU F 178 5.23 10.83 15.78
C LEU F 178 4.99 9.39 15.33
N VAL F 179 4.27 8.64 16.16
CA VAL F 179 3.71 7.37 15.73
C VAL F 179 2.23 7.57 15.48
N VAL F 180 1.81 7.36 14.23
CA VAL F 180 0.39 7.38 13.87
C VAL F 180 -0.09 5.94 13.74
N CYS F 181 -1.27 5.64 14.28
CA CYS F 181 -1.85 4.31 14.18
C CYS F 181 -3.13 4.37 13.36
N THR F 182 -3.31 3.39 12.46
CA THR F 182 -4.54 3.24 11.71
C THR F 182 -4.81 1.76 11.49
N MET F 183 -6.03 1.44 11.10
CA MET F 183 -6.36 0.05 10.83
C MET F 183 -5.86 -0.34 9.45
N ASP F 184 -5.54 -1.63 9.31
CA ASP F 184 -4.99 -2.17 8.07
C ASP F 184 -6.18 -2.51 7.16
N ARG F 185 -6.67 -1.49 6.45
CA ARG F 185 -7.76 -1.61 5.50
C ARG F 185 -7.39 -0.88 4.22
N PRO F 186 -7.97 -1.31 3.09
CA PRO F 186 -7.79 -0.56 1.83
C PRO F 186 -8.19 0.90 1.90
N ARG F 187 -9.33 1.20 2.53
CA ARG F 187 -9.77 2.60 2.65
C ARG F 187 -8.73 3.50 3.32
N HIS F 188 -7.65 2.96 3.87
CA HIS F 188 -6.65 3.81 4.52
C HIS F 188 -5.35 3.91 3.72
N GLU F 189 -5.30 3.36 2.50
CA GLU F 189 -4.03 3.35 1.77
C GLU F 189 -3.51 4.77 1.56
N HIS F 190 -4.41 5.71 1.27
CA HIS F 190 -3.96 7.08 1.02
C HIS F 190 -3.58 7.77 2.31
N ILE F 191 -4.38 7.57 3.35
CA ILE F 191 -4.08 8.07 4.67
C ILE F 191 -2.68 7.61 5.10
N ILE F 192 -2.36 6.33 4.84
CA ILE F 192 -1.05 5.80 5.19
C ILE F 192 0.04 6.44 4.34
N LYS F 193 -0.17 6.52 3.02
CA LYS F 193 0.84 7.11 2.15
C LYS F 193 1.05 8.59 2.48
N GLU F 194 -0.03 9.38 2.48
CA GLU F 194 0.10 10.82 2.77
C GLU F 194 0.87 11.08 4.06
N ALA F 195 0.58 10.33 5.13
CA ALA F 195 1.29 10.55 6.39
C ALA F 195 2.78 10.26 6.24
N ARG F 196 3.13 9.19 5.52
CA ARG F 196 4.52 8.78 5.37
C ARG F 196 5.32 9.66 4.42
N GLU F 197 4.68 10.43 3.53
CA GLU F 197 5.44 11.17 2.53
C GLU F 197 6.12 12.41 3.11
N CYS F 198 5.70 12.87 4.29
CA CYS F 198 6.44 13.92 5.01
C CYS F 198 7.13 13.39 6.27
N GLY F 199 7.37 12.09 6.36
CA GLY F 199 8.28 11.55 7.35
C GLY F 199 7.65 10.89 8.56
N ALA F 200 6.32 10.90 8.68
CA ALA F 200 5.68 10.29 9.83
C ALA F 200 5.84 8.76 9.80
N ARG F 201 5.73 8.15 10.98
CA ARG F 201 5.70 6.69 11.14
C ARG F 201 4.26 6.26 11.36
N VAL F 202 3.80 5.27 10.60
CA VAL F 202 2.41 4.84 10.61
C VAL F 202 2.36 3.35 10.87
N ILE F 203 1.84 2.95 12.04
CA ILE F 203 1.76 1.53 12.39
C ILE F 203 0.34 1.07 12.16
N LEU F 204 0.20 -0.19 11.74
CA LEU F 204 -1.10 -0.75 11.39
C LEU F 204 -1.58 -1.70 12.48
N ILE F 205 -2.86 -1.63 12.81
CA ILE F 205 -3.49 -2.66 13.62
C ILE F 205 -4.47 -3.43 12.74
N ASN F 206 -4.55 -4.74 12.98
CA ASN F 206 -5.47 -5.58 12.23
C ASN F 206 -6.93 -5.21 12.53
N ASP F 207 -7.22 -4.87 13.79
CA ASP F 207 -8.58 -4.57 14.22
C ASP F 207 -8.50 -3.89 15.60
N GLY F 208 -9.62 -3.28 15.99
CA GLY F 208 -9.77 -2.73 17.33
C GLY F 208 -9.48 -1.25 17.44
N ASP F 209 -10.35 -0.40 16.91
CA ASP F 209 -10.06 1.03 16.97
C ASP F 209 -10.68 1.72 18.18
N VAL F 210 -11.47 1.03 19.01
CA VAL F 210 -11.69 1.57 20.34
C VAL F 210 -10.36 1.66 21.07
N SER F 211 -9.65 0.53 21.14
CA SER F 211 -8.33 0.52 21.76
C SER F 211 -7.37 1.46 21.03
N GLY F 212 -7.37 1.43 19.69
CA GLY F 212 -6.47 2.29 18.95
C GLY F 212 -6.68 3.77 19.22
N VAL F 213 -7.92 4.18 19.47
CA VAL F 213 -8.13 5.61 19.71
C VAL F 213 -7.74 5.96 21.13
N ILE F 214 -8.18 5.15 22.11
CA ILE F 214 -7.89 5.43 23.50
C ILE F 214 -6.40 5.40 23.78
N ALA F 215 -5.65 4.60 23.03
CA ALA F 215 -4.21 4.50 23.24
C ALA F 215 -3.52 5.85 23.07
N THR F 216 -4.05 6.74 22.22
CA THR F 216 -3.39 8.04 22.03
C THR F 216 -3.26 8.82 23.33
N ALA F 217 -4.09 8.50 24.34
CA ALA F 217 -4.04 9.17 25.64
C ALA F 217 -3.72 8.17 26.75
N THR F 218 -3.09 7.07 26.41
CA THR F 218 -2.74 6.07 27.41
C THR F 218 -1.24 6.13 27.58
N GLU F 219 -0.79 6.26 28.82
CA GLU F 219 0.63 6.33 29.11
C GLU F 219 1.38 5.14 28.50
N ASN F 220 2.39 5.45 27.71
CA ASN F 220 3.35 4.47 27.21
C ASN F 220 2.79 3.56 26.16
N SER F 221 1.65 3.91 25.58
CA SER F 221 1.17 3.12 24.45
C SER F 221 2.10 3.25 23.25
N GLY F 222 2.90 4.32 23.18
CA GLY F 222 3.70 4.55 22.02
C GLY F 222 2.93 5.02 20.81
N ILE F 223 1.70 5.51 21.00
CA ILE F 223 0.83 5.95 19.91
C ILE F 223 0.49 7.42 20.12
N ASP F 224 0.89 8.27 19.18
CA ASP F 224 0.62 9.69 19.34
C ASP F 224 -0.70 10.12 18.73
N VAL F 225 -1.12 9.49 17.64
CA VAL F 225 -2.33 9.93 16.96
C VAL F 225 -2.94 8.75 16.22
N TYR F 226 -4.27 8.64 16.31
CA TYR F 226 -5.03 7.67 15.56
C TYR F 226 -5.83 8.40 14.47
N ILE F 227 -5.67 7.96 13.22
CA ILE F 227 -6.45 8.42 12.08
C ILE F 227 -7.03 7.20 11.39
N GLY F 228 -8.36 7.12 11.28
CA GLY F 228 -8.97 6.01 10.57
C GLY F 228 -10.48 6.15 10.54
N THR F 229 -11.11 5.24 9.79
CA THR F 229 -12.57 5.12 9.70
C THR F 229 -13.03 3.77 10.23
N GLY F 230 -14.05 3.78 11.07
CA GLY F 230 -14.54 2.57 11.69
C GLY F 230 -15.98 2.77 12.12
N GLY F 231 -16.45 1.84 12.95
CA GLY F 231 -17.83 1.89 13.40
C GLY F 231 -18.15 3.19 14.15
N ALA F 232 -19.39 3.64 14.00
CA ALA F 232 -19.80 4.84 14.73
C ALA F 232 -19.93 4.58 16.23
N PRO F 233 -20.51 3.45 16.67
CA PRO F 233 -20.53 3.18 18.12
C PRO F 233 -19.14 3.16 18.75
N GLU F 234 -18.20 2.40 18.16
CA GLU F 234 -16.81 2.40 18.63
C GLU F 234 -16.25 3.80 18.78
N GLY F 235 -16.60 4.70 17.87
CA GLY F 235 -16.09 6.06 17.94
C GLY F 235 -16.60 6.81 19.15
N VAL F 236 -17.87 6.57 19.51
CA VAL F 236 -18.47 7.22 20.66
C VAL F 236 -17.87 6.69 21.96
N LEU F 237 -17.82 5.36 22.10
CA LEU F 237 -17.17 4.76 23.26
C LEU F 237 -15.75 5.28 23.44
N ALA F 238 -15.02 5.42 22.33
CA ALA F 238 -13.68 5.96 22.40
C ALA F 238 -13.71 7.43 22.83
N ALA F 239 -14.64 8.21 22.28
CA ALA F 239 -14.84 9.60 22.69
C ALA F 239 -15.05 9.70 24.20
N ALA F 240 -15.93 8.87 24.73
CA ALA F 240 -16.20 8.89 26.17
C ALA F 240 -14.90 8.79 26.95
N ALA F 241 -14.06 7.80 26.62
CA ALA F 241 -12.84 7.58 27.39
C ALA F 241 -11.88 8.76 27.23
N LEU F 242 -11.74 9.29 26.01
CA LEU F 242 -10.82 10.40 25.82
C LEU F 242 -11.27 11.64 26.59
N LYS F 243 -12.57 11.75 26.89
CA LYS F 243 -13.02 12.91 27.63
C LYS F 243 -12.60 12.85 29.09
N CYS F 244 -12.54 11.65 29.68
CA CYS F 244 -11.98 11.53 31.02
C CYS F 244 -10.45 11.63 31.02
N LEU F 245 -9.78 11.13 29.99
CA LEU F 245 -8.34 11.05 29.99
C LEU F 245 -7.67 12.34 29.51
N GLY F 246 -8.43 13.20 28.85
CA GLY F 246 -7.85 14.38 28.26
C GLY F 246 -7.31 14.12 26.87
N GLY F 247 -7.94 14.74 25.88
CA GLY F 247 -7.48 14.64 24.50
C GLY F 247 -8.48 15.36 23.62
N GLN F 248 -8.16 15.39 22.33
CA GLN F 248 -9.04 15.95 21.32
C GLN F 248 -9.39 14.88 20.30
N MET F 249 -10.60 14.96 19.78
CA MET F 249 -11.03 14.02 18.75
C MET F 249 -12.13 14.68 17.93
N GLN F 250 -12.02 14.55 16.60
CA GLN F 250 -13.05 14.95 15.67
C GLN F 250 -13.49 13.73 14.88
N ALA F 251 -14.81 13.54 14.78
CA ALA F 251 -15.41 12.43 14.06
C ALA F 251 -16.43 12.94 13.03
N ARG F 252 -16.62 12.17 11.96
CA ARG F 252 -17.60 12.50 10.91
C ARG F 252 -18.28 11.25 10.41
N LEU F 253 -19.61 11.20 10.54
CA LEU F 253 -20.39 10.11 9.98
C LEU F 253 -20.25 10.11 8.47
N ILE F 254 -20.11 8.91 7.90
CA ILE F 254 -20.03 8.71 6.46
C ILE F 254 -21.29 7.97 6.02
N PHE F 255 -21.85 8.38 4.88
CA PHE F 255 -23.07 7.77 4.37
C PHE F 255 -22.84 7.34 2.93
N ASN F 256 -23.32 6.15 2.60
CA ASN F 256 -23.07 5.56 1.28
C ASN F 256 -24.32 5.23 0.48
N ASP F 257 -25.47 4.97 1.10
CA ASP F 257 -26.71 4.76 0.34
C ASP F 257 -27.86 5.54 0.98
N GLU F 258 -29.06 5.38 0.41
CA GLU F 258 -30.22 6.10 0.93
C GLU F 258 -30.70 5.53 2.26
N GLU F 259 -30.67 4.21 2.40
CA GLU F 259 -31.30 3.59 3.56
C GLU F 259 -30.57 3.91 4.86
N GLU F 260 -29.33 4.39 4.80
CA GLU F 260 -28.71 4.88 6.03
C GLU F 260 -28.82 6.40 6.18
N ILE F 261 -28.98 7.15 5.10
CA ILE F 261 -29.35 8.54 5.23
C ILE F 261 -30.73 8.67 5.87
N LYS F 262 -31.60 7.66 5.68
CA LYS F 262 -32.91 7.64 6.31
C LYS F 262 -32.80 7.29 7.78
N ARG F 263 -31.89 6.39 8.14
CA ARG F 263 -31.72 6.06 9.54
C ARG F 263 -31.04 7.18 10.32
N ALA F 264 -30.24 8.00 9.63
CA ALA F 264 -29.76 9.23 10.26
C ALA F 264 -30.90 10.22 10.49
N HIS F 265 -31.86 10.29 9.55
CA HIS F 265 -33.00 11.19 9.71
C HIS F 265 -33.94 10.71 10.82
N ARG F 266 -34.24 9.41 10.84
CA ARG F 266 -35.03 8.85 11.94
C ARG F 266 -34.43 9.18 13.30
N LEU F 267 -33.11 9.27 13.42
CA LEU F 267 -32.50 9.71 14.66
C LEU F 267 -32.21 11.20 14.66
N GLY F 268 -32.89 11.97 13.83
CA GLY F 268 -32.82 13.41 13.91
C GLY F 268 -31.54 14.03 13.38
N ILE F 269 -30.73 13.27 12.66
CA ILE F 269 -29.47 13.78 12.14
C ILE F 269 -29.71 14.35 10.76
N THR F 270 -29.35 15.61 10.61
CA THR F 270 -29.75 16.51 9.55
C THR F 270 -28.62 16.96 8.65
N ASP F 271 -27.47 17.33 9.23
CA ASP F 271 -26.28 17.66 8.46
C ASP F 271 -25.43 16.40 8.31
N LEU F 272 -25.32 15.91 7.07
CA LEU F 272 -24.64 14.65 6.83
C LEU F 272 -23.12 14.78 6.78
N ASN F 273 -22.57 15.99 6.85
CA ASN F 273 -21.13 16.18 6.92
C ASN F 273 -20.71 16.89 8.21
N LYS F 274 -21.54 16.84 9.23
CA LYS F 274 -21.19 17.50 10.46
C LYS F 274 -19.90 16.90 10.99
N LYS F 275 -19.04 17.76 11.55
CA LYS F 275 -17.82 17.37 12.22
C LYS F 275 -18.11 17.41 13.72
N TYR F 276 -17.97 16.28 14.40
CA TYR F 276 -18.27 16.20 15.81
C TYR F 276 -16.99 16.27 16.63
N ASP F 277 -16.96 17.16 17.61
CA ASP F 277 -15.90 17.15 18.60
C ASP F 277 -16.28 16.18 19.71
N ILE F 278 -15.38 16.06 20.68
CA ILE F 278 -15.56 15.08 21.74
C ILE F 278 -16.83 15.40 22.52
N ASP F 279 -17.04 16.69 22.78
CA ASP F 279 -18.23 17.16 23.49
C ASP F 279 -19.50 16.72 22.77
N ASP F 280 -19.49 16.76 21.42
CA ASP F 280 -20.64 16.31 20.64
C ASP F 280 -20.87 14.82 20.78
N LEU F 281 -19.78 14.04 20.85
CA LEU F 281 -19.91 12.59 20.94
C LEU F 281 -20.28 12.14 22.35
N ALA F 282 -19.62 12.70 23.36
CA ALA F 282 -19.87 12.35 24.76
C ALA F 282 -19.75 13.60 25.60
N SER F 283 -20.83 13.96 26.30
CA SER F 283 -20.89 15.20 27.06
C SER F 283 -21.45 14.93 28.44
N GLY F 284 -21.02 15.73 29.41
CA GLY F 284 -21.57 15.65 30.74
C GLY F 284 -20.71 14.87 31.70
N ASP F 285 -21.35 14.19 32.63
CA ASP F 285 -20.65 13.35 33.60
C ASP F 285 -20.56 11.96 33.00
N ILE F 286 -19.36 11.56 32.57
CA ILE F 286 -19.13 10.26 31.95
C ILE F 286 -18.35 9.38 32.91
N VAL F 287 -18.80 8.14 33.05
CA VAL F 287 -18.01 7.04 33.57
C VAL F 287 -17.69 6.10 32.42
N PHE F 288 -16.42 5.71 32.30
CA PHE F 288 -15.94 4.76 31.29
C PHE F 288 -15.16 3.64 31.97
N ALA F 289 -15.52 2.40 31.68
CA ALA F 289 -14.74 1.26 32.13
C ALA F 289 -14.43 0.35 30.96
N ALA F 290 -13.24 -0.26 30.98
CA ALA F 290 -12.91 -1.33 30.02
C ALA F 290 -11.98 -2.33 30.68
N THR F 291 -12.08 -3.57 30.24
CA THR F 291 -11.19 -4.65 30.65
C THR F 291 -10.58 -5.29 29.40
N GLY F 292 -9.29 -5.58 29.44
CA GLY F 292 -8.63 -6.15 28.26
C GLY F 292 -8.99 -7.62 28.14
N VAL F 293 -9.21 -8.07 26.91
CA VAL F 293 -9.39 -9.48 26.65
C VAL F 293 -8.09 -10.13 26.19
N THR F 294 -7.49 -9.59 25.14
CA THR F 294 -6.16 -9.94 24.67
C THR F 294 -5.25 -8.73 24.86
N ASP F 295 -3.93 -8.97 24.82
CA ASP F 295 -2.98 -7.87 24.87
C ASP F 295 -3.23 -6.90 23.73
N GLY F 296 -3.18 -5.60 24.04
CA GLY F 296 -3.41 -4.57 23.04
C GLY F 296 -2.62 -3.31 23.30
N ASN F 297 -2.80 -2.27 22.50
CA ASN F 297 -2.03 -1.07 22.78
C ASN F 297 -2.67 -0.18 23.86
N MET F 298 -3.60 -0.71 24.67
CA MET F 298 -4.24 0.07 25.73
C MET F 298 -4.24 -0.69 27.06
N LEU F 299 -4.73 -1.92 27.05
CA LEU F 299 -4.73 -2.82 28.19
C LEU F 299 -4.08 -4.14 27.82
N GLN F 300 -3.48 -4.78 28.83
CA GLN F 300 -3.12 -6.19 28.75
C GLN F 300 -4.36 -7.11 28.84
N GLY F 301 -4.25 -8.30 28.26
CA GLY F 301 -5.33 -9.25 28.26
C GLY F 301 -5.30 -10.15 29.48
N VAL F 302 -6.34 -11.00 29.58
CA VAL F 302 -6.42 -12.00 30.64
C VAL F 302 -5.31 -13.02 30.50
N LYS F 303 -4.67 -13.37 31.61
CA LYS F 303 -3.64 -14.40 31.61
C LYS F 303 -3.92 -15.38 32.75
N ARG F 304 -3.56 -16.64 32.55
CA ARG F 304 -3.50 -17.62 33.63
C ARG F 304 -2.19 -17.45 34.41
N VAL F 305 -2.28 -17.57 35.73
CA VAL F 305 -1.13 -17.43 36.62
C VAL F 305 -1.14 -18.57 37.63
N ASN F 306 0.01 -19.19 37.84
CA ASN F 306 0.31 -20.12 38.91
C ASN F 306 1.23 -19.48 39.93
N SER F 307 0.83 -19.54 41.22
CA SER F 307 1.63 -19.10 42.36
C SER F 307 1.45 -20.09 43.51
N THR F 308 2.55 -20.39 44.20
CA THR F 308 2.44 -21.20 45.41
C THR F 308 1.63 -20.45 46.46
N ARG F 309 1.81 -19.13 46.53
CA ARG F 309 1.16 -18.28 47.52
C ARG F 309 -0.35 -18.49 47.55
N ARG F 310 -1.03 -18.21 46.45
CA ARG F 310 -2.48 -18.23 46.45
C ARG F 310 -3.09 -19.21 45.44
N GLY F 311 -2.27 -19.98 44.73
CA GLY F 311 -2.80 -20.95 43.79
C GLY F 311 -2.86 -20.44 42.37
N SER F 312 -3.80 -20.95 41.59
CA SER F 312 -3.95 -20.54 40.20
C SER F 312 -5.14 -19.60 40.06
N TYR F 313 -4.97 -18.56 39.27
CA TYR F 313 -6.01 -17.58 39.04
C TYR F 313 -5.87 -17.03 37.63
N ALA F 314 -6.90 -16.33 37.21
CA ALA F 314 -6.87 -15.51 36.02
C ALA F 314 -6.71 -14.07 36.46
N VAL F 315 -5.75 -13.37 35.85
CA VAL F 315 -5.52 -11.95 36.12
C VAL F 315 -6.20 -11.14 35.03
N THR F 316 -7.01 -10.17 35.43
CA THR F 316 -7.64 -9.25 34.49
C THR F 316 -7.00 -7.88 34.68
N HIS F 317 -6.94 -7.10 33.61
CA HIS F 317 -6.47 -5.72 33.69
C HIS F 317 -7.54 -4.75 33.21
N SER F 318 -8.03 -3.91 34.11
CA SER F 318 -9.11 -3.01 33.77
C SER F 318 -8.71 -1.56 34.04
N VAL F 319 -9.52 -0.65 33.51
CA VAL F 319 -9.37 0.78 33.72
C VAL F 319 -10.76 1.36 33.92
N VAL F 320 -10.92 2.19 34.94
CA VAL F 320 -12.21 2.83 35.20
C VAL F 320 -11.95 4.31 35.45
N MET F 321 -12.72 5.17 34.79
CA MET F 321 -12.44 6.59 34.80
C MET F 321 -13.75 7.37 34.71
N ARG F 322 -13.69 8.65 35.11
CA ARG F 322 -14.89 9.46 35.29
C ARG F 322 -14.62 10.89 34.83
N SER F 323 -15.49 11.37 33.92
CA SER F 323 -15.35 12.70 33.32
C SER F 323 -15.22 13.79 34.37
N THR F 324 -16.03 13.75 35.43
CA THR F 324 -16.09 14.90 36.33
C THR F 324 -14.84 15.02 37.19
N THR F 325 -14.50 13.98 37.96
CA THR F 325 -13.36 14.08 38.87
C THR F 325 -12.03 14.04 38.14
N LYS F 326 -11.97 13.47 36.93
CA LYS F 326 -10.74 13.11 36.23
C LYS F 326 -9.92 12.05 37.00
N THR F 327 -10.54 11.32 37.92
CA THR F 327 -9.88 10.18 38.54
C THR F 327 -9.87 9.01 37.57
N VAL F 328 -8.70 8.43 37.36
CA VAL F 328 -8.54 7.23 36.55
C VAL F 328 -7.96 6.17 37.47
N ARG F 329 -8.57 4.98 37.48
CA ARG F 329 -8.08 3.86 38.27
C ARG F 329 -7.64 2.73 37.35
N HIS F 330 -6.46 2.18 37.60
CA HIS F 330 -6.01 0.99 36.92
C HIS F 330 -6.15 -0.17 37.90
N ILE F 331 -6.88 -1.20 37.48
CA ILE F 331 -7.29 -2.27 38.38
C ILE F 331 -6.73 -3.58 37.83
N THR F 332 -5.98 -4.27 38.66
CA THR F 332 -5.41 -5.59 38.40
C THR F 332 -6.07 -6.54 39.38
N ALA F 333 -6.79 -7.53 38.87
CA ALA F 333 -7.68 -8.34 39.70
C ALA F 333 -7.29 -9.80 39.61
N GLU F 334 -7.23 -10.46 40.77
CA GLU F 334 -6.99 -11.89 40.82
C GLU F 334 -8.32 -12.60 41.03
N HIS F 335 -8.72 -13.42 40.05
CA HIS F 335 -9.96 -14.19 40.11
C HIS F 335 -9.55 -15.65 40.23
N SER F 336 -9.79 -16.24 41.40
CA SER F 336 -9.38 -17.61 41.59
C SER F 336 -10.21 -18.54 40.71
N PHE F 337 -9.55 -19.59 40.23
CA PHE F 337 -10.16 -20.55 39.32
C PHE F 337 -9.32 -21.81 39.35
N ASP F 338 -10.00 -22.91 39.15
CA ASP F 338 -9.36 -24.22 39.06
C ASP F 338 -9.27 -24.51 37.57
N PHE F 339 -8.06 -24.44 37.04
CA PHE F 339 -7.85 -24.80 35.65
C PHE F 339 -7.78 -26.31 35.47
N LYS F 340 -8.07 -27.07 36.53
CA LYS F 340 -7.89 -28.50 36.38
C LYS F 340 -9.14 -29.08 35.74
N GLU F 341 -10.20 -28.25 35.70
CA GLU F 341 -11.36 -28.44 34.84
C GLU F 341 -11.34 -27.32 33.78
N GLY F 342 -12.21 -27.51 32.79
CA GLY F 342 -12.41 -26.60 31.65
C GLY F 342 -12.35 -25.13 31.97
N ILE F 343 -11.93 -24.39 30.94
CA ILE F 343 -11.86 -22.96 31.04
C ILE F 343 -13.26 -22.34 31.01
N GLU F 344 -14.25 -23.08 30.52
CA GLU F 344 -15.53 -22.49 30.14
C GLU F 344 -16.50 -22.33 31.32
N LYS F 345 -16.03 -22.55 32.56
CA LYS F 345 -16.74 -22.10 33.75
C LYS F 345 -16.43 -20.65 34.11
N PHE F 346 -15.76 -19.92 33.20
CA PHE F 346 -15.69 -18.46 33.25
C PHE F 346 -16.86 -17.80 32.51
N MET F 347 -17.56 -18.57 31.66
CA MET F 347 -18.85 -18.14 31.14
C MET F 347 -19.85 -18.01 32.28
N SER F 348 -20.59 -16.91 32.30
CA SER F 348 -21.52 -16.61 33.39
C SER F 348 -22.95 -17.03 33.03
N MET G 21 -24.02 -10.09 51.94
CA MET G 21 -23.73 -8.73 51.50
C MET G 21 -23.65 -8.65 49.99
N ASN G 22 -24.23 -7.59 49.43
CA ASN G 22 -24.24 -7.41 48.00
C ASN G 22 -22.81 -7.26 47.47
N ARG G 23 -22.59 -7.74 46.25
CA ARG G 23 -21.29 -7.59 45.60
C ARG G 23 -20.90 -6.13 45.45
N LYS G 24 -21.88 -5.24 45.53
CA LYS G 24 -21.65 -3.82 45.48
C LYS G 24 -20.76 -3.47 46.68
N VAL G 25 -21.35 -3.36 47.89
CA VAL G 25 -20.74 -2.85 49.13
C VAL G 25 -19.25 -3.10 49.34
N ALA G 26 -18.55 -3.68 48.35
CA ALA G 26 -17.15 -4.06 48.47
C ALA G 26 -16.19 -3.03 47.86
N LEU G 27 -16.13 -2.95 46.53
CA LEU G 27 -15.24 -2.03 45.81
C LEU G 27 -15.25 -0.62 46.39
N GLU G 28 -16.38 0.09 46.27
CA GLU G 28 -16.71 1.26 47.09
C GLU G 28 -15.80 1.56 48.26
N ALA G 29 -15.56 0.52 49.07
CA ALA G 29 -14.73 0.73 50.24
C ALA G 29 -13.42 1.38 49.84
N VAL G 30 -12.87 1.01 48.67
CA VAL G 30 -11.57 1.50 48.30
C VAL G 30 -11.56 3.02 48.25
N ARG G 31 -12.68 3.63 47.86
CA ARG G 31 -12.72 5.10 47.78
C ARG G 31 -12.53 5.74 49.15
N VAL G 32 -12.90 5.02 50.22
CA VAL G 32 -12.74 5.56 51.57
C VAL G 32 -11.28 5.49 52.00
N THR G 33 -10.63 4.34 51.80
CA THR G 33 -9.21 4.26 52.11
C THR G 33 -8.41 5.24 51.28
N GLU G 34 -8.77 5.41 50.00
CA GLU G 34 -8.06 6.37 49.15
C GLU G 34 -8.15 7.78 49.72
N LEU G 35 -9.37 8.26 49.98
CA LEU G 35 -9.55 9.62 50.48
C LEU G 35 -8.91 9.80 51.86
N ALA G 36 -9.01 8.78 52.71
CA ALA G 36 -8.35 8.86 54.00
C ALA G 36 -6.85 9.03 53.82
N ALA G 37 -6.23 8.20 52.97
CA ALA G 37 -4.77 8.22 52.82
C ALA G 37 -4.29 9.51 52.16
N LEU G 38 -5.08 10.07 51.24
CA LEU G 38 -4.73 11.37 50.68
C LEU G 38 -4.65 12.43 51.78
N ALA G 39 -5.62 12.40 52.72
CA ALA G 39 -5.60 13.36 53.83
C ALA G 39 -4.39 13.12 54.73
N SER G 40 -4.14 11.86 55.11
CA SER G 40 -2.94 11.53 55.87
C SER G 40 -1.68 11.99 55.15
N TRP G 41 -1.69 11.97 53.82
CA TRP G 41 -0.49 12.29 53.08
C TRP G 41 -0.15 13.77 53.17
N SER G 42 -1.16 14.65 53.15
CA SER G 42 -0.93 16.07 53.32
C SER G 42 -0.25 16.39 54.64
N GLN G 43 -0.36 15.51 55.63
CA GLN G 43 0.33 15.66 56.90
C GLN G 43 1.63 14.86 56.97
N MET G 44 2.05 14.17 55.91
CA MET G 44 3.25 13.37 56.04
C MET G 44 4.46 14.27 56.30
N GLY G 45 5.32 13.84 57.22
CA GLY G 45 6.53 14.58 57.54
C GLY G 45 6.27 15.99 58.05
N ARG G 46 5.26 16.13 58.91
CA ARG G 46 5.02 17.39 59.57
C ARG G 46 5.04 17.30 61.11
N GLY G 47 5.69 16.28 61.67
CA GLY G 47 5.89 16.13 63.10
C GLY G 47 4.67 16.18 64.01
N ASP G 48 3.48 16.35 63.42
CA ASP G 48 2.21 16.56 64.10
C ASP G 48 1.35 15.28 63.96
N LYS G 49 1.60 14.30 64.83
CA LYS G 49 0.82 13.05 64.73
C LYS G 49 -0.67 13.29 64.97
N ILE G 50 -1.04 14.29 65.77
CA ILE G 50 -2.45 14.51 66.05
C ILE G 50 -3.16 15.07 64.83
N ALA G 51 -2.54 16.01 64.11
CA ALA G 51 -3.17 16.53 62.89
C ALA G 51 -3.22 15.46 61.80
N ALA G 52 -2.24 14.56 61.77
CA ALA G 52 -2.33 13.41 60.89
C ALA G 52 -3.57 12.57 61.21
N ASP G 53 -3.66 12.07 62.45
CA ASP G 53 -4.81 11.25 62.83
C ASP G 53 -6.12 11.98 62.60
N GLN G 54 -6.15 13.29 62.85
CA GLN G 54 -7.40 14.02 62.69
C GLN G 54 -7.78 14.12 61.22
N ALA G 55 -6.79 14.38 60.34
CA ALA G 55 -7.08 14.49 58.91
C ALA G 55 -7.69 13.20 58.37
N ALA G 56 -7.13 12.06 58.77
CA ALA G 56 -7.62 10.78 58.25
C ALA G 56 -8.99 10.45 58.81
N VAL G 57 -9.15 10.56 60.13
CA VAL G 57 -10.45 10.37 60.78
C VAL G 57 -11.51 11.23 60.11
N ASP G 58 -11.22 12.53 59.94
CA ASP G 58 -12.14 13.43 59.26
C ASP G 58 -12.49 12.88 57.88
N ALA G 59 -11.46 12.64 57.05
CA ALA G 59 -11.70 12.19 55.67
C ALA G 59 -12.40 10.84 55.64
N MET G 60 -11.95 9.89 56.47
CA MET G 60 -12.57 8.58 56.45
C MET G 60 -14.03 8.64 56.86
N ARG G 61 -14.37 9.49 57.84
CA ARG G 61 -15.78 9.67 58.23
C ARG G 61 -16.59 10.18 57.06
N LYS G 62 -16.22 11.34 56.51
CA LYS G 62 -17.03 11.96 55.46
C LYS G 62 -17.21 11.05 54.27
N ALA G 63 -16.22 10.20 53.97
CA ALA G 63 -16.30 9.28 52.85
C ALA G 63 -17.16 8.06 53.17
N LEU G 64 -17.16 7.65 54.44
CA LEU G 64 -17.93 6.48 54.82
C LEU G 64 -19.43 6.75 54.83
N ASN G 65 -19.86 8.01 55.02
CA ASN G 65 -21.27 8.34 54.92
C ASN G 65 -21.74 8.51 53.48
N GLU G 66 -21.00 7.91 52.55
CA GLU G 66 -21.43 7.78 51.16
C GLU G 66 -21.54 6.34 50.71
N VAL G 67 -20.86 5.41 51.36
CA VAL G 67 -21.02 3.99 51.11
C VAL G 67 -22.44 3.57 51.49
N ASP G 68 -23.03 2.71 50.67
CA ASP G 68 -24.42 2.29 50.86
C ASP G 68 -24.45 1.05 51.76
N ILE G 69 -24.30 1.32 53.06
CA ILE G 69 -24.35 0.32 54.12
C ILE G 69 -25.07 0.92 55.32
N ASP G 70 -25.50 0.04 56.22
CA ASP G 70 -25.89 0.41 57.58
C ASP G 70 -24.85 -0.23 58.49
N GLY G 71 -23.80 0.51 58.77
CA GLY G 71 -22.66 -0.01 59.50
C GLY G 71 -22.61 0.43 60.94
N THR G 72 -22.06 -0.45 61.78
CA THR G 72 -21.82 -0.14 63.18
C THR G 72 -20.35 -0.45 63.46
N VAL G 73 -19.64 0.51 64.03
CA VAL G 73 -18.19 0.44 64.19
C VAL G 73 -17.86 -0.53 65.33
N VAL G 74 -17.30 -1.70 65.01
CA VAL G 74 -16.85 -2.61 66.04
C VAL G 74 -15.41 -2.33 66.48
N ILE G 75 -14.61 -1.67 65.63
CA ILE G 75 -13.20 -1.36 65.88
C ILE G 75 -12.90 0.00 65.26
N GLY G 76 -12.33 0.91 66.03
CA GLY G 76 -12.11 2.26 65.56
C GLY G 76 -11.05 3.00 66.36
N GLU G 77 -10.98 4.31 66.15
CA GLU G 77 -10.15 5.21 66.98
C GLU G 77 -10.88 5.54 68.27
N GLY G 78 -11.01 4.51 69.11
CA GLY G 78 -11.44 4.70 70.49
C GLY G 78 -12.93 4.55 70.77
N GLU G 79 -13.40 5.20 71.83
CA GLU G 79 -14.78 5.09 72.26
C GLU G 79 -15.29 6.47 72.64
N LEU G 80 -16.62 6.58 72.83
CA LEU G 80 -17.24 7.92 72.96
C LEU G 80 -16.57 8.78 74.02
N ASP G 81 -16.19 8.20 75.16
CA ASP G 81 -15.53 9.00 76.18
C ASP G 81 -14.16 9.50 75.69
N GLU G 82 -13.58 8.86 74.67
CA GLU G 82 -12.29 9.26 74.12
C GLU G 82 -12.45 10.15 72.88
N ALA G 83 -13.10 9.63 71.84
CA ALA G 83 -13.01 10.25 70.52
C ALA G 83 -14.38 10.48 69.91
N PRO G 84 -14.68 11.71 69.49
CA PRO G 84 -16.04 12.03 69.00
C PRO G 84 -16.34 11.51 67.60
N MET G 85 -15.39 10.89 66.91
CA MET G 85 -15.60 10.43 65.54
C MET G 85 -15.07 9.01 65.39
N LEU G 86 -15.89 8.12 64.83
CA LEU G 86 -15.47 6.75 64.53
C LEU G 86 -15.19 5.96 65.81
N TYR G 87 -16.11 6.03 66.76
CA TYR G 87 -16.02 5.39 68.07
C TYR G 87 -16.77 4.06 68.09
N ILE G 88 -16.30 3.14 68.96
CA ILE G 88 -16.92 1.83 69.15
C ILE G 88 -18.43 1.96 69.25
N GLY G 89 -19.13 1.60 68.19
CA GLY G 89 -20.57 1.60 68.15
C GLY G 89 -21.21 2.73 67.39
N GLU G 90 -20.45 3.51 66.61
CA GLU G 90 -21.09 4.57 65.86
C GLU G 90 -21.88 4.00 64.68
N LYS G 91 -22.98 4.67 64.36
CA LYS G 91 -23.70 4.45 63.11
C LYS G 91 -23.03 5.22 61.99
N VAL G 92 -22.70 4.52 60.90
CA VAL G 92 -22.06 5.11 59.73
C VAL G 92 -22.64 4.46 58.49
N GLY G 93 -22.75 5.24 57.43
CA GLY G 93 -23.29 4.79 56.17
C GLY G 93 -24.45 5.65 55.71
N ALA G 94 -24.78 5.48 54.44
CA ALA G 94 -25.95 6.12 53.85
C ALA G 94 -27.15 5.19 53.78
N GLY G 95 -26.98 3.93 54.16
CA GLY G 95 -28.10 2.98 54.23
C GLY G 95 -27.89 1.81 53.31
N GLY G 96 -28.03 0.61 53.87
CA GLY G 96 -27.81 -0.61 53.11
C GLY G 96 -27.82 -1.82 54.00
N CYS G 97 -26.99 -2.81 53.64
CA CYS G 97 -26.92 -4.04 54.42
C CYS G 97 -26.42 -3.77 55.85
N GLU G 98 -26.84 -4.64 56.78
CA GLU G 98 -26.27 -4.63 58.12
C GLU G 98 -24.82 -5.06 58.03
N VAL G 99 -23.90 -4.18 58.43
CA VAL G 99 -22.47 -4.48 58.37
C VAL G 99 -21.81 -4.04 59.65
N ASP G 100 -20.96 -4.92 60.20
CA ASP G 100 -20.01 -4.58 61.25
C ASP G 100 -18.72 -4.05 60.62
N ILE G 101 -18.28 -2.88 61.05
CA ILE G 101 -17.14 -2.19 60.44
C ILE G 101 -15.97 -2.17 61.42
N ALA G 102 -14.86 -2.77 61.01
CA ALA G 102 -13.59 -2.64 61.71
C ALA G 102 -12.68 -1.77 60.84
N LEU G 103 -12.28 -0.61 61.37
CA LEU G 103 -11.53 0.35 60.55
C LEU G 103 -10.46 1.05 61.38
N ASP G 104 -9.35 1.37 60.72
CA ASP G 104 -8.35 2.30 61.26
C ASP G 104 -8.11 3.40 60.24
N PRO G 105 -8.54 4.63 60.50
CA PRO G 105 -8.32 5.71 59.51
C PRO G 105 -6.85 5.97 59.23
N LEU G 106 -5.95 5.65 60.16
CA LEU G 106 -4.52 5.80 59.94
C LEU G 106 -3.80 4.81 60.86
N GLU G 107 -3.32 3.72 60.27
CA GLU G 107 -2.48 2.76 60.99
C GLU G 107 -1.03 3.22 60.85
N GLY G 108 -0.53 3.92 61.89
CA GLY G 108 0.78 4.53 61.88
C GLY G 108 0.72 6.05 61.85
N THR G 109 0.09 6.66 62.87
CA THR G 109 0.09 8.12 62.99
C THR G 109 1.49 8.65 63.25
N THR G 110 2.26 7.98 64.12
CA THR G 110 3.63 8.43 64.35
C THR G 110 4.48 8.23 63.10
N ILE G 111 4.35 7.08 62.43
CA ILE G 111 5.01 6.86 61.14
C ILE G 111 4.70 7.98 60.16
N THR G 112 3.42 8.28 59.97
CA THR G 112 3.06 9.33 59.01
C THR G 112 3.73 10.66 59.37
N SER G 113 3.80 10.98 60.66
CA SER G 113 4.30 12.29 61.05
C SER G 113 5.79 12.42 60.75
N LYS G 114 6.52 11.29 60.83
CA LYS G 114 7.93 11.16 60.50
C LYS G 114 8.19 10.73 59.06
N GLY G 115 7.16 10.37 58.30
CA GLY G 115 7.37 9.80 56.97
C GLY G 115 8.14 8.49 56.96
N GLY G 116 8.00 7.68 58.01
CA GLY G 116 8.58 6.34 58.03
C GLY G 116 7.76 5.35 57.21
N ALA G 117 8.11 4.07 57.36
CA ALA G 117 7.54 2.99 56.56
C ALA G 117 6.27 2.39 57.18
N ASN G 118 5.43 1.84 56.30
CA ASN G 118 4.29 0.96 56.63
C ASN G 118 3.06 1.67 57.18
N ALA G 119 2.88 2.96 56.93
CA ALA G 119 1.61 3.59 57.30
C ALA G 119 0.54 3.20 56.30
N LEU G 120 -0.68 3.02 56.78
CA LEU G 120 -1.80 2.51 56.00
C LEU G 120 -3.10 3.09 56.49
N THR G 121 -4.07 3.20 55.59
CA THR G 121 -5.45 3.37 55.96
C THR G 121 -6.19 2.06 55.68
N VAL G 122 -6.99 1.59 56.65
CA VAL G 122 -7.58 0.26 56.62
C VAL G 122 -9.08 0.37 56.85
N LEU G 123 -9.86 -0.39 56.06
CA LEU G 123 -11.31 -0.53 56.22
C LEU G 123 -11.70 -1.99 56.04
N ALA G 124 -12.38 -2.58 57.03
CA ALA G 124 -12.84 -3.97 56.92
C ALA G 124 -14.31 -4.09 57.31
N MET G 125 -15.01 -5.02 56.67
CA MET G 125 -16.43 -5.23 56.87
C MET G 125 -16.72 -6.72 57.04
N ALA G 126 -17.70 -7.01 57.90
CA ALA G 126 -18.12 -8.39 58.13
C ALA G 126 -19.62 -8.38 58.40
N ASP G 127 -20.19 -9.58 58.44
CA ASP G 127 -21.55 -9.71 58.97
C ASP G 127 -21.51 -9.43 60.46
N LYS G 128 -22.64 -8.98 61.00
CA LYS G 128 -22.67 -8.58 62.41
C LYS G 128 -22.09 -9.69 63.29
N GLY G 129 -21.13 -9.29 64.14
CA GLY G 129 -20.43 -10.21 65.03
C GLY G 129 -19.22 -10.92 64.42
N GLY G 130 -18.87 -10.62 63.18
CA GLY G 130 -17.80 -11.34 62.50
C GLY G 130 -16.40 -10.98 62.98
N PHE G 131 -16.24 -9.80 63.57
CA PHE G 131 -14.97 -9.38 64.13
C PHE G 131 -14.99 -9.60 65.65
N LEU G 132 -13.99 -10.34 66.15
CA LEU G 132 -13.68 -10.36 67.56
C LEU G 132 -13.91 -9.01 68.22
N ASN G 133 -14.76 -8.94 69.23
CA ASN G 133 -14.89 -7.72 70.02
C ASN G 133 -13.86 -7.80 71.14
N ALA G 134 -12.79 -7.02 71.00
CA ALA G 134 -11.68 -7.06 71.92
C ALA G 134 -11.40 -5.68 72.47
N PRO G 135 -10.93 -5.58 73.71
CA PRO G 135 -10.43 -4.31 74.23
C PRO G 135 -9.06 -3.99 73.64
N ASP G 136 -8.72 -2.71 73.66
CA ASP G 136 -7.41 -2.28 73.12
C ASP G 136 -6.31 -2.65 74.12
N VAL G 137 -5.80 -3.87 73.98
CA VAL G 137 -4.72 -4.40 74.80
C VAL G 137 -3.79 -5.18 73.88
N TYR G 138 -2.59 -5.47 74.37
CA TYR G 138 -1.59 -6.08 73.51
C TYR G 138 -2.03 -7.49 73.09
N MET G 139 -1.30 -8.04 72.12
CA MET G 139 -1.61 -9.34 71.53
C MET G 139 -0.33 -9.97 71.04
N GLN G 140 -0.07 -11.22 71.41
CA GLN G 140 0.96 -12.00 70.73
C GLN G 140 0.43 -12.43 69.38
N LYS G 141 1.21 -12.23 68.32
CA LYS G 141 0.82 -12.65 66.98
C LYS G 141 1.91 -13.54 66.40
N ILE G 142 1.49 -14.55 65.63
CA ILE G 142 2.37 -15.26 64.69
C ILE G 142 1.57 -15.51 63.43
N ALA G 143 2.14 -15.17 62.28
CA ALA G 143 1.38 -15.26 61.04
C ALA G 143 2.27 -15.76 59.92
N VAL G 144 1.72 -16.65 59.10
CA VAL G 144 2.39 -17.17 57.93
C VAL G 144 1.39 -17.07 56.78
N GLY G 145 1.90 -17.13 55.56
CA GLY G 145 1.05 -17.03 54.41
C GLY G 145 1.11 -18.27 53.56
N GLY G 146 0.11 -18.42 52.68
CA GLY G 146 -0.01 -19.61 51.87
C GLY G 146 -1.43 -20.13 51.90
N ILE G 147 -2.01 -20.37 50.72
CA ILE G 147 -3.40 -20.78 50.63
C ILE G 147 -3.62 -22.13 51.27
N ASN G 148 -2.58 -22.96 51.34
CA ASN G 148 -2.71 -24.30 51.91
C ASN G 148 -1.75 -24.46 53.09
N ALA G 149 -1.79 -23.51 54.02
CA ALA G 149 -1.04 -23.62 55.26
C ALA G 149 -1.96 -24.17 56.33
N PRO G 150 -1.65 -25.31 56.94
CA PRO G 150 -2.62 -25.97 57.83
C PRO G 150 -2.85 -25.14 59.08
N LYS G 151 -4.10 -25.16 59.56
CA LYS G 151 -4.40 -24.58 60.88
C LYS G 151 -3.42 -25.14 61.92
N GLY G 152 -2.75 -24.24 62.63
CA GLY G 152 -1.76 -24.68 63.59
C GLY G 152 -0.40 -25.05 63.02
N ILE G 153 -0.10 -24.67 61.77
CA ILE G 153 1.30 -24.64 61.34
C ILE G 153 2.09 -23.71 62.24
N VAL G 154 1.43 -22.71 62.79
CA VAL G 154 2.00 -21.81 63.77
C VAL G 154 1.23 -22.01 65.08
N ASP G 155 1.96 -22.09 66.19
CA ASP G 155 1.38 -22.29 67.51
C ASP G 155 2.18 -21.48 68.52
N LEU G 156 1.50 -20.60 69.27
CA LEU G 156 2.19 -19.76 70.24
C LEU G 156 2.93 -20.57 71.31
N ASP G 157 2.34 -21.65 71.82
CA ASP G 157 2.99 -22.42 72.88
C ASP G 157 3.99 -23.42 72.31
N ASP G 158 4.60 -23.10 71.18
CA ASP G 158 5.76 -23.81 70.67
C ASP G 158 6.93 -22.85 70.67
N SER G 159 8.13 -23.40 70.57
CA SER G 159 9.30 -22.54 70.50
C SER G 159 9.41 -21.91 69.12
N VAL G 160 9.93 -20.68 69.09
CA VAL G 160 10.33 -20.04 67.84
C VAL G 160 11.06 -21.03 66.94
N THR G 161 12.03 -21.73 67.49
CA THR G 161 12.81 -22.65 66.67
C THR G 161 11.94 -23.75 66.07
N ASN G 162 10.80 -24.07 66.73
CA ASN G 162 9.96 -25.17 66.25
C ASN G 162 8.90 -24.69 65.26
N ASN G 163 8.34 -23.50 65.44
CA ASN G 163 7.48 -22.91 64.41
C ASN G 163 8.24 -22.77 63.10
N LEU G 164 9.33 -21.99 63.13
CA LEU G 164 10.06 -21.67 61.91
C LEU G 164 10.48 -22.93 61.16
N LYS G 165 10.88 -23.97 61.89
CA LYS G 165 11.32 -25.20 61.23
C LYS G 165 10.14 -25.95 60.63
N ARG G 166 8.95 -25.80 61.22
CA ARG G 166 7.74 -26.25 60.55
C ARG G 166 7.48 -25.44 59.29
N ILE G 167 7.49 -24.12 59.42
CA ILE G 167 7.29 -23.23 58.27
C ILE G 167 8.34 -23.49 57.20
N ALA G 168 9.62 -23.61 57.61
CA ALA G 168 10.68 -23.91 56.66
C ALA G 168 10.42 -25.24 55.94
N GLU G 169 10.00 -26.27 56.69
CA GLU G 169 9.61 -27.54 56.07
C GLU G 169 8.43 -27.35 55.12
N PHE G 170 7.49 -26.46 55.48
CA PHE G 170 6.30 -26.28 54.67
C PHE G 170 6.58 -25.50 53.39
N LYS G 171 7.50 -24.53 53.45
CA LYS G 171 7.82 -23.72 52.28
C LYS G 171 8.94 -24.33 51.44
N GLY G 172 9.49 -25.47 51.87
CA GLY G 172 10.47 -26.16 51.06
C GLY G 172 11.81 -25.49 51.04
N VAL G 173 12.17 -24.80 52.11
CA VAL G 173 13.45 -24.10 52.23
C VAL G 173 14.11 -24.41 53.56
N HIS G 174 15.44 -24.45 53.55
CA HIS G 174 16.23 -24.37 54.76
C HIS G 174 15.75 -23.24 55.66
N MET G 175 15.88 -23.43 56.97
CA MET G 175 15.37 -22.44 57.93
C MET G 175 16.05 -21.08 57.76
N SER G 176 17.28 -21.06 57.23
CA SER G 176 18.03 -19.82 57.13
C SER G 176 17.54 -18.94 55.98
N ALA G 177 16.93 -19.53 54.95
CA ALA G 177 16.35 -18.75 53.85
C ALA G 177 15.11 -18.00 54.28
N LEU G 178 14.46 -18.44 55.36
CA LEU G 178 13.28 -17.75 55.87
C LEU G 178 13.65 -16.31 56.25
N VAL G 179 12.66 -15.42 56.14
CA VAL G 179 12.79 -14.04 56.61
C VAL G 179 11.67 -13.84 57.63
N VAL G 180 12.02 -13.66 58.89
CA VAL G 180 11.04 -13.32 59.92
C VAL G 180 11.07 -11.82 60.15
N CYS G 181 9.89 -11.24 60.29
CA CYS G 181 9.73 -9.84 60.63
C CYS G 181 9.16 -9.72 62.05
N THR G 182 9.76 -8.85 62.86
CA THR G 182 9.18 -8.41 64.12
C THR G 182 9.41 -6.92 64.28
N MET G 183 8.73 -6.32 65.25
CA MET G 183 8.96 -4.91 65.56
C MET G 183 10.20 -4.75 66.43
N ASP G 184 10.90 -3.63 66.23
CA ASP G 184 12.02 -3.19 67.06
C ASP G 184 11.47 -2.66 68.37
N ARG G 185 11.32 -3.55 69.34
CA ARG G 185 10.82 -3.27 70.68
C ARG G 185 11.61 -4.14 71.65
N PRO G 186 11.85 -3.66 72.87
CA PRO G 186 12.51 -4.53 73.86
C PRO G 186 11.80 -5.85 74.10
N ARG G 187 10.46 -5.85 74.24
CA ARG G 187 9.66 -7.06 74.43
C ARG G 187 9.91 -8.14 73.37
N HIS G 188 10.59 -7.81 72.29
CA HIS G 188 10.84 -8.77 71.23
C HIS G 188 12.26 -9.30 71.25
N GLU G 189 13.07 -8.87 72.22
CA GLU G 189 14.46 -9.32 72.29
C GLU G 189 14.56 -10.83 72.20
N HIS G 190 13.66 -11.56 72.87
CA HIS G 190 13.79 -13.01 72.88
C HIS G 190 13.43 -13.63 71.53
N ILE G 191 12.38 -13.14 70.85
CA ILE G 191 12.06 -13.68 69.53
C ILE G 191 13.28 -13.58 68.62
N ILE G 192 13.79 -12.35 68.46
CA ILE G 192 14.89 -12.07 67.56
C ILE G 192 16.05 -13.01 67.85
N LYS G 193 16.42 -13.06 69.13
CA LYS G 193 17.58 -13.78 69.62
C LYS G 193 17.42 -15.28 69.47
N GLU G 194 16.22 -15.82 69.78
CA GLU G 194 16.00 -17.26 69.64
C GLU G 194 15.96 -17.67 68.19
N ALA G 195 15.22 -16.92 67.36
CA ALA G 195 15.14 -17.25 65.94
C ALA G 195 16.51 -17.23 65.30
N ARG G 196 17.42 -16.37 65.79
CA ARG G 196 18.67 -16.17 65.08
C ARG G 196 19.73 -17.25 65.37
N GLU G 197 19.71 -17.93 66.53
CA GLU G 197 20.75 -18.95 66.69
C GLU G 197 20.35 -20.33 66.21
N CYS G 198 19.23 -20.48 65.51
CA CYS G 198 19.12 -21.64 64.63
C CYS G 198 19.05 -21.20 63.17
N GLY G 199 19.71 -20.06 62.88
CA GLY G 199 20.05 -19.63 61.54
C GLY G 199 19.08 -18.67 60.87
N ALA G 200 17.92 -18.42 61.48
CA ALA G 200 16.90 -17.63 60.82
C ALA G 200 17.38 -16.20 60.62
N ARG G 201 16.77 -15.51 59.66
CA ARG G 201 17.01 -14.11 59.40
C ARG G 201 15.81 -13.33 59.89
N VAL G 202 16.04 -12.41 60.83
CA VAL G 202 14.97 -11.64 61.48
C VAL G 202 15.18 -10.17 61.16
N ILE G 203 14.17 -9.54 60.56
CA ILE G 203 14.25 -8.15 60.14
C ILE G 203 13.29 -7.33 60.99
N LEU G 204 13.69 -6.10 61.30
CA LEU G 204 12.97 -5.28 62.24
C LEU G 204 12.24 -4.17 61.50
N ILE G 205 10.98 -3.95 61.85
CA ILE G 205 10.28 -2.74 61.46
C ILE G 205 10.13 -1.86 62.69
N ASN G 206 10.09 -0.56 62.47
CA ASN G 206 9.96 0.39 63.56
C ASN G 206 8.53 0.52 64.03
N ASP G 207 7.57 0.15 63.18
CA ASP G 207 6.16 0.25 63.52
C ASP G 207 5.36 -0.41 62.39
N GLY G 208 4.03 -0.40 62.55
CA GLY G 208 3.11 -0.88 61.55
C GLY G 208 3.09 -2.39 61.43
N ASP G 209 2.64 -3.08 62.48
CA ASP G 209 2.54 -4.54 62.41
C ASP G 209 1.28 -5.02 61.71
N VAL G 210 0.36 -4.12 61.32
CA VAL G 210 -0.68 -4.52 60.37
C VAL G 210 -0.04 -4.89 59.04
N SER G 211 0.65 -3.92 58.44
CA SER G 211 1.41 -4.18 57.24
C SER G 211 2.34 -5.38 57.42
N GLY G 212 2.97 -5.48 58.60
CA GLY G 212 3.95 -6.53 58.80
C GLY G 212 3.33 -7.91 58.78
N VAL G 213 2.08 -8.03 59.26
CA VAL G 213 1.45 -9.35 59.26
C VAL G 213 0.95 -9.69 57.86
N ILE G 214 0.34 -8.72 57.18
CA ILE G 214 -0.18 -8.98 55.84
C ILE G 214 0.95 -9.33 54.87
N ALA G 215 2.17 -8.83 55.11
CA ALA G 215 3.26 -9.05 54.17
C ALA G 215 3.61 -10.53 54.03
N THR G 216 3.33 -11.34 55.06
CA THR G 216 3.59 -12.78 54.96
C THR G 216 2.79 -13.41 53.83
N ALA G 217 1.69 -12.79 53.42
CA ALA G 217 0.82 -13.29 52.36
C ALA G 217 0.80 -12.37 51.16
N THR G 218 1.73 -11.44 51.05
CA THR G 218 1.77 -10.46 49.98
C THR G 218 2.90 -10.85 49.04
N GLU G 219 2.55 -11.01 47.76
CA GLU G 219 3.52 -11.33 46.71
C GLU G 219 4.71 -10.37 46.73
N ASN G 220 5.92 -10.94 46.76
CA ASN G 220 7.19 -10.20 46.74
C ASN G 220 7.40 -9.30 47.95
N SER G 221 6.71 -9.54 49.06
CA SER G 221 6.98 -8.74 50.24
C SER G 221 8.40 -8.96 50.75
N GLY G 222 8.92 -10.16 50.58
CA GLY G 222 10.19 -10.56 51.16
C GLY G 222 10.12 -11.11 52.56
N ILE G 223 8.91 -11.22 53.13
CA ILE G 223 8.70 -11.56 54.53
C ILE G 223 7.94 -12.88 54.57
N ASP G 224 8.50 -13.88 55.24
CA ASP G 224 7.87 -15.18 55.31
C ASP G 224 6.97 -15.33 56.53
N VAL G 225 7.49 -14.99 57.72
CA VAL G 225 6.80 -15.14 58.99
C VAL G 225 6.77 -13.78 59.67
N TYR G 226 5.65 -13.46 60.30
CA TYR G 226 5.62 -12.43 61.31
C TYR G 226 5.44 -13.09 62.68
N ILE G 227 6.16 -12.59 63.68
CA ILE G 227 6.08 -13.06 65.06
C ILE G 227 6.31 -11.82 65.92
N GLY G 228 5.32 -11.45 66.71
CA GLY G 228 5.45 -10.19 67.41
C GLY G 228 4.19 -9.89 68.18
N THR G 229 4.30 -8.84 69.00
CA THR G 229 3.27 -8.43 69.94
C THR G 229 2.96 -6.97 69.66
N GLY G 230 1.71 -6.70 69.33
CA GLY G 230 1.22 -5.34 69.15
C GLY G 230 -0.26 -5.26 69.46
N GLY G 231 -0.96 -4.29 68.89
CA GLY G 231 -2.32 -3.99 69.34
C GLY G 231 -3.34 -5.06 68.99
N ALA G 232 -4.41 -5.12 69.80
CA ALA G 232 -5.47 -6.10 69.56
C ALA G 232 -6.30 -5.77 68.32
N PRO G 233 -6.83 -4.56 68.14
CA PRO G 233 -7.57 -4.30 66.91
C PRO G 233 -6.70 -4.48 65.67
N GLU G 234 -5.46 -3.98 65.70
CA GLU G 234 -4.52 -4.13 64.59
C GLU G 234 -4.33 -5.59 64.24
N GLY G 235 -4.29 -6.46 65.26
CA GLY G 235 -4.20 -7.89 65.01
C GLY G 235 -5.43 -8.42 64.30
N VAL G 236 -6.61 -7.91 64.66
CA VAL G 236 -7.83 -8.34 63.99
C VAL G 236 -7.80 -7.92 62.54
N LEU G 237 -7.60 -6.61 62.30
CA LEU G 237 -7.52 -6.09 60.92
C LEU G 237 -6.57 -6.92 60.04
N ALA G 238 -5.39 -7.28 60.56
CA ALA G 238 -4.48 -8.09 59.75
C ALA G 238 -5.04 -9.48 59.54
N ALA G 239 -5.70 -10.04 60.55
CA ALA G 239 -6.32 -11.34 60.37
C ALA G 239 -7.42 -11.28 59.34
N ALA G 240 -8.12 -10.13 59.25
CA ALA G 240 -9.18 -9.98 58.25
C ALA G 240 -8.61 -10.13 56.85
N ALA G 241 -7.45 -9.52 56.59
CA ALA G 241 -6.87 -9.57 55.26
C ALA G 241 -6.23 -10.91 54.98
N LEU G 242 -5.52 -11.49 55.95
CA LEU G 242 -4.96 -12.82 55.77
C LEU G 242 -6.06 -13.82 55.40
N LYS G 243 -7.24 -13.67 56.01
CA LYS G 243 -8.34 -14.58 55.70
C LYS G 243 -8.70 -14.51 54.22
N CYS G 244 -8.72 -13.31 53.61
CA CYS G 244 -8.97 -13.19 52.18
C CYS G 244 -7.76 -13.61 51.34
N LEU G 245 -6.53 -13.42 51.84
CA LEU G 245 -5.34 -13.80 51.09
C LEU G 245 -4.92 -15.25 51.28
N GLY G 246 -5.36 -15.92 52.35
CA GLY G 246 -4.90 -17.27 52.60
C GLY G 246 -3.66 -17.33 53.48
N GLY G 247 -3.73 -18.11 54.54
CA GLY G 247 -2.64 -18.22 55.50
C GLY G 247 -3.19 -18.31 56.92
N GLN G 248 -2.33 -18.74 57.84
CA GLN G 248 -2.71 -18.93 59.23
C GLN G 248 -2.05 -17.88 60.11
N MET G 249 -2.85 -17.31 61.01
CA MET G 249 -2.36 -16.44 62.08
C MET G 249 -2.92 -16.92 63.41
N GLN G 250 -2.05 -17.08 64.39
CA GLN G 250 -2.48 -17.45 65.73
C GLN G 250 -2.19 -16.30 66.68
N ALA G 251 -3.17 -15.97 67.51
CA ALA G 251 -3.13 -14.80 68.38
C ALA G 251 -3.49 -15.21 69.80
N ARG G 252 -3.08 -14.39 70.78
CA ARG G 252 -3.54 -14.53 72.16
C ARG G 252 -3.45 -13.18 72.86
N LEU G 253 -4.58 -12.73 73.41
CA LEU G 253 -4.62 -11.46 74.12
C LEU G 253 -3.74 -11.50 75.37
N ILE G 254 -3.30 -10.31 75.78
CA ILE G 254 -2.36 -10.14 76.89
C ILE G 254 -2.89 -9.05 77.80
N PHE G 255 -2.97 -9.37 79.09
CA PHE G 255 -3.50 -8.47 80.11
C PHE G 255 -2.40 -8.26 81.14
N ASN G 256 -2.08 -7.01 81.40
CA ASN G 256 -1.00 -6.61 82.29
C ASN G 256 -1.52 -5.71 83.41
N ASP G 257 -2.84 -5.49 83.44
CA ASP G 257 -3.50 -4.44 84.19
C ASP G 257 -4.87 -5.00 84.57
N GLU G 258 -5.44 -4.53 85.69
CA GLU G 258 -6.73 -5.12 86.09
C GLU G 258 -7.96 -4.43 85.48
N GLU G 259 -7.96 -3.10 85.28
CA GLU G 259 -8.98 -2.44 84.48
C GLU G 259 -8.83 -2.74 82.98
N GLU G 260 -7.83 -3.53 82.57
CA GLU G 260 -7.90 -4.14 81.24
C GLU G 260 -8.74 -5.41 81.28
N ILE G 261 -8.55 -6.21 82.32
CA ILE G 261 -9.41 -7.37 82.53
C ILE G 261 -10.84 -6.91 82.82
N LYS G 262 -11.01 -5.74 83.46
CA LYS G 262 -12.32 -5.14 83.58
C LYS G 262 -12.94 -4.90 82.21
N ARG G 263 -12.11 -4.53 81.23
CA ARG G 263 -12.59 -4.26 79.88
C ARG G 263 -12.89 -5.55 79.12
N ALA G 264 -12.05 -6.57 79.27
CA ALA G 264 -12.23 -7.80 78.51
C ALA G 264 -13.43 -8.60 78.97
N HIS G 265 -13.88 -8.40 80.20
CA HIS G 265 -15.05 -9.12 80.69
C HIS G 265 -16.34 -8.40 80.32
N ARG G 266 -16.38 -7.07 80.46
CA ARG G 266 -17.56 -6.33 80.02
C ARG G 266 -17.76 -6.40 78.50
N LEU G 267 -16.87 -7.07 77.76
CA LEU G 267 -17.05 -7.31 76.33
C LEU G 267 -17.23 -8.79 76.01
N GLY G 268 -17.33 -9.64 77.02
CA GLY G 268 -17.81 -10.99 76.84
C GLY G 268 -16.78 -12.11 76.78
N ILE G 269 -15.53 -11.84 77.14
CA ILE G 269 -14.44 -12.80 77.01
C ILE G 269 -14.23 -13.51 78.33
N THR G 270 -14.19 -14.85 78.29
CA THR G 270 -14.02 -15.69 79.48
C THR G 270 -12.58 -16.20 79.62
N ASP G 271 -12.08 -16.88 78.59
CA ASP G 271 -10.76 -17.53 78.59
C ASP G 271 -9.71 -16.47 78.25
N LEU G 272 -9.03 -15.95 79.27
CA LEU G 272 -8.04 -14.91 79.02
C LEU G 272 -6.87 -15.44 78.20
N ASN G 273 -6.39 -16.64 78.55
CA ASN G 273 -5.33 -17.29 77.81
C ASN G 273 -5.88 -18.08 76.62
N LYS G 274 -7.00 -17.62 76.06
CA LYS G 274 -7.54 -18.22 74.84
C LYS G 274 -6.57 -18.01 73.67
N LYS G 275 -6.47 -19.00 72.80
CA LYS G 275 -5.69 -18.87 71.59
C LYS G 275 -6.64 -18.68 70.42
N TYR G 276 -6.67 -17.45 69.90
CA TYR G 276 -7.57 -17.06 68.83
C TYR G 276 -6.95 -17.42 67.49
N ASP G 277 -7.73 -18.07 66.64
CA ASP G 277 -7.27 -18.40 65.31
C ASP G 277 -7.94 -17.41 64.36
N ILE G 278 -7.60 -17.46 63.06
CA ILE G 278 -8.11 -16.42 62.15
C ILE G 278 -9.62 -16.40 62.13
N ASP G 279 -10.24 -17.51 61.82
CA ASP G 279 -11.67 -17.73 62.02
C ASP G 279 -12.25 -17.14 63.30
N ASP G 280 -11.50 -17.13 64.41
CA ASP G 280 -12.03 -16.47 65.61
C ASP G 280 -11.81 -14.96 65.58
N LEU G 281 -10.78 -14.48 64.88
CA LEU G 281 -10.57 -13.04 64.77
C LEU G 281 -11.45 -12.42 63.70
N ALA G 282 -11.58 -13.06 62.54
CA ALA G 282 -12.47 -12.61 61.47
C ALA G 282 -13.06 -13.82 60.76
N SER G 283 -14.39 -13.93 60.78
CA SER G 283 -15.05 -15.06 60.15
C SER G 283 -16.26 -14.56 59.39
N GLY G 284 -16.60 -15.29 58.32
CA GLY G 284 -17.77 -14.98 57.54
C GLY G 284 -17.42 -14.33 56.22
N ASP G 285 -18.27 -13.41 55.78
CA ASP G 285 -18.10 -12.63 54.56
C ASP G 285 -17.27 -11.40 54.93
N ILE G 286 -15.95 -11.46 54.69
CA ILE G 286 -15.03 -10.36 54.99
C ILE G 286 -14.77 -9.55 53.74
N VAL G 287 -14.80 -8.23 53.86
CA VAL G 287 -14.25 -7.31 52.88
C VAL G 287 -13.15 -6.51 53.56
N PHE G 288 -11.96 -6.48 52.94
CA PHE G 288 -10.79 -5.76 53.44
C PHE G 288 -10.32 -4.76 52.39
N ALA G 289 -10.06 -3.53 52.82
CA ALA G 289 -9.56 -2.46 51.96
C ALA G 289 -8.43 -1.73 52.67
N ALA G 290 -7.38 -1.40 51.93
CA ALA G 290 -6.27 -0.64 52.47
C ALA G 290 -5.58 0.16 51.37
N THR G 291 -5.15 1.36 51.73
CA THR G 291 -4.37 2.24 50.86
C THR G 291 -3.09 2.61 51.57
N GLY G 292 -1.96 2.51 50.87
CA GLY G 292 -0.70 2.91 51.46
C GLY G 292 -0.65 4.42 51.65
N VAL G 293 -0.10 4.84 52.78
CA VAL G 293 0.18 6.25 53.01
C VAL G 293 1.62 6.58 52.66
N THR G 294 2.56 5.85 53.23
CA THR G 294 3.97 5.88 52.90
C THR G 294 4.35 4.53 52.35
N ASP G 295 5.54 4.44 51.74
CA ASP G 295 6.04 3.18 51.22
C ASP G 295 6.17 2.19 52.37
N GLY G 296 5.88 0.91 52.10
CA GLY G 296 5.86 -0.11 53.13
C GLY G 296 5.96 -1.50 52.54
N ASN G 297 6.03 -2.49 53.42
CA ASN G 297 6.29 -3.84 52.96
C ASN G 297 5.02 -4.56 52.51
N MET G 298 3.91 -3.83 52.38
CA MET G 298 2.69 -4.34 51.77
C MET G 298 2.24 -3.48 50.59
N LEU G 299 1.98 -2.20 50.81
CA LEU G 299 1.56 -1.30 49.75
C LEU G 299 2.55 -0.15 49.65
N GLN G 300 2.64 0.46 48.47
CA GLN G 300 3.50 1.62 48.38
C GLN G 300 2.71 2.89 48.65
N GLY G 301 3.46 4.00 48.86
CA GLY G 301 2.89 5.22 49.39
C GLY G 301 2.32 6.14 48.33
N VAL G 302 1.60 7.18 48.81
CA VAL G 302 1.13 8.21 47.89
C VAL G 302 2.34 8.89 47.27
N LYS G 303 2.23 9.26 46.00
CA LYS G 303 3.31 9.98 45.34
C LYS G 303 2.70 11.12 44.54
N ARG G 304 3.50 12.18 44.35
CA ARG G 304 3.13 13.27 43.48
C ARG G 304 3.67 12.96 42.09
N VAL G 305 2.83 13.15 41.08
CA VAL G 305 3.24 12.93 39.70
C VAL G 305 2.95 14.18 38.90
N ASN G 306 3.89 14.55 38.04
CA ASN G 306 3.76 15.70 37.16
C ASN G 306 4.08 15.19 35.75
N SER G 307 3.06 14.72 35.05
CA SER G 307 3.21 14.32 33.66
C SER G 307 2.69 15.42 32.74
N THR G 308 3.12 15.37 31.49
CA THR G 308 2.69 16.37 30.53
C THR G 308 1.35 16.02 29.89
N ARG G 309 1.02 14.72 29.77
CA ARG G 309 -0.18 14.31 29.07
C ARG G 309 -1.46 14.54 29.88
N ARG G 310 -1.42 14.42 31.21
CA ARG G 310 -2.62 14.65 32.02
C ARG G 310 -2.40 15.68 33.12
N GLY G 311 -1.28 16.38 33.12
CA GLY G 311 -1.02 17.32 34.19
C GLY G 311 -0.56 16.60 35.44
N SER G 312 -0.83 17.21 36.59
CA SER G 312 -0.32 16.69 37.85
C SER G 312 -1.43 16.00 38.65
N TYR G 313 -1.00 15.03 39.46
CA TYR G 313 -1.93 14.24 40.25
C TYR G 313 -1.18 13.51 41.36
N ALA G 314 -1.95 13.04 42.34
CA ALA G 314 -1.44 12.16 43.37
C ALA G 314 -1.88 10.75 43.04
N VAL G 315 -0.94 9.80 43.08
CA VAL G 315 -1.23 8.41 42.80
C VAL G 315 -1.30 7.66 44.13
N THR G 316 -2.37 6.89 44.32
CA THR G 316 -2.52 6.04 45.48
C THR G 316 -2.45 4.58 45.05
N HIS G 317 -2.01 3.73 45.96
CA HIS G 317 -1.89 2.30 45.74
C HIS G 317 -2.69 1.57 46.81
N SER G 318 -3.69 0.80 46.37
CA SER G 318 -4.67 0.22 47.27
C SER G 318 -4.88 -1.25 46.94
N VAL G 319 -5.53 -1.96 47.86
CA VAL G 319 -5.93 -3.34 47.63
C VAL G 319 -7.30 -3.55 48.29
N VAL G 320 -8.26 -4.08 47.52
CA VAL G 320 -9.53 -4.57 48.08
C VAL G 320 -9.64 -6.06 47.83
N MET G 321 -10.10 -6.77 48.85
CA MET G 321 -10.19 -8.22 48.79
C MET G 321 -11.45 -8.67 49.52
N ARG G 322 -11.98 -9.80 49.10
CA ARG G 322 -13.24 -10.34 49.63
C ARG G 322 -13.03 -11.80 49.97
N SER G 323 -13.35 -12.17 51.22
CA SER G 323 -13.05 -13.53 51.69
C SER G 323 -13.88 -14.59 50.99
N THR G 324 -15.11 -14.26 50.56
CA THR G 324 -15.94 -15.31 49.97
C THR G 324 -15.48 -15.63 48.55
N THR G 325 -15.40 -14.61 47.67
CA THR G 325 -14.93 -14.84 46.31
C THR G 325 -13.41 -15.04 46.23
N LYS G 326 -12.67 -14.78 47.31
CA LYS G 326 -11.19 -14.81 47.32
C LYS G 326 -10.58 -13.96 46.18
N THR G 327 -11.35 -13.08 45.55
CA THR G 327 -10.79 -12.26 44.50
C THR G 327 -10.10 -11.05 45.14
N VAL G 328 -8.96 -10.68 44.56
CA VAL G 328 -8.10 -9.63 45.08
C VAL G 328 -7.87 -8.60 43.98
N ARG G 329 -8.15 -7.34 44.29
CA ARG G 329 -7.94 -6.27 43.33
C ARG G 329 -6.86 -5.32 43.82
N HIS G 330 -5.85 -5.08 42.99
CA HIS G 330 -4.84 -4.05 43.23
C HIS G 330 -5.20 -2.88 42.36
N ILE G 331 -5.27 -1.69 42.96
CA ILE G 331 -5.81 -0.48 42.35
C ILE G 331 -4.78 0.62 42.44
N THR G 332 -4.42 1.20 41.30
CA THR G 332 -3.60 2.40 41.21
C THR G 332 -4.51 3.53 40.76
N ALA G 333 -4.68 4.55 41.59
CA ALA G 333 -5.62 5.61 41.30
C ALA G 333 -4.89 6.91 41.03
N GLU G 334 -5.34 7.63 40.00
CA GLU G 334 -4.79 8.95 39.68
C GLU G 334 -5.82 10.00 40.10
N HIS G 335 -5.49 10.75 41.17
CA HIS G 335 -6.34 11.80 41.71
C HIS G 335 -5.75 13.13 41.29
N SER G 336 -6.43 13.85 40.41
CA SER G 336 -5.87 15.11 39.94
C SER G 336 -5.83 16.13 41.06
N PHE G 337 -4.76 16.92 41.08
CA PHE G 337 -4.62 18.05 41.98
C PHE G 337 -3.49 18.95 41.48
N ASP G 338 -3.74 20.26 41.38
CA ASP G 338 -2.62 21.18 41.26
C ASP G 338 -1.91 21.29 42.60
N PHE G 339 -0.59 21.26 42.56
CA PHE G 339 0.21 21.46 43.75
C PHE G 339 0.78 22.88 43.82
N LYS G 340 0.29 23.78 42.97
CA LYS G 340 0.58 25.20 43.16
C LYS G 340 -0.20 25.74 44.36
N GLU G 341 -1.36 25.16 44.66
CA GLU G 341 -2.09 25.41 45.89
C GLU G 341 -1.46 24.62 47.04
N GLY G 342 -1.94 24.89 48.24
CA GLY G 342 -1.53 24.10 49.38
C GLY G 342 -1.83 22.62 49.20
N ILE G 343 -0.95 21.80 49.77
CA ILE G 343 -1.14 20.35 49.78
C ILE G 343 -2.25 19.92 50.72
N GLU G 344 -2.49 20.70 51.79
CA GLU G 344 -3.52 20.36 52.78
C GLU G 344 -4.92 20.59 52.29
N LYS G 345 -5.11 20.67 50.98
CA LYS G 345 -6.47 20.84 50.46
C LYS G 345 -6.96 19.53 49.85
N PHE G 346 -6.14 18.51 50.07
CA PHE G 346 -6.40 17.08 50.06
C PHE G 346 -7.11 16.57 51.31
N MET G 347 -7.58 17.45 52.18
CA MET G 347 -8.35 17.08 53.37
C MET G 347 -9.84 17.21 53.07
N SER G 348 -10.56 16.09 53.13
CA SER G 348 -11.97 16.04 52.80
C SER G 348 -12.80 15.81 54.06
N MET H 21 36.53 6.07 28.47
CA MET H 21 36.83 4.68 28.80
C MET H 21 36.02 3.83 27.87
N ASN H 22 36.41 2.57 27.64
CA ASN H 22 35.63 1.77 26.72
C ASN H 22 34.26 1.38 27.31
N ARG H 23 33.24 1.33 26.46
CA ARG H 23 31.90 0.93 26.90
C ARG H 23 31.83 -0.52 27.37
N LYS H 24 32.94 -1.27 27.29
CA LYS H 24 32.95 -2.62 27.83
C LYS H 24 32.96 -2.60 29.35
N VAL H 25 33.80 -1.74 29.94
CA VAL H 25 33.89 -1.69 31.40
C VAL H 25 32.61 -1.13 32.00
N ALA H 26 31.85 -0.34 31.25
CA ALA H 26 30.66 0.30 31.78
C ALA H 26 29.67 -0.72 32.35
N LEU H 27 29.05 -1.52 31.49
CA LEU H 27 27.86 -2.26 31.89
C LEU H 27 28.09 -3.18 33.08
N GLU H 28 29.27 -3.74 33.20
CA GLU H 28 29.46 -4.88 34.07
C GLU H 28 30.15 -4.55 35.39
N ALA H 29 30.21 -3.28 35.75
CA ALA H 29 30.19 -2.96 37.17
C ALA H 29 28.95 -3.54 37.82
N VAL H 30 27.86 -3.74 37.06
CA VAL H 30 26.62 -4.16 37.68
C VAL H 30 26.77 -5.55 38.24
N ARG H 31 27.60 -6.38 37.61
CA ARG H 31 27.82 -7.72 38.14
C ARG H 31 28.50 -7.66 39.50
N VAL H 32 29.45 -6.73 39.66
CA VAL H 32 30.11 -6.55 40.95
C VAL H 32 29.09 -6.16 42.02
N THR H 33 28.29 -5.12 41.76
CA THR H 33 27.30 -4.73 42.75
C THR H 33 26.27 -5.83 42.98
N GLU H 34 26.00 -6.68 41.97
CA GLU H 34 25.06 -7.78 42.16
C GLU H 34 25.60 -8.81 43.14
N LEU H 35 26.83 -9.29 42.92
CA LEU H 35 27.38 -10.31 43.80
C LEU H 35 27.62 -9.77 45.20
N ALA H 36 27.95 -8.48 45.33
CA ALA H 36 28.12 -7.93 46.67
C ALA H 36 26.79 -7.87 47.40
N ALA H 37 25.68 -7.70 46.67
CA ALA H 37 24.37 -7.62 47.32
C ALA H 37 23.80 -8.99 47.61
N LEU H 38 24.08 -9.99 46.77
CA LEU H 38 23.66 -11.34 47.12
C LEU H 38 24.38 -11.81 48.38
N ALA H 39 25.68 -11.54 48.47
CA ALA H 39 26.40 -11.84 49.69
C ALA H 39 25.86 -11.04 50.86
N SER H 40 25.69 -9.73 50.68
CA SER H 40 25.16 -8.90 51.75
C SER H 40 23.83 -9.44 52.26
N TRP H 41 23.01 -9.97 51.35
CA TRP H 41 21.64 -10.38 51.67
C TRP H 41 21.59 -11.70 52.44
N SER H 42 22.54 -12.61 52.17
CA SER H 42 22.65 -13.82 52.98
C SER H 42 22.95 -13.52 54.44
N GLN H 43 23.34 -12.29 54.76
CA GLN H 43 23.53 -11.83 56.12
C GLN H 43 22.43 -10.88 56.57
N MET H 44 21.39 -10.65 55.76
CA MET H 44 20.33 -9.74 56.20
C MET H 44 19.64 -10.34 57.42
N GLY H 45 19.42 -9.51 58.43
CA GLY H 45 18.66 -9.91 59.59
C GLY H 45 19.36 -10.87 60.52
N ARG H 46 20.68 -11.02 60.37
CA ARG H 46 21.44 -11.92 61.23
C ARG H 46 22.18 -11.18 62.33
N GLY H 47 21.88 -9.88 62.53
CA GLY H 47 22.41 -9.08 63.62
C GLY H 47 23.92 -9.05 63.75
N ASP H 48 24.63 -9.54 62.75
CA ASP H 48 26.09 -9.65 62.77
C ASP H 48 26.61 -8.66 61.74
N LYS H 49 26.65 -7.38 62.10
CA LYS H 49 27.09 -6.39 61.13
C LYS H 49 28.48 -6.66 60.55
N ILE H 50 29.30 -7.40 61.28
CA ILE H 50 30.65 -7.64 60.80
C ILE H 50 30.64 -8.67 59.70
N ALA H 51 29.90 -9.77 59.90
CA ALA H 51 29.82 -10.77 58.85
C ALA H 51 29.15 -10.23 57.62
N ALA H 52 28.21 -9.26 57.80
CA ALA H 52 27.57 -8.61 56.66
C ALA H 52 28.61 -7.92 55.79
N ASP H 53 29.39 -7.03 56.39
CA ASP H 53 30.36 -6.30 55.61
C ASP H 53 31.50 -7.20 55.13
N GLN H 54 31.77 -8.29 55.86
CA GLN H 54 32.78 -9.25 55.42
C GLN H 54 32.31 -9.99 54.18
N ALA H 55 31.03 -10.38 54.13
CA ALA H 55 30.51 -11.04 52.94
C ALA H 55 30.53 -10.09 51.74
N ALA H 56 30.12 -8.84 51.95
CA ALA H 56 30.11 -7.84 50.90
C ALA H 56 31.52 -7.56 50.39
N VAL H 57 32.44 -7.21 51.30
CA VAL H 57 33.81 -6.93 50.90
C VAL H 57 34.40 -8.10 50.13
N ASP H 58 34.24 -9.31 50.66
CA ASP H 58 34.75 -10.51 50.00
C ASP H 58 34.20 -10.63 48.59
N ALA H 59 32.88 -10.53 48.44
CA ALA H 59 32.27 -10.71 47.13
C ALA H 59 32.66 -9.58 46.17
N MET H 60 32.67 -8.34 46.64
CA MET H 60 32.93 -7.23 45.72
C MET H 60 34.39 -7.24 45.27
N ARG H 61 35.32 -7.52 46.18
CA ARG H 61 36.71 -7.69 45.76
C ARG H 61 36.85 -8.84 44.78
N LYS H 62 36.33 -10.03 45.13
CA LYS H 62 36.45 -11.18 44.24
C LYS H 62 35.94 -10.83 42.83
N ALA H 63 34.73 -10.27 42.74
CA ALA H 63 34.15 -9.98 41.42
C ALA H 63 34.85 -8.82 40.75
N LEU H 64 35.29 -7.82 41.51
CA LEU H 64 36.00 -6.68 40.94
C LEU H 64 37.29 -7.09 40.25
N ASN H 65 37.90 -8.20 40.67
CA ASN H 65 39.17 -8.64 40.08
C ASN H 65 38.97 -9.44 38.82
N GLU H 66 37.75 -9.46 38.29
CA GLU H 66 37.50 -10.09 37.01
C GLU H 66 37.07 -9.09 35.96
N VAL H 67 37.09 -7.80 36.32
CA VAL H 67 36.75 -6.71 35.41
C VAL H 67 38.03 -6.24 34.73
N ASP H 68 38.06 -6.27 33.41
CA ASP H 68 39.26 -5.84 32.70
C ASP H 68 39.43 -4.34 32.88
N ILE H 69 39.98 -3.97 34.04
CA ILE H 69 40.44 -2.62 34.32
C ILE H 69 41.77 -2.72 35.06
N ASP H 70 42.55 -1.65 34.99
CA ASP H 70 43.69 -1.45 35.87
C ASP H 70 43.22 -0.39 36.85
N GLY H 71 42.60 -0.83 37.93
CA GLY H 71 41.84 0.04 38.81
C GLY H 71 42.55 0.31 40.12
N THR H 72 42.32 1.51 40.66
CA THR H 72 42.83 1.88 41.96
C THR H 72 41.69 2.41 42.82
N VAL H 73 41.52 1.83 44.01
CA VAL H 73 40.53 2.33 44.94
C VAL H 73 40.94 3.73 45.40
N VAL H 74 40.20 4.74 45.00
CA VAL H 74 40.39 6.08 45.53
C VAL H 74 39.50 6.38 46.75
N ILE H 75 38.33 5.72 46.87
CA ILE H 75 37.35 6.00 47.94
C ILE H 75 36.92 4.68 48.58
N GLY H 76 37.05 4.57 49.91
CA GLY H 76 36.90 3.31 50.62
C GLY H 76 35.73 3.30 51.60
N GLU H 77 35.80 2.35 52.56
CA GLU H 77 34.58 1.95 53.24
C GLU H 77 34.49 2.65 54.60
N GLY H 78 34.99 2.05 55.68
CA GLY H 78 34.79 2.56 57.04
C GLY H 78 35.99 2.75 57.94
N GLU H 79 36.18 1.84 58.93
CA GLU H 79 37.26 1.97 59.91
C GLU H 79 38.03 0.66 60.18
N LEU H 80 37.93 -0.35 59.33
CA LEU H 80 38.80 -1.54 59.30
C LEU H 80 38.50 -2.54 60.42
N ASP H 81 37.98 -2.11 61.57
CA ASP H 81 37.29 -3.09 62.40
C ASP H 81 35.96 -3.47 61.78
N GLU H 82 35.08 -2.47 61.59
CA GLU H 82 33.71 -2.60 61.12
C GLU H 82 33.57 -3.62 59.99
N ALA H 83 34.70 -4.01 59.40
CA ALA H 83 34.82 -4.93 58.29
C ALA H 83 36.28 -4.98 57.91
N PRO H 84 36.68 -5.87 57.02
CA PRO H 84 37.86 -5.55 56.21
C PRO H 84 37.48 -4.41 55.29
N MET H 85 38.38 -4.04 54.39
CA MET H 85 38.06 -2.97 53.46
C MET H 85 38.68 -3.26 52.12
N LEU H 86 38.09 -2.66 51.11
CA LEU H 86 38.89 -2.29 49.95
C LEU H 86 39.64 -1.04 50.40
N TYR H 87 40.93 -1.21 50.72
CA TYR H 87 41.71 -0.10 51.25
C TYR H 87 42.01 0.91 50.15
N ILE H 88 42.16 2.17 50.55
CA ILE H 88 42.45 3.24 49.61
C ILE H 88 43.83 3.03 49.01
N GLY H 89 43.92 3.05 47.67
CA GLY H 89 45.16 2.75 46.97
C GLY H 89 45.37 1.29 46.64
N GLU H 90 44.49 0.40 47.09
CA GLU H 90 44.57 -0.99 46.69
C GLU H 90 44.34 -1.10 45.19
N LYS H 91 45.15 -1.91 44.52
CA LYS H 91 45.01 -2.06 43.08
C LYS H 91 44.15 -3.27 42.81
N VAL H 92 43.17 -3.10 41.92
CA VAL H 92 42.12 -4.08 41.76
C VAL H 92 41.83 -4.23 40.27
N GLY H 93 41.36 -5.39 39.87
CA GLY H 93 41.05 -5.69 38.48
C GLY H 93 42.06 -6.62 37.85
N ALA H 94 41.69 -7.12 36.67
CA ALA H 94 42.46 -8.13 35.96
C ALA H 94 43.31 -7.57 34.82
N GLY H 95 43.30 -6.26 34.59
CA GLY H 95 44.09 -5.69 33.52
C GLY H 95 43.27 -5.02 32.43
N GLY H 96 43.52 -3.74 32.19
CA GLY H 96 42.74 -2.99 31.24
C GLY H 96 43.06 -1.52 31.36
N CYS H 97 42.24 -0.70 30.70
CA CYS H 97 42.47 0.74 30.73
C CYS H 97 42.33 1.26 32.16
N GLU H 98 42.97 2.40 32.41
CA GLU H 98 43.19 2.87 33.77
C GLU H 98 41.95 3.57 34.30
N VAL H 99 41.52 3.16 35.50
CA VAL H 99 40.28 3.62 36.13
C VAL H 99 40.52 3.91 37.60
N ASP H 100 39.87 4.96 38.11
CA ASP H 100 39.80 5.19 39.55
C ASP H 100 38.44 4.72 40.07
N ILE H 101 38.47 4.06 41.24
CA ILE H 101 37.30 3.39 41.81
C ILE H 101 36.88 4.10 43.09
N ALA H 102 35.63 4.58 43.13
CA ALA H 102 34.94 4.97 44.35
C ALA H 102 33.87 3.92 44.68
N LEU H 103 33.66 3.67 45.97
CA LEU H 103 33.15 2.35 46.32
C LEU H 103 32.62 2.30 47.75
N ASP H 104 31.53 1.54 47.94
CA ASP H 104 31.04 1.13 49.26
C ASP H 104 30.47 -0.28 49.10
N PRO H 105 31.22 -1.30 49.50
CA PRO H 105 30.73 -2.69 49.31
C PRO H 105 29.40 -2.97 49.99
N LEU H 106 29.09 -2.27 51.08
CA LEU H 106 27.78 -2.37 51.70
C LEU H 106 27.47 -1.02 52.35
N GLU H 107 26.62 -0.24 51.68
CA GLU H 107 26.13 1.02 52.22
C GLU H 107 24.92 0.68 53.11
N GLY H 108 25.15 0.72 54.42
CA GLY H 108 24.18 0.27 55.40
C GLY H 108 24.49 -1.09 55.98
N THR H 109 25.66 -1.24 56.63
CA THR H 109 25.97 -2.50 57.28
C THR H 109 25.11 -2.73 58.51
N THR H 110 24.82 -1.69 59.30
CA THR H 110 23.92 -1.84 60.44
C THR H 110 22.49 -2.07 59.96
N ILE H 111 22.01 -1.23 59.05
CA ILE H 111 20.77 -1.43 58.30
C ILE H 111 20.60 -2.88 57.87
N THR H 112 21.55 -3.43 57.10
CA THR H 112 21.42 -4.80 56.61
C THR H 112 21.31 -5.80 57.76
N SER H 113 22.04 -5.58 58.86
CA SER H 113 22.05 -6.58 59.93
C SER H 113 20.70 -6.67 60.65
N LYS H 114 19.90 -5.60 60.62
CA LYS H 114 18.56 -5.61 61.19
C LYS H 114 17.46 -5.52 60.11
N GLY H 115 17.80 -5.63 58.83
CA GLY H 115 16.81 -5.57 57.75
C GLY H 115 16.12 -4.23 57.49
N GLY H 116 16.78 -3.12 57.79
CA GLY H 116 16.18 -1.80 57.56
C GLY H 116 16.17 -1.40 56.06
N ALA H 117 15.62 -0.22 55.83
CA ALA H 117 15.48 0.35 54.50
C ALA H 117 16.79 0.97 54.00
N ASN H 118 16.86 1.15 52.68
CA ASN H 118 17.87 1.92 51.96
C ASN H 118 19.27 1.29 51.94
N ALA H 119 19.44 -0.01 52.17
CA ALA H 119 20.79 -0.53 52.05
C ALA H 119 21.12 -0.90 50.60
N LEU H 120 22.40 -0.74 50.23
CA LEU H 120 22.84 -0.81 48.85
C LEU H 120 24.27 -1.33 48.82
N THR H 121 24.66 -1.83 47.65
CA THR H 121 26.06 -1.99 47.27
C THR H 121 26.34 -1.02 46.13
N VAL H 122 27.44 -0.26 46.23
CA VAL H 122 27.67 0.86 45.33
C VAL H 122 29.07 0.76 44.73
N LEU H 123 29.17 1.08 43.44
CA LEU H 123 30.46 1.06 42.74
C LEU H 123 30.46 2.18 41.70
N ALA H 124 31.51 3.01 41.70
CA ALA H 124 31.65 4.08 40.71
C ALA H 124 33.05 4.07 40.10
N MET H 125 33.12 4.39 38.81
CA MET H 125 34.35 4.31 38.04
C MET H 125 34.58 5.65 37.36
N ALA H 126 35.84 6.04 37.23
CA ALA H 126 36.15 7.33 36.65
C ALA H 126 37.57 7.29 36.08
N ASP H 127 37.90 8.34 35.31
CA ASP H 127 39.27 8.50 34.86
C ASP H 127 40.10 9.09 35.98
N LYS H 128 41.36 8.64 36.10
CA LYS H 128 42.21 9.03 37.24
C LYS H 128 42.09 10.52 37.53
N GLY H 129 41.74 10.84 38.79
CA GLY H 129 41.58 12.21 39.24
C GLY H 129 40.16 12.74 39.22
N GLY H 130 39.22 12.00 38.63
CA GLY H 130 37.85 12.47 38.48
C GLY H 130 37.05 12.56 39.77
N PHE H 131 37.53 11.97 40.86
CA PHE H 131 36.82 11.97 42.14
C PHE H 131 37.50 12.93 43.11
N LEU H 132 36.68 13.69 43.84
CA LEU H 132 37.18 14.37 45.02
C LEU H 132 37.98 13.40 45.85
N ASN H 133 39.24 13.73 46.05
CA ASN H 133 40.13 12.92 46.88
C ASN H 133 40.13 13.59 48.27
N ALA H 134 39.28 13.09 49.15
CA ALA H 134 39.13 13.64 50.49
C ALA H 134 39.12 12.50 51.50
N PRO H 135 39.39 12.80 52.77
CA PRO H 135 39.32 11.76 53.81
C PRO H 135 37.87 11.52 54.24
N ASP H 136 37.67 10.44 55.00
CA ASP H 136 36.34 10.08 55.48
C ASP H 136 36.03 10.95 56.71
N VAL H 137 35.68 12.19 56.42
CA VAL H 137 35.12 13.12 57.39
C VAL H 137 33.65 13.30 57.02
N TYR H 138 32.87 13.87 57.93
CA TYR H 138 31.54 14.23 57.46
C TYR H 138 31.57 15.36 56.44
N MET H 139 30.39 15.57 55.85
CA MET H 139 30.17 16.46 54.71
C MET H 139 28.72 16.92 54.78
N GLN H 140 28.48 18.23 54.86
CA GLN H 140 27.14 18.77 54.64
C GLN H 140 26.72 18.49 53.19
N LYS H 141 25.40 18.36 52.98
CA LYS H 141 24.87 17.98 51.67
C LYS H 141 23.49 18.59 51.45
N ILE H 142 23.25 19.04 50.23
CA ILE H 142 21.92 19.43 49.81
C ILE H 142 21.81 19.06 48.34
N ALA H 143 20.71 18.45 47.95
CA ALA H 143 20.63 17.92 46.60
C ALA H 143 19.18 17.95 46.13
N VAL H 144 19.03 18.19 44.82
CA VAL H 144 17.73 18.18 44.17
C VAL H 144 17.96 17.47 42.85
N GLY H 145 16.87 16.91 42.28
CA GLY H 145 16.92 16.27 40.99
C GLY H 145 16.20 17.10 39.92
N GLY H 146 16.43 16.69 38.68
CA GLY H 146 15.90 17.39 37.52
C GLY H 146 17.04 17.78 36.60
N ILE H 147 16.97 17.35 35.33
CA ILE H 147 18.05 17.64 34.38
C ILE H 147 18.17 19.15 34.16
N ASN H 148 17.09 19.90 34.33
CA ASN H 148 17.07 21.33 34.06
C ASN H 148 17.36 22.20 35.29
N ALA H 149 17.94 21.64 36.34
CA ALA H 149 18.24 22.49 37.48
C ALA H 149 19.56 23.24 37.25
N PRO H 150 19.63 24.52 37.59
CA PRO H 150 20.87 25.27 37.43
C PRO H 150 21.80 25.08 38.61
N LYS H 151 23.11 25.07 38.31
CA LYS H 151 24.07 25.22 39.39
C LYS H 151 23.71 26.48 40.15
N GLY H 152 23.62 26.37 41.48
CA GLY H 152 23.13 27.46 42.30
C GLY H 152 21.68 27.34 42.74
N ILE H 153 20.95 26.31 42.30
CA ILE H 153 19.58 26.12 42.79
C ILE H 153 19.60 25.81 44.27
N VAL H 154 20.60 25.08 44.74
CA VAL H 154 20.81 24.86 46.15
C VAL H 154 22.13 25.50 46.52
N ASP H 155 22.19 26.04 47.73
CA ASP H 155 23.39 26.65 48.25
C ASP H 155 23.41 26.39 49.75
N LEU H 156 24.48 25.77 50.25
CA LEU H 156 24.57 25.43 51.67
C LEU H 156 24.49 26.68 52.55
N ASP H 157 24.99 27.81 52.07
CA ASP H 157 25.01 29.00 52.90
C ASP H 157 23.64 29.69 52.99
N ASP H 158 22.80 29.54 51.97
CA ASP H 158 21.40 29.94 52.08
C ASP H 158 20.69 29.23 53.24
N SER H 159 19.57 29.83 53.64
CA SER H 159 18.72 29.25 54.66
C SER H 159 17.95 28.05 54.08
N VAL H 160 17.38 27.24 54.97
CA VAL H 160 16.61 26.11 54.47
C VAL H 160 15.37 26.60 53.74
N THR H 161 14.68 27.60 54.29
CA THR H 161 13.48 28.12 53.63
C THR H 161 13.79 28.75 52.28
N ASN H 162 14.97 29.37 52.13
CA ASN H 162 15.30 30.03 50.87
C ASN H 162 15.58 29.00 49.78
N ASN H 163 16.28 27.93 50.13
CA ASN H 163 16.45 26.83 49.20
C ASN H 163 15.10 26.23 48.86
N LEU H 164 14.31 25.90 49.88
CA LEU H 164 13.03 25.25 49.63
C LEU H 164 12.17 26.07 48.67
N LYS H 165 12.21 27.39 48.77
CA LYS H 165 11.33 28.20 47.93
C LYS H 165 11.87 28.31 46.51
N ARG H 166 13.19 28.30 46.35
CA ARG H 166 13.76 28.21 45.02
C ARG H 166 13.40 26.89 44.35
N ILE H 167 13.51 25.79 45.10
CA ILE H 167 13.23 24.47 44.53
C ILE H 167 11.74 24.29 44.27
N ALA H 168 10.88 24.72 45.21
CA ALA H 168 9.44 24.71 45.00
C ALA H 168 9.08 25.35 43.67
N GLU H 169 9.77 26.44 43.30
CA GLU H 169 9.28 27.26 42.20
C GLU H 169 10.02 26.90 40.91
N PHE H 170 11.18 26.26 41.08
CA PHE H 170 11.80 25.51 39.99
C PHE H 170 10.93 24.33 39.61
N LYS H 171 10.37 23.63 40.60
CA LYS H 171 9.55 22.48 40.28
C LYS H 171 8.12 22.83 39.92
N GLY H 172 7.68 24.06 40.21
CA GLY H 172 6.34 24.49 39.88
C GLY H 172 5.26 24.14 40.89
N VAL H 173 5.62 24.01 42.17
CA VAL H 173 4.64 23.63 43.18
C VAL H 173 4.84 24.45 44.44
N HIS H 174 3.76 24.62 45.19
CA HIS H 174 3.79 25.18 46.53
C HIS H 174 4.86 24.51 47.39
N MET H 175 5.44 25.27 48.34
CA MET H 175 6.47 24.68 49.20
C MET H 175 5.91 23.52 50.03
N SER H 176 4.63 23.60 50.43
CA SER H 176 4.07 22.51 51.22
C SER H 176 3.96 21.21 50.43
N ALA H 177 4.03 21.29 49.09
CA ALA H 177 4.04 20.07 48.29
C ALA H 177 5.41 19.39 48.24
N LEU H 178 6.45 19.97 48.83
CA LEU H 178 7.79 19.39 48.75
C LEU H 178 7.97 18.34 49.84
N VAL H 179 8.54 17.19 49.48
CA VAL H 179 8.96 16.19 50.45
C VAL H 179 10.46 16.31 50.56
N VAL H 180 10.92 16.79 51.68
CA VAL H 180 12.34 16.86 52.00
C VAL H 180 12.71 15.61 52.77
N CYS H 181 13.90 15.08 52.54
CA CYS H 181 14.35 13.88 53.20
C CYS H 181 15.64 14.14 53.97
N THR H 182 15.73 13.55 55.16
CA THR H 182 16.93 13.68 55.97
C THR H 182 16.99 12.55 56.98
N MET H 183 18.16 12.34 57.55
CA MET H 183 18.36 11.31 58.57
C MET H 183 17.86 11.79 59.94
N ASP H 184 17.30 10.86 60.71
CA ASP H 184 16.79 11.08 62.07
C ASP H 184 17.95 11.11 63.06
N ARG H 185 18.78 12.12 62.98
CA ARG H 185 19.90 12.28 63.89
C ARG H 185 19.69 13.62 64.60
N PRO H 186 20.28 13.81 65.79
CA PRO H 186 20.07 15.08 66.49
C PRO H 186 20.60 16.26 65.68
N ARG H 187 21.73 16.07 65.00
CA ARG H 187 22.37 17.12 64.20
C ARG H 187 21.45 17.70 63.10
N HIS H 188 20.40 16.99 62.69
CA HIS H 188 19.53 17.46 61.63
C HIS H 188 18.33 18.20 62.17
N GLU H 189 18.43 18.64 63.42
CA GLU H 189 17.28 18.81 64.28
C GLU H 189 16.63 20.08 63.82
N HIS H 190 17.53 21.05 63.67
CA HIS H 190 17.37 22.37 63.11
C HIS H 190 16.87 22.33 61.68
N ILE H 191 17.56 21.61 60.78
CA ILE H 191 17.05 21.45 59.42
C ILE H 191 15.59 21.03 59.44
N ILE H 192 15.28 19.97 60.18
CA ILE H 192 13.90 19.49 60.29
C ILE H 192 12.98 20.59 60.79
N LYS H 193 13.42 21.33 61.81
CA LYS H 193 12.52 22.36 62.35
C LYS H 193 12.38 23.57 61.43
N GLU H 194 13.44 24.01 60.71
CA GLU H 194 13.28 25.31 60.05
C GLU H 194 12.40 25.08 58.82
N ALA H 195 12.54 23.87 58.25
CA ALA H 195 11.79 23.46 57.06
C ALA H 195 10.30 23.35 57.33
N ARG H 196 9.93 22.72 58.45
CA ARG H 196 8.51 22.56 58.75
C ARG H 196 7.86 23.87 59.11
N GLU H 197 8.67 24.88 59.48
CA GLU H 197 8.17 26.23 59.77
C GLU H 197 7.25 26.73 58.68
N CYS H 198 7.76 26.79 57.45
CA CYS H 198 7.09 27.41 56.32
C CYS H 198 6.41 26.38 55.44
N GLY H 199 5.88 25.31 56.07
CA GLY H 199 4.95 24.38 55.45
C GLY H 199 5.55 23.12 54.87
N ALA H 200 6.87 22.97 54.86
CA ALA H 200 7.48 21.86 54.14
C ALA H 200 7.20 20.54 54.84
N ARG H 201 7.16 19.47 54.05
CA ARG H 201 7.12 18.12 54.57
C ARG H 201 8.53 17.58 54.63
N VAL H 202 8.92 17.06 55.79
CA VAL H 202 10.23 16.45 55.97
C VAL H 202 10.04 15.03 56.49
N ILE H 203 10.47 14.05 55.70
CA ILE H 203 10.40 12.65 56.07
C ILE H 203 11.79 12.23 56.48
N LEU H 204 11.87 11.20 57.31
CA LEU H 204 13.10 10.82 58.00
C LEU H 204 13.49 9.39 57.67
N ILE H 205 14.79 9.15 57.50
CA ILE H 205 15.29 7.82 57.23
C ILE H 205 16.30 7.50 58.31
N ASN H 206 16.28 6.25 58.79
CA ASN H 206 17.20 5.89 59.85
C ASN H 206 18.63 5.95 59.38
N ASP H 207 18.86 5.59 58.12
CA ASP H 207 20.19 5.56 57.54
C ASP H 207 20.04 5.35 56.04
N GLY H 208 21.15 5.53 55.32
CA GLY H 208 21.19 5.43 53.87
C GLY H 208 21.05 6.75 53.14
N ASP H 209 22.10 7.59 53.18
CA ASP H 209 22.02 8.87 52.48
C ASP H 209 22.64 8.85 51.09
N VAL H 210 23.37 7.79 50.71
CA VAL H 210 23.52 7.49 49.29
C VAL H 210 22.14 7.36 48.65
N SER H 211 21.36 6.42 49.16
CA SER H 211 20.01 6.21 48.64
C SER H 211 19.19 7.49 48.71
N GLY H 212 19.18 8.15 49.88
CA GLY H 212 18.35 9.33 50.05
C GLY H 212 18.68 10.49 49.11
N VAL H 213 19.95 10.60 48.69
CA VAL H 213 20.33 11.69 47.77
C VAL H 213 19.98 11.33 46.33
N ILE H 214 20.29 10.10 45.93
CA ILE H 214 19.95 9.68 44.56
C ILE H 214 18.44 9.63 44.37
N ALA H 215 17.69 9.39 45.45
CA ALA H 215 16.24 9.34 45.37
C ALA H 215 15.67 10.65 44.86
N THR H 216 16.38 11.76 45.09
CA THR H 216 15.93 13.05 44.57
C THR H 216 15.83 13.03 43.04
N ALA H 217 16.68 12.26 42.36
CA ALA H 217 16.65 12.15 40.91
C ALA H 217 16.00 10.86 40.43
N THR H 218 15.41 10.07 41.33
CA THR H 218 14.85 8.76 40.99
C THR H 218 13.35 8.89 40.77
N GLU H 219 12.89 8.43 39.63
CA GLU H 219 11.46 8.47 39.34
C GLU H 219 10.63 7.74 40.40
N ASN H 220 9.54 8.39 40.82
CA ASN H 220 8.58 7.84 41.79
C ASN H 220 9.19 7.56 43.16
N SER H 221 10.34 8.15 43.47
CA SER H 221 10.87 8.01 44.82
C SER H 221 9.95 8.63 45.86
N GLY H 222 9.28 9.71 45.50
CA GLY H 222 8.55 10.53 46.44
C GLY H 222 9.38 11.58 47.15
N ILE H 223 10.63 11.81 46.75
CA ILE H 223 11.54 12.66 47.50
C ILE H 223 12.09 13.77 46.58
N ASP H 224 11.80 15.03 46.94
CA ASP H 224 12.23 16.17 46.14
C ASP H 224 13.61 16.71 46.54
N VAL H 225 13.94 16.72 47.83
CA VAL H 225 15.18 17.35 48.32
C VAL H 225 15.78 16.44 49.38
N TYR H 226 17.11 16.28 49.36
CA TYR H 226 17.86 15.73 50.49
C TYR H 226 18.77 16.81 51.08
N ILE H 227 18.50 17.21 52.32
CA ILE H 227 19.38 18.08 53.13
C ILE H 227 19.90 17.23 54.28
N GLY H 228 21.21 17.11 54.40
CA GLY H 228 21.74 16.26 55.45
C GLY H 228 23.25 16.31 55.49
N THR H 229 23.79 15.74 56.57
CA THR H 229 25.22 15.62 56.80
C THR H 229 25.56 14.15 57.02
N GLY H 230 26.61 13.68 56.37
CA GLY H 230 26.92 12.27 56.40
C GLY H 230 28.29 12.06 55.81
N GLY H 231 28.62 10.80 55.55
CA GLY H 231 29.96 10.48 55.06
C GLY H 231 30.29 11.20 53.78
N ALA H 232 31.57 11.58 53.63
CA ALA H 232 32.01 12.18 52.38
C ALA H 232 32.10 11.18 51.24
N PRO H 233 32.65 9.96 51.44
CA PRO H 233 32.61 8.95 50.36
C PRO H 233 31.23 8.75 49.76
N GLU H 234 30.19 8.83 50.59
CA GLU H 234 28.82 8.64 50.12
C GLU H 234 28.26 9.87 49.42
N GLY H 235 28.66 11.08 49.85
CA GLY H 235 28.38 12.25 49.04
C GLY H 235 28.97 12.14 47.65
N VAL H 236 30.12 11.50 47.53
CA VAL H 236 30.81 11.41 46.24
C VAL H 236 30.12 10.38 45.34
N LEU H 237 29.87 9.17 45.88
CA LEU H 237 29.09 8.17 45.14
C LEU H 237 27.74 8.73 44.71
N ALA H 238 27.06 9.45 45.60
CA ALA H 238 25.75 9.97 45.24
C ALA H 238 25.86 11.03 44.17
N ALA H 239 26.87 11.92 44.28
CA ALA H 239 27.13 12.89 43.23
C ALA H 239 27.38 12.19 41.88
N ALA H 240 28.16 11.11 41.88
CA ALA H 240 28.43 10.42 40.63
C ALA H 240 27.15 9.99 39.97
N ALA H 241 26.21 9.44 40.75
CA ALA H 241 24.93 9.03 40.17
C ALA H 241 24.15 10.23 39.68
N LEU H 242 24.11 11.30 40.48
CA LEU H 242 23.40 12.50 40.04
C LEU H 242 24.01 13.06 38.76
N LYS H 243 25.34 13.03 38.66
CA LYS H 243 25.97 13.45 37.42
C LYS H 243 25.37 12.73 36.22
N CYS H 244 25.12 11.41 36.35
CA CYS H 244 24.50 10.66 35.27
C CYS H 244 23.00 10.88 35.16
N LEU H 245 22.28 11.08 36.28
CA LEU H 245 20.82 11.14 36.24
C LEU H 245 20.26 12.51 35.96
N GLY H 246 21.01 13.57 36.21
CA GLY H 246 20.46 14.92 36.17
C GLY H 246 20.14 15.42 37.56
N GLY H 247 20.70 16.56 37.96
CA GLY H 247 20.40 17.16 39.25
C GLY H 247 21.53 18.03 39.73
N GLN H 248 21.33 18.60 40.92
CA GLN H 248 22.30 19.51 41.51
C GLN H 248 22.57 19.12 42.95
N MET H 249 23.85 19.18 43.34
CA MET H 249 24.24 18.85 44.70
C MET H 249 25.40 19.72 45.12
N GLN H 250 25.27 20.36 46.29
CA GLN H 250 26.38 21.10 46.90
C GLN H 250 26.75 20.42 48.21
N ALA H 251 28.03 20.54 48.57
CA ALA H 251 28.59 19.75 49.67
C ALA H 251 29.80 20.46 50.26
N ARG H 252 30.08 20.18 51.54
CA ARG H 252 31.17 20.84 52.24
C ARG H 252 31.71 19.91 53.31
N LEU H 253 33.02 19.69 53.31
CA LEU H 253 33.65 18.87 54.33
C LEU H 253 33.59 19.53 55.70
N ILE H 254 33.48 18.71 56.74
CA ILE H 254 33.34 19.16 58.12
C ILE H 254 34.49 18.58 58.92
N PHE H 255 35.15 19.43 59.71
CA PHE H 255 36.35 19.04 60.43
C PHE H 255 36.18 19.29 61.92
N ASN H 256 36.21 18.19 62.68
CA ASN H 256 36.19 18.26 64.15
C ASN H 256 37.64 18.26 64.63
N ASP H 257 38.36 17.18 64.35
CA ASP H 257 39.63 16.86 64.98
C ASP H 257 40.78 17.55 64.28
N GLU H 258 41.91 17.58 64.98
CA GLU H 258 43.15 17.94 64.32
C GLU H 258 43.65 16.81 63.45
N GLU H 259 43.65 15.57 63.97
CA GLU H 259 43.82 14.41 63.11
C GLU H 259 43.03 14.50 61.80
N GLU H 260 41.79 14.98 61.82
CA GLU H 260 41.03 15.05 60.58
C GLU H 260 41.61 16.10 59.63
N ILE H 261 42.02 17.25 60.18
CA ILE H 261 42.51 18.36 59.38
C ILE H 261 43.85 18.01 58.75
N LYS H 262 44.68 17.26 59.46
CA LYS H 262 45.98 16.91 58.91
C LYS H 262 45.89 15.79 57.90
N ARG H 263 44.79 15.05 57.88
CA ARG H 263 44.53 14.15 56.74
C ARG H 263 44.11 14.96 55.51
N ALA H 264 43.30 16.00 55.71
CA ALA H 264 42.92 16.88 54.61
C ALA H 264 44.14 17.56 54.01
N HIS H 265 45.01 18.11 54.86
CA HIS H 265 46.24 18.75 54.38
C HIS H 265 47.11 17.75 53.62
N ARG H 266 47.23 16.53 54.15
CA ARG H 266 48.09 15.53 53.53
C ARG H 266 47.63 15.18 52.12
N LEU H 267 46.35 15.35 51.81
CA LEU H 267 45.77 14.99 50.53
C LEU H 267 45.68 16.17 49.57
N GLY H 268 46.13 17.35 49.98
CA GLY H 268 46.17 18.52 49.12
C GLY H 268 45.17 19.60 49.45
N ILE H 269 44.19 19.31 50.29
CA ILE H 269 43.09 20.24 50.56
C ILE H 269 43.58 21.34 51.49
N THR H 270 43.34 22.59 51.10
CA THR H 270 43.75 23.74 51.90
C THR H 270 42.59 24.67 52.25
N ASP H 271 41.47 24.61 51.54
CA ASP H 271 40.28 25.38 51.89
C ASP H 271 39.29 24.44 52.56
N LEU H 272 39.33 24.42 53.89
CA LEU H 272 38.49 23.51 54.66
C LEU H 272 37.00 23.83 54.53
N ASN H 273 36.63 25.08 54.24
CA ASN H 273 35.21 25.38 54.04
C ASN H 273 34.83 25.50 52.58
N LYS H 274 35.62 24.91 51.68
CA LYS H 274 35.24 24.94 50.27
C LYS H 274 33.90 24.25 50.06
N LYS H 275 33.02 24.90 49.31
CA LYS H 275 31.74 24.31 48.92
C LYS H 275 31.90 23.66 47.56
N TYR H 276 31.86 22.34 47.52
CA TYR H 276 32.06 21.59 46.28
C TYR H 276 30.75 21.41 45.52
N ASP H 277 30.88 21.30 44.20
CA ASP H 277 29.81 21.03 43.25
C ASP H 277 29.91 19.61 42.72
N ILE H 278 28.91 19.23 41.95
CA ILE H 278 28.82 17.86 41.46
C ILE H 278 30.03 17.56 40.59
N ASP H 279 30.37 18.51 39.70
CA ASP H 279 31.57 18.41 38.88
C ASP H 279 32.84 18.38 39.72
N ASP H 280 32.84 19.04 40.88
CA ASP H 280 34.01 18.95 41.75
C ASP H 280 34.09 17.60 42.46
N LEU H 281 32.92 17.00 42.76
CA LEU H 281 32.90 15.70 43.41
C LEU H 281 33.19 14.57 42.42
N ALA H 282 32.56 14.61 41.26
CA ALA H 282 32.77 13.60 40.23
C ALA H 282 32.73 14.26 38.87
N SER H 283 33.84 14.20 38.14
CA SER H 283 33.98 14.90 36.88
C SER H 283 34.48 13.96 35.80
N GLY H 284 34.09 14.26 34.56
CA GLY H 284 34.51 13.45 33.44
C GLY H 284 33.60 12.28 33.20
N ASP H 285 34.18 11.23 32.64
CA ASP H 285 33.51 9.98 32.28
C ASP H 285 33.26 9.17 33.56
N ILE H 286 32.05 9.27 34.11
CA ILE H 286 31.65 8.59 35.33
C ILE H 286 30.76 7.40 34.98
N VAL H 287 31.07 6.24 35.54
CA VAL H 287 30.18 5.08 35.53
C VAL H 287 29.76 4.82 36.97
N PHE H 288 28.45 4.63 37.18
CA PHE H 288 27.86 4.38 38.48
C PHE H 288 26.97 3.13 38.43
N ALA H 289 27.08 2.30 39.46
CA ALA H 289 26.27 1.09 39.55
C ALA H 289 25.89 0.85 41.00
N ALA H 290 24.66 0.36 41.21
CA ALA H 290 24.18 0.03 42.54
C ALA H 290 23.27 -1.18 42.45
N THR H 291 23.17 -1.92 43.56
CA THR H 291 22.20 -2.99 43.69
C THR H 291 21.56 -2.89 45.05
N GLY H 292 20.25 -3.08 45.09
CA GLY H 292 19.54 -2.97 46.35
C GLY H 292 19.83 -4.19 47.21
N VAL H 293 20.14 -3.96 48.49
CA VAL H 293 20.21 -5.09 49.41
C VAL H 293 18.89 -5.30 50.12
N THR H 294 18.31 -4.22 50.63
CA THR H 294 16.98 -4.22 51.20
C THR H 294 16.15 -3.18 50.47
N ASP H 295 14.84 -3.36 50.48
CA ASP H 295 13.96 -2.37 49.86
C ASP H 295 14.29 -1.00 50.41
N GLY H 296 14.31 0.01 49.54
CA GLY H 296 14.64 1.37 49.94
C GLY H 296 14.00 2.36 49.01
N ASN H 297 14.34 3.63 49.19
CA ASN H 297 13.71 4.65 48.38
C ASN H 297 14.42 4.94 47.05
N MET H 298 15.42 4.15 46.62
CA MET H 298 15.73 4.21 45.19
C MET H 298 15.68 2.81 44.55
N LEU H 299 15.87 1.76 45.32
CA LEU H 299 15.97 0.43 44.73
C LEU H 299 15.28 -0.59 45.63
N GLN H 300 14.68 -1.58 45.01
CA GLN H 300 14.09 -2.71 45.72
C GLN H 300 15.17 -3.70 46.14
N GLY H 301 15.04 -4.26 47.35
CA GLY H 301 16.00 -5.21 47.84
C GLY H 301 15.90 -6.58 47.17
N VAL H 302 16.88 -7.42 47.51
CA VAL H 302 16.90 -8.81 47.04
C VAL H 302 15.71 -9.57 47.61
N LYS H 303 15.16 -10.49 46.80
CA LYS H 303 13.98 -11.25 47.19
C LYS H 303 14.13 -12.69 46.73
N ARG H 304 13.60 -13.61 47.52
CA ARG H 304 13.53 -15.02 47.15
C ARG H 304 12.27 -15.24 46.33
N VAL H 305 12.37 -16.05 45.28
CA VAL H 305 11.21 -16.30 44.44
C VAL H 305 11.17 -17.78 44.09
N ASN H 306 9.99 -18.38 44.18
CA ASN H 306 9.79 -19.77 43.77
C ASN H 306 8.77 -19.80 42.65
N SER H 307 9.08 -20.55 41.59
CA SER H 307 8.20 -20.70 40.44
C SER H 307 8.37 -22.10 39.89
N THR H 308 7.25 -22.78 39.62
CA THR H 308 7.34 -24.04 38.90
C THR H 308 8.04 -23.84 37.55
N ARG H 309 7.70 -22.75 36.84
CA ARG H 309 8.26 -22.49 35.50
C ARG H 309 9.79 -22.48 35.50
N ARG H 310 10.40 -21.91 36.53
CA ARG H 310 11.84 -21.71 36.56
C ARG H 310 12.55 -22.36 37.75
N GLY H 311 11.88 -22.56 38.86
CA GLY H 311 12.59 -23.04 40.03
C GLY H 311 12.65 -21.96 41.07
N SER H 312 13.69 -21.99 41.90
CA SER H 312 13.87 -20.98 42.91
C SER H 312 15.06 -20.12 42.54
N TYR H 313 14.92 -18.82 42.74
CA TYR H 313 15.96 -17.88 42.38
C TYR H 313 15.86 -16.67 43.29
N ALA H 314 17.00 -16.01 43.45
CA ALA H 314 17.04 -14.73 44.14
C ALA H 314 17.00 -13.65 43.07
N VAL H 315 16.13 -12.65 43.24
CA VAL H 315 15.99 -11.55 42.29
C VAL H 315 16.67 -10.31 42.86
N THR H 316 17.59 -9.71 42.08
CA THR H 316 18.25 -8.45 42.40
C THR H 316 17.75 -7.32 41.51
N HIS H 317 17.64 -6.13 42.09
CA HIS H 317 17.33 -4.91 41.34
C HIS H 317 18.51 -3.94 41.40
N SER H 318 19.03 -3.61 40.22
CA SER H 318 20.23 -2.82 40.06
C SER H 318 20.00 -1.70 39.08
N VAL H 319 20.88 -0.70 39.14
CA VAL H 319 20.87 0.40 38.19
C VAL H 319 22.32 0.67 37.78
N VAL H 320 22.54 0.89 36.50
CA VAL H 320 23.87 1.24 36.01
C VAL H 320 23.72 2.38 35.03
N MET H 321 24.64 3.31 35.08
CA MET H 321 24.53 4.53 34.32
C MET H 321 25.92 5.07 34.03
N ARG H 322 26.05 5.78 32.92
CA ARG H 322 27.33 6.34 32.47
C ARG H 322 27.08 7.78 32.07
N SER H 323 27.98 8.69 32.49
CA SER H 323 27.69 10.12 32.34
C SER H 323 27.90 10.59 30.90
N THR H 324 28.80 9.95 30.15
CA THR H 324 29.10 10.45 28.81
C THR H 324 27.96 10.16 27.85
N THR H 325 27.31 9.00 27.97
CA THR H 325 26.20 8.63 27.08
C THR H 325 24.85 8.94 27.68
N LYS H 326 24.78 9.27 28.97
CA LYS H 326 23.52 9.51 29.68
C LYS H 326 22.57 8.31 29.64
N THR H 327 23.05 7.12 29.30
CA THR H 327 22.23 5.93 29.35
C THR H 327 22.09 5.46 30.80
N VAL H 328 20.84 5.21 31.22
CA VAL H 328 20.51 4.67 32.54
C VAL H 328 19.86 3.31 32.31
N ARG H 329 20.34 2.28 32.99
CA ARG H 329 19.79 0.93 32.83
C ARG H 329 19.26 0.42 34.17
N HIS H 330 17.99 0.04 34.20
CA HIS H 330 17.41 -0.66 35.33
C HIS H 330 17.39 -2.15 35.00
N ILE H 331 17.90 -2.97 35.93
CA ILE H 331 18.22 -4.36 35.64
C ILE H 331 17.68 -5.23 36.76
N THR H 332 16.75 -6.12 36.40
CA THR H 332 16.22 -7.17 37.28
C THR H 332 16.86 -8.49 36.88
N ALA H 333 17.66 -9.05 37.77
CA ALA H 333 18.45 -10.24 37.48
C ALA H 333 17.92 -11.40 38.30
N GLU H 334 17.80 -12.56 37.65
CA GLU H 334 17.28 -13.76 38.30
C GLU H 334 18.46 -14.70 38.51
N HIS H 335 18.80 -14.94 39.77
CA HIS H 335 19.98 -15.72 40.13
C HIS H 335 19.51 -17.08 40.61
N SER H 336 19.79 -18.10 39.81
CA SER H 336 19.46 -19.48 40.19
C SER H 336 20.11 -19.84 41.53
N PHE H 337 19.36 -20.57 42.39
CA PHE H 337 19.81 -21.09 43.69
C PHE H 337 18.70 -21.79 44.46
N ASP H 338 18.86 -23.08 44.80
CA ASP H 338 17.81 -23.71 45.61
C ASP H 338 18.01 -23.37 47.08
N PHE H 339 16.94 -22.92 47.72
CA PHE H 339 17.02 -22.53 49.12
C PHE H 339 16.77 -23.71 50.06
N LYS H 340 17.00 -24.94 49.60
CA LYS H 340 16.91 -26.13 50.43
C LYS H 340 18.19 -26.40 51.19
N GLU H 341 19.00 -25.37 51.39
CA GLU H 341 20.42 -25.50 51.58
C GLU H 341 20.93 -24.13 51.97
N GLY H 342 21.96 -24.09 52.82
CA GLY H 342 22.45 -22.84 53.38
C GLY H 342 22.33 -21.62 52.49
N ILE H 343 21.59 -20.61 52.96
CA ILE H 343 21.56 -19.33 52.25
C ILE H 343 22.97 -18.78 52.09
N GLU H 344 23.87 -19.14 53.01
CA GLU H 344 25.23 -18.62 53.04
C GLU H 344 26.08 -19.07 51.86
N LYS H 345 25.47 -19.56 50.77
CA LYS H 345 26.26 -19.94 49.61
C LYS H 345 26.37 -18.80 48.61
N PHE H 346 25.56 -17.75 48.79
CA PHE H 346 25.68 -16.49 48.05
C PHE H 346 26.94 -15.67 48.44
N MET H 347 27.74 -16.16 49.38
CA MET H 347 29.04 -15.58 49.72
C MET H 347 30.17 -16.22 48.92
N SER H 348 31.12 -15.38 48.51
CA SER H 348 32.30 -15.78 47.80
C SER H 348 33.51 -15.79 48.74
MN MN I . 3.29 0.14 -65.62
MN MN J . 0.76 -4.26 -68.43
MN MN K . -31.08 6.53 -52.81
O1 F6P L . -13.78 -0.24 -5.34
C1 F6P L . -14.49 0.61 -4.52
C2 F6P L . -13.80 1.93 -4.70
O2 F6P L . -14.17 2.82 -3.73
C3 F6P L . -13.94 2.35 -5.95
O3 F6P L . -15.18 3.01 -6.30
C4 F6P L . -12.65 3.32 -6.21
O4 F6P L . -12.45 3.56 -7.62
C5 F6P L . -11.62 2.60 -5.65
O5 F6P L . -12.25 1.65 -4.60
C6 F6P L . -10.60 3.49 -4.96
O6 F6P L . -9.41 2.75 -4.80
P F6P L . -8.14 3.45 -4.00
O1P F6P L . -6.86 2.66 -4.23
O2P F6P L . -8.42 3.48 -2.51
O3P F6P L . -7.99 4.86 -4.53
MN MN M . -14.37 5.48 -8.59
MN MN N . 19.54 -0.47 -21.41
MN MN O . 21.31 3.79 -18.40
MN MN P . 14.79 -15.51 8.04
MN MN Q . 16.41 -11.08 10.11
MN MN R . -19.07 -5.60 19.90
MN MN S . -5.21 4.44 63.92
O1 F6P T . 30.61 7.46 56.62
C1 F6P T . 31.41 6.51 55.98
C2 F6P T . 30.71 5.20 56.32
O2 F6P T . 31.47 4.55 57.28
C3 F6P T . 30.44 4.48 55.21
O3 F6P T . 31.41 3.45 54.86
C4 F6P T . 28.96 3.79 55.44
O4 F6P T . 28.36 3.67 54.15
C5 F6P T . 28.26 4.58 56.35
O5 F6P T . 29.27 5.62 56.88
C6 F6P T . 27.61 3.78 57.50
O6 F6P T . 27.46 4.49 58.72
P F6P T . 26.81 3.75 60.09
O1P F6P T . 25.47 3.20 59.72
O2P F6P T . 26.60 4.70 61.25
O3P F6P T . 27.66 2.57 60.53
MN MN U . 29.80 0.95 53.86
#